data_9UGA
#
_entry.id   9UGA
#
_cell.length_a   1.00
_cell.length_b   1.00
_cell.length_c   1.00
_cell.angle_alpha   90.00
_cell.angle_beta   90.00
_cell.angle_gamma   90.00
#
_symmetry.space_group_name_H-M   'P 1'
#
_entity_poly.entity_id   1
_entity_poly.type   'polypeptide(L)'
_entity_poly.pdbx_seq_one_letter_code
;LAVPGPDGGGGTGPWWAAGGRGPREVSPGAGTEVQDALERALPELQQALSALKQAGGARAVGAGLAEVFQLVEEAWLLPA
VGREVAQGLCDAIRLDGGLDLLLRLLQAPELETRVQAARLLEQILVAENRDRVARIGLGVILNLAKEREPVELARSVAGI
LEHMFKHSEETCQRLVAAGGLDAVLYWCRRTDPALLRHCALALGNCALHGGQAVQRRMVEKRAAEWLFPLAFSKEDELLR
LHACLAVAVLATNKEVEREVERSGTLALVEPLVASLDPGRFARCLVDASDTSQGRGPDDLQRLVPLLDSNRLEAQCIGAF
YLCAEAAIKSLQGKTKVFSDIGAIQSLKRLVSYSTNGTKSALAKRALRLLGEEVPRPILPSVPSWKEAEVQTWLQQIGFS
KYCESFREQQVDGDLLLRLTEEELQTDLGMKSGITRKRFFRELTELKTFANYSTCDRSNLADWLGSLDPRFRQYTYGLVS
CGLDRSLLHRVSEQQLLEDCGIHLGVHRARILTAAREMLHSPLPCTGGKPSGDTPDVFISYRRNSGSQLASLLKVHLQLH
GFSVFIDVEKLEAGKFEDKLIQSVMGARNFVLVLSPGALDKCMQDHDCKDWVHKEIVTALSCGKNIVPIIDGFEWPEPQV
LPEDMQAVLTFNGIKWSHEYQEATIEKIIRFLQGRSSRDSSAGSDTSLEGAAPMGPT
;
_entity_poly.pdbx_strand_id   A,B,C,D,E,F,G,H
#
# COMPACT_ATOMS: atom_id res chain seq x y z
N VAL A 34 -19.87 77.66 -10.06
CA VAL A 34 -20.91 78.68 -9.97
C VAL A 34 -20.31 80.06 -10.23
N GLN A 35 -19.69 80.64 -9.20
CA GLN A 35 -19.06 81.95 -9.35
C GLN A 35 -17.89 81.88 -10.33
N ASP A 36 -17.14 80.77 -10.30
CA ASP A 36 -15.92 80.68 -11.10
C ASP A 36 -16.20 80.71 -12.60
N ALA A 37 -17.46 80.53 -13.00
CA ALA A 37 -17.79 80.55 -14.42
C ALA A 37 -17.49 81.90 -15.06
N LEU A 38 -17.53 82.98 -14.28
CA LEU A 38 -17.19 84.30 -14.81
C LEU A 38 -15.76 84.35 -15.30
N GLU A 39 -14.83 83.78 -14.52
CA GLU A 39 -13.44 83.70 -14.97
C GLU A 39 -13.26 82.58 -16.00
N ARG A 40 -14.10 81.55 -15.94
CA ARG A 40 -14.08 80.50 -16.95
C ARG A 40 -14.42 81.03 -18.34
N ALA A 41 -15.25 82.07 -18.43
CA ALA A 41 -15.49 82.75 -19.70
C ALA A 41 -14.24 83.46 -20.21
N LEU A 42 -13.15 83.44 -19.44
CA LEU A 42 -11.84 83.99 -19.81
C LEU A 42 -11.97 85.47 -20.15
N PRO A 43 -12.23 86.32 -19.16
CA PRO A 43 -12.40 87.76 -19.43
C PRO A 43 -11.13 88.40 -19.96
N GLU A 44 -9.98 87.80 -19.66
CA GLU A 44 -8.69 88.33 -20.10
C GLU A 44 -8.22 87.79 -21.43
N LEU A 45 -8.82 86.73 -21.95
CA LEU A 45 -8.37 86.08 -23.19
C LEU A 45 -6.90 85.67 -23.08
N GLN A 46 -6.46 85.39 -21.85
CA GLN A 46 -5.05 85.19 -21.53
C GLN A 46 -4.21 86.37 -22.01
N GLN A 47 -4.73 87.57 -21.80
CA GLN A 47 -4.09 88.81 -22.24
C GLN A 47 -3.79 88.77 -23.74
N ALA A 48 -4.86 88.62 -24.53
CA ALA A 48 -4.76 88.53 -25.99
C ALA A 48 -3.82 87.41 -26.41
N LEU A 49 -3.91 86.27 -25.73
CA LEU A 49 -3.06 85.11 -26.00
C LEU A 49 -1.59 85.48 -25.90
N SER A 50 -1.22 85.98 -24.73
CA SER A 50 0.14 86.42 -24.43
C SER A 50 0.64 87.42 -25.47
N ALA A 51 -0.20 88.43 -25.72
CA ALA A 51 0.10 89.49 -26.68
C ALA A 51 0.39 88.97 -28.08
N LEU A 52 -0.46 88.06 -28.58
CA LEU A 52 -0.46 87.53 -29.94
C LEU A 52 0.77 86.68 -30.24
N LYS A 53 1.65 86.44 -29.27
CA LYS A 53 2.90 85.68 -29.39
C LYS A 53 3.93 86.41 -30.23
N GLN A 54 3.64 87.62 -30.71
CA GLN A 54 4.53 88.37 -31.58
C GLN A 54 5.21 89.52 -30.84
N ALA A 55 5.57 89.28 -29.57
CA ALA A 55 6.24 90.32 -28.80
C ALA A 55 7.58 90.70 -29.44
N GLY A 56 8.37 89.69 -29.82
CA GLY A 56 9.61 89.92 -30.53
C GLY A 56 10.70 90.60 -29.75
N GLY A 57 10.44 91.09 -28.54
CA GLY A 57 11.41 91.83 -27.75
C GLY A 57 11.69 91.14 -26.43
N ALA A 58 12.93 91.27 -25.97
CA ALA A 58 13.33 90.65 -24.71
C ALA A 58 12.52 91.21 -23.55
N ARG A 59 12.50 92.54 -23.41
CA ARG A 59 11.69 93.16 -22.38
C ARG A 59 10.20 92.92 -22.64
N ALA A 60 9.81 92.78 -23.91
CA ALA A 60 8.41 92.53 -24.22
C ALA A 60 7.94 91.20 -23.62
N VAL A 61 8.67 90.12 -23.89
CA VAL A 61 8.28 88.82 -23.34
C VAL A 61 8.47 88.81 -21.82
N GLY A 62 9.54 89.47 -21.33
CA GLY A 62 9.75 89.52 -19.90
C GLY A 62 8.58 90.17 -19.16
N ALA A 63 8.06 91.26 -19.71
CA ALA A 63 6.85 91.85 -19.16
C ALA A 63 5.67 90.91 -19.33
N GLY A 64 5.46 90.39 -20.54
CA GLY A 64 4.25 89.64 -20.85
C GLY A 64 4.05 88.44 -19.95
N LEU A 65 5.15 87.76 -19.59
CA LEU A 65 5.04 86.63 -18.68
C LEU A 65 4.57 87.07 -17.28
N ALA A 66 4.94 88.27 -16.86
CA ALA A 66 4.75 88.67 -15.46
C ALA A 66 3.27 88.80 -15.10
N GLU A 67 2.47 89.46 -15.93
CA GLU A 67 1.08 89.67 -15.56
C GLU A 67 0.23 88.41 -15.74
N VAL A 68 0.53 87.58 -16.73
CA VAL A 68 -0.18 86.30 -16.81
C VAL A 68 0.17 85.43 -15.59
N PHE A 69 1.44 85.46 -15.17
CA PHE A 69 1.81 84.86 -13.87
C PHE A 69 0.91 85.38 -12.77
N GLN A 70 1.03 86.67 -12.46
CA GLN A 70 0.29 87.23 -11.34
C GLN A 70 -1.19 86.88 -11.44
N LEU A 71 -1.76 86.92 -12.65
CA LEU A 71 -3.16 86.54 -12.83
C LEU A 71 -3.40 85.11 -12.35
N VAL A 72 -2.49 84.19 -12.68
CA VAL A 72 -2.74 82.81 -12.24
C VAL A 72 -2.68 82.71 -10.71
N GLU A 73 -1.84 83.51 -10.05
CA GLU A 73 -1.88 83.44 -8.57
C GLU A 73 -3.15 84.04 -7.95
N GLU A 74 -3.66 85.18 -8.44
CA GLU A 74 -4.95 85.58 -7.88
C GLU A 74 -6.07 84.64 -8.29
N ALA A 75 -5.92 83.88 -9.37
CA ALA A 75 -6.88 82.82 -9.66
C ALA A 75 -6.77 81.69 -8.64
N TRP A 76 -5.55 81.29 -8.31
CA TRP A 76 -5.33 80.17 -7.39
C TRP A 76 -5.75 80.52 -5.97
N LEU A 77 -5.33 81.69 -5.48
CA LEU A 77 -5.43 82.05 -4.06
C LEU A 77 -6.73 82.81 -3.84
N LEU A 78 -7.84 82.09 -3.86
CA LEU A 78 -9.14 82.65 -3.53
C LEU A 78 -10.00 81.54 -2.94
N PRO A 79 -10.93 81.88 -2.03
CA PRO A 79 -11.50 80.86 -1.12
C PRO A 79 -12.40 79.86 -1.83
N ALA A 80 -12.01 78.59 -1.75
CA ALA A 80 -12.88 77.42 -1.93
C ALA A 80 -13.28 77.12 -3.38
N VAL A 81 -12.96 78.01 -4.31
CA VAL A 81 -13.24 77.73 -5.72
C VAL A 81 -12.00 78.05 -6.56
N GLY A 82 -10.99 78.66 -5.93
CA GLY A 82 -9.73 78.88 -6.62
C GLY A 82 -9.08 77.59 -7.05
N ARG A 83 -9.19 76.56 -6.21
CA ARG A 83 -8.66 75.24 -6.55
C ARG A 83 -9.28 74.72 -7.84
N GLU A 84 -10.60 74.89 -7.98
CA GLU A 84 -11.27 74.38 -9.18
C GLU A 84 -10.95 75.24 -10.40
N VAL A 85 -10.83 76.57 -10.22
CA VAL A 85 -10.60 77.42 -11.38
C VAL A 85 -9.15 77.32 -11.84
N ALA A 86 -8.24 76.88 -10.96
CA ALA A 86 -6.86 76.69 -11.37
C ALA A 86 -6.75 75.62 -12.45
N GLN A 87 -7.51 74.53 -12.30
CA GLN A 87 -7.52 73.48 -13.31
C GLN A 87 -8.08 74.01 -14.62
N GLY A 88 -9.09 74.89 -14.54
CA GLY A 88 -9.61 75.50 -15.76
C GLY A 88 -8.58 76.35 -16.47
N LEU A 89 -7.82 77.14 -15.72
CA LEU A 89 -6.75 77.93 -16.33
C LEU A 89 -5.69 77.03 -16.96
N CYS A 90 -5.31 75.96 -16.27
CA CYS A 90 -4.32 75.04 -16.82
C CYS A 90 -4.83 74.38 -18.11
N ASP A 91 -6.10 73.97 -18.12
CA ASP A 91 -6.67 73.38 -19.33
C ASP A 91 -6.71 74.39 -20.47
N ALA A 92 -7.05 75.64 -20.16
CA ALA A 92 -7.06 76.68 -21.19
C ALA A 92 -5.67 76.88 -21.78
N ILE A 93 -4.65 76.91 -20.93
CA ILE A 93 -3.28 77.07 -21.43
C ILE A 93 -2.88 75.87 -22.28
N ARG A 94 -3.23 74.66 -21.84
CA ARG A 94 -2.89 73.47 -22.60
C ARG A 94 -3.55 73.50 -23.98
N LEU A 95 -4.82 73.88 -24.03
CA LEU A 95 -5.52 73.98 -25.30
C LEU A 95 -4.93 75.07 -26.19
N ASP A 96 -4.59 76.22 -25.63
CA ASP A 96 -4.04 77.32 -26.43
C ASP A 96 -2.63 77.04 -26.92
N GLY A 97 -1.90 76.13 -26.26
CA GLY A 97 -0.55 75.84 -26.68
C GLY A 97 0.53 76.64 -25.99
N GLY A 98 0.17 77.39 -24.95
CA GLY A 98 1.15 78.10 -24.17
C GLY A 98 2.20 77.20 -23.54
N LEU A 99 1.86 75.92 -23.35
CA LEU A 99 2.86 74.98 -22.83
C LEU A 99 4.02 74.82 -23.82
N ASP A 100 3.72 74.50 -25.07
CA ASP A 100 4.78 74.38 -26.08
C ASP A 100 5.43 75.72 -26.35
N LEU A 101 4.64 76.80 -26.30
CA LEU A 101 5.22 78.13 -26.30
C LEU A 101 6.31 78.25 -25.25
N LEU A 102 6.03 77.81 -24.04
CA LEU A 102 6.96 77.95 -22.95
C LEU A 102 8.19 77.08 -23.17
N LEU A 103 7.98 75.82 -23.57
CA LEU A 103 9.10 74.94 -23.88
C LEU A 103 9.98 75.45 -25.02
N ARG A 104 9.46 76.29 -25.92
CA ARG A 104 10.38 76.95 -26.83
C ARG A 104 10.94 78.25 -26.25
N LEU A 105 10.30 78.79 -25.21
CA LEU A 105 10.83 79.98 -24.56
C LEU A 105 12.02 79.71 -23.66
N LEU A 106 12.14 78.49 -23.11
CA LEU A 106 13.23 78.27 -22.17
C LEU A 106 14.60 78.10 -22.83
N GLN A 107 14.75 78.41 -24.12
CA GLN A 107 16.03 78.23 -24.79
C GLN A 107 16.74 79.52 -25.14
N ALA A 108 16.01 80.64 -25.26
CA ALA A 108 16.55 81.89 -25.78
C ALA A 108 17.77 82.36 -24.99
N PRO A 109 18.97 82.31 -25.58
CA PRO A 109 20.17 82.67 -24.81
C PRO A 109 20.25 84.14 -24.45
N GLU A 110 19.84 85.03 -25.36
CA GLU A 110 19.79 86.45 -25.03
C GLU A 110 18.79 86.72 -23.91
N LEU A 111 17.73 85.92 -23.83
CA LEU A 111 16.79 85.98 -22.71
C LEU A 111 17.38 85.22 -21.52
N GLU A 112 18.26 85.92 -20.80
CA GLU A 112 18.81 85.36 -19.57
C GLU A 112 17.71 85.03 -18.57
N THR A 113 16.56 85.68 -18.66
CA THR A 113 15.47 85.49 -17.72
C THR A 113 14.52 84.39 -18.20
N ARG A 114 15.00 83.14 -18.13
CA ARG A 114 14.10 82.00 -18.17
C ARG A 114 13.40 81.81 -16.84
N VAL A 115 13.76 82.62 -15.84
CA VAL A 115 13.23 82.47 -14.48
C VAL A 115 11.72 82.60 -14.49
N GLN A 116 11.19 83.64 -15.14
CA GLN A 116 9.74 83.80 -15.21
C GLN A 116 9.10 82.66 -16.00
N ALA A 117 9.78 82.17 -17.03
CA ALA A 117 9.24 81.06 -17.81
C ALA A 117 9.04 79.81 -16.95
N ALA A 118 10.08 79.39 -16.23
CA ALA A 118 9.97 78.19 -15.40
C ALA A 118 9.03 78.44 -14.21
N ARG A 119 9.09 79.64 -13.64
CA ARG A 119 8.27 79.99 -12.50
C ARG A 119 6.79 80.13 -12.89
N LEU A 120 6.51 80.25 -14.18
CA LEU A 120 5.13 80.11 -14.65
C LEU A 120 4.80 78.67 -14.97
N LEU A 121 5.77 77.90 -15.51
CA LEU A 121 5.57 76.48 -15.72
C LEU A 121 5.19 75.76 -14.43
N GLU A 122 5.67 76.29 -13.30
CA GLU A 122 5.37 75.68 -12.00
C GLU A 122 3.87 75.57 -11.77
N GLN A 123 3.16 76.70 -11.78
CA GLN A 123 1.77 76.72 -11.34
C GLN A 123 0.86 76.00 -12.33
N ILE A 124 1.29 75.84 -13.57
CA ILE A 124 0.42 75.31 -14.62
C ILE A 124 0.65 73.81 -14.78
N LEU A 125 1.43 73.21 -13.89
CA LEU A 125 1.85 71.82 -14.06
C LEU A 125 1.00 70.91 -13.19
N VAL A 126 -0.10 70.41 -13.76
CA VAL A 126 -0.93 69.38 -13.15
C VAL A 126 -0.87 68.18 -14.10
N ALA A 127 -1.35 67.02 -13.62
CA ALA A 127 -1.05 65.74 -14.29
C ALA A 127 -1.40 65.77 -15.78
N GLU A 128 -2.48 66.47 -16.13
CA GLU A 128 -2.82 66.61 -17.54
C GLU A 128 -1.74 67.32 -18.35
N ASN A 129 -1.09 68.35 -17.78
CA ASN A 129 0.07 68.95 -18.41
C ASN A 129 1.33 68.12 -18.22
N ARG A 130 1.38 67.32 -17.15
CA ARG A 130 2.52 66.45 -16.90
C ARG A 130 2.68 65.43 -18.00
N ASP A 131 1.57 64.85 -18.47
CA ASP A 131 1.65 63.92 -19.60
C ASP A 131 2.27 64.60 -20.83
N ARG A 132 1.76 65.79 -21.18
CA ARG A 132 2.24 66.49 -22.37
C ARG A 132 3.72 66.83 -22.26
N VAL A 133 4.15 67.34 -21.10
CA VAL A 133 5.56 67.72 -20.96
C VAL A 133 6.44 66.48 -20.87
N ALA A 134 5.95 65.41 -20.24
CA ALA A 134 6.71 64.16 -20.22
C ALA A 134 6.89 63.61 -21.62
N ARG A 135 5.97 63.92 -22.52
CA ARG A 135 6.10 63.46 -23.90
C ARG A 135 7.36 64.02 -24.56
N ILE A 136 7.62 65.32 -24.46
CA ILE A 136 8.60 65.95 -25.32
C ILE A 136 9.69 66.73 -24.57
N GLY A 137 9.45 67.27 -23.37
CA GLY A 137 10.35 68.26 -22.82
C GLY A 137 11.42 67.76 -21.87
N LEU A 138 11.63 66.45 -21.76
CA LEU A 138 12.70 65.99 -20.89
C LEU A 138 14.09 66.26 -21.46
N GLY A 139 14.17 66.68 -22.71
CA GLY A 139 15.44 67.16 -23.24
C GLY A 139 15.72 68.56 -22.74
N VAL A 140 14.76 69.46 -22.95
CA VAL A 140 14.98 70.86 -22.61
C VAL A 140 15.08 71.04 -21.09
N ILE A 141 14.23 70.36 -20.32
CA ILE A 141 14.27 70.52 -18.87
C ILE A 141 15.59 70.04 -18.31
N LEU A 142 16.04 68.86 -18.75
CA LEU A 142 17.24 68.27 -18.17
C LEU A 142 18.50 68.88 -18.77
N ASN A 143 18.37 69.61 -19.88
CA ASN A 143 19.46 70.46 -20.33
C ASN A 143 19.54 71.75 -19.52
N LEU A 144 18.39 72.30 -19.12
CA LEU A 144 18.39 73.44 -18.22
C LEU A 144 18.89 73.06 -16.83
N ALA A 145 18.76 71.78 -16.46
CA ALA A 145 19.13 71.34 -15.12
C ALA A 145 20.60 71.59 -14.81
N LYS A 146 21.45 71.76 -15.84
CA LYS A 146 22.84 72.11 -15.60
C LYS A 146 23.02 73.56 -15.14
N GLU A 147 22.02 74.42 -15.36
CA GLU A 147 22.10 75.83 -14.96
C GLU A 147 21.78 75.93 -13.47
N ARG A 148 22.83 75.71 -12.66
CA ARG A 148 22.70 75.66 -11.21
C ARG A 148 23.12 76.95 -10.52
N GLU A 149 23.70 77.91 -11.27
CA GLU A 149 24.23 79.11 -10.62
C GLU A 149 23.13 80.05 -10.12
N PRO A 150 22.17 80.47 -10.95
CA PRO A 150 21.16 81.40 -10.44
C PRO A 150 20.15 80.71 -9.54
N VAL A 151 20.12 81.14 -8.28
CA VAL A 151 19.23 80.54 -7.30
C VAL A 151 17.77 80.80 -7.67
N GLU A 152 17.49 81.97 -8.25
CA GLU A 152 16.10 82.31 -8.57
C GLU A 152 15.55 81.40 -9.66
N LEU A 153 16.43 80.79 -10.45
CA LEU A 153 15.97 79.83 -11.45
C LEU A 153 16.08 78.40 -10.94
N ALA A 154 17.04 78.15 -10.04
CA ALA A 154 17.14 76.84 -9.41
C ALA A 154 15.91 76.52 -8.58
N ARG A 155 15.39 77.51 -7.86
CA ARG A 155 14.17 77.36 -7.07
C ARG A 155 12.99 76.90 -7.91
N SER A 156 12.95 77.25 -9.18
CA SER A 156 11.87 76.85 -10.08
C SER A 156 12.16 75.53 -10.78
N VAL A 157 13.38 75.31 -11.27
CA VAL A 157 13.66 74.05 -11.96
C VAL A 157 13.61 72.88 -10.98
N ALA A 158 13.96 73.11 -9.71
CA ALA A 158 13.83 72.07 -8.71
C ALA A 158 12.37 71.69 -8.50
N GLY A 159 11.47 72.67 -8.47
CA GLY A 159 10.05 72.36 -8.40
C GLY A 159 9.55 71.63 -9.63
N ILE A 160 10.09 71.99 -10.80
CA ILE A 160 9.73 71.28 -12.03
C ILE A 160 10.09 69.81 -11.91
N LEU A 161 11.32 69.53 -11.44
CA LEU A 161 11.74 68.14 -11.28
C LEU A 161 10.90 67.44 -10.21
N GLU A 162 10.57 68.15 -9.14
CA GLU A 162 9.72 67.56 -8.10
C GLU A 162 8.37 67.15 -8.64
N HIS A 163 7.77 67.99 -9.49
CA HIS A 163 6.48 67.65 -10.06
C HIS A 163 6.61 66.54 -11.09
N MET A 164 7.74 66.51 -11.83
CA MET A 164 7.93 65.47 -12.83
C MET A 164 8.11 64.10 -12.19
N PHE A 165 8.80 64.04 -11.04
CA PHE A 165 9.06 62.76 -10.41
C PHE A 165 7.78 62.05 -9.97
N LYS A 166 6.69 62.79 -9.78
CA LYS A 166 5.42 62.16 -9.43
C LYS A 166 4.84 61.33 -10.57
N HIS A 167 5.38 61.43 -11.77
CA HIS A 167 4.86 60.71 -12.91
C HIS A 167 5.32 59.26 -12.87
N SER A 168 5.21 58.56 -13.99
CA SER A 168 5.37 57.12 -14.02
C SER A 168 6.84 56.72 -13.82
N GLU A 169 7.03 55.41 -13.63
CA GLU A 169 8.36 54.86 -13.44
C GLU A 169 9.27 55.14 -14.64
N GLU A 170 8.70 55.16 -15.85
CA GLU A 170 9.52 55.46 -17.02
C GLU A 170 10.11 56.86 -16.94
N THR A 171 9.28 57.84 -16.55
CA THR A 171 9.77 59.20 -16.38
C THR A 171 10.81 59.26 -15.27
N CYS A 172 10.56 58.55 -14.17
CA CYS A 172 11.54 58.53 -13.08
C CYS A 172 12.87 57.97 -13.53
N GLN A 173 12.85 56.88 -14.29
CA GLN A 173 14.08 56.28 -14.79
C GLN A 173 14.79 57.17 -15.81
N ARG A 174 14.06 57.85 -16.70
CA ARG A 174 14.78 58.76 -17.59
C ARG A 174 15.42 59.89 -16.80
N LEU A 175 14.71 60.46 -15.83
CA LEU A 175 15.28 61.55 -15.05
C LEU A 175 16.52 61.11 -14.28
N VAL A 176 16.45 59.94 -13.64
CA VAL A 176 17.58 59.44 -12.86
C VAL A 176 18.76 59.17 -13.77
N ALA A 177 18.52 58.54 -14.91
CA ALA A 177 19.60 58.17 -15.82
C ALA A 177 20.24 59.40 -16.45
N ALA A 178 19.45 60.45 -16.70
CA ALA A 178 19.98 61.59 -17.43
C ALA A 178 20.62 62.63 -16.51
N GLY A 179 20.16 62.73 -15.26
CA GLY A 179 20.83 63.65 -14.35
C GLY A 179 19.95 64.50 -13.47
N GLY A 180 18.64 64.29 -13.53
CA GLY A 180 17.75 65.01 -12.63
C GLY A 180 18.03 64.72 -11.17
N LEU A 181 18.33 63.46 -10.86
CA LEU A 181 18.67 63.09 -9.49
C LEU A 181 19.94 63.79 -9.03
N ASP A 182 20.95 63.87 -9.90
CA ASP A 182 22.18 64.58 -9.56
C ASP A 182 21.91 66.07 -9.36
N ALA A 183 21.06 66.66 -10.19
CA ALA A 183 20.72 68.07 -10.01
C ALA A 183 20.03 68.30 -8.67
N VAL A 184 19.14 67.39 -8.28
CA VAL A 184 18.49 67.51 -6.97
C VAL A 184 19.51 67.34 -5.86
N LEU A 185 20.44 66.39 -6.01
CA LEU A 185 21.42 66.13 -4.97
C LEU A 185 22.37 67.30 -4.76
N TYR A 186 22.79 67.96 -5.84
CA TYR A 186 23.76 69.05 -5.71
C TYR A 186 23.15 70.22 -4.94
N TRP A 187 21.83 70.39 -5.02
CA TRP A 187 21.15 71.52 -4.38
C TRP A 187 20.85 71.26 -2.91
N CYS A 188 21.50 70.29 -2.28
CA CYS A 188 21.36 70.12 -0.84
C CYS A 188 22.34 71.03 -0.08
N ARG A 189 23.38 71.52 -0.75
CA ARG A 189 24.28 72.48 -0.14
C ARG A 189 23.70 73.89 -0.11
N ARG A 190 22.56 74.11 -0.77
CA ARG A 190 21.99 75.44 -0.85
C ARG A 190 21.34 75.83 0.49
N THR A 191 20.78 77.05 0.51
CA THR A 191 20.23 77.60 1.73
C THR A 191 18.79 78.11 1.56
N ASP A 192 18.34 78.37 0.34
CA ASP A 192 17.02 78.93 0.13
C ASP A 192 15.95 77.97 0.64
N PRO A 193 15.04 78.42 1.51
CA PRO A 193 14.04 77.51 2.09
C PRO A 193 13.17 76.83 1.05
N ALA A 194 12.69 77.60 0.06
CA ALA A 194 11.82 77.01 -0.97
C ALA A 194 12.58 76.00 -1.82
N LEU A 195 13.83 76.30 -2.17
CA LEU A 195 14.62 75.37 -2.97
C LEU A 195 14.89 74.08 -2.20
N LEU A 196 15.24 74.20 -0.92
CA LEU A 196 15.47 73.00 -0.12
C LEU A 196 14.19 72.19 0.06
N ARG A 197 13.06 72.87 0.27
CA ARG A 197 11.78 72.19 0.35
C ARG A 197 11.49 71.42 -0.93
N HIS A 198 11.73 72.05 -2.08
CA HIS A 198 11.49 71.38 -3.35
C HIS A 198 12.40 70.18 -3.53
N CYS A 199 13.67 70.31 -3.12
CA CYS A 199 14.60 69.19 -3.25
C CYS A 199 14.16 68.00 -2.38
N ALA A 200 13.79 68.28 -1.12
CA ALA A 200 13.35 67.21 -0.24
C ALA A 200 12.09 66.54 -0.76
N LEU A 201 11.12 67.34 -1.20
CA LEU A 201 9.89 66.77 -1.73
C LEU A 201 10.14 65.99 -3.01
N ALA A 202 11.09 66.44 -3.83
CA ALA A 202 11.44 65.72 -5.05
C ALA A 202 12.06 64.36 -4.73
N LEU A 203 12.96 64.32 -3.75
CA LEU A 203 13.56 63.05 -3.36
C LEU A 203 12.51 62.10 -2.80
N GLY A 204 11.59 62.61 -1.98
CA GLY A 204 10.51 61.78 -1.49
C GLY A 204 9.63 61.25 -2.62
N ASN A 205 9.30 62.11 -3.59
CA ASN A 205 8.49 61.70 -4.73
C ASN A 205 9.19 60.61 -5.54
N CYS A 206 10.49 60.79 -5.79
CA CYS A 206 11.24 59.81 -6.56
C CYS A 206 11.29 58.48 -5.84
N ALA A 207 11.55 58.51 -4.52
CA ALA A 207 11.57 57.26 -3.76
C ALA A 207 10.22 56.56 -3.79
N LEU A 208 9.14 57.33 -3.67
CA LEU A 208 7.82 56.72 -3.64
C LEU A 208 7.45 56.12 -4.99
N HIS A 209 7.72 56.84 -6.08
CA HIS A 209 7.21 56.44 -7.38
C HIS A 209 8.24 55.75 -8.27
N GLY A 210 9.43 55.45 -7.77
CA GLY A 210 10.37 54.66 -8.52
C GLY A 210 10.19 53.18 -8.29
N GLY A 211 11.11 52.40 -8.87
CA GLY A 211 11.14 50.97 -8.69
C GLY A 211 12.37 50.53 -7.91
N GLN A 212 12.62 49.22 -7.96
CA GLN A 212 13.82 48.69 -7.32
C GLN A 212 15.09 49.30 -7.89
N ALA A 213 15.19 49.41 -9.22
CA ALA A 213 16.36 50.02 -9.83
C ALA A 213 16.49 51.49 -9.43
N VAL A 214 15.38 52.22 -9.39
CA VAL A 214 15.43 53.63 -9.02
C VAL A 214 15.94 53.79 -7.60
N GLN A 215 15.39 53.01 -6.67
CA GLN A 215 15.83 53.11 -5.28
C GLN A 215 17.28 52.67 -5.14
N ARG A 216 17.68 51.62 -5.84
CA ARG A 216 19.06 51.16 -5.79
C ARG A 216 20.01 52.24 -6.25
N ARG A 217 19.72 52.89 -7.37
CA ARG A 217 20.57 53.98 -7.84
C ARG A 217 20.57 55.16 -6.88
N MET A 218 19.41 55.49 -6.30
CA MET A 218 19.37 56.62 -5.36
C MET A 218 20.27 56.35 -4.16
N VAL A 219 20.23 55.14 -3.61
CA VAL A 219 21.10 54.82 -2.49
C VAL A 219 22.56 54.71 -2.95
N GLU A 220 22.77 54.31 -4.21
CA GLU A 220 24.13 54.23 -4.75
C GLU A 220 24.78 55.60 -4.84
N LYS A 221 24.02 56.62 -5.26
CA LYS A 221 24.51 57.98 -5.27
C LYS A 221 24.66 58.56 -3.86
N ARG A 222 24.41 57.74 -2.84
CA ARG A 222 24.52 58.15 -1.44
C ARG A 222 23.59 59.32 -1.14
N ALA A 223 22.31 59.12 -1.46
CA ALA A 223 21.26 60.06 -1.13
C ALA A 223 20.88 60.00 0.34
N ALA A 224 21.07 58.85 0.98
CA ALA A 224 20.77 58.73 2.40
C ALA A 224 21.66 59.66 3.23
N GLU A 225 22.94 59.76 2.87
CA GLU A 225 23.83 60.67 3.58
C GLU A 225 23.50 62.13 3.28
N TRP A 226 22.94 62.39 2.09
CA TRP A 226 22.66 63.77 1.69
C TRP A 226 21.32 64.27 2.19
N LEU A 227 20.53 63.42 2.86
CA LEU A 227 19.33 63.88 3.53
C LEU A 227 19.60 64.38 4.94
N PHE A 228 20.81 64.18 5.46
CA PHE A 228 21.14 64.67 6.80
C PHE A 228 21.03 66.19 6.90
N PRO A 229 21.63 67.00 6.02
CA PRO A 229 21.51 68.46 6.19
C PRO A 229 20.10 68.96 6.03
N LEU A 230 19.22 68.17 5.41
CA LEU A 230 17.83 68.59 5.27
C LEU A 230 16.98 68.18 6.47
N ALA A 231 17.17 66.95 6.98
CA ALA A 231 16.38 66.50 8.12
C ALA A 231 16.86 67.13 9.41
N PHE A 232 18.14 67.52 9.47
CA PHE A 232 18.70 68.16 10.66
C PHE A 232 18.76 69.66 10.40
N SER A 233 17.59 70.29 10.46
CA SER A 233 17.43 71.72 10.24
C SER A 233 16.76 72.34 11.46
N LYS A 234 16.88 73.66 11.56
CA LYS A 234 16.37 74.35 12.73
C LYS A 234 15.45 75.50 12.34
N GLU A 235 15.64 76.04 11.14
CA GLU A 235 14.82 77.16 10.69
C GLU A 235 13.36 76.75 10.52
N ASP A 236 13.11 75.61 9.90
CA ASP A 236 11.76 75.18 9.58
C ASP A 236 11.60 73.70 9.89
N GLU A 237 10.35 73.25 9.85
CA GLU A 237 9.98 71.89 10.20
C GLU A 237 9.47 71.06 9.03
N LEU A 238 8.89 71.71 8.01
CA LEU A 238 8.40 70.98 6.85
C LEU A 238 9.54 70.27 6.13
N LEU A 239 10.69 70.94 6.02
CA LEU A 239 11.85 70.30 5.40
C LEU A 239 12.29 69.08 6.18
N ARG A 240 12.29 69.18 7.51
CA ARG A 240 12.63 68.03 8.34
C ARG A 240 11.67 66.87 8.11
N LEU A 241 10.36 67.15 8.10
CA LEU A 241 9.39 66.09 7.89
C LEU A 241 9.55 65.45 6.52
N HIS A 242 9.79 66.26 5.49
CA HIS A 242 9.92 65.73 4.14
C HIS A 242 11.16 64.85 4.00
N ALA A 243 12.29 65.30 4.55
CA ALA A 243 13.50 64.49 4.50
C ALA A 243 13.32 63.19 5.27
N CYS A 244 12.67 63.25 6.43
CA CYS A 244 12.43 62.04 7.20
C CYS A 244 11.51 61.08 6.48
N LEU A 245 10.48 61.60 5.80
CA LEU A 245 9.62 60.73 4.99
C LEU A 245 10.41 60.07 3.88
N ALA A 246 11.28 60.83 3.22
CA ALA A 246 12.10 60.25 2.15
C ALA A 246 12.96 59.10 2.67
N VAL A 247 13.66 59.33 3.78
CA VAL A 247 14.56 58.30 4.29
C VAL A 247 13.76 57.11 4.83
N ALA A 248 12.56 57.36 5.38
CA ALA A 248 11.74 56.27 5.87
C ALA A 248 11.21 55.41 4.73
N VAL A 249 10.87 56.04 3.59
CA VAL A 249 10.47 55.28 2.42
C VAL A 249 11.65 54.46 1.90
N LEU A 250 12.84 55.07 1.88
CA LEU A 250 14.04 54.31 1.51
C LEU A 250 14.36 53.18 2.48
N ALA A 251 13.89 53.25 3.72
CA ALA A 251 14.22 52.25 4.73
C ALA A 251 13.28 51.06 4.74
N THR A 252 12.29 51.02 3.84
CA THR A 252 11.36 49.89 3.76
C THR A 252 11.73 48.94 2.64
N ASN A 253 12.82 49.24 1.93
CA ASN A 253 13.39 48.36 0.92
C ASN A 253 14.54 47.62 1.57
N LYS A 254 14.31 46.37 1.98
CA LYS A 254 15.26 45.66 2.83
C LYS A 254 16.43 45.10 2.05
N GLU A 255 16.65 45.56 0.82
CA GLU A 255 17.92 45.33 0.15
C GLU A 255 18.95 46.39 0.51
N VAL A 256 18.52 47.57 0.90
CA VAL A 256 19.41 48.71 1.14
C VAL A 256 19.25 49.24 2.56
N GLU A 257 18.67 48.43 3.44
CA GLU A 257 18.47 48.87 4.82
C GLU A 257 19.80 49.17 5.51
N ARG A 258 20.79 48.30 5.32
CA ARG A 258 22.09 48.53 5.94
C ARG A 258 22.72 49.81 5.40
N GLU A 259 22.64 50.01 4.09
CA GLU A 259 23.25 51.20 3.49
C GLU A 259 22.57 52.47 3.98
N VAL A 260 21.25 52.42 4.18
CA VAL A 260 20.54 53.58 4.71
C VAL A 260 20.91 53.80 6.17
N GLU A 261 21.07 52.72 6.94
CA GLU A 261 21.35 52.87 8.37
C GLU A 261 22.78 53.35 8.62
N ARG A 262 23.71 53.06 7.72
CA ARG A 262 25.08 53.53 7.90
C ARG A 262 25.19 55.05 7.78
N SER A 263 24.22 55.71 7.18
CA SER A 263 24.27 57.16 7.03
C SER A 263 23.95 57.91 8.31
N GLY A 264 23.27 57.29 9.26
CA GLY A 264 22.88 57.95 10.48
C GLY A 264 21.64 58.81 10.39
N THR A 265 20.99 58.85 9.22
CA THR A 265 19.81 59.68 9.04
C THR A 265 18.57 59.08 9.72
N LEU A 266 18.54 57.77 9.94
CA LEU A 266 17.37 57.16 10.58
C LEU A 266 17.31 57.47 12.06
N ALA A 267 18.36 58.07 12.64
CA ALA A 267 18.34 58.41 14.05
C ALA A 267 17.56 59.68 14.33
N LEU A 268 17.25 60.47 13.31
CA LEU A 268 16.56 61.74 13.49
C LEU A 268 15.04 61.62 13.42
N VAL A 269 14.51 60.45 13.03
CA VAL A 269 13.09 60.32 12.77
C VAL A 269 12.30 60.31 14.07
N GLU A 270 12.72 59.46 15.01
CA GLU A 270 11.97 59.31 16.26
C GLU A 270 11.93 60.58 17.10
N PRO A 271 13.04 61.27 17.36
CA PRO A 271 12.93 62.53 18.12
C PRO A 271 12.05 63.57 17.44
N LEU A 272 12.13 63.68 16.12
CA LEU A 272 11.31 64.65 15.39
C LEU A 272 9.83 64.33 15.53
N VAL A 273 9.47 63.05 15.35
CA VAL A 273 8.08 62.66 15.45
C VAL A 273 7.57 62.83 16.87
N ALA A 274 8.43 62.57 17.87
CA ALA A 274 8.03 62.77 19.25
C ALA A 274 7.84 64.25 19.56
N SER A 275 8.65 65.12 18.95
CA SER A 275 8.55 66.54 19.22
C SER A 275 7.36 67.19 18.55
N LEU A 276 7.02 66.80 17.32
CA LEU A 276 5.98 67.48 16.57
C LEU A 276 4.59 66.98 16.98
N ASP A 277 3.57 67.68 16.48
CA ASP A 277 2.17 67.47 16.85
C ASP A 277 1.33 67.52 15.58
N PRO A 278 0.64 66.42 15.23
CA PRO A 278 -0.15 66.43 13.99
C PRO A 278 -1.52 67.08 14.11
N GLY A 279 -1.94 67.49 15.30
CA GLY A 279 -3.27 68.05 15.45
C GLY A 279 -3.48 69.32 14.63
N ARG A 280 -2.50 70.22 14.66
CA ARG A 280 -2.60 71.47 13.90
C ARG A 280 -1.58 71.59 12.78
N PHE A 281 -0.53 70.77 12.76
CA PHE A 281 0.47 70.81 11.70
C PHE A 281 -0.08 70.24 10.39
N ALA A 282 -1.25 69.60 10.43
CA ALA A 282 -1.76 68.90 9.25
C ALA A 282 -2.06 69.84 8.10
N ARG A 283 -2.20 71.14 8.39
CA ARG A 283 -2.45 72.12 7.33
C ARG A 283 -1.19 72.32 6.49
N ARG A 295 -4.20 64.49 0.61
CA ARG A 295 -3.69 63.59 -0.41
C ARG A 295 -4.81 62.80 -1.05
N GLY A 296 -4.45 61.93 -2.00
CA GLY A 296 -5.43 61.15 -2.72
C GLY A 296 -5.46 59.71 -2.28
N PRO A 297 -6.46 58.98 -2.79
CA PRO A 297 -6.53 57.53 -2.50
C PRO A 297 -5.35 56.77 -3.05
N ASP A 298 -4.76 57.22 -4.17
CA ASP A 298 -3.54 56.60 -4.65
C ASP A 298 -2.35 56.96 -3.76
N ASP A 299 -2.33 58.19 -3.25
CA ASP A 299 -1.22 58.63 -2.41
C ASP A 299 -1.19 57.88 -1.08
N LEU A 300 -2.35 57.65 -0.48
CA LEU A 300 -2.38 56.95 0.80
C LEU A 300 -2.09 55.46 0.63
N GLN A 301 -2.31 54.92 -0.57
CA GLN A 301 -1.91 53.55 -0.86
C GLN A 301 -0.40 53.39 -0.84
N ARG A 302 0.35 54.48 -0.97
CA ARG A 302 1.79 54.45 -0.79
C ARG A 302 2.21 54.81 0.63
N LEU A 303 1.26 55.16 1.49
CA LEU A 303 1.54 55.38 2.91
C LEU A 303 1.26 54.15 3.75
N VAL A 304 0.29 53.33 3.34
CA VAL A 304 -0.03 52.11 4.09
C VAL A 304 1.18 51.18 4.22
N PRO A 305 1.99 50.93 3.19
CA PRO A 305 3.17 50.07 3.39
C PRO A 305 4.14 50.57 4.43
N LEU A 306 4.18 51.88 4.69
CA LEU A 306 4.99 52.36 5.81
C LEU A 306 4.44 51.87 7.14
N LEU A 307 3.11 51.83 7.27
CA LEU A 307 2.51 51.26 8.46
C LEU A 307 2.82 49.77 8.57
N ASP A 308 2.72 49.04 7.46
CA ASP A 308 2.92 47.60 7.47
C ASP A 308 4.39 47.25 7.19
N SER A 309 5.24 47.59 8.16
CA SER A 309 6.66 47.32 8.07
C SER A 309 7.22 47.02 9.45
N ASN A 310 8.40 46.43 9.48
CA ASN A 310 9.07 46.13 10.74
C ASN A 310 9.96 47.26 11.24
N ARG A 311 10.13 48.32 10.45
CA ARG A 311 10.99 49.43 10.85
C ARG A 311 10.20 50.42 11.70
N LEU A 312 10.74 50.72 12.88
CA LEU A 312 10.05 51.62 13.81
C LEU A 312 9.93 53.02 13.23
N GLU A 313 11.00 53.51 12.59
CA GLU A 313 10.96 54.85 12.01
C GLU A 313 9.92 54.94 10.89
N ALA A 314 9.88 53.93 10.03
CA ALA A 314 8.88 53.91 8.97
C ALA A 314 7.47 53.86 9.53
N GLN A 315 7.25 53.03 10.55
CA GLN A 315 5.93 52.96 11.16
C GLN A 315 5.53 54.29 11.79
N CYS A 316 6.48 54.96 12.42
CA CYS A 316 6.18 56.24 13.08
C CYS A 316 5.84 57.32 12.05
N ILE A 317 6.62 57.40 10.96
CA ILE A 317 6.30 58.35 9.91
C ILE A 317 4.94 58.06 9.31
N GLY A 318 4.65 56.77 9.05
CA GLY A 318 3.36 56.42 8.50
C GLY A 318 2.22 56.81 9.41
N ALA A 319 2.35 56.52 10.70
CA ALA A 319 1.30 56.88 11.66
C ALA A 319 1.11 58.40 11.74
N PHE A 320 2.21 59.16 11.77
CA PHE A 320 2.12 60.61 11.83
C PHE A 320 1.37 61.16 10.63
N TYR A 321 1.80 60.76 9.42
CA TYR A 321 1.16 61.29 8.22
C TYR A 321 -0.29 60.83 8.12
N LEU A 322 -0.57 59.57 8.48
CA LEU A 322 -1.93 59.07 8.41
C LEU A 322 -2.82 59.81 9.40
N CYS A 323 -2.31 60.13 10.60
CA CYS A 323 -3.10 60.90 11.55
C CYS A 323 -3.40 62.29 11.02
N ALA A 324 -2.41 62.95 10.43
CA ALA A 324 -2.64 64.27 9.86
C ALA A 324 -3.69 64.23 8.75
N GLU A 325 -3.56 63.27 7.84
CA GLU A 325 -4.51 63.17 6.74
C GLU A 325 -5.89 62.78 7.23
N ALA A 326 -5.96 61.93 8.26
CA ALA A 326 -7.26 61.59 8.83
C ALA A 326 -7.93 62.80 9.44
N ALA A 327 -7.16 63.64 10.15
CA ALA A 327 -7.70 64.88 10.68
C ALA A 327 -8.26 65.75 9.58
N ILE A 328 -7.47 65.97 8.52
CA ILE A 328 -7.89 66.87 7.44
C ILE A 328 -9.11 66.31 6.73
N LYS A 329 -9.15 64.99 6.50
CA LYS A 329 -10.24 64.42 5.72
C LYS A 329 -11.52 64.33 6.55
N SER A 330 -11.39 64.11 7.85
CA SER A 330 -12.57 64.11 8.72
C SER A 330 -13.12 65.52 8.89
N LEU A 331 -12.24 66.52 8.91
CA LEU A 331 -12.71 67.90 9.01
C LEU A 331 -13.36 68.34 7.70
N GLN A 332 -12.78 67.94 6.57
CA GLN A 332 -13.27 68.34 5.25
C GLN A 332 -14.23 67.26 4.73
N GLY A 333 -15.43 67.27 5.29
CA GLY A 333 -16.41 66.25 4.95
C GLY A 333 -16.09 64.93 5.61
N LYS A 334 -16.70 63.87 5.07
CA LYS A 334 -16.46 62.52 5.56
C LYS A 334 -16.18 61.61 4.38
N THR A 335 -15.32 60.61 4.62
CA THR A 335 -14.94 59.66 3.59
C THR A 335 -14.52 58.36 4.26
N LYS A 336 -14.96 57.24 3.70
CA LYS A 336 -14.61 55.91 4.19
C LYS A 336 -13.51 55.25 3.35
N VAL A 337 -12.62 56.06 2.76
CA VAL A 337 -11.56 55.52 1.93
C VAL A 337 -10.59 54.68 2.76
N PHE A 338 -10.49 54.97 4.07
CA PHE A 338 -9.56 54.25 4.93
C PHE A 338 -9.91 52.78 5.05
N SER A 339 -11.20 52.44 5.15
CA SER A 339 -11.61 51.05 5.25
C SER A 339 -11.20 50.26 4.00
N ASP A 340 -11.43 50.84 2.82
CA ASP A 340 -11.05 50.14 1.59
C ASP A 340 -9.54 50.07 1.43
N ILE A 341 -8.82 51.11 1.88
CA ILE A 341 -7.38 51.13 1.71
C ILE A 341 -6.70 50.23 2.74
N GLY A 342 -7.41 49.85 3.79
CA GLY A 342 -6.90 48.91 4.76
C GLY A 342 -6.02 49.49 5.83
N ALA A 343 -6.07 50.81 6.04
CA ALA A 343 -5.26 51.41 7.09
C ALA A 343 -5.84 51.14 8.48
N ILE A 344 -7.12 50.78 8.56
CA ILE A 344 -7.74 50.55 9.85
C ILE A 344 -7.12 49.35 10.55
N GLN A 345 -7.02 48.22 9.83
CA GLN A 345 -6.42 47.03 10.42
C GLN A 345 -4.95 47.26 10.73
N SER A 346 -4.25 48.03 9.89
CA SER A 346 -2.85 48.34 10.18
C SER A 346 -2.72 49.15 11.46
N LEU A 347 -3.58 50.16 11.65
CA LEU A 347 -3.52 50.94 12.88
C LEU A 347 -3.85 50.08 14.09
N LYS A 348 -4.81 49.16 13.93
CA LYS A 348 -5.11 48.24 15.02
C LYS A 348 -3.93 47.32 15.35
N ARG A 349 -3.18 46.89 14.33
CA ARG A 349 -2.05 46.02 14.57
C ARG A 349 -0.80 46.76 15.00
N LEU A 350 -0.80 48.08 14.89
CA LEU A 350 0.33 48.88 15.34
C LEU A 350 0.11 49.37 16.75
N VAL A 351 -0.99 48.95 17.37
CA VAL A 351 -1.27 49.34 18.75
C VAL A 351 -1.41 48.12 19.64
N SER A 352 -1.97 47.04 19.10
CA SER A 352 -2.11 45.81 19.86
C SER A 352 -0.76 45.23 20.22
N TYR A 353 0.16 45.22 19.25
CA TYR A 353 1.50 44.70 19.49
C TYR A 353 2.48 45.84 19.67
N SER A 354 1.95 47.05 19.86
CA SER A 354 2.82 48.22 19.99
C SER A 354 3.75 48.12 21.18
N THR A 355 4.99 48.57 21.00
CA THR A 355 5.95 48.55 22.09
C THR A 355 6.64 49.90 22.20
N ASN A 356 6.17 50.88 21.42
CA ASN A 356 6.72 52.22 21.48
C ASN A 356 5.63 53.21 21.83
N GLY A 357 5.88 54.08 22.80
CA GLY A 357 4.88 55.04 23.21
C GLY A 357 4.47 55.98 22.10
N THR A 358 5.44 56.48 21.35
CA THR A 358 5.14 57.44 20.29
C THR A 358 4.26 56.82 19.21
N LYS A 359 4.60 55.61 18.79
CA LYS A 359 3.80 54.93 17.78
C LYS A 359 2.39 54.74 18.31
N SER A 360 2.28 54.29 19.55
CA SER A 360 0.97 54.07 20.14
C SER A 360 0.20 55.36 20.19
N ALA A 361 0.88 56.45 20.55
CA ALA A 361 0.23 57.74 20.65
C ALA A 361 -0.37 58.18 19.33
N LEU A 362 0.43 58.13 18.26
CA LEU A 362 -0.05 58.55 16.96
C LEU A 362 -1.19 57.66 16.51
N ALA A 363 -1.05 56.36 16.76
CA ALA A 363 -2.09 55.43 16.36
C ALA A 363 -3.39 55.73 17.08
N LYS A 364 -3.37 55.63 18.41
CA LYS A 364 -4.60 55.86 19.17
C LYS A 364 -5.29 57.14 18.74
N ARG A 365 -4.53 58.21 18.52
CA ARG A 365 -5.14 59.47 18.10
C ARG A 365 -5.79 59.33 16.73
N ALA A 366 -5.11 58.67 15.78
CA ALA A 366 -5.70 58.48 14.46
C ALA A 366 -6.97 57.64 14.55
N LEU A 367 -6.95 56.57 15.35
CA LEU A 367 -8.13 55.73 15.47
C LEU A 367 -9.30 56.48 16.11
N ARG A 368 -9.00 57.33 17.11
CA ARG A 368 -10.05 58.13 17.72
C ARG A 368 -10.64 59.14 16.74
N LEU A 369 -9.77 59.80 15.98
CA LEU A 369 -10.25 60.78 15.00
C LEU A 369 -11.09 60.12 13.93
N LEU A 370 -10.76 58.88 13.56
CA LEU A 370 -11.64 58.22 12.59
C LEU A 370 -12.89 57.64 13.24
N GLY A 371 -13.02 57.71 14.56
CA GLY A 371 -14.22 57.24 15.22
C GLY A 371 -14.36 55.73 15.23
N GLU A 372 -13.39 55.04 15.82
CA GLU A 372 -13.44 53.59 15.94
C GLU A 372 -12.88 53.18 17.28
N GLU A 373 -13.15 51.93 17.67
CA GLU A 373 -12.65 51.41 18.93
C GLU A 373 -11.12 51.40 18.91
N VAL A 374 -10.52 51.67 20.08
CA VAL A 374 -9.07 51.63 20.23
C VAL A 374 -8.73 50.34 20.99
N PRO A 375 -8.21 49.32 20.32
CA PRO A 375 -7.87 48.08 21.03
C PRO A 375 -6.75 48.29 22.04
N ARG A 376 -6.85 47.58 23.16
CA ARG A 376 -5.91 47.56 24.27
C ARG A 376 -4.69 46.73 23.92
N PRO A 377 -3.49 47.16 24.32
CA PRO A 377 -2.31 46.33 24.10
C PRO A 377 -2.40 45.03 24.88
N ILE A 378 -2.12 43.94 24.20
CA ILE A 378 -2.28 42.61 24.76
C ILE A 378 -1.04 42.25 25.57
N LEU A 379 -1.24 41.45 26.62
CA LEU A 379 -0.13 41.05 27.47
C LEU A 379 0.85 40.17 26.70
N PRO A 380 2.14 40.30 26.98
CA PRO A 380 3.14 39.52 26.24
C PRO A 380 3.20 38.07 26.70
N SER A 381 2.90 37.83 27.98
CA SER A 381 3.00 36.49 28.55
C SER A 381 1.80 35.68 28.08
N VAL A 382 1.94 35.08 26.90
CA VAL A 382 0.85 34.34 26.26
C VAL A 382 0.65 32.96 26.88
N PRO A 383 1.69 32.20 27.22
CA PRO A 383 1.45 30.88 27.83
C PRO A 383 0.64 30.95 29.12
N SER A 384 0.59 32.10 29.78
CA SER A 384 -0.20 32.28 30.99
C SER A 384 -1.57 32.88 30.72
N TRP A 385 -2.00 32.94 29.46
CA TRP A 385 -3.29 33.51 29.13
C TRP A 385 -4.42 32.63 29.64
N LYS A 386 -5.62 33.19 29.64
CA LYS A 386 -6.83 32.47 29.97
C LYS A 386 -7.87 32.70 28.87
N GLU A 387 -9.09 32.22 29.12
CA GLU A 387 -10.13 32.30 28.10
C GLU A 387 -10.48 33.75 27.77
N ALA A 388 -10.50 34.62 28.77
CA ALA A 388 -10.80 36.02 28.51
C ALA A 388 -9.76 36.66 27.59
N GLU A 389 -8.47 36.40 27.86
CA GLU A 389 -7.42 36.92 27.00
C GLU A 389 -7.55 36.37 25.58
N VAL A 390 -7.86 35.08 25.46
CA VAL A 390 -8.02 34.49 24.14
C VAL A 390 -9.17 35.15 23.39
N GLN A 391 -10.29 35.38 24.07
CA GLN A 391 -11.44 36.00 23.42
C GLN A 391 -11.10 37.42 22.97
N THR A 392 -10.42 38.19 23.81
CA THR A 392 -10.03 39.54 23.39
C THR A 392 -9.11 39.50 22.19
N TRP A 393 -8.10 38.62 22.21
CA TRP A 393 -7.19 38.54 21.08
C TRP A 393 -7.92 38.16 19.80
N LEU A 394 -8.89 37.25 19.90
CA LEU A 394 -9.68 36.90 18.73
C LEU A 394 -10.48 38.11 18.22
N GLN A 395 -11.04 38.90 19.14
CA GLN A 395 -11.82 40.06 18.71
C GLN A 395 -10.94 41.12 18.07
N GLN A 396 -9.67 41.23 18.48
CA GLN A 396 -8.80 42.29 17.97
C GLN A 396 -8.14 41.94 16.64
N ILE A 397 -8.37 40.76 16.08
CA ILE A 397 -7.72 40.40 14.83
C ILE A 397 -8.78 40.05 13.79
N GLY A 398 -10.02 40.47 14.03
CA GLY A 398 -11.06 40.30 13.04
C GLY A 398 -11.63 38.91 12.90
N PHE A 399 -11.34 38.03 13.85
CA PHE A 399 -11.87 36.67 13.86
C PHE A 399 -13.00 36.54 14.88
N SER A 400 -13.80 37.59 15.02
CA SER A 400 -14.87 37.60 16.02
C SER A 400 -15.94 36.56 15.75
N LYS A 401 -16.06 36.06 14.53
CA LYS A 401 -17.06 35.04 14.23
C LYS A 401 -16.71 33.68 14.83
N TYR A 402 -15.44 33.32 14.84
CA TYR A 402 -14.98 32.09 15.48
C TYR A 402 -14.59 32.35 16.93
N CYS A 403 -15.51 32.94 17.69
CA CYS A 403 -15.26 33.25 19.10
C CYS A 403 -16.10 32.39 20.02
N GLU A 404 -17.36 32.12 19.64
CA GLU A 404 -18.20 31.23 20.43
C GLU A 404 -17.65 29.81 20.45
N SER A 405 -17.12 29.32 19.34
CA SER A 405 -16.52 28.00 19.32
C SER A 405 -15.31 27.92 20.24
N PHE A 406 -14.45 28.93 20.21
CA PHE A 406 -13.29 28.95 21.09
C PHE A 406 -13.72 28.98 22.55
N ARG A 407 -14.72 29.80 22.88
CA ARG A 407 -15.22 29.83 24.25
C ARG A 407 -15.79 28.48 24.66
N GLU A 408 -16.56 27.84 23.79
CA GLU A 408 -17.18 26.57 24.12
C GLU A 408 -16.13 25.49 24.36
N GLN A 409 -15.11 25.43 23.52
CA GLN A 409 -14.05 24.45 23.70
C GLN A 409 -13.05 24.85 24.79
N GLN A 410 -13.15 26.07 25.31
CA GLN A 410 -12.33 26.53 26.44
C GLN A 410 -10.84 26.49 26.09
N VAL A 411 -10.49 27.25 25.06
CA VAL A 411 -9.11 27.35 24.61
C VAL A 411 -8.42 28.46 25.38
N ASP A 412 -7.39 28.12 26.14
CA ASP A 412 -6.54 29.06 26.84
C ASP A 412 -5.24 29.25 26.06
N GLY A 413 -4.29 29.94 26.67
CA GLY A 413 -3.03 30.23 25.99
C GLY A 413 -2.26 28.98 25.61
N ASP A 414 -2.19 28.02 26.52
CA ASP A 414 -1.43 26.80 26.25
C ASP A 414 -2.03 26.01 25.10
N LEU A 415 -3.35 25.91 25.04
CA LEU A 415 -3.98 25.23 23.91
C LEU A 415 -3.82 26.04 22.63
N LEU A 416 -3.84 27.37 22.74
CA LEU A 416 -3.71 28.22 21.58
C LEU A 416 -2.34 28.07 20.93
N LEU A 417 -1.28 28.01 21.73
CA LEU A 417 0.06 27.89 21.17
C LEU A 417 0.34 26.53 20.57
N ARG A 418 -0.46 25.51 20.89
CA ARG A 418 -0.34 24.19 20.27
C ARG A 418 -1.68 23.89 19.62
N LEU A 419 -1.85 24.37 18.40
CA LEU A 419 -3.11 24.24 17.66
C LEU A 419 -2.78 23.71 16.27
N THR A 420 -3.40 22.60 15.90
CA THR A 420 -3.11 21.97 14.62
C THR A 420 -4.25 22.20 13.62
N GLU A 421 -3.92 22.00 12.35
CA GLU A 421 -4.89 22.24 11.29
C GLU A 421 -6.07 21.29 11.36
N GLU A 422 -5.86 20.03 11.76
CA GLU A 422 -6.98 19.12 11.92
C GLU A 422 -7.92 19.59 13.03
N GLU A 423 -7.37 20.08 14.13
CA GLU A 423 -8.19 20.63 15.21
C GLU A 423 -8.98 21.83 14.72
N LEU A 424 -8.32 22.74 14.00
CA LEU A 424 -9.02 23.92 13.48
C LEU A 424 -10.15 23.52 12.55
N GLN A 425 -9.90 22.54 11.67
CA GLN A 425 -10.91 22.15 10.69
C GLN A 425 -12.08 21.44 11.34
N THR A 426 -11.81 20.51 12.26
CA THR A 426 -12.86 19.66 12.78
C THR A 426 -13.59 20.25 13.97
N ASP A 427 -12.89 20.80 14.96
CA ASP A 427 -13.51 21.20 16.20
C ASP A 427 -14.00 22.65 16.21
N LEU A 428 -13.16 23.60 15.82
CA LEU A 428 -13.52 25.00 15.89
C LEU A 428 -14.27 25.50 14.67
N GLY A 429 -14.33 24.73 13.60
CA GLY A 429 -15.23 25.00 12.50
C GLY A 429 -14.70 25.83 11.35
N MET A 430 -13.40 26.03 11.25
CA MET A 430 -12.82 26.76 10.12
C MET A 430 -12.65 25.79 8.95
N LYS A 431 -13.69 25.67 8.14
CA LYS A 431 -13.65 24.75 7.01
C LYS A 431 -12.80 25.28 5.87
N SER A 432 -12.83 26.59 5.64
CA SER A 432 -12.12 27.17 4.50
C SER A 432 -10.62 26.94 4.63
N GLY A 433 -9.99 26.59 3.51
CA GLY A 433 -8.58 26.29 3.52
C GLY A 433 -7.65 27.48 3.64
N ILE A 434 -8.14 28.68 3.32
CA ILE A 434 -7.32 29.87 3.42
C ILE A 434 -7.68 30.72 4.64
N THR A 435 -8.88 30.54 5.20
CA THR A 435 -9.16 31.12 6.51
C THR A 435 -8.20 30.58 7.55
N ARG A 436 -7.91 29.27 7.48
CA ARG A 436 -6.89 28.70 8.35
C ARG A 436 -5.51 29.30 8.09
N LYS A 437 -5.17 29.61 6.83
CA LYS A 437 -3.90 30.25 6.55
C LYS A 437 -3.83 31.64 7.19
N ARG A 438 -4.93 32.40 7.11
CA ARG A 438 -4.96 33.70 7.77
C ARG A 438 -4.81 33.55 9.28
N PHE A 439 -5.51 32.58 9.87
CA PHE A 439 -5.41 32.36 11.30
C PHE A 439 -3.99 31.99 11.70
N PHE A 440 -3.33 31.14 10.92
CA PHE A 440 -1.97 30.76 11.27
C PHE A 440 -0.99 31.91 11.05
N ARG A 441 -1.27 32.81 10.10
CA ARG A 441 -0.47 34.02 9.99
C ARG A 441 -0.58 34.86 11.26
N GLU A 442 -1.80 35.06 11.74
CA GLU A 442 -1.99 35.82 12.98
C GLU A 442 -1.30 35.13 14.16
N LEU A 443 -1.43 33.81 14.24
CA LEU A 443 -0.81 33.06 15.33
C LEU A 443 0.70 33.12 15.25
N THR A 444 1.25 33.13 14.04
CA THR A 444 2.70 33.30 13.87
C THR A 444 3.14 34.66 14.40
N GLU A 445 2.37 35.71 14.11
CA GLU A 445 2.72 37.02 14.64
C GLU A 445 2.67 37.01 16.17
N LEU A 446 1.64 36.39 16.74
CA LEU A 446 1.53 36.33 18.20
C LEU A 446 2.69 35.54 18.81
N LYS A 447 3.05 34.41 18.20
CA LYS A 447 4.15 33.60 18.72
C LYS A 447 5.47 34.36 18.65
N THR A 448 5.67 35.12 17.57
CA THR A 448 6.88 35.94 17.49
C THR A 448 6.89 37.03 18.55
N PHE A 449 5.75 37.62 18.86
CA PHE A 449 5.68 38.68 19.86
C PHE A 449 5.66 38.19 21.30
N ALA A 450 5.38 36.90 21.53
CA ALA A 450 5.11 36.40 22.87
C ALA A 450 6.34 36.51 23.77
N ASN A 451 6.12 36.16 25.04
CA ASN A 451 7.12 36.32 26.11
C ASN A 451 7.25 34.99 26.86
N TYR A 452 8.19 34.16 26.44
CA TYR A 452 8.37 32.83 27.04
C TYR A 452 9.39 32.90 28.17
N SER A 453 8.96 33.44 29.31
CA SER A 453 9.80 33.49 30.49
C SER A 453 9.47 32.42 31.51
N THR A 454 8.18 32.07 31.65
CA THR A 454 7.78 31.02 32.57
C THR A 454 8.10 29.63 32.06
N CYS A 455 8.31 29.46 30.76
CA CYS A 455 8.55 28.15 30.15
C CYS A 455 10.00 27.93 29.77
N ASP A 456 10.62 28.88 29.07
CA ASP A 456 11.96 28.73 28.55
C ASP A 456 12.99 28.93 29.66
N ARG A 457 13.69 27.87 29.97
CA ARG A 457 14.67 27.87 31.06
C ARG A 457 16.07 28.23 30.59
N SER A 458 16.48 27.79 29.41
CA SER A 458 17.82 28.02 28.91
C SER A 458 17.89 29.14 27.88
N ASN A 459 16.82 29.91 27.73
CA ASN A 459 16.74 31.00 26.76
C ASN A 459 16.96 30.49 25.34
N LEU A 460 16.07 29.59 24.92
CA LEU A 460 16.09 29.07 23.56
C LEU A 460 15.53 30.07 22.56
N ALA A 461 14.68 30.99 23.00
CA ALA A 461 14.12 31.98 22.09
C ALA A 461 15.20 32.87 21.51
N ASP A 462 16.16 33.30 22.34
CA ASP A 462 17.25 34.13 21.83
C ASP A 462 18.13 33.35 20.87
N TRP A 463 18.35 32.07 21.14
CA TRP A 463 19.13 31.25 20.22
C TRP A 463 18.44 31.15 18.87
N LEU A 464 17.13 30.92 18.86
CA LEU A 464 16.41 30.85 17.59
C LEU A 464 16.41 32.20 16.88
N GLY A 465 16.22 33.29 17.62
CA GLY A 465 16.25 34.61 17.02
C GLY A 465 17.59 34.99 16.44
N SER A 466 18.67 34.54 17.06
CA SER A 466 20.00 34.77 16.49
C SER A 466 20.13 34.13 15.11
N LEU A 467 19.63 32.90 14.97
CA LEU A 467 19.60 32.26 13.66
C LEU A 467 18.74 33.06 12.69
N ASP A 468 17.51 33.36 13.08
CA ASP A 468 16.59 34.04 12.19
C ASP A 468 15.45 34.65 12.99
N PRO A 469 15.15 35.93 12.82
CA PRO A 469 14.06 36.54 13.60
C PRO A 469 12.72 35.87 13.41
N ARG A 470 12.54 35.14 12.31
CA ARG A 470 11.31 34.41 12.06
C ARG A 470 11.35 33.00 12.62
N PHE A 471 12.43 32.61 13.30
CA PHE A 471 12.52 31.32 13.94
C PHE A 471 12.03 31.33 15.38
N ARG A 472 11.75 32.50 15.93
CA ARG A 472 11.34 32.61 17.34
C ARG A 472 10.01 31.96 17.62
N GLN A 473 9.18 31.74 16.61
CA GLN A 473 7.87 31.13 16.77
C GLN A 473 7.93 29.68 17.22
N TYR A 474 9.07 29.02 17.08
CA TYR A 474 9.19 27.60 17.40
C TYR A 474 9.57 27.36 18.86
N THR A 475 9.66 28.43 19.66
CA THR A 475 10.16 28.30 21.02
C THR A 475 9.25 27.42 21.88
N TYR A 476 7.93 27.67 21.82
CA TYR A 476 7.02 26.90 22.66
C TYR A 476 7.00 25.44 22.23
N GLY A 477 6.99 25.18 20.93
CA GLY A 477 7.06 23.81 20.45
C GLY A 477 8.33 23.10 20.88
N LEU A 478 9.44 23.83 20.93
CA LEU A 478 10.69 23.21 21.33
C LEU A 478 10.76 22.96 22.83
N VAL A 479 10.20 23.86 23.64
CA VAL A 479 10.36 23.74 25.08
C VAL A 479 9.28 22.85 25.70
N SER A 480 8.10 22.74 25.07
CA SER A 480 7.07 21.87 25.64
C SER A 480 7.39 20.40 25.41
N CYS A 481 8.35 20.10 24.54
CA CYS A 481 8.80 18.73 24.31
C CYS A 481 10.00 18.36 25.14
N GLY A 482 10.45 19.24 26.04
CA GLY A 482 11.60 18.96 26.87
C GLY A 482 12.91 19.10 26.14
N LEU A 483 13.18 20.27 25.60
CA LEU A 483 14.43 20.55 24.92
C LEU A 483 15.01 21.85 25.45
N ASP A 484 16.32 21.99 25.34
CA ASP A 484 17.02 23.19 25.76
C ASP A 484 18.34 23.28 25.01
N ARG A 485 19.18 24.24 25.40
CA ARG A 485 20.43 24.46 24.68
C ARG A 485 21.35 23.25 24.75
N SER A 486 21.43 22.60 25.91
CA SER A 486 22.32 21.47 26.08
C SER A 486 21.81 20.19 25.43
N LEU A 487 20.58 20.17 24.93
CA LEU A 487 19.99 18.97 24.36
C LEU A 487 19.71 19.09 22.87
N LEU A 488 19.92 20.25 22.26
CA LEU A 488 19.67 20.41 20.84
C LEU A 488 20.65 19.64 19.97
N HIS A 489 21.84 19.34 20.47
CA HIS A 489 22.86 18.67 19.68
C HIS A 489 22.61 17.17 19.53
N ARG A 490 21.48 16.65 20.05
CA ARG A 490 21.13 15.26 19.89
C ARG A 490 19.78 15.05 19.22
N VAL A 491 19.10 16.11 18.81
CA VAL A 491 17.78 16.00 18.19
C VAL A 491 17.94 15.53 16.76
N SER A 492 16.87 14.98 16.20
CA SER A 492 16.88 14.40 14.86
C SER A 492 15.91 15.14 13.94
N GLU A 493 16.00 14.79 12.65
CA GLU A 493 15.13 15.41 11.65
C GLU A 493 13.67 15.08 11.90
N GLN A 494 13.37 13.82 12.20
CA GLN A 494 11.98 13.40 12.38
C GLN A 494 11.40 13.97 13.67
N GLN A 495 12.23 14.15 14.70
CA GLN A 495 11.75 14.70 15.96
C GLN A 495 11.28 16.14 15.79
N LEU A 496 12.06 16.95 15.07
CA LEU A 496 11.68 18.35 14.85
C LEU A 496 10.43 18.48 14.00
N LEU A 497 9.99 17.41 13.34
CA LEU A 497 8.77 17.45 12.56
C LEU A 497 7.58 16.93 13.36
N GLU A 498 7.69 15.73 13.92
CA GLU A 498 6.55 15.14 14.62
C GLU A 498 6.30 15.78 15.97
N ASP A 499 7.37 16.05 16.73
CA ASP A 499 7.22 16.54 18.09
C ASP A 499 7.12 18.06 18.15
N CYS A 500 8.14 18.75 17.64
CA CYS A 500 8.19 20.20 17.80
C CYS A 500 7.21 20.90 16.87
N GLY A 501 6.80 20.24 15.80
CA GLY A 501 5.85 20.81 14.87
C GLY A 501 6.41 21.75 13.83
N ILE A 502 7.72 21.68 13.54
CA ILE A 502 8.33 22.53 12.54
C ILE A 502 8.01 21.91 11.18
N HIS A 503 7.22 22.61 10.37
CA HIS A 503 6.66 22.00 9.17
C HIS A 503 7.56 22.21 7.95
N LEU A 504 8.12 23.41 7.80
CA LEU A 504 8.98 23.68 6.65
C LEU A 504 10.29 22.92 6.75
N GLY A 505 10.66 22.25 5.66
CA GLY A 505 11.90 21.49 5.65
C GLY A 505 13.14 22.35 5.71
N VAL A 506 13.11 23.53 5.10
CA VAL A 506 14.26 24.42 5.13
C VAL A 506 14.56 24.85 6.56
N HIS A 507 13.52 25.19 7.32
CA HIS A 507 13.71 25.60 8.70
C HIS A 507 14.28 24.45 9.53
N ARG A 508 13.77 23.24 9.33
CA ARG A 508 14.31 22.09 10.05
C ARG A 508 15.78 21.87 9.73
N ALA A 509 16.14 21.95 8.45
CA ALA A 509 17.53 21.75 8.06
C ALA A 509 18.43 22.83 8.66
N ARG A 510 18.00 24.08 8.63
CA ARG A 510 18.81 25.15 9.20
C ARG A 510 18.99 24.97 10.70
N ILE A 511 17.91 24.64 11.40
CA ILE A 511 17.99 24.46 12.85
C ILE A 511 18.92 23.30 13.19
N LEU A 512 18.83 22.19 12.44
CA LEU A 512 19.71 21.06 12.69
C LEU A 512 21.17 21.43 12.44
N THR A 513 21.47 22.01 11.28
CA THR A 513 22.86 22.29 10.95
C THR A 513 23.44 23.38 11.82
N ALA A 514 22.61 24.20 12.47
CA ALA A 514 23.15 25.17 13.42
C ALA A 514 23.21 24.61 14.83
N ALA A 515 22.40 23.59 15.14
CA ALA A 515 22.47 22.95 16.45
C ALA A 515 23.69 22.04 16.54
N ARG A 516 24.06 21.41 15.42
CA ARG A 516 25.28 20.60 15.42
C ARG A 516 26.52 21.43 15.68
N GLU A 517 26.47 22.73 15.43
CA GLU A 517 27.61 23.61 15.69
C GLU A 517 27.84 23.82 17.18
N MET A 518 26.85 23.53 18.02
CA MET A 518 26.99 23.78 19.45
C MET A 518 28.06 22.89 20.08
N LEU A 519 28.13 21.64 19.65
CA LEU A 519 29.05 20.64 20.22
C LEU A 519 28.78 20.46 21.71
N THR A 534 30.20 25.07 53.20
CA THR A 534 30.96 25.35 54.41
C THR A 534 31.02 26.85 54.70
N PRO A 535 30.24 27.29 55.68
CA PRO A 535 30.27 28.71 56.05
C PRO A 535 31.66 29.13 56.51
N ASP A 536 32.02 30.36 56.17
CA ASP A 536 33.31 30.91 56.55
C ASP A 536 33.24 31.91 57.69
N VAL A 537 32.05 32.30 58.13
CA VAL A 537 31.90 33.31 59.17
C VAL A 537 30.51 33.15 59.78
N PHE A 538 30.41 33.49 61.07
CA PHE A 538 29.14 33.46 61.79
C PHE A 538 28.95 34.79 62.49
N ILE A 539 27.74 35.33 62.39
CA ILE A 539 27.39 36.60 63.03
C ILE A 539 26.34 36.33 64.09
N SER A 540 26.61 36.79 65.31
CA SER A 540 25.71 36.63 66.43
C SER A 540 25.16 38.00 66.82
N TYR A 541 23.84 38.10 66.91
CA TYR A 541 23.16 39.36 67.19
C TYR A 541 22.13 39.15 68.29
N ARG A 542 21.55 40.26 68.74
CA ARG A 542 20.49 40.26 69.74
C ARG A 542 19.16 40.44 69.02
N ARG A 543 18.15 39.70 69.44
CA ARG A 543 16.83 39.83 68.85
C ARG A 543 16.24 41.20 69.16
N ASN A 544 15.64 41.81 68.14
CA ASN A 544 15.03 43.14 68.20
C ASN A 544 16.07 44.22 68.52
N SER A 545 17.35 43.88 68.43
CA SER A 545 18.42 44.86 68.63
C SER A 545 19.61 44.43 67.79
N GLY A 546 19.71 44.96 66.58
CA GLY A 546 20.82 44.66 65.68
C GLY A 546 20.47 43.79 64.49
N SER A 547 19.19 43.45 64.29
CA SER A 547 18.81 42.60 63.17
C SER A 547 19.13 43.28 61.83
N GLN A 548 18.84 44.58 61.73
CA GLN A 548 19.12 45.29 60.48
C GLN A 548 20.61 45.37 60.21
N LEU A 549 21.41 45.66 61.25
CA LEU A 549 22.86 45.72 61.08
C LEU A 549 23.42 44.37 60.68
N ALA A 550 22.93 43.29 61.30
CA ALA A 550 23.39 41.96 60.94
C ALA A 550 23.05 41.64 59.48
N SER A 551 21.85 42.05 59.04
CA SER A 551 21.46 41.85 57.65
C SER A 551 22.38 42.60 56.70
N LEU A 552 22.70 43.85 57.04
CA LEU A 552 23.59 44.62 56.18
C LEU A 552 24.98 43.99 56.09
N LEU A 553 25.52 43.56 57.23
CA LEU A 553 26.82 42.88 57.22
C LEU A 553 26.77 41.61 56.39
N LYS A 554 25.70 40.82 56.55
CA LYS A 554 25.61 39.58 55.77
C LYS A 554 25.55 39.87 54.27
N VAL A 555 24.76 40.86 53.87
CA VAL A 555 24.63 41.16 52.45
C VAL A 555 25.96 41.64 51.88
N HIS A 556 26.63 42.54 52.60
CA HIS A 556 27.92 43.04 52.10
C HIS A 556 28.95 41.92 52.02
N LEU A 557 29.00 41.05 53.03
CA LEU A 557 29.96 39.96 53.00
C LEU A 557 29.64 38.96 51.89
N GLN A 558 28.36 38.74 51.60
CA GLN A 558 27.99 37.88 50.49
C GLN A 558 28.41 38.49 49.17
N LEU A 559 28.22 39.80 49.01
CA LEU A 559 28.67 40.49 47.80
C LEU A 559 30.18 40.45 47.65
N HIS A 560 30.93 40.50 48.75
CA HIS A 560 32.39 40.56 48.70
C HIS A 560 33.02 39.16 48.73
N GLY A 561 32.28 38.13 48.31
CA GLY A 561 32.83 36.82 48.08
C GLY A 561 33.05 35.95 49.29
N PHE A 562 32.49 36.28 50.45
CA PHE A 562 32.64 35.48 51.66
C PHE A 562 31.28 34.89 52.03
N SER A 563 31.25 33.57 52.20
CA SER A 563 30.02 32.87 52.57
C SER A 563 29.65 33.23 54.00
N VAL A 564 28.35 33.22 54.30
CA VAL A 564 27.84 33.66 55.60
C VAL A 564 26.71 32.72 56.01
N PHE A 565 26.60 32.46 57.32
CA PHE A 565 25.54 31.62 57.90
C PHE A 565 24.85 32.42 59.00
N ILE A 566 23.57 32.71 58.82
CA ILE A 566 22.79 33.45 59.80
C ILE A 566 21.55 32.65 60.18
N ASP A 567 21.13 32.76 61.43
CA ASP A 567 19.88 32.16 61.87
C ASP A 567 18.70 32.92 61.30
N VAL A 568 17.73 32.16 60.79
CA VAL A 568 16.50 32.75 60.25
C VAL A 568 15.63 33.34 61.35
N GLU A 569 15.61 32.69 62.51
CA GLU A 569 14.82 33.18 63.64
C GLU A 569 15.49 34.38 64.30
N ASP A 578 24.14 22.10 69.65
CA ASP A 578 23.33 21.44 68.62
C ASP A 578 23.81 21.82 67.23
N LYS A 579 22.85 22.04 66.32
CA LYS A 579 23.18 22.42 64.96
C LYS A 579 23.87 23.78 64.91
N LEU A 580 23.41 24.71 65.75
CA LEU A 580 24.01 26.04 65.78
C LEU A 580 25.46 25.98 66.25
N ILE A 581 25.74 25.14 67.25
CA ILE A 581 27.11 25.03 67.77
C ILE A 581 28.05 24.45 66.73
N GLN A 582 27.63 23.37 66.06
CA GLN A 582 28.49 22.78 65.05
C GLN A 582 28.65 23.71 63.85
N SER A 583 27.61 24.50 63.55
CA SER A 583 27.74 25.52 62.52
C SER A 583 28.77 26.56 62.90
N VAL A 584 28.76 26.99 64.17
CA VAL A 584 29.75 27.95 64.65
C VAL A 584 31.15 27.37 64.53
N MET A 585 31.32 26.11 64.94
CA MET A 585 32.64 25.48 64.85
C MET A 585 33.10 25.35 63.40
N GLY A 586 32.20 24.97 62.50
CA GLY A 586 32.58 24.86 61.09
C GLY A 586 32.93 26.20 60.47
N ALA A 587 32.23 27.26 60.88
CA ALA A 587 32.52 28.60 60.38
C ALA A 587 33.91 29.02 60.85
N ARG A 588 34.71 29.57 59.93
CA ARG A 588 36.07 29.94 60.27
C ARG A 588 36.11 31.16 61.18
N ASN A 589 35.25 32.15 60.93
CA ASN A 589 35.30 33.42 61.62
C ASN A 589 34.06 33.63 62.46
N PHE A 590 34.15 34.60 63.38
CA PHE A 590 33.05 34.96 64.26
C PHE A 590 32.87 36.47 64.25
N VAL A 591 31.60 36.89 64.13
CA VAL A 591 31.24 38.30 64.17
C VAL A 591 30.18 38.50 65.23
N LEU A 592 30.36 39.52 66.07
CA LEU A 592 29.41 39.87 67.11
C LEU A 592 29.09 41.34 66.99
N VAL A 593 27.89 41.67 66.49
CA VAL A 593 27.47 43.06 66.41
C VAL A 593 27.23 43.58 67.82
N LEU A 594 27.77 44.76 68.11
CA LEU A 594 27.61 45.38 69.43
C LEU A 594 26.50 46.42 69.34
N SER A 595 25.27 45.91 69.28
CA SER A 595 24.08 46.74 69.30
C SER A 595 23.89 47.33 70.69
N PRO A 596 23.30 48.52 70.80
CA PRO A 596 23.02 49.09 72.13
C PRO A 596 22.10 48.17 72.92
N GLY A 597 22.41 48.02 74.20
CA GLY A 597 21.65 47.13 75.05
C GLY A 597 21.74 45.67 74.64
N ALA A 598 22.94 45.20 74.30
CA ALA A 598 23.13 43.82 73.88
C ALA A 598 23.52 42.93 75.06
N LEU A 599 24.63 43.25 75.73
CA LEU A 599 25.05 42.48 76.89
C LEU A 599 24.35 42.90 78.16
N ASP A 600 23.53 43.96 78.12
CA ASP A 600 22.78 44.37 79.30
C ASP A 600 21.80 43.29 79.75
N LYS A 601 21.10 42.66 78.80
CA LYS A 601 20.15 41.62 79.17
C LYS A 601 20.85 40.40 79.76
N CYS A 602 21.99 40.01 79.18
CA CYS A 602 22.72 38.86 79.67
C CYS A 602 23.54 39.20 80.91
N ASP A 610 21.63 31.87 78.20
CA ASP A 610 21.26 32.65 77.02
C ASP A 610 21.86 32.05 75.75
N TRP A 611 21.16 32.23 74.63
CA TRP A 611 21.74 31.86 73.34
C TRP A 611 22.99 32.66 73.06
N VAL A 612 22.97 33.96 73.36
CA VAL A 612 24.14 34.81 73.14
C VAL A 612 25.30 34.35 74.01
N HIS A 613 25.04 34.10 75.29
CA HIS A 613 26.09 33.63 76.19
C HIS A 613 26.66 32.30 75.71
N LYS A 614 25.78 31.37 75.34
CA LYS A 614 26.23 30.05 74.90
C LYS A 614 27.08 30.16 73.64
N GLU A 615 26.66 30.99 72.68
CA GLU A 615 27.44 31.08 71.44
C GLU A 615 28.76 31.81 71.66
N ILE A 616 28.80 32.82 72.54
CA ILE A 616 30.06 33.52 72.76
C ILE A 616 31.05 32.64 73.50
N VAL A 617 30.57 31.84 74.47
CA VAL A 617 31.50 30.92 75.14
C VAL A 617 31.94 29.82 74.18
N THR A 618 31.04 29.38 73.29
CA THR A 618 31.44 28.41 72.27
C THR A 618 32.52 28.99 71.36
N ALA A 619 32.38 30.26 70.96
CA ALA A 619 33.38 30.89 70.13
C ALA A 619 34.71 31.06 70.87
N LEU A 620 34.65 31.41 72.17
CA LEU A 620 35.87 31.54 72.95
C LEU A 620 36.56 30.19 73.12
N SER A 621 35.78 29.10 73.09
CA SER A 621 36.36 27.77 73.22
C SER A 621 37.38 27.51 72.11
N CYS A 622 37.08 27.93 70.89
CA CYS A 622 38.01 27.73 69.79
C CYS A 622 38.99 28.89 69.62
N GLY A 623 38.52 30.13 69.77
CA GLY A 623 39.37 31.29 69.65
C GLY A 623 39.92 31.48 68.25
N LYS A 624 39.04 31.78 67.28
CA LYS A 624 39.43 31.91 65.88
C LYS A 624 38.91 33.24 65.32
N ASN A 625 39.69 34.30 65.52
CA ASN A 625 39.48 35.61 64.88
C ASN A 625 38.06 36.13 65.14
N ILE A 626 37.78 36.39 66.41
CA ILE A 626 36.50 36.94 66.83
C ILE A 626 36.55 38.45 66.70
N VAL A 627 35.52 39.03 66.09
CA VAL A 627 35.49 40.48 65.87
C VAL A 627 34.18 41.09 66.35
N PRO A 628 34.23 41.99 67.33
CA PRO A 628 33.05 42.80 67.66
C PRO A 628 33.03 44.12 66.91
N ILE A 629 31.94 44.44 66.23
CA ILE A 629 31.77 45.76 65.61
C ILE A 629 30.93 46.63 66.54
N ILE A 630 31.49 47.78 66.93
CA ILE A 630 30.90 48.59 67.98
C ILE A 630 29.92 49.59 67.37
N ASP A 631 28.72 49.68 67.96
CA ASP A 631 27.72 50.67 67.59
C ASP A 631 26.93 50.99 68.86
N GLY A 632 27.33 52.05 69.56
CA GLY A 632 26.68 52.40 70.81
C GLY A 632 26.91 51.40 71.91
N PHE A 633 28.14 50.87 72.02
CA PHE A 633 28.50 49.93 73.06
C PHE A 633 29.55 50.55 73.96
N GLU A 634 29.24 50.66 75.25
CA GLU A 634 30.13 51.26 76.22
C GLU A 634 30.90 50.22 77.04
N TRP A 635 30.85 48.96 76.64
CA TRP A 635 31.52 47.87 77.35
C TRP A 635 31.03 47.75 78.80
N PRO A 636 29.78 47.34 79.02
CA PRO A 636 29.29 47.14 80.39
C PRO A 636 30.02 46.00 81.11
N GLN A 646 33.47 34.64 81.71
CA GLN A 646 33.33 35.87 80.94
C GLN A 646 34.54 36.10 80.04
N ALA A 647 35.38 37.07 80.42
CA ALA A 647 36.61 37.38 79.68
C ALA A 647 36.33 37.65 78.20
N VAL A 648 35.27 38.42 77.94
CA VAL A 648 34.86 38.71 76.57
C VAL A 648 35.34 40.10 76.16
N LEU A 649 35.60 40.96 77.14
CA LEU A 649 35.93 42.35 76.86
C LEU A 649 37.40 42.55 76.50
N THR A 650 38.22 41.51 76.57
CA THR A 650 39.64 41.61 76.21
C THR A 650 39.81 41.52 74.69
N PHE A 651 39.18 42.46 73.99
CA PHE A 651 39.17 42.47 72.53
C PHE A 651 39.06 43.90 72.04
N ASN A 652 39.26 44.07 70.73
CA ASN A 652 39.16 45.35 70.06
C ASN A 652 38.24 45.24 68.85
N GLY A 653 37.68 46.37 68.44
CA GLY A 653 36.70 46.36 67.37
C GLY A 653 36.77 47.54 66.41
N ILE A 654 35.73 47.70 65.59
CA ILE A 654 35.69 48.70 64.53
C ILE A 654 34.44 49.54 64.70
N LYS A 655 34.56 50.85 64.50
CA LYS A 655 33.42 51.75 64.53
C LYS A 655 32.53 51.51 63.32
N TRP A 656 31.22 51.69 63.52
CA TRP A 656 30.24 51.53 62.45
C TRP A 656 29.77 52.90 61.97
N SER A 657 29.72 53.06 60.65
CA SER A 657 29.30 54.30 60.02
C SER A 657 28.17 54.00 59.05
N HIS A 658 27.02 54.64 59.25
CA HIS A 658 25.87 54.36 58.41
C HIS A 658 26.00 55.03 57.04
N GLU A 659 26.59 56.22 56.99
CA GLU A 659 26.72 56.95 55.74
C GLU A 659 28.13 56.88 55.14
N TYR A 660 29.14 56.56 55.94
CA TYR A 660 30.45 56.15 55.40
C TYR A 660 30.52 54.63 55.27
N GLN A 661 29.53 54.07 54.59
CA GLN A 661 29.53 52.64 54.33
C GLN A 661 30.48 52.30 53.19
N GLU A 662 30.70 51.00 52.98
CA GLU A 662 31.65 50.43 52.04
C GLU A 662 33.10 50.67 52.48
N ALA A 663 33.32 51.38 53.58
CA ALA A 663 34.66 51.64 54.11
C ALA A 663 34.96 50.80 55.34
N THR A 664 34.07 50.82 56.34
CA THR A 664 34.21 49.92 57.48
C THR A 664 34.12 48.47 57.03
N ILE A 665 33.35 48.22 55.96
CA ILE A 665 33.33 46.88 55.37
C ILE A 665 34.71 46.52 54.84
N GLU A 666 35.37 47.45 54.17
CA GLU A 666 36.73 47.20 53.69
C GLU A 666 37.68 46.97 54.86
N LYS A 667 37.48 47.69 55.96
CA LYS A 667 38.35 47.52 57.12
C LYS A 667 38.17 46.13 57.74
N ILE A 668 36.92 45.68 57.89
CA ILE A 668 36.69 44.36 58.48
C ILE A 668 37.12 43.27 57.50
N ILE A 669 37.16 43.58 56.20
CA ILE A 669 37.69 42.62 55.24
C ILE A 669 39.17 42.34 55.51
N ARG A 670 39.97 43.39 55.66
CA ARG A 670 41.38 43.18 55.96
C ARG A 670 41.57 42.62 57.37
N PHE A 671 40.67 42.98 58.29
CA PHE A 671 40.74 42.43 59.64
C PHE A 671 40.53 40.92 59.63
N LEU A 672 39.58 40.44 58.83
CA LEU A 672 39.29 39.02 58.75
C LEU A 672 38.52 38.70 57.47
N VAL B 34 -21.48 64.73 44.05
CA VAL B 34 -22.62 65.32 44.72
C VAL B 34 -22.13 66.38 45.70
N GLN B 35 -21.76 65.96 46.91
CA GLN B 35 -21.16 66.88 47.86
C GLN B 35 -19.75 67.26 47.45
N ASP B 36 -19.06 66.35 46.74
CA ASP B 36 -17.73 66.66 46.24
C ASP B 36 -17.74 67.76 45.19
N ALA B 37 -18.91 68.03 44.59
CA ALA B 37 -19.03 69.11 43.62
C ALA B 37 -18.71 70.46 44.24
N LEU B 38 -18.93 70.60 45.55
CA LEU B 38 -18.60 71.85 46.22
C LEU B 38 -17.10 72.15 46.12
N GLU B 39 -16.27 71.13 46.35
CA GLU B 39 -14.84 71.30 46.16
C GLU B 39 -14.46 71.28 44.68
N ARG B 40 -15.25 70.62 43.85
CA ARG B 40 -15.06 70.71 42.41
C ARG B 40 -15.26 72.11 41.89
N ALA B 41 -16.00 72.96 42.61
CA ALA B 41 -16.07 74.38 42.29
C ALA B 41 -14.76 75.11 42.58
N LEU B 42 -13.72 74.38 43.00
CA LEU B 42 -12.38 74.89 43.23
C LEU B 42 -12.40 76.01 44.27
N PRO B 43 -12.63 75.70 45.55
CA PRO B 43 -12.73 76.74 46.57
C PRO B 43 -11.41 77.45 46.85
N GLU B 44 -10.32 76.93 46.29
CA GLU B 44 -9.01 77.53 46.48
C GLU B 44 -8.46 78.24 45.25
N LEU B 45 -9.03 78.00 44.07
CA LEU B 45 -8.48 78.53 42.81
C LEU B 45 -7.05 78.05 42.61
N GLN B 46 -6.74 76.90 43.24
CA GLN B 46 -5.36 76.42 43.35
C GLN B 46 -4.47 77.49 43.97
N GLN B 47 -5.04 78.25 44.90
CA GLN B 47 -4.38 79.42 45.50
C GLN B 47 -3.94 80.40 44.43
N ALA B 48 -4.92 80.84 43.63
CA ALA B 48 -4.67 81.76 42.51
C ALA B 48 -3.59 81.21 41.58
N LEU B 49 -3.70 79.90 41.30
CA LEU B 49 -2.75 79.19 40.45
C LEU B 49 -1.32 79.33 40.99
N SER B 50 -1.14 78.86 42.22
CA SER B 50 0.14 78.89 42.93
C SER B 50 0.75 80.29 42.91
N ALA B 51 -0.06 81.26 43.38
CA ALA B 51 0.32 82.67 43.43
C ALA B 51 0.72 83.19 42.06
N LEU B 52 0.07 82.68 41.01
CA LEU B 52 0.22 83.04 39.59
C LEU B 52 1.62 82.71 39.07
N LYS B 53 2.37 81.85 39.74
CA LYS B 53 3.66 81.26 39.36
C LYS B 53 4.81 82.26 39.44
N GLN B 54 4.54 83.53 39.76
CA GLN B 54 5.57 84.55 39.89
C GLN B 54 5.89 84.89 41.34
N ALA B 55 5.85 83.88 42.22
CA ALA B 55 6.32 84.08 43.58
C ALA B 55 7.75 84.58 43.60
N GLY B 56 8.58 84.06 42.68
CA GLY B 56 9.85 84.66 42.34
C GLY B 56 10.92 84.58 43.40
N GLY B 57 10.60 84.20 44.63
CA GLY B 57 11.55 84.17 45.72
C GLY B 57 11.69 82.76 46.27
N ALA B 58 12.84 82.49 46.90
CA ALA B 58 13.08 81.19 47.50
C ALA B 58 12.05 80.88 48.57
N ARG B 59 11.99 81.72 49.61
CA ARG B 59 10.97 81.55 50.65
C ARG B 59 9.57 81.66 50.07
N ALA B 60 9.40 82.47 49.02
CA ALA B 60 8.07 82.63 48.41
C ALA B 60 7.56 81.31 47.86
N VAL B 61 8.34 80.64 47.02
CA VAL B 61 7.90 79.37 46.46
C VAL B 61 7.85 78.29 47.53
N GLY B 62 8.79 78.32 48.48
CA GLY B 62 8.78 77.34 49.55
C GLY B 62 7.51 77.41 50.37
N ALA B 63 7.03 78.63 50.64
CA ALA B 63 5.74 78.78 51.29
C ALA B 63 4.60 78.37 50.38
N GLY B 64 4.60 78.86 49.14
CA GLY B 64 3.46 78.66 48.26
C GLY B 64 3.17 77.20 47.98
N LEU B 65 4.21 76.36 47.95
CA LEU B 65 3.98 74.93 47.74
C LEU B 65 3.32 74.28 48.95
N ALA B 66 3.57 74.80 50.15
CA ALA B 66 3.16 74.11 51.37
C ALA B 66 1.64 74.02 51.49
N GLU B 67 0.94 75.15 51.35
CA GLU B 67 -0.49 75.11 51.59
C GLU B 67 -1.25 74.36 50.50
N VAL B 68 -0.77 74.39 49.25
CA VAL B 68 -1.39 73.51 48.25
C VAL B 68 -1.12 72.06 48.58
N PHE B 69 0.07 71.76 49.13
CA PHE B 69 0.33 70.44 49.68
C PHE B 69 -0.76 70.03 50.67
N GLN B 70 -0.92 70.78 51.77
CA GLN B 70 -1.99 70.36 52.68
C GLN B 70 -3.35 70.29 52.00
N LEU B 71 -3.71 71.28 51.18
CA LEU B 71 -5.01 71.26 50.51
C LEU B 71 -5.24 69.92 49.81
N VAL B 72 -4.24 69.42 49.08
CA VAL B 72 -4.44 68.13 48.42
C VAL B 72 -4.49 67.00 49.44
N GLU B 73 -3.73 67.10 50.55
CA GLU B 73 -3.83 66.06 51.59
C GLU B 73 -5.20 66.05 52.28
N GLU B 74 -5.69 67.19 52.76
CA GLU B 74 -7.03 67.16 53.35
C GLU B 74 -8.12 66.94 52.30
N ALA B 75 -7.79 67.04 51.02
CA ALA B 75 -8.71 66.54 50.01
C ALA B 75 -8.68 65.01 49.94
N TRP B 76 -7.50 64.42 50.06
CA TRP B 76 -7.37 62.96 50.03
C TRP B 76 -8.02 62.31 51.24
N LEU B 77 -7.72 62.81 52.44
CA LEU B 77 -8.12 62.16 53.69
C LEU B 77 -9.49 62.68 54.12
N LEU B 78 -10.53 62.12 53.52
CA LEU B 78 -11.90 62.40 53.91
C LEU B 78 -12.78 61.25 53.43
N PRO B 79 -13.82 60.89 54.20
CA PRO B 79 -14.48 59.58 54.05
C PRO B 79 -15.15 59.39 52.68
N ALA B 80 -14.68 58.37 51.96
CA ALA B 80 -15.43 57.69 50.90
C ALA B 80 -15.61 58.49 49.61
N VAL B 81 -15.21 59.75 49.59
CA VAL B 81 -15.31 60.53 48.35
C VAL B 81 -14.00 61.27 48.10
N GLY B 82 -13.07 61.16 49.05
CA GLY B 82 -11.74 61.69 48.82
C GLY B 82 -11.05 61.00 47.65
N ARG B 83 -11.27 59.69 47.52
CA ARG B 83 -10.75 58.94 46.39
C ARG B 83 -11.25 59.51 45.08
N GLU B 84 -12.56 59.83 45.00
CA GLU B 84 -13.13 60.38 43.79
C GLU B 84 -12.62 61.79 43.51
N VAL B 85 -12.48 62.61 44.55
CA VAL B 85 -12.10 64.00 44.33
C VAL B 85 -10.60 64.12 44.04
N ALA B 86 -9.82 63.10 44.41
CA ALA B 86 -8.39 63.13 44.11
C ALA B 86 -8.14 63.15 42.61
N GLN B 87 -8.90 62.36 41.85
CA GLN B 87 -8.76 62.37 40.39
C GLN B 87 -9.10 63.74 39.83
N GLY B 88 -10.14 64.38 40.37
CA GLY B 88 -10.48 65.72 39.91
C GLY B 88 -9.38 66.73 40.17
N LEU B 89 -8.80 66.68 41.37
CA LEU B 89 -7.69 67.59 41.68
C LEU B 89 -6.49 67.34 40.78
N CYS B 90 -6.15 66.07 40.55
CA CYS B 90 -5.02 65.76 39.69
C CYS B 90 -5.26 66.21 38.25
N ASP B 91 -6.47 65.99 37.73
CA ASP B 91 -6.79 66.47 36.40
C ASP B 91 -6.73 67.99 36.32
N ALA B 92 -7.21 68.67 37.36
CA ALA B 92 -7.15 70.12 37.40
C ALA B 92 -5.71 70.61 37.35
N ILE B 93 -4.82 69.97 38.14
CA ILE B 93 -3.42 70.36 38.12
C ILE B 93 -2.81 70.11 36.74
N ARG B 94 -3.12 68.96 36.14
CA ARG B 94 -2.56 68.63 34.83
C ARG B 94 -3.00 69.64 33.77
N LEU B 95 -4.28 70.00 33.77
CA LEU B 95 -4.76 70.96 32.77
C LEU B 95 -4.25 72.37 33.04
N ASP B 96 -4.09 72.75 34.31
CA ASP B 96 -3.57 74.07 34.64
C ASP B 96 -2.08 74.19 34.36
N GLY B 97 -1.35 73.09 34.34
CA GLY B 97 0.08 73.15 34.11
C GLY B 97 0.92 73.06 35.37
N GLY B 98 0.35 72.66 36.50
CA GLY B 98 1.13 72.44 37.69
C GLY B 98 2.19 71.39 37.53
N LEU B 99 1.93 70.37 36.71
CA LEU B 99 2.95 69.35 36.45
C LEU B 99 4.17 69.95 35.76
N ASP B 100 3.94 70.79 34.74
CA ASP B 100 5.05 71.47 34.09
C ASP B 100 5.73 72.45 35.04
N LEU B 101 4.95 73.10 35.91
CA LEU B 101 5.54 73.97 36.92
C LEU B 101 6.50 73.21 37.81
N LEU B 102 6.08 72.03 38.29
CA LEU B 102 6.95 71.19 39.11
C LEU B 102 8.19 70.76 38.33
N LEU B 103 7.99 70.30 37.10
CA LEU B 103 9.11 69.83 36.27
C LEU B 103 10.12 70.94 36.03
N ARG B 104 9.68 72.18 35.91
CA ARG B 104 10.61 73.30 35.83
C ARG B 104 11.23 73.63 37.19
N LEU B 105 10.47 73.40 38.27
CA LEU B 105 10.90 73.81 39.59
C LEU B 105 11.99 72.89 40.15
N LEU B 106 12.02 71.63 39.74
CA LEU B 106 12.93 70.65 40.36
C LEU B 106 14.40 70.89 40.03
N GLN B 107 14.75 71.96 39.30
CA GLN B 107 16.14 72.14 38.88
C GLN B 107 16.86 73.28 39.61
N ALA B 108 16.13 74.19 40.25
CA ALA B 108 16.73 75.42 40.77
C ALA B 108 17.81 75.14 41.82
N PRO B 109 19.04 75.60 41.60
CA PRO B 109 20.09 75.36 42.61
C PRO B 109 19.96 76.25 43.83
N GLU B 110 19.57 77.52 43.65
CA GLU B 110 19.34 78.39 44.80
C GLU B 110 18.21 77.88 45.66
N LEU B 111 17.30 77.10 45.07
CA LEU B 111 16.26 76.40 45.82
C LEU B 111 16.82 75.08 46.33
N GLU B 112 17.58 75.17 47.42
CA GLU B 112 18.14 73.99 48.06
C GLU B 112 17.06 73.00 48.46
N THR B 113 15.84 73.48 48.71
CA THR B 113 14.74 72.61 49.10
C THR B 113 13.80 72.34 47.91
N ARG B 114 14.20 71.36 47.10
CA ARG B 114 13.25 70.73 46.18
C ARG B 114 12.34 69.75 46.90
N VAL B 115 12.41 69.69 48.23
CA VAL B 115 11.71 68.67 49.00
C VAL B 115 10.21 68.81 48.83
N GLN B 116 9.69 70.03 48.98
CA GLN B 116 8.25 70.24 48.79
C GLN B 116 7.84 69.91 47.37
N ALA B 117 8.67 70.28 46.39
CA ALA B 117 8.33 70.00 45.00
C ALA B 117 8.21 68.50 44.75
N ALA B 118 9.22 67.73 45.12
CA ALA B 118 9.20 66.28 44.89
C ALA B 118 8.08 65.62 45.69
N ARG B 119 7.90 66.04 46.94
CA ARG B 119 6.90 65.43 47.79
C ARG B 119 5.49 65.73 47.29
N LEU B 120 5.29 66.89 46.66
CA LEU B 120 4.01 67.17 46.04
C LEU B 120 3.84 66.40 44.74
N LEU B 121 4.92 66.24 43.98
CA LEU B 121 4.85 65.44 42.76
C LEU B 121 4.51 63.99 43.06
N GLU B 122 4.87 63.51 44.25
CA GLU B 122 4.47 62.17 44.67
C GLU B 122 2.96 61.99 44.62
N GLN B 123 2.22 62.92 45.25
CA GLN B 123 0.80 62.68 45.50
C GLN B 123 -0.05 62.87 44.25
N ILE B 124 0.45 63.63 43.28
CA ILE B 124 -0.38 64.06 42.15
C ILE B 124 -0.33 63.06 41.01
N LEU B 125 0.18 61.86 41.26
CA LEU B 125 0.42 60.90 40.18
C LEU B 125 -0.79 59.98 40.01
N VAL B 126 -1.46 60.10 38.87
CA VAL B 126 -2.52 59.20 38.43
C VAL B 126 -2.05 58.65 37.09
N ALA B 127 -2.88 57.82 36.45
CA ALA B 127 -2.48 57.24 35.15
C ALA B 127 -2.18 58.31 34.12
N GLU B 128 -3.08 59.29 33.99
CA GLU B 128 -2.87 60.36 33.01
C GLU B 128 -1.66 61.21 33.37
N ASN B 129 -1.35 61.35 34.67
CA ASN B 129 -0.17 62.07 35.11
C ASN B 129 1.12 61.32 34.83
N ARG B 130 1.15 60.01 35.08
CA ARG B 130 2.35 59.25 34.81
C ARG B 130 2.62 59.16 33.32
N ASP B 131 1.57 59.11 32.49
CA ASP B 131 1.78 59.20 31.05
C ASP B 131 2.48 60.50 30.67
N ARG B 132 1.97 61.63 31.15
CA ARG B 132 2.55 62.92 30.78
C ARG B 132 3.97 63.07 31.29
N VAL B 133 4.23 62.63 32.53
CA VAL B 133 5.58 62.78 33.07
C VAL B 133 6.54 61.82 32.37
N ALA B 134 6.07 60.62 32.00
CA ALA B 134 6.90 59.73 31.21
C ALA B 134 7.22 60.32 29.85
N ARG B 135 6.33 61.17 29.34
CA ARG B 135 6.60 61.83 28.06
C ARG B 135 7.84 62.72 28.13
N ILE B 136 7.98 63.50 29.20
CA ILE B 136 8.91 64.63 29.17
C ILE B 136 9.94 64.63 30.30
N GLY B 137 9.69 64.08 31.48
CA GLY B 137 10.54 64.40 32.61
C GLY B 137 11.50 63.33 33.08
N LEU B 138 11.73 62.28 32.28
CA LEU B 138 12.69 61.26 32.71
C LEU B 138 14.13 61.73 32.61
N GLY B 139 14.39 62.87 31.99
CA GLY B 139 15.71 63.44 32.06
C GLY B 139 15.93 64.07 33.42
N VAL B 140 15.02 64.96 33.82
CA VAL B 140 15.17 65.69 35.07
C VAL B 140 15.03 64.77 36.27
N ILE B 141 14.10 63.81 36.22
CA ILE B 141 13.91 62.92 37.36
C ILE B 141 15.15 62.09 37.60
N LEU B 142 15.71 61.52 36.54
CA LEU B 142 16.85 60.62 36.70
C LEU B 142 18.16 61.37 36.84
N ASN B 143 18.17 62.67 36.54
CA ASN B 143 19.27 63.52 36.97
C ASN B 143 19.16 63.88 38.45
N LEU B 144 17.94 64.04 38.96
CA LEU B 144 17.72 64.31 40.37
C LEU B 144 17.98 63.07 41.21
N ALA B 145 17.85 61.88 40.62
CA ALA B 145 18.01 60.65 41.37
C ALA B 145 19.44 60.45 41.89
N LYS B 146 20.40 61.24 41.40
CA LYS B 146 21.76 61.16 41.92
C LYS B 146 21.92 61.88 43.25
N GLU B 147 20.90 62.61 43.71
CA GLU B 147 20.97 63.32 44.99
C GLU B 147 20.55 62.36 46.11
N ARG B 148 21.57 61.70 46.67
CA ARG B 148 21.36 60.65 47.66
C ARG B 148 21.61 61.11 49.10
N GLU B 149 22.12 62.34 49.29
CA GLU B 149 22.42 62.78 50.66
C GLU B 149 21.17 63.13 51.46
N PRO B 150 20.30 64.04 51.01
CA PRO B 150 19.17 64.43 51.87
C PRO B 150 18.09 63.37 51.92
N VAL B 151 17.88 62.83 53.12
CA VAL B 151 16.93 61.73 53.30
C VAL B 151 15.51 62.19 52.99
N GLU B 152 15.18 63.44 53.32
CA GLU B 152 13.82 63.94 53.08
C GLU B 152 13.52 64.03 51.59
N LEU B 153 14.51 64.39 50.77
CA LEU B 153 14.31 64.43 49.33
C LEU B 153 14.35 63.02 48.74
N ALA B 154 15.20 62.16 49.31
CA ALA B 154 15.28 60.78 48.84
C ALA B 154 13.96 60.05 49.05
N ARG B 155 13.31 60.29 50.19
CA ARG B 155 12.04 59.67 50.51
C ARG B 155 10.95 60.04 49.52
N SER B 156 11.09 61.16 48.80
CA SER B 156 10.15 61.57 47.77
C SER B 156 10.55 61.08 46.38
N VAL B 157 11.82 61.18 46.03
CA VAL B 157 12.24 60.70 44.71
C VAL B 157 12.08 59.18 44.61
N ALA B 158 12.20 58.48 45.75
CA ALA B 158 11.95 57.04 45.75
C ALA B 158 10.49 56.75 45.43
N GLY B 159 9.57 57.54 45.98
CA GLY B 159 8.17 57.36 45.63
C GLY B 159 7.89 57.68 44.17
N ILE B 160 8.57 58.70 43.64
CA ILE B 160 8.42 59.02 42.22
C ILE B 160 8.87 57.83 41.36
N LEU B 161 10.03 57.25 41.70
CA LEU B 161 10.51 56.09 40.95
C LEU B 161 9.57 54.91 41.10
N GLU B 162 9.02 54.72 42.31
CA GLU B 162 8.06 53.64 42.53
C GLU B 162 6.84 53.79 41.62
N HIS B 163 6.33 55.02 41.52
CA HIS B 163 5.16 55.24 40.66
C HIS B 163 5.54 55.14 39.19
N MET B 164 6.80 55.42 38.87
CA MET B 164 7.24 55.34 37.47
C MET B 164 7.39 53.90 37.01
N PHE B 165 7.91 53.03 37.89
CA PHE B 165 8.10 51.64 37.52
C PHE B 165 6.79 50.92 37.24
N LYS B 166 5.67 51.43 37.76
CA LYS B 166 4.37 50.85 37.46
C LYS B 166 3.92 51.14 36.03
N HIS B 167 4.62 52.00 35.31
CA HIS B 167 4.29 52.30 33.93
C HIS B 167 4.82 51.18 33.02
N SER B 168 4.82 51.43 31.71
CA SER B 168 5.03 50.38 30.74
C SER B 168 6.49 49.89 30.72
N GLU B 169 6.71 48.83 29.94
CA GLU B 169 8.02 48.22 29.86
C GLU B 169 9.06 49.16 29.28
N GLU B 170 8.66 50.07 28.38
CA GLU B 170 9.61 51.04 27.86
C GLU B 170 10.14 51.93 28.98
N THR B 171 9.26 52.41 29.84
CA THR B 171 9.68 53.23 30.97
C THR B 171 10.53 52.43 31.94
N CYS B 172 10.15 51.17 32.20
CA CYS B 172 10.93 50.34 33.10
C CYS B 172 12.35 50.13 32.57
N GLN B 173 12.47 49.82 31.27
CA GLN B 173 13.77 49.65 30.65
C GLN B 173 14.59 50.93 30.64
N ARG B 174 13.95 52.07 30.38
CA ARG B 174 14.67 53.34 30.43
C ARG B 174 15.22 53.61 31.82
N LEU B 175 14.39 53.42 32.85
CA LEU B 175 14.85 53.66 34.22
C LEU B 175 15.97 52.71 34.60
N VAL B 176 15.82 51.43 34.29
CA VAL B 176 16.84 50.45 34.66
C VAL B 176 18.15 50.74 33.96
N ALA B 177 18.08 51.07 32.67
CA ALA B 177 19.29 51.36 31.91
C ALA B 177 19.97 52.64 32.39
N ALA B 178 19.18 53.68 32.69
CA ALA B 178 19.78 54.97 33.01
C ALA B 178 20.30 55.04 34.44
N GLY B 179 19.67 54.35 35.38
CA GLY B 179 20.17 54.41 36.75
C GLY B 179 19.11 54.44 37.84
N GLY B 180 17.84 54.40 37.45
CA GLY B 180 16.78 54.32 38.45
C GLY B 180 16.91 53.09 39.33
N LEU B 181 17.24 51.94 38.73
CA LEU B 181 17.42 50.72 39.51
C LEU B 181 18.57 50.87 40.50
N ASP B 182 19.68 51.47 40.06
CA ASP B 182 20.80 51.67 40.97
C ASP B 182 20.43 52.61 42.11
N ALA B 183 19.69 53.67 41.81
CA ALA B 183 19.26 54.58 42.86
C ALA B 183 18.35 53.88 43.87
N VAL B 184 17.44 53.02 43.39
CA VAL B 184 16.58 52.28 44.29
C VAL B 184 17.38 51.32 45.15
N LEU B 185 18.35 50.63 44.54
CA LEU B 185 19.11 49.62 45.28
C LEU B 185 20.08 50.25 46.28
N TYR B 186 20.51 51.49 46.04
CA TYR B 186 21.41 52.13 46.99
C TYR B 186 20.74 52.34 48.33
N TRP B 187 19.48 52.76 48.33
CA TRP B 187 18.78 53.14 49.55
C TRP B 187 18.26 51.95 50.35
N CYS B 188 18.72 50.73 50.05
CA CYS B 188 18.33 49.61 50.88
C CYS B 188 19.09 49.59 52.20
N ARG B 189 20.32 50.12 52.21
CA ARG B 189 21.11 50.18 53.44
C ARG B 189 20.60 51.24 54.41
N ARG B 190 19.68 52.10 53.99
CA ARG B 190 19.20 53.17 54.84
C ARG B 190 18.28 52.62 55.93
N THR B 191 17.70 53.55 56.71
CA THR B 191 16.94 53.18 57.89
C THR B 191 15.50 53.68 57.88
N ASP B 192 15.18 54.72 57.12
CA ASP B 192 13.84 55.30 57.19
C ASP B 192 12.79 54.30 56.74
N PRO B 193 11.79 53.99 57.58
CA PRO B 193 10.77 53.01 57.20
C PRO B 193 10.04 53.36 55.91
N ALA B 194 9.70 54.63 55.72
CA ALA B 194 8.99 55.04 54.52
C ALA B 194 9.85 54.87 53.28
N LEU B 195 11.13 55.25 53.36
CA LEU B 195 12.03 55.10 52.23
C LEU B 195 12.22 53.63 51.88
N LEU B 196 12.39 52.78 52.90
CA LEU B 196 12.57 51.36 52.64
C LEU B 196 11.31 50.73 52.06
N ARG B 197 10.13 51.12 52.55
CA ARG B 197 8.88 50.62 52.00
C ARG B 197 8.73 51.03 50.55
N HIS B 198 9.07 52.28 50.24
CA HIS B 198 9.01 52.73 48.85
C HIS B 198 9.98 51.97 47.97
N CYS B 199 11.19 51.68 48.47
CA CYS B 199 12.15 50.90 47.70
C CYS B 199 11.61 49.51 47.42
N ALA B 200 11.01 48.87 48.44
CA ALA B 200 10.45 47.54 48.26
C ALA B 200 9.33 47.55 47.21
N LEU B 201 8.44 48.53 47.30
CA LEU B 201 7.36 48.61 46.32
C LEU B 201 7.89 48.91 44.93
N ALA B 202 8.93 49.73 44.82
CA ALA B 202 9.50 50.01 43.51
C ALA B 202 10.09 48.76 42.89
N LEU B 203 10.82 47.98 43.68
CA LEU B 203 11.37 46.74 43.16
C LEU B 203 10.27 45.76 42.78
N GLY B 204 9.20 45.69 43.57
CA GLY B 204 8.10 44.81 43.24
C GLY B 204 7.41 45.21 41.94
N ASN B 205 7.12 46.50 41.77
CA ASN B 205 6.51 46.95 40.53
C ASN B 205 7.43 46.74 39.33
N CYS B 206 8.74 46.95 39.51
CA CYS B 206 9.67 46.69 38.42
C CYS B 206 9.63 45.23 38.02
N ALA B 207 9.67 44.33 39.01
CA ALA B 207 9.63 42.90 38.71
C ALA B 207 8.34 42.51 38.02
N LEU B 208 7.20 43.05 38.48
CA LEU B 208 5.92 42.68 37.90
C LEU B 208 5.79 43.21 36.47
N HIS B 209 6.16 44.48 36.24
CA HIS B 209 5.83 45.15 35.00
C HIS B 209 6.97 45.22 33.99
N GLY B 210 8.13 44.63 34.29
CA GLY B 210 9.17 44.54 33.30
C GLY B 210 9.00 43.32 32.41
N GLY B 211 10.08 43.00 31.70
CA GLY B 211 10.13 41.84 30.85
C GLY B 211 11.27 40.92 31.19
N GLN B 212 11.59 40.03 30.25
CA GLN B 212 12.73 39.15 30.41
C GLN B 212 14.03 39.91 30.62
N ALA B 213 14.31 40.90 29.78
CA ALA B 213 15.54 41.68 29.91
C ALA B 213 15.56 42.47 31.21
N VAL B 214 14.41 43.04 31.60
CA VAL B 214 14.35 43.80 32.84
C VAL B 214 14.67 42.91 34.03
N GLN B 215 14.07 41.72 34.07
CA GLN B 215 14.32 40.80 35.18
C GLN B 215 15.75 40.29 35.16
N ARG B 216 16.29 40.03 33.96
CA ARG B 216 17.69 39.59 33.88
C ARG B 216 18.64 40.65 34.41
N ARG B 217 18.44 41.91 34.02
CA ARG B 217 19.27 42.98 34.56
C ARG B 217 19.07 43.15 36.05
N MET B 218 17.84 42.99 36.54
CA MET B 218 17.58 43.07 37.98
C MET B 218 18.38 42.03 38.74
N VAL B 219 18.32 40.77 38.30
CA VAL B 219 19.05 39.71 38.99
C VAL B 219 20.55 39.90 38.85
N GLU B 220 21.01 40.37 37.69
CA GLU B 220 22.44 40.61 37.50
C GLU B 220 22.93 41.73 38.40
N LYS B 221 22.07 42.70 38.70
CA LYS B 221 22.40 43.77 39.63
C LYS B 221 22.39 43.31 41.09
N ARG B 222 22.27 42.01 41.33
CA ARG B 222 22.21 41.43 42.67
C ARG B 222 21.05 42.02 43.48
N ALA B 223 19.91 42.15 42.81
CA ALA B 223 18.70 42.64 43.46
C ALA B 223 18.11 41.64 44.44
N ALA B 224 18.26 40.34 44.16
CA ALA B 224 17.82 39.34 45.13
C ALA B 224 18.64 39.40 46.41
N GLU B 225 19.90 39.82 46.29
CA GLU B 225 20.72 40.01 47.49
C GLU B 225 20.20 41.16 48.34
N TRP B 226 19.80 42.25 47.71
CA TRP B 226 19.47 43.45 48.46
C TRP B 226 18.07 43.43 49.06
N LEU B 227 17.25 42.43 48.73
CA LEU B 227 15.96 42.26 49.38
C LEU B 227 16.07 41.52 50.70
N PHE B 228 17.23 40.94 51.01
CA PHE B 228 17.39 40.23 52.28
C PHE B 228 17.19 41.12 53.49
N PRO B 229 17.85 42.29 53.62
CA PRO B 229 17.60 43.10 54.83
C PRO B 229 16.18 43.61 54.93
N LEU B 230 15.49 43.75 53.79
CA LEU B 230 14.11 44.20 53.82
C LEU B 230 13.16 43.10 54.32
N ALA B 231 13.35 41.87 53.86
CA ALA B 231 12.50 40.78 54.33
C ALA B 231 12.89 40.32 55.73
N PHE B 232 14.12 40.65 56.15
CA PHE B 232 14.59 40.33 57.50
C PHE B 232 14.49 41.59 58.36
N SER B 233 13.26 41.89 58.78
CA SER B 233 12.98 43.08 59.57
C SER B 233 12.10 42.72 60.76
N LYS B 234 12.07 43.63 61.73
CA LYS B 234 11.23 43.44 62.91
C LYS B 234 10.37 44.67 63.15
N GLU B 235 10.87 45.84 62.72
CA GLU B 235 10.15 47.09 62.93
C GLU B 235 8.84 47.12 62.15
N ASP B 236 8.85 46.65 60.90
CA ASP B 236 7.70 46.74 60.01
C ASP B 236 7.44 45.38 59.37
N GLU B 237 6.17 45.14 59.06
CA GLU B 237 5.73 43.88 58.47
C GLU B 237 5.19 44.04 57.05
N LEU B 238 4.56 45.18 56.73
CA LEU B 238 4.23 45.47 55.34
C LEU B 238 5.47 45.46 54.48
N LEU B 239 6.59 45.94 55.03
CA LEU B 239 7.84 45.96 54.29
C LEU B 239 8.31 44.54 53.98
N ARG B 240 8.25 43.64 54.97
CA ARG B 240 8.63 42.25 54.73
C ARG B 240 7.70 41.60 53.70
N LEU B 241 6.40 41.87 53.79
CA LEU B 241 5.46 41.31 52.84
C LEU B 241 5.77 41.80 51.42
N HIS B 242 6.09 43.07 51.27
CA HIS B 242 6.40 43.62 49.95
C HIS B 242 7.68 43.03 49.39
N ALA B 243 8.72 42.92 50.22
CA ALA B 243 9.98 42.34 49.74
C ALA B 243 9.79 40.88 49.36
N CYS B 244 9.00 40.14 50.14
CA CYS B 244 8.72 38.74 49.81
C CYS B 244 7.93 38.63 48.51
N LEU B 245 6.97 39.52 48.28
CA LEU B 245 6.27 39.51 46.99
C LEU B 245 7.23 39.76 45.85
N ALA B 246 8.14 40.73 46.03
CA ALA B 246 9.11 41.03 44.97
C ALA B 246 9.99 39.82 44.65
N VAL B 247 10.54 39.18 45.69
CA VAL B 247 11.44 38.06 45.44
C VAL B 247 10.67 36.86 44.87
N ALA B 248 9.42 36.67 45.31
CA ALA B 248 8.61 35.59 44.77
C ALA B 248 8.33 35.80 43.29
N VAL B 249 8.03 37.03 42.89
CA VAL B 249 7.81 37.33 41.47
C VAL B 249 9.09 37.10 40.68
N LEU B 250 10.23 37.53 41.24
CA LEU B 250 11.50 37.28 40.58
C LEU B 250 11.83 35.79 40.46
N ALA B 251 11.31 34.95 41.35
CA ALA B 251 11.63 33.52 41.35
C ALA B 251 10.69 32.71 40.45
N THR B 252 9.75 33.35 39.77
CA THR B 252 8.82 32.66 38.87
C THR B 252 9.38 32.66 37.45
N ASN B 253 10.55 33.26 37.27
CA ASN B 253 11.26 33.27 35.99
C ASN B 253 12.38 32.25 36.10
N LYS B 254 12.21 31.09 35.46
CA LYS B 254 13.13 29.98 35.64
C LYS B 254 14.40 30.12 34.80
N GLU B 255 14.68 31.30 34.27
CA GLU B 255 16.00 31.58 33.75
C GLU B 255 16.93 32.11 34.82
N VAL B 256 16.37 32.64 35.92
CA VAL B 256 17.15 33.24 36.99
C VAL B 256 16.77 32.59 38.31
N GLU B 257 16.11 31.43 38.24
CA GLU B 257 15.61 30.78 39.45
C GLU B 257 16.76 30.38 40.37
N ARG B 258 17.82 29.81 39.81
CA ARG B 258 18.95 29.40 40.64
C ARG B 258 19.68 30.59 41.23
N GLU B 259 19.85 31.65 40.44
CA GLU B 259 20.49 32.86 40.95
C GLU B 259 19.68 33.47 42.09
N VAL B 260 18.35 33.41 41.99
CA VAL B 260 17.50 33.91 43.06
C VAL B 260 17.62 33.01 44.29
N GLU B 261 17.62 31.70 44.09
CA GLU B 261 17.72 30.78 45.22
C GLU B 261 19.06 30.89 45.94
N ARG B 262 20.12 31.26 45.23
CA ARG B 262 21.42 31.41 45.86
C ARG B 262 21.46 32.55 46.88
N SER B 263 20.48 33.45 46.85
CA SER B 263 20.45 34.56 47.80
C SER B 263 19.98 34.15 49.19
N GLY B 264 19.19 33.08 49.29
CA GLY B 264 18.63 32.66 50.55
C GLY B 264 17.43 33.45 51.01
N THR B 265 16.97 34.43 50.22
CA THR B 265 15.81 35.22 50.59
C THR B 265 14.50 34.44 50.47
N LEU B 266 14.46 33.44 49.59
CA LEU B 266 13.24 32.64 49.44
C LEU B 266 12.95 31.81 50.68
N ALA B 267 13.96 31.57 51.52
CA ALA B 267 13.74 30.83 52.75
C ALA B 267 12.95 31.64 53.78
N LEU B 268 12.88 32.95 53.63
CA LEU B 268 12.18 33.81 54.57
C LEU B 268 10.70 33.98 54.24
N VAL B 269 10.21 33.32 53.19
CA VAL B 269 8.84 33.54 52.73
C VAL B 269 7.87 32.67 53.51
N GLU B 270 8.15 31.37 53.60
CA GLU B 270 7.25 30.45 54.30
C GLU B 270 7.10 30.79 55.78
N PRO B 271 8.17 31.03 56.55
CA PRO B 271 7.96 31.44 57.95
C PRO B 271 7.14 32.70 58.08
N LEU B 272 7.35 33.68 57.20
CA LEU B 272 6.59 34.93 57.28
C LEU B 272 5.11 34.68 57.02
N VAL B 273 4.80 33.89 55.99
CA VAL B 273 3.40 33.61 55.67
C VAL B 273 2.75 32.79 56.76
N ALA B 274 3.51 31.88 57.39
CA ALA B 274 2.95 31.09 58.47
C ALA B 274 2.72 31.94 59.72
N SER B 275 3.57 32.92 59.96
CA SER B 275 3.42 33.77 61.14
C SER B 275 2.31 34.80 60.99
N LEU B 276 2.16 35.39 59.81
CA LEU B 276 1.18 36.46 59.61
C LEU B 276 -0.22 35.87 59.43
N ASP B 277 -1.22 36.76 59.51
CA ASP B 277 -2.62 36.39 59.38
C ASP B 277 -3.28 37.41 58.46
N PRO B 278 -3.89 36.98 57.34
CA PRO B 278 -4.45 37.94 56.39
C PRO B 278 -5.86 38.41 56.72
N GLY B 279 -6.44 37.98 57.84
CA GLY B 279 -7.81 38.37 58.15
C GLY B 279 -7.97 39.86 58.34
N ARG B 280 -7.08 40.48 59.11
CA ARG B 280 -7.11 41.92 59.35
C ARG B 280 -5.89 42.65 58.85
N PHE B 281 -4.78 41.96 58.57
CA PHE B 281 -3.60 42.58 57.99
C PHE B 281 -3.87 43.16 56.60
N ALA B 282 -4.95 42.74 55.95
CA ALA B 282 -5.26 43.21 54.60
C ALA B 282 -5.55 44.71 54.59
N ARG B 283 -5.90 45.28 55.74
CA ARG B 283 -6.12 46.72 55.83
C ARG B 283 -4.81 47.48 55.87
N ARG B 295 -6.30 46.65 44.70
CA ARG B 295 -5.69 46.55 43.38
C ARG B 295 -6.76 46.43 42.30
N GLY B 296 -6.33 46.43 41.04
CA GLY B 296 -7.24 46.43 39.92
C GLY B 296 -7.48 45.04 39.36
N PRO B 297 -8.51 44.96 38.51
CA PRO B 297 -8.78 43.68 37.82
C PRO B 297 -7.67 43.27 36.88
N ASP B 298 -6.86 44.23 36.42
CA ASP B 298 -5.67 43.88 35.66
C ASP B 298 -4.50 43.60 36.60
N ASP B 299 -4.54 44.14 37.82
CA ASP B 299 -3.50 43.88 38.79
C ASP B 299 -3.55 42.44 39.29
N LEU B 300 -4.76 41.91 39.49
CA LEU B 300 -4.89 40.52 39.93
C LEU B 300 -4.42 39.55 38.86
N GLN B 301 -4.42 39.99 37.59
CA GLN B 301 -3.90 39.16 36.52
C GLN B 301 -2.40 38.95 36.64
N ARG B 302 -1.71 39.77 37.44
CA ARG B 302 -0.30 39.56 37.72
C ARG B 302 -0.06 38.84 39.04
N LEU B 303 -1.13 38.49 39.77
CA LEU B 303 -1.01 37.65 40.94
C LEU B 303 -1.42 36.21 40.66
N VAL B 304 -2.32 36.00 39.71
CA VAL B 304 -2.72 34.63 39.34
C VAL B 304 -1.53 33.79 38.87
N PRO B 305 -0.61 34.28 38.04
CA PRO B 305 0.53 33.43 37.65
C PRO B 305 1.39 32.97 38.80
N LEU B 306 1.40 33.69 39.92
CA LEU B 306 2.09 33.19 41.10
C LEU B 306 1.44 31.91 41.61
N LEU B 307 0.11 31.87 41.60
CA LEU B 307 -0.59 30.62 41.92
C LEU B 307 -0.26 29.54 40.91
N ASP B 308 -0.27 29.91 39.62
CA ASP B 308 0.03 28.94 38.55
C ASP B 308 1.55 28.84 38.33
N SER B 309 2.22 28.23 39.31
CA SER B 309 3.67 28.08 39.27
C SER B 309 4.07 26.82 40.02
N ASN B 310 5.35 26.50 39.93
CA ASN B 310 5.90 25.34 40.64
C ASN B 310 6.52 25.70 41.98
N ARG B 311 6.81 26.97 42.22
CA ARG B 311 7.49 27.38 43.44
C ARG B 311 6.51 27.41 44.61
N LEU B 312 6.85 26.72 45.69
CA LEU B 312 6.01 26.72 46.88
C LEU B 312 5.90 28.11 47.48
N GLU B 313 7.01 28.86 47.51
CA GLU B 313 6.99 30.21 48.04
C GLU B 313 6.09 31.11 47.20
N ALA B 314 6.19 31.00 45.88
CA ALA B 314 5.33 31.79 45.00
C ALA B 314 3.86 31.44 45.21
N GLN B 315 3.56 30.15 45.36
CA GLN B 315 2.18 29.75 45.61
C GLN B 315 1.68 30.30 46.94
N CYS B 316 2.52 30.27 47.97
CA CYS B 316 2.12 30.80 49.27
C CYS B 316 1.83 32.29 49.20
N ILE B 317 2.71 33.06 48.56
CA ILE B 317 2.49 34.50 48.43
C ILE B 317 1.24 34.78 47.62
N GLY B 318 1.05 34.05 46.51
CA GLY B 318 -0.14 34.26 45.71
C GLY B 318 -1.41 33.99 46.49
N ALA B 319 -1.44 32.89 47.25
CA ALA B 319 -2.62 32.58 48.04
C ALA B 319 -2.87 33.61 49.12
N PHE B 320 -1.81 34.05 49.81
CA PHE B 320 -1.96 35.07 50.85
C PHE B 320 -2.55 36.36 50.28
N TYR B 321 -1.94 36.87 49.20
CA TYR B 321 -2.41 38.12 48.61
C TYR B 321 -3.82 37.98 48.07
N LEU B 322 -4.12 36.86 47.41
CA LEU B 322 -5.44 36.70 46.83
C LEU B 322 -6.51 36.54 47.89
N CYS B 323 -6.19 35.88 49.00
CA CYS B 323 -7.14 35.77 50.09
C CYS B 323 -7.41 37.13 50.73
N ALA B 324 -6.36 37.93 50.92
CA ALA B 324 -6.56 39.28 51.44
C ALA B 324 -7.42 40.13 50.50
N GLU B 325 -7.13 40.04 49.20
CA GLU B 325 -7.91 40.77 48.21
C GLU B 325 -9.36 40.32 48.19
N ALA B 326 -9.59 39.01 48.29
CA ALA B 326 -10.94 38.48 48.33
C ALA B 326 -11.69 39.00 49.55
N ALA B 327 -11.04 39.02 50.71
CA ALA B 327 -11.69 39.54 51.91
C ALA B 327 -12.08 40.99 51.75
N ILE B 328 -11.12 41.84 51.34
CA ILE B 328 -11.40 43.27 51.25
C ILE B 328 -12.41 43.56 50.14
N LYS B 329 -12.41 42.74 49.09
CA LYS B 329 -13.36 42.94 48.00
C LYS B 329 -14.76 42.53 48.41
N SER B 330 -14.90 41.38 49.09
CA SER B 330 -16.21 40.95 49.56
C SER B 330 -16.77 41.96 50.56
N LEU B 331 -15.91 42.55 51.38
CA LEU B 331 -16.34 43.63 52.25
C LEU B 331 -16.73 44.87 51.44
N GLN B 332 -15.98 45.16 50.38
CA GLN B 332 -16.18 46.36 49.56
C GLN B 332 -16.99 46.02 48.32
N GLY B 333 -18.29 45.84 48.53
CA GLY B 333 -19.20 45.60 47.42
C GLY B 333 -19.13 44.16 46.91
N LYS B 334 -19.79 43.95 45.77
CA LYS B 334 -19.83 42.64 45.13
C LYS B 334 -19.45 42.77 43.66
N THR B 335 -18.64 41.82 43.20
CA THR B 335 -18.14 41.81 41.84
C THR B 335 -17.74 40.38 41.50
N LYS B 336 -17.71 40.04 40.21
CA LYS B 336 -17.35 38.70 39.75
C LYS B 336 -16.15 38.70 38.81
N VAL B 337 -15.08 39.44 39.17
CA VAL B 337 -13.89 39.44 38.33
C VAL B 337 -13.14 38.12 38.46
N PHE B 338 -13.28 37.43 39.59
CA PHE B 338 -12.54 36.20 39.82
C PHE B 338 -12.93 35.09 38.86
N SER B 339 -14.21 34.97 38.52
CA SER B 339 -14.64 33.95 37.57
C SER B 339 -14.01 34.17 36.20
N ASP B 340 -13.94 35.43 35.75
CA ASP B 340 -13.31 35.73 34.47
C ASP B 340 -11.80 35.53 34.54
N ILE B 341 -11.17 35.87 35.66
CA ILE B 341 -9.72 35.81 35.75
C ILE B 341 -9.26 34.38 35.96
N GLY B 342 -10.16 33.49 36.36
CA GLY B 342 -9.81 32.09 36.51
C GLY B 342 -9.13 31.73 37.80
N ALA B 343 -9.15 32.60 38.80
CA ALA B 343 -8.47 32.32 40.07
C ALA B 343 -9.18 31.25 40.87
N ILE B 344 -10.48 31.04 40.63
CA ILE B 344 -11.23 30.03 41.38
C ILE B 344 -10.68 28.64 41.09
N GLN B 345 -10.50 28.32 39.80
CA GLN B 345 -9.96 27.02 39.44
C GLN B 345 -8.52 26.85 39.91
N SER B 346 -7.73 27.93 39.87
CA SER B 346 -6.37 27.85 40.38
C SER B 346 -6.34 27.55 41.86
N LEU B 347 -7.19 28.21 42.65
CA LEU B 347 -7.26 27.95 44.08
C LEU B 347 -7.73 26.53 44.35
N LYS B 348 -8.68 26.03 43.56
CA LYS B 348 -9.09 24.65 43.68
C LYS B 348 -7.95 23.69 43.37
N ARG B 349 -7.15 23.98 42.36
CA ARG B 349 -5.99 23.15 42.03
C ARG B 349 -4.90 23.20 43.09
N LEU B 350 -4.80 24.29 43.84
CA LEU B 350 -3.83 24.33 44.92
C LEU B 350 -4.23 23.38 46.04
N VAL B 351 -5.47 23.49 46.52
CA VAL B 351 -5.91 22.67 47.64
C VAL B 351 -5.99 21.17 47.32
N SER B 352 -6.47 20.83 46.12
CA SER B 352 -6.66 19.43 45.78
C SER B 352 -5.35 18.63 45.82
N TYR B 353 -4.28 19.19 45.28
CA TYR B 353 -3.00 18.49 45.25
C TYR B 353 -2.02 19.06 46.26
N SER B 354 -2.48 19.93 47.14
CA SER B 354 -1.58 20.57 48.11
C SER B 354 -0.97 19.57 49.07
N THR B 355 0.26 19.82 49.49
CA THR B 355 0.91 18.97 50.47
C THR B 355 1.37 19.82 51.63
N ASN B 356 1.20 21.13 51.52
CA ASN B 356 1.60 22.04 52.60
C ASN B 356 0.37 22.70 53.19
N GLY B 357 0.24 22.66 54.51
CA GLY B 357 -0.91 23.25 55.17
C GLY B 357 -1.02 24.75 54.95
N THR B 358 0.10 25.45 54.96
CA THR B 358 0.06 26.90 54.80
C THR B 358 -0.61 27.27 53.50
N LYS B 359 -0.19 26.65 52.42
CA LYS B 359 -0.80 26.92 51.11
C LYS B 359 -2.25 26.50 51.11
N SER B 360 -2.53 25.34 51.70
CA SER B 360 -3.90 24.83 51.70
C SER B 360 -4.84 25.72 52.51
N ALA B 361 -4.51 25.96 53.77
CA ALA B 361 -5.38 26.76 54.61
C ALA B 361 -5.74 28.09 53.95
N LEU B 362 -4.75 28.76 53.36
CA LEU B 362 -5.04 30.03 52.68
C LEU B 362 -5.99 29.82 51.51
N ALA B 363 -5.76 28.77 50.71
CA ALA B 363 -6.64 28.50 49.58
C ALA B 363 -8.06 28.20 50.06
N LYS B 364 -8.21 27.40 51.11
CA LYS B 364 -9.53 27.06 51.63
C LYS B 364 -10.25 28.30 52.13
N ARG B 365 -9.54 29.16 52.87
CA ARG B 365 -10.17 30.36 53.41
C ARG B 365 -10.61 31.28 52.27
N ALA B 366 -9.76 31.44 51.25
CA ALA B 366 -10.16 32.27 50.11
C ALA B 366 -11.38 31.70 49.39
N LEU B 367 -11.41 30.38 49.18
CA LEU B 367 -12.55 29.78 48.50
C LEU B 367 -13.84 29.94 49.31
N ARG B 368 -13.77 29.74 50.63
CA ARG B 368 -14.98 29.88 51.42
C ARG B 368 -15.41 31.33 51.54
N LEU B 369 -14.46 32.27 51.46
CA LEU B 369 -14.82 33.68 51.41
C LEU B 369 -15.50 34.03 50.09
N LEU B 370 -15.08 33.40 49.00
CA LEU B 370 -15.78 33.65 47.74
C LEU B 370 -17.06 32.85 47.61
N GLY B 371 -17.39 31.99 48.58
CA GLY B 371 -18.64 31.27 48.56
C GLY B 371 -18.70 30.16 47.52
N GLU B 372 -17.78 29.21 47.61
CA GLU B 372 -17.77 28.06 46.71
C GLU B 372 -17.50 26.80 47.54
N GLU B 373 -17.84 25.65 46.95
CA GLU B 373 -17.56 24.39 47.61
C GLU B 373 -16.05 24.19 47.72
N VAL B 374 -15.62 23.64 48.85
CA VAL B 374 -14.20 23.43 49.12
C VAL B 374 -13.90 21.96 48.80
N PRO B 375 -13.16 21.67 47.73
CA PRO B 375 -12.84 20.27 47.42
C PRO B 375 -11.93 19.66 48.46
N ARG B 376 -12.10 18.36 48.68
CA ARG B 376 -11.26 17.63 49.61
C ARG B 376 -9.96 17.21 48.92
N PRO B 377 -8.85 17.16 49.64
CA PRO B 377 -7.62 16.62 49.06
C PRO B 377 -7.80 15.17 48.66
N ILE B 378 -7.20 14.80 47.54
CA ILE B 378 -7.39 13.48 46.96
C ILE B 378 -6.32 12.52 47.46
N LEU B 379 -6.66 11.23 47.49
CA LEU B 379 -5.73 10.22 47.92
C LEU B 379 -4.57 10.09 46.93
N PRO B 380 -3.34 9.98 47.43
CA PRO B 380 -2.19 9.89 46.51
C PRO B 380 -2.06 8.53 45.86
N SER B 381 -2.52 7.48 46.54
CA SER B 381 -2.42 6.12 46.02
C SER B 381 -3.48 5.92 44.95
N VAL B 382 -3.13 6.28 43.72
CA VAL B 382 -4.07 6.26 42.61
C VAL B 382 -4.31 4.85 42.07
N PRO B 383 -3.29 4.00 41.92
CA PRO B 383 -3.55 2.65 41.40
C PRO B 383 -4.58 1.86 42.20
N SER B 384 -4.88 2.27 43.43
CA SER B 384 -5.88 1.61 44.25
C SER B 384 -7.23 2.33 44.26
N TRP B 385 -7.42 3.30 43.38
CA TRP B 385 -8.66 4.06 43.34
C TRP B 385 -9.81 3.18 42.87
N LYS B 386 -11.02 3.56 43.27
CA LYS B 386 -12.24 2.90 42.84
C LYS B 386 -13.13 3.92 42.12
N GLU B 387 -14.37 3.49 41.83
CA GLU B 387 -15.27 4.34 41.06
C GLU B 387 -15.57 5.63 41.80
N ALA B 388 -15.75 5.58 43.12
CA ALA B 388 -16.05 6.80 43.87
C ALA B 388 -14.90 7.79 43.80
N GLU B 389 -13.67 7.30 43.96
CA GLU B 389 -12.51 8.18 43.86
C GLU B 389 -12.39 8.79 42.47
N VAL B 390 -12.63 7.98 41.43
CA VAL B 390 -12.55 8.51 40.08
C VAL B 390 -13.61 9.58 39.85
N GLN B 391 -14.82 9.35 40.35
CA GLN B 391 -15.90 10.33 40.18
C GLN B 391 -15.55 11.65 40.89
N THR B 392 -15.04 11.55 42.12
CA THR B 392 -14.67 12.78 42.82
C THR B 392 -13.55 13.53 42.09
N TRP B 393 -12.55 12.80 41.61
CA TRP B 393 -11.47 13.47 40.88
C TRP B 393 -11.98 14.14 39.61
N LEU B 394 -12.90 13.47 38.90
CA LEU B 394 -13.48 14.10 37.72
C LEU B 394 -14.24 15.37 38.10
N GLN B 395 -15.00 15.33 39.18
CA GLN B 395 -15.75 16.51 39.58
C GLN B 395 -14.83 17.64 40.04
N GLN B 396 -13.63 17.31 40.48
CA GLN B 396 -12.72 18.34 40.98
C GLN B 396 -11.93 19.05 39.89
N ILE B 397 -12.07 18.66 38.62
CA ILE B 397 -11.26 19.25 37.57
C ILE B 397 -12.15 19.81 36.46
N GLY B 398 -13.45 19.95 36.74
CA GLY B 398 -14.34 20.58 35.79
C GLY B 398 -14.82 19.69 34.67
N PHE B 399 -14.63 18.38 34.76
CA PHE B 399 -15.11 17.43 33.78
C PHE B 399 -16.35 16.71 34.28
N SER B 400 -17.22 17.43 34.99
CA SER B 400 -18.41 16.85 35.58
C SER B 400 -19.42 16.39 34.53
N LYS B 401 -19.34 16.88 33.31
CA LYS B 401 -20.24 16.42 32.25
C LYS B 401 -19.95 15.00 31.82
N TYR B 402 -18.68 14.61 31.78
CA TYR B 402 -18.29 13.23 31.46
C TYR B 402 -18.18 12.38 32.72
N CYS B 403 -19.23 12.38 33.53
CA CYS B 403 -19.26 11.64 34.78
C CYS B 403 -20.11 10.38 34.68
N GLU B 404 -21.28 10.49 34.06
CA GLU B 404 -22.15 9.32 33.92
C GLU B 404 -21.54 8.28 32.99
N SER B 405 -20.81 8.71 31.96
CA SER B 405 -20.14 7.75 31.08
C SER B 405 -19.08 6.97 31.84
N PHE B 406 -18.28 7.65 32.66
CA PHE B 406 -17.27 6.96 33.46
C PHE B 406 -17.93 6.01 34.46
N ARG B 407 -19.03 6.44 35.08
CA ARG B 407 -19.72 5.55 36.03
C ARG B 407 -20.29 4.34 35.32
N GLU B 408 -20.87 4.52 34.13
CA GLU B 408 -21.41 3.39 33.38
C GLU B 408 -20.33 2.41 32.97
N GLN B 409 -19.19 2.90 32.51
CA GLN B 409 -18.12 2.04 32.04
C GLN B 409 -17.24 1.51 33.18
N GLN B 410 -17.44 1.98 34.41
CA GLN B 410 -16.73 1.48 35.58
C GLN B 410 -15.21 1.63 35.44
N VAL B 411 -14.77 2.88 35.35
CA VAL B 411 -13.36 3.20 35.22
C VAL B 411 -12.78 3.41 36.61
N ASP B 412 -11.94 2.48 37.05
CA ASP B 412 -11.22 2.59 38.30
C ASP B 412 -9.83 3.17 38.04
N GLY B 413 -8.99 3.14 39.07
CA GLY B 413 -7.67 3.73 38.94
C GLY B 413 -6.79 3.06 37.90
N ASP B 414 -6.83 1.72 37.86
CA ASP B 414 -6.00 0.99 36.91
C ASP B 414 -6.40 1.32 35.48
N LEU B 415 -7.70 1.35 35.19
CA LEU B 415 -8.15 1.70 33.85
C LEU B 415 -7.88 3.16 33.55
N LEU B 416 -7.93 4.01 34.57
CA LEU B 416 -7.69 5.44 34.35
C LEU B 416 -6.25 5.70 33.96
N LEU B 417 -5.30 5.08 34.65
CA LEU B 417 -3.90 5.34 34.34
C LEU B 417 -3.44 4.75 33.02
N ARG B 418 -4.23 3.85 32.42
CA ARG B 418 -3.93 3.32 31.10
C ARG B 418 -5.15 3.62 30.23
N LEU B 419 -5.17 4.84 29.68
CA LEU B 419 -6.30 5.33 28.90
C LEU B 419 -5.76 5.90 27.60
N THR B 420 -6.38 5.51 26.49
CA THR B 420 -5.90 5.94 25.19
C THR B 420 -6.92 6.84 24.50
N GLU B 421 -6.45 7.56 23.48
CA GLU B 421 -7.32 8.45 22.73
C GLU B 421 -8.46 7.72 22.05
N GLU B 422 -8.22 6.51 21.54
CA GLU B 422 -9.30 5.74 20.93
C GLU B 422 -10.40 5.44 21.95
N GLU B 423 -10.01 5.04 23.16
CA GLU B 423 -11.00 4.77 24.20
C GLU B 423 -11.75 6.03 24.60
N LEU B 424 -11.03 7.15 24.76
CA LEU B 424 -11.69 8.40 25.09
C LEU B 424 -12.70 8.81 24.02
N GLN B 425 -12.32 8.67 22.74
CA GLN B 425 -13.17 9.12 21.66
C GLN B 425 -14.39 8.22 21.48
N THR B 426 -14.19 6.91 21.49
CA THR B 426 -15.26 5.98 21.14
C THR B 426 -16.10 5.53 22.32
N ASP B 427 -15.48 5.23 23.46
CA ASP B 427 -16.17 4.65 24.59
C ASP B 427 -16.81 5.67 25.51
N LEU B 428 -16.08 6.73 25.87
CA LEU B 428 -16.57 7.70 26.83
C LEU B 428 -17.24 8.91 26.18
N GLY B 429 -17.10 9.08 24.87
CA GLY B 429 -17.86 10.09 24.16
C GLY B 429 -17.21 11.44 24.00
N MET B 430 -15.93 11.58 24.34
CA MET B 430 -15.23 12.85 24.23
C MET B 430 -14.84 13.07 22.77
N LYS B 431 -15.79 13.57 21.99
CA LYS B 431 -15.59 13.71 20.55
C LYS B 431 -14.59 14.82 20.22
N SER B 432 -14.59 15.90 21.01
CA SER B 432 -13.75 17.05 20.71
C SER B 432 -12.28 16.67 20.73
N GLY B 433 -11.52 17.23 19.79
CA GLY B 433 -10.11 16.92 19.69
C GLY B 433 -9.22 17.63 20.69
N ILE B 434 -9.68 18.73 21.28
CA ILE B 434 -8.88 19.46 22.25
C ILE B 434 -9.40 19.27 23.67
N THR B 435 -10.66 18.88 23.84
CA THR B 435 -11.10 18.44 25.16
C THR B 435 -10.28 17.25 25.63
N ARG B 436 -9.93 16.36 24.71
CA ARG B 436 -9.01 15.28 25.04
C ARG B 436 -7.63 15.80 25.43
N LYS B 437 -7.17 16.89 24.79
CA LYS B 437 -5.89 17.47 25.20
C LYS B 437 -5.95 18.01 26.63
N ARG B 438 -7.05 18.67 26.99
CA ARG B 438 -7.22 19.13 28.36
C ARG B 438 -7.27 17.95 29.33
N PHE B 439 -8.00 16.90 28.98
CA PHE B 439 -8.09 15.74 29.84
C PHE B 439 -6.71 15.10 30.05
N PHE B 440 -5.93 15.00 28.98
CA PHE B 440 -4.60 14.41 29.13
C PHE B 440 -3.66 15.32 29.90
N ARG B 441 -3.86 16.63 29.83
CA ARG B 441 -3.11 17.53 30.69
C ARG B 441 -3.39 17.24 32.17
N GLU B 442 -4.68 17.16 32.53
CA GLU B 442 -5.03 16.85 33.91
C GLU B 442 -4.52 15.47 34.32
N LEU B 443 -4.63 14.50 33.42
CA LEU B 443 -4.17 13.15 33.73
C LEU B 443 -2.65 13.12 33.94
N THR B 444 -1.90 13.88 33.15
CA THR B 444 -0.47 13.94 33.33
C THR B 444 -0.13 14.56 34.69
N GLU B 445 -0.85 15.61 35.08
CA GLU B 445 -0.62 16.17 36.41
C GLU B 445 -0.90 15.15 37.51
N LEU B 446 -2.00 14.41 37.37
CA LEU B 446 -2.32 13.37 38.36
C LEU B 446 -1.24 12.29 38.41
N LYS B 447 -0.75 11.86 37.24
CA LYS B 447 0.28 10.84 37.19
C LYS B 447 1.56 11.32 37.86
N THR B 448 1.94 12.57 37.62
CA THR B 448 3.12 13.11 38.29
C THR B 448 2.93 13.23 39.79
N PHE B 449 1.71 13.50 40.25
CA PHE B 449 1.43 13.60 41.68
C PHE B 449 1.23 12.26 42.37
N ALA B 450 1.01 11.18 41.61
CA ALA B 450 0.56 9.93 42.18
C ALA B 450 1.62 9.28 43.06
N ASN B 451 1.26 8.13 43.64
CA ASN B 451 2.07 7.42 44.63
C ASN B 451 2.17 5.94 44.22
N TYR B 452 3.22 5.59 43.50
CA TYR B 452 3.42 4.23 43.02
C TYR B 452 4.31 3.46 43.99
N SER B 453 3.73 3.09 45.13
CA SER B 453 4.41 2.22 46.08
C SER B 453 3.90 0.79 46.00
N THR B 454 2.60 0.61 45.80
CA THR B 454 2.02 -0.72 45.64
C THR B 454 2.47 -1.40 44.36
N CYS B 455 2.79 -0.65 43.32
CA CYS B 455 3.13 -1.22 42.02
C CYS B 455 4.62 -1.25 41.72
N ASP B 456 5.35 -0.19 42.07
CA ASP B 456 6.75 -0.05 41.71
C ASP B 456 7.62 -0.77 42.74
N ARG B 457 8.46 -1.67 42.26
CA ARG B 457 9.30 -2.48 43.13
C ARG B 457 10.73 -1.97 43.24
N SER B 458 11.29 -1.41 42.17
CA SER B 458 12.67 -0.97 42.15
C SER B 458 12.80 0.54 42.16
N ASN B 459 11.74 1.26 42.53
CA ASN B 459 11.75 2.72 42.62
C ASN B 459 12.13 3.36 41.29
N LEU B 460 11.38 2.98 40.25
CA LEU B 460 11.58 3.55 38.92
C LEU B 460 11.10 5.00 38.85
N ALA B 461 10.15 5.38 39.70
CA ALA B 461 9.63 6.75 39.67
C ALA B 461 10.73 7.76 39.98
N ASP B 462 11.54 7.49 41.00
CA ASP B 462 12.62 8.41 41.34
C ASP B 462 13.70 8.41 40.27
N TRP B 463 13.94 7.26 39.63
CA TRP B 463 14.90 7.22 38.54
C TRP B 463 14.45 8.11 37.39
N LEU B 464 13.16 8.05 37.03
CA LEU B 464 12.65 8.91 35.96
C LEU B 464 12.68 10.38 36.39
N GLY B 465 12.31 10.66 37.64
CA GLY B 465 12.34 12.03 38.12
C GLY B 465 13.73 12.63 38.17
N SER B 466 14.76 11.81 38.41
CA SER B 466 16.13 12.30 38.34
C SER B 466 16.48 12.76 36.93
N LEU B 467 16.02 12.03 35.92
CA LEU B 467 16.19 12.49 34.55
C LEU B 467 15.44 13.79 34.30
N ASP B 468 14.16 13.82 34.64
CA ASP B 468 13.33 14.99 34.35
C ASP B 468 12.05 14.91 35.17
N PRO B 469 11.67 15.99 35.87
CA PRO B 469 10.45 15.95 36.67
C PRO B 469 9.19 15.63 35.86
N ARG B 470 9.25 15.84 34.55
CA ARG B 470 8.13 15.53 33.67
C ARG B 470 8.20 14.11 33.12
N PHE B 471 9.22 13.34 33.48
CA PHE B 471 9.29 11.94 33.09
C PHE B 471 8.61 11.02 34.10
N ARG B 472 8.20 11.55 35.25
CA ARG B 472 7.61 10.71 36.30
C ARG B 472 6.24 10.17 35.93
N GLN B 473 5.60 10.71 34.90
CA GLN B 473 4.29 10.24 34.46
C GLN B 473 4.34 8.90 33.75
N TYR B 474 5.53 8.41 33.39
CA TYR B 474 5.69 7.18 32.65
C TYR B 474 5.87 5.97 33.55
N THR B 475 5.79 6.16 34.87
CA THR B 475 6.13 5.09 35.81
C THR B 475 5.15 3.93 35.71
N TYR B 476 3.84 4.22 35.68
CA TYR B 476 2.87 3.15 35.61
C TYR B 476 2.97 2.39 34.30
N GLY B 477 3.16 3.11 33.20
CA GLY B 477 3.34 2.45 31.92
C GLY B 477 4.57 1.57 31.90
N LEU B 478 5.64 1.99 32.54
CA LEU B 478 6.85 1.17 32.57
C LEU B 478 6.69 -0.05 33.47
N VAL B 479 6.03 0.09 34.61
CA VAL B 479 5.96 -1.02 35.56
C VAL B 479 4.83 -1.99 35.24
N SER B 480 3.83 -1.56 34.46
CA SER B 480 2.77 -2.49 34.10
C SER B 480 3.24 -3.54 33.09
N CYS B 481 4.28 -3.24 32.32
CA CYS B 481 4.84 -4.18 31.36
C CYS B 481 5.95 -5.03 31.95
N GLY B 482 6.16 -4.95 33.26
CA GLY B 482 7.20 -5.74 33.91
C GLY B 482 8.59 -5.22 33.62
N LEU B 483 8.86 -3.99 34.02
CA LEU B 483 10.17 -3.39 33.85
C LEU B 483 10.64 -2.82 35.17
N ASP B 484 11.95 -2.83 35.37
CA ASP B 484 12.55 -2.31 36.59
C ASP B 484 13.98 -1.89 36.28
N ARG B 485 14.70 -1.44 37.31
CA ARG B 485 16.05 -0.90 37.10
C ARG B 485 16.99 -1.92 36.47
N SER B 486 16.79 -3.20 36.75
CA SER B 486 17.68 -4.24 36.25
C SER B 486 17.33 -4.71 34.85
N LEU B 487 16.26 -4.18 34.25
CA LEU B 487 15.83 -4.61 32.93
C LEU B 487 15.82 -3.50 31.90
N LEU B 488 16.01 -2.25 32.30
CA LEU B 488 15.90 -1.13 31.37
C LEU B 488 17.01 -1.08 30.34
N HIS B 489 18.13 -1.77 30.57
CA HIS B 489 19.26 -1.72 29.65
C HIS B 489 19.09 -2.64 28.45
N ARG B 490 17.87 -3.15 28.20
CA ARG B 490 17.62 -3.99 27.05
C ARG B 490 16.39 -3.58 26.25
N VAL B 491 15.70 -2.52 26.65
CA VAL B 491 14.49 -2.10 25.96
C VAL B 491 14.87 -1.42 24.65
N SER B 492 14.00 -1.56 23.65
CA SER B 492 14.16 -0.89 22.37
C SER B 492 13.20 0.28 22.26
N GLU B 493 13.42 1.12 21.24
CA GLU B 493 12.56 2.28 21.06
C GLU B 493 11.14 1.87 20.67
N GLN B 494 11.01 0.80 19.89
CA GLN B 494 9.69 0.32 19.51
C GLN B 494 8.89 -0.15 20.71
N GLN B 495 9.55 -0.83 21.65
CA GLN B 495 8.87 -1.31 22.85
C GLN B 495 8.34 -0.15 23.69
N LEU B 496 9.16 0.90 23.86
CA LEU B 496 8.72 2.06 24.65
C LEU B 496 7.53 2.76 24.01
N LEU B 497 7.30 2.58 22.72
CA LEU B 497 6.18 3.21 22.06
C LEU B 497 4.93 2.32 22.08
N GLU B 498 5.09 1.04 21.71
CA GLU B 498 3.93 0.15 21.63
C GLU B 498 3.44 -0.23 23.01
N ASP B 499 4.35 -0.62 23.91
CA ASP B 499 3.96 -1.19 25.19
C ASP B 499 3.85 -0.13 26.28
N CYS B 500 4.94 0.60 26.53
CA CYS B 500 4.96 1.54 27.64
C CYS B 500 4.05 2.74 27.38
N GLY B 501 3.96 3.19 26.14
CA GLY B 501 3.11 4.30 25.78
C GLY B 501 3.76 5.66 25.71
N ILE B 502 5.10 5.72 25.74
CA ILE B 502 5.82 6.98 25.64
C ILE B 502 5.70 7.44 24.18
N HIS B 503 4.94 8.50 23.94
CA HIS B 503 4.63 8.90 22.57
C HIS B 503 5.71 9.80 21.98
N LEU B 504 6.14 10.81 22.73
CA LEU B 504 7.10 11.77 22.20
C LEU B 504 8.45 11.12 21.96
N GLY B 505 8.98 11.29 20.75
CA GLY B 505 10.24 10.68 20.40
C GLY B 505 11.42 11.19 21.20
N VAL B 506 11.39 12.48 21.59
CA VAL B 506 12.46 13.04 22.38
C VAL B 506 12.57 12.32 23.72
N HIS B 507 11.42 12.10 24.37
CA HIS B 507 11.41 11.41 25.65
C HIS B 507 11.92 9.98 25.52
N ARG B 508 11.50 9.28 24.45
CA ARG B 508 11.97 7.92 24.24
C ARG B 508 13.47 7.88 24.03
N ALA B 509 14.01 8.79 23.22
CA ALA B 509 15.45 8.82 22.98
C ALA B 509 16.22 9.12 24.26
N ARG B 510 15.74 10.09 25.04
CA ARG B 510 16.42 10.43 26.29
C ARG B 510 16.40 9.25 27.27
N ILE B 511 15.26 8.59 27.40
CA ILE B 511 15.15 7.46 28.32
C ILE B 511 16.06 6.33 27.86
N LEU B 512 16.10 6.07 26.56
CA LEU B 512 16.99 5.03 26.04
C LEU B 512 18.44 5.34 26.34
N THR B 513 18.90 6.54 25.98
CA THR B 513 20.31 6.86 26.17
C THR B 513 20.68 6.95 27.65
N ALA B 514 19.72 7.22 28.53
CA ALA B 514 20.02 7.14 29.96
C ALA B 514 20.04 5.70 30.46
N ALA B 515 19.20 4.83 29.87
CA ALA B 515 19.18 3.44 30.30
C ALA B 515 20.45 2.71 29.89
N ARG B 516 20.97 3.01 28.71
CA ARG B 516 22.20 2.34 28.27
C ARG B 516 23.41 2.72 29.13
N GLU B 517 23.30 3.77 29.92
CA GLU B 517 24.43 4.20 30.75
C GLU B 517 24.40 3.60 32.15
N MET B 518 23.42 2.76 32.46
CA MET B 518 23.37 2.12 33.77
C MET B 518 24.54 1.16 33.97
N LEU B 519 24.89 0.41 32.93
CA LEU B 519 25.95 -0.60 33.00
C LEU B 519 25.68 -1.62 34.10
N THR B 534 21.62 -20.06 58.90
CA THR B 534 21.89 -20.99 60.00
C THR B 534 21.95 -20.25 61.34
N PRO B 535 21.05 -20.59 62.24
CA PRO B 535 21.04 -19.93 63.56
C PRO B 535 22.35 -20.16 64.30
N ASP B 536 22.81 -19.11 64.99
CA ASP B 536 24.04 -19.18 65.76
C ASP B 536 23.82 -19.28 67.26
N VAL B 537 22.58 -19.24 67.73
CA VAL B 537 22.27 -19.37 69.15
C VAL B 537 20.80 -19.72 69.27
N PHE B 538 20.44 -20.36 70.38
CA PHE B 538 19.06 -20.76 70.64
C PHE B 538 18.61 -20.16 71.96
N ILE B 539 17.37 -19.68 71.98
CA ILE B 539 16.77 -19.07 73.16
C ILE B 539 15.71 -20.02 73.69
N SER B 540 15.83 -20.38 74.97
CA SER B 540 14.89 -21.29 75.62
C SER B 540 14.18 -20.53 76.75
N TYR B 541 12.87 -20.67 76.81
CA TYR B 541 12.03 -19.91 77.72
C TYR B 541 10.76 -20.72 78.03
N ARG B 542 9.87 -20.10 78.81
CA ARG B 542 8.57 -20.68 79.10
C ARG B 542 7.50 -19.64 78.79
N ARG B 543 6.33 -20.10 78.38
CA ARG B 543 5.24 -19.21 78.05
C ARG B 543 4.73 -18.49 79.30
N ASN B 544 4.26 -17.25 79.09
CA ASN B 544 3.65 -16.43 80.14
C ASN B 544 4.68 -15.98 81.16
N SER B 545 5.93 -16.41 81.01
CA SER B 545 6.99 -16.02 81.95
C SER B 545 8.33 -16.11 81.20
N GLY B 546 8.85 -14.97 80.79
CA GLY B 546 10.13 -14.90 80.10
C GLY B 546 10.04 -14.60 78.62
N SER B 547 8.84 -14.55 78.04
CA SER B 547 8.71 -14.28 76.61
C SER B 547 9.25 -12.90 76.27
N GLN B 548 8.92 -11.89 77.09
CA GLN B 548 9.37 -10.53 76.81
C GLN B 548 10.88 -10.42 76.90
N LEU B 549 11.49 -11.04 77.91
CA LEU B 549 12.95 -11.05 78.00
C LEU B 549 13.55 -11.74 76.78
N ALA B 550 12.97 -12.87 76.38
CA ALA B 550 13.45 -13.58 75.19
C ALA B 550 13.25 -12.72 73.94
N SER B 551 12.11 -12.03 73.84
CA SER B 551 11.86 -11.18 72.68
C SER B 551 12.90 -10.07 72.57
N LEU B 552 13.16 -9.38 73.69
CA LEU B 552 14.14 -8.30 73.67
C LEU B 552 15.55 -8.83 73.37
N LEU B 553 15.89 -9.99 73.93
CA LEU B 553 17.19 -10.57 73.64
C LEU B 553 17.33 -10.90 72.16
N LYS B 554 16.29 -11.49 71.57
CA LYS B 554 16.35 -11.80 70.15
C LYS B 554 16.48 -10.54 69.31
N VAL B 555 15.74 -9.49 69.68
CA VAL B 555 15.80 -8.24 68.93
C VAL B 555 17.22 -7.67 68.97
N HIS B 556 17.83 -7.66 70.17
CA HIS B 556 19.16 -7.08 70.28
C HIS B 556 20.21 -7.92 69.54
N LEU B 557 20.12 -9.25 69.65
CA LEU B 557 21.05 -10.09 68.91
C LEU B 557 20.87 -9.93 67.40
N GLN B 558 19.63 -9.79 66.93
CA GLN B 558 19.40 -9.55 65.51
C GLN B 558 19.98 -8.21 65.09
N LEU B 559 19.84 -7.18 65.93
CA LEU B 559 20.46 -5.89 65.65
C LEU B 559 21.97 -5.99 65.58
N HIS B 560 22.60 -6.79 66.43
CA HIS B 560 24.05 -6.88 66.49
C HIS B 560 24.61 -7.90 65.51
N GLY B 561 23.86 -8.25 64.47
CA GLY B 561 24.37 -9.02 63.36
C GLY B 561 24.44 -10.52 63.55
N PHE B 562 23.94 -11.06 64.66
CA PHE B 562 23.94 -12.49 64.90
C PHE B 562 22.54 -13.03 64.64
N SER B 563 22.44 -14.00 63.74
CA SER B 563 21.16 -14.62 63.41
C SER B 563 20.67 -15.45 64.58
N VAL B 564 19.34 -15.55 64.73
CA VAL B 564 18.75 -16.23 65.88
C VAL B 564 17.49 -16.93 65.40
N PHE B 565 17.21 -18.10 65.98
CA PHE B 565 15.95 -18.82 65.77
C PHE B 565 15.33 -19.07 67.14
N ILE B 566 14.29 -18.30 67.47
CA ILE B 566 13.56 -18.49 68.71
C ILE B 566 12.34 -19.36 68.41
N ASP B 567 11.86 -20.09 69.41
CA ASP B 567 10.67 -20.91 69.21
C ASP B 567 9.45 -20.03 68.96
N VAL B 568 8.84 -20.23 67.80
CA VAL B 568 7.70 -19.41 67.38
C VAL B 568 6.49 -19.65 68.27
N GLU B 569 6.41 -20.83 68.89
CA GLU B 569 5.28 -21.16 69.76
C GLU B 569 5.52 -20.66 71.18
N ASP B 578 10.84 -33.31 66.32
CA ASP B 578 12.26 -33.67 66.27
C ASP B 578 13.06 -32.56 65.59
N LYS B 579 12.35 -31.61 64.99
CA LYS B 579 13.01 -30.46 64.37
C LYS B 579 13.70 -29.60 65.42
N LEU B 580 13.10 -29.50 66.60
CA LEU B 580 13.65 -28.65 67.65
C LEU B 580 15.02 -29.16 68.11
N ILE B 581 15.16 -30.47 68.26
CA ILE B 581 16.43 -31.04 68.71
C ILE B 581 17.52 -30.79 67.68
N GLN B 582 17.22 -31.00 66.40
CA GLN B 582 18.20 -30.76 65.35
C GLN B 582 18.56 -29.28 65.26
N SER B 583 17.57 -28.40 65.46
CA SER B 583 17.86 -26.97 65.46
C SER B 583 18.79 -26.60 66.61
N VAL B 584 18.54 -27.17 67.79
CA VAL B 584 19.42 -26.92 68.94
C VAL B 584 20.83 -27.41 68.66
N MET B 585 20.94 -28.59 68.03
CA MET B 585 22.26 -29.11 67.68
C MET B 585 22.97 -28.21 66.67
N GLY B 586 22.23 -27.72 65.68
CA GLY B 586 22.85 -26.89 64.65
C GLY B 586 23.21 -25.51 65.14
N ALA B 587 22.54 -25.05 66.19
CA ALA B 587 22.87 -23.76 66.79
C ALA B 587 24.20 -23.85 67.50
N ARG B 588 25.12 -22.93 67.17
CA ARG B 588 26.44 -22.95 67.79
C ARG B 588 26.37 -22.66 69.29
N ASN B 589 25.52 -21.72 69.69
CA ASN B 589 25.42 -21.27 71.06
C ASN B 589 24.06 -21.60 71.63
N PHE B 590 23.94 -21.47 72.96
CA PHE B 590 22.69 -21.72 73.66
C PHE B 590 22.53 -20.71 74.79
N VAL B 591 21.31 -20.18 74.91
CA VAL B 591 20.96 -19.22 75.95
C VAL B 591 19.65 -19.65 76.60
N LEU B 592 19.63 -19.64 77.93
CA LEU B 592 18.44 -19.99 78.71
C LEU B 592 18.11 -18.83 79.64
N VAL B 593 16.98 -18.17 79.37
CA VAL B 593 16.55 -17.07 80.22
C VAL B 593 16.04 -17.63 81.54
N LEU B 594 16.47 -17.02 82.65
CA LEU B 594 16.06 -17.47 83.98
C LEU B 594 14.93 -16.57 84.48
N SER B 595 13.73 -16.90 84.04
CA SER B 595 12.54 -16.23 84.54
C SER B 595 12.30 -16.66 85.99
N PRO B 596 11.61 -15.82 86.79
CA PRO B 596 11.28 -16.25 88.16
C PRO B 596 10.48 -17.54 88.15
N GLY B 597 10.88 -18.47 89.01
CA GLY B 597 10.27 -19.79 89.02
C GLY B 597 10.46 -20.56 87.73
N ALA B 598 11.69 -20.60 87.23
CA ALA B 598 11.97 -21.23 85.94
C ALA B 598 12.07 -22.75 86.03
N LEU B 599 13.02 -23.25 86.82
CA LEU B 599 13.23 -24.69 86.89
C LEU B 599 12.35 -25.38 87.92
N ASP B 600 11.48 -24.64 88.61
CA ASP B 600 10.62 -25.24 89.62
C ASP B 600 9.68 -26.28 89.03
N LYS B 601 9.27 -26.10 87.78
CA LYS B 601 8.40 -27.09 87.15
C LYS B 601 9.13 -28.41 86.91
N CYS B 602 10.39 -28.34 86.50
CA CYS B 602 11.19 -29.54 86.28
C CYS B 602 12.17 -29.77 87.44
N ASP B 610 10.18 -32.42 80.70
CA ASP B 610 9.88 -31.06 80.23
C ASP B 610 10.65 -30.73 78.96
N TRP B 611 10.08 -29.82 78.16
CA TRP B 611 10.80 -29.34 76.99
C TRP B 611 12.07 -28.58 77.38
N VAL B 612 12.01 -27.83 78.47
CA VAL B 612 13.22 -27.17 79.00
C VAL B 612 14.28 -28.24 79.31
N HIS B 613 13.87 -29.30 79.98
CA HIS B 613 14.82 -30.35 80.36
C HIS B 613 15.43 -31.02 79.13
N LYS B 614 14.60 -31.34 78.13
CA LYS B 614 15.14 -32.02 76.96
C LYS B 614 16.07 -31.12 76.18
N GLU B 615 15.75 -29.83 76.04
CA GLU B 615 16.65 -28.95 75.30
C GLU B 615 17.95 -28.73 76.06
N ILE B 616 17.90 -28.62 77.40
CA ILE B 616 19.13 -28.38 78.13
C ILE B 616 20.01 -29.62 78.12
N VAL B 617 19.42 -30.82 78.19
CA VAL B 617 20.25 -32.02 78.13
C VAL B 617 20.81 -32.20 76.72
N THR B 618 20.03 -31.88 75.69
CA THR B 618 20.56 -31.93 74.33
C THR B 618 21.73 -30.97 74.15
N ALA B 619 21.62 -29.76 74.71
CA ALA B 619 22.73 -28.82 74.66
C ALA B 619 23.93 -29.32 75.43
N LEU B 620 23.71 -29.89 76.63
CA LEU B 620 24.83 -30.37 77.44
C LEU B 620 25.50 -31.58 76.83
N SER B 621 24.80 -32.29 75.93
CA SER B 621 25.43 -33.40 75.22
C SER B 621 26.67 -32.93 74.46
N CYS B 622 26.61 -31.75 73.85
CA CYS B 622 27.76 -31.20 73.15
C CYS B 622 28.58 -30.27 74.03
N GLY B 623 27.93 -29.44 74.84
CA GLY B 623 28.63 -28.50 75.70
C GLY B 623 29.34 -27.40 74.96
N LYS B 624 28.59 -26.52 74.31
CA LYS B 624 29.14 -25.45 73.47
C LYS B 624 28.53 -24.11 73.85
N ASN B 625 29.15 -23.43 74.82
CA ASN B 625 28.84 -22.04 75.16
C ASN B 625 27.37 -21.86 75.55
N ILE B 626 27.02 -22.46 76.68
CA ILE B 626 25.69 -22.30 77.27
C ILE B 626 25.76 -21.22 78.33
N VAL B 627 24.95 -20.17 78.16
CA VAL B 627 24.99 -19.03 79.08
C VAL B 627 23.56 -18.63 79.50
N PRO B 628 23.25 -18.66 80.79
CA PRO B 628 21.95 -18.16 81.25
C PRO B 628 22.01 -16.71 81.69
N ILE B 629 20.90 -15.98 81.54
CA ILE B 629 20.76 -14.65 82.11
C ILE B 629 19.79 -14.72 83.28
N ILE B 630 20.18 -14.12 84.40
CA ILE B 630 19.43 -14.29 85.65
C ILE B 630 18.41 -13.16 85.79
N ASP B 631 17.16 -13.54 86.04
CA ASP B 631 16.09 -12.58 86.36
C ASP B 631 15.25 -13.20 87.48
N GLY B 632 15.64 -12.93 88.72
CA GLY B 632 14.91 -13.48 89.86
C GLY B 632 14.97 -14.98 89.96
N PHE B 633 16.15 -15.58 89.79
CA PHE B 633 16.35 -17.01 89.95
C PHE B 633 17.19 -17.26 91.19
N GLU B 634 16.67 -18.07 92.10
CA GLU B 634 17.28 -18.28 93.41
C GLU B 634 18.14 -19.55 93.47
N TRP B 635 18.23 -20.29 92.38
CA TRP B 635 19.02 -21.52 92.32
C TRP B 635 18.57 -22.55 93.38
N PRO B 636 17.38 -23.14 93.21
CA PRO B 636 16.84 -24.11 94.16
C PRO B 636 17.77 -25.30 94.42
N GLN B 646 20.81 -33.96 86.22
CA GLN B 646 20.76 -32.51 86.36
C GLN B 646 22.08 -31.87 85.92
N ALA B 647 22.83 -31.36 86.89
CA ALA B 647 24.13 -30.70 86.65
C ALA B 647 23.97 -29.49 85.72
N VAL B 648 23.00 -28.63 86.02
CA VAL B 648 22.74 -27.45 85.21
C VAL B 648 23.08 -26.19 86.01
N LEU B 649 23.11 -26.31 87.34
CA LEU B 649 23.38 -25.17 88.19
C LEU B 649 24.87 -24.86 88.34
N THR B 650 25.74 -25.72 87.79
CA THR B 650 27.19 -25.53 87.91
C THR B 650 27.71 -24.62 86.80
N PHE B 651 27.07 -23.44 86.68
CA PHE B 651 27.44 -22.46 85.67
C PHE B 651 27.13 -21.08 86.20
N ASN B 652 27.78 -20.08 85.61
CA ASN B 652 27.58 -18.68 85.95
C ASN B 652 26.67 -18.02 84.92
N GLY B 653 26.39 -16.74 85.15
CA GLY B 653 25.53 -16.00 84.23
C GLY B 653 25.63 -14.50 84.39
N ILE B 654 24.66 -13.79 83.83
CA ILE B 654 24.63 -12.33 83.85
C ILE B 654 23.27 -11.88 84.38
N LYS B 655 23.30 -10.94 85.33
CA LYS B 655 22.07 -10.36 85.84
C LYS B 655 21.42 -9.48 84.80
N TRP B 656 20.08 -9.44 84.82
CA TRP B 656 19.29 -8.65 83.88
C TRP B 656 19.02 -7.28 84.46
N SER B 657 19.31 -6.24 83.67
CA SER B 657 19.00 -4.86 84.04
C SER B 657 17.91 -4.37 83.10
N HIS B 658 16.73 -4.09 83.67
CA HIS B 658 15.60 -3.67 82.84
C HIS B 658 15.87 -2.33 82.16
N GLU B 659 16.32 -1.33 82.93
CA GLU B 659 16.54 0.00 82.40
C GLU B 659 17.95 0.23 81.87
N TYR B 660 18.94 -0.49 82.40
CA TYR B 660 20.33 -0.33 81.96
C TYR B 660 20.65 -1.33 80.85
N GLN B 661 19.96 -1.17 79.72
CA GLN B 661 20.20 -1.99 78.56
C GLN B 661 21.39 -1.44 77.77
N GLU B 662 21.80 -2.19 76.75
CA GLU B 662 23.01 -1.97 75.94
C GLU B 662 24.29 -2.18 76.74
N ALA B 663 24.19 -2.48 78.04
CA ALA B 663 25.34 -2.87 78.85
C ALA B 663 25.39 -4.37 79.07
N THR B 664 24.27 -4.96 79.48
CA THR B 664 24.19 -6.41 79.57
C THR B 664 24.44 -7.04 78.20
N ILE B 665 23.81 -6.50 77.17
CA ILE B 665 24.02 -7.02 75.81
C ILE B 665 25.47 -6.86 75.40
N GLU B 666 26.09 -5.74 75.78
CA GLU B 666 27.51 -5.54 75.49
C GLU B 666 28.35 -6.63 76.15
N LYS B 667 28.02 -7.01 77.39
CA LYS B 667 28.76 -8.08 78.05
C LYS B 667 28.52 -9.42 77.35
N ILE B 668 27.28 -9.69 76.94
CA ILE B 668 26.98 -10.96 76.29
C ILE B 668 27.66 -11.07 74.94
N ILE B 669 27.91 -9.94 74.28
CA ILE B 669 28.64 -9.99 73.00
C ILE B 669 30.03 -10.56 73.21
N ARG B 670 30.74 -10.08 74.23
CA ARG B 670 32.06 -10.64 74.53
C ARG B 670 31.95 -12.05 75.07
N PHE B 671 30.88 -12.35 75.81
CA PHE B 671 30.68 -13.69 76.34
C PHE B 671 30.60 -14.71 75.21
N LEU B 672 29.86 -14.40 74.15
CA LEU B 672 29.65 -15.33 73.05
C LEU B 672 29.13 -14.61 71.81
N VAL C 34 -30.35 17.16 73.90
CA VAL C 34 -31.41 16.70 74.77
C VAL C 34 -30.87 16.59 76.20
N GLN C 35 -30.34 15.41 76.54
CA GLN C 35 -29.68 15.25 77.83
C GLN C 35 -28.31 15.92 77.83
N ASP C 36 -27.63 15.95 76.68
CA ASP C 36 -26.33 16.61 76.59
C ASP C 36 -26.47 18.12 76.72
N ALA C 37 -27.63 18.67 76.38
CA ALA C 37 -27.80 20.13 76.39
C ALA C 37 -27.68 20.70 77.80
N LEU C 38 -28.08 19.93 78.82
CA LEU C 38 -27.98 20.41 80.19
C LEU C 38 -26.52 20.66 80.57
N GLU C 39 -25.63 19.76 80.18
CA GLU C 39 -24.20 20.00 80.38
C GLU C 39 -23.66 21.03 79.40
N ARG C 40 -24.28 21.14 78.21
CA ARG C 40 -23.93 22.21 77.29
C ARG C 40 -24.26 23.59 77.84
N ALA C 41 -25.13 23.67 78.84
CA ALA C 41 -25.34 24.92 79.58
C ALA C 41 -24.11 25.31 80.38
N LEU C 42 -23.07 24.48 80.39
CA LEU C 42 -21.79 24.72 81.05
C LEU C 42 -21.97 24.90 82.56
N PRO C 43 -22.33 23.84 83.30
CA PRO C 43 -22.44 23.96 84.76
C PRO C 43 -21.09 24.14 85.45
N GLU C 44 -19.99 23.87 84.74
CA GLU C 44 -18.66 23.91 85.35
C GLU C 44 -17.87 25.15 85.01
N LEU C 45 -18.14 25.81 83.88
CA LEU C 45 -17.36 26.96 83.41
C LEU C 45 -15.88 26.59 83.25
N GLN C 46 -15.62 25.29 83.04
CA GLN C 46 -14.25 24.77 82.99
C GLN C 46 -13.48 25.11 84.25
N GLN C 47 -14.13 24.97 85.40
CA GLN C 47 -13.58 25.34 86.70
C GLN C 47 -13.14 26.80 86.71
N ALA C 48 -14.09 27.69 86.37
CA ALA C 48 -13.85 29.13 86.33
C ALA C 48 -12.67 29.45 85.40
N LEU C 49 -12.66 28.82 84.23
CA LEU C 49 -11.62 29.01 83.22
C LEU C 49 -10.25 28.65 83.79
N SER C 50 -10.14 27.42 84.27
CA SER C 50 -8.90 26.86 84.81
C SER C 50 -8.35 27.76 85.93
N ALA C 51 -9.20 28.01 86.92
CA ALA C 51 -8.88 28.87 88.05
C ALA C 51 -8.45 30.27 87.62
N LEU C 52 -9.14 30.84 86.63
CA LEU C 52 -8.91 32.16 86.05
C LEU C 52 -7.55 32.25 85.38
N LYS C 53 -6.82 31.14 85.22
CA LYS C 53 -5.43 31.04 84.77
C LYS C 53 -4.50 31.59 85.85
N GLN C 54 -5.00 31.87 87.05
CA GLN C 54 -4.21 32.44 88.13
C GLN C 54 -3.87 31.41 89.21
N ALA C 55 -3.56 30.18 88.81
CA ALA C 55 -3.04 29.22 89.77
C ALA C 55 -1.73 29.72 90.37
N GLY C 56 -0.78 30.10 89.51
CA GLY C 56 0.41 30.80 89.90
C GLY C 56 1.41 30.03 90.74
N GLY C 57 1.02 28.89 91.30
CA GLY C 57 1.89 28.11 92.17
C GLY C 57 1.97 26.67 91.71
N ALA C 58 3.06 25.99 92.07
CA ALA C 58 3.25 24.60 91.65
C ALA C 58 2.12 23.72 92.18
N ARG C 59 1.87 23.77 93.50
CA ARG C 59 0.79 22.99 94.08
C ARG C 59 -0.56 23.42 93.52
N ALA C 60 -0.77 24.72 93.36
CA ALA C 60 -2.05 25.22 92.88
C ALA C 60 -2.37 24.66 91.49
N VAL C 61 -1.43 24.74 90.56
CA VAL C 61 -1.69 24.28 89.20
C VAL C 61 -1.77 22.75 89.16
N GLY C 62 -0.92 22.08 89.95
CA GLY C 62 -0.97 20.63 89.99
C GLY C 62 -2.31 20.11 90.48
N ALA C 63 -2.87 20.75 91.51
CA ALA C 63 -4.20 20.39 91.97
C ALA C 63 -5.25 20.77 90.95
N GLY C 64 -5.14 21.96 90.36
CA GLY C 64 -6.15 22.43 89.43
C GLY C 64 -6.31 21.53 88.22
N LEU C 65 -5.19 20.98 87.74
CA LEU C 65 -5.27 20.05 86.62
C LEU C 65 -6.03 18.79 86.99
N ALA C 66 -5.94 18.34 88.24
CA ALA C 66 -6.55 17.07 88.63
C ALA C 66 -8.07 17.11 88.53
N GLU C 67 -8.70 18.17 89.05
CA GLU C 67 -10.15 18.21 89.03
C GLU C 67 -10.71 18.41 87.62
N VAL C 68 -10.05 19.22 86.79
CA VAL C 68 -10.51 19.34 85.41
C VAL C 68 -10.29 18.03 84.65
N PHE C 69 -9.24 17.28 85.01
CA PHE C 69 -9.03 15.98 84.39
C PHE C 69 -10.14 15.01 84.77
N GLN C 70 -10.52 14.97 86.05
CA GLN C 70 -11.61 14.09 86.45
C GLN C 70 -12.96 14.56 85.90
N LEU C 71 -13.10 15.87 85.66
CA LEU C 71 -14.31 16.37 84.98
C LEU C 71 -14.37 15.85 83.56
N VAL C 72 -13.28 15.98 82.80
CA VAL C 72 -13.31 15.58 81.40
C VAL C 72 -13.43 14.07 81.26
N GLU C 73 -12.79 13.30 82.16
CA GLU C 73 -12.92 11.85 82.07
C GLU C 73 -14.35 11.41 82.40
N GLU C 74 -14.99 12.08 83.36
CA GLU C 74 -16.40 11.78 83.64
C GLU C 74 -17.27 12.14 82.45
N ALA C 75 -17.01 13.28 81.80
CA ALA C 75 -17.78 13.66 80.62
C ALA C 75 -17.62 12.63 79.51
N TRP C 76 -16.41 12.10 79.35
CA TRP C 76 -16.18 11.07 78.33
C TRP C 76 -16.83 9.74 78.72
N LEU C 77 -16.87 9.43 80.01
CA LEU C 77 -17.37 8.14 80.49
C LEU C 77 -18.81 8.31 80.97
N LEU C 78 -19.74 8.32 80.03
CA LEU C 78 -21.17 8.33 80.32
C LEU C 78 -21.92 7.97 79.04
N PRO C 79 -23.03 7.26 79.16
CA PRO C 79 -23.58 6.51 78.02
C PRO C 79 -24.22 7.39 76.96
N ALA C 80 -23.81 7.17 75.71
CA ALA C 80 -24.57 7.52 74.50
C ALA C 80 -24.62 9.01 74.18
N VAL C 81 -24.17 9.86 75.08
CA VAL C 81 -24.09 11.29 74.79
C VAL C 81 -22.73 11.84 75.20
N GLY C 82 -21.93 11.00 75.86
CA GLY C 82 -20.58 11.42 76.21
C GLY C 82 -19.73 11.66 74.97
N ARG C 83 -19.84 10.78 73.98
CA ARG C 83 -19.10 10.98 72.73
C ARG C 83 -19.52 12.27 72.04
N GLU C 84 -20.83 12.55 72.03
CA GLU C 84 -21.32 13.77 71.42
C GLU C 84 -20.83 15.01 72.15
N VAL C 85 -20.86 15.00 73.49
CA VAL C 85 -20.44 16.17 74.24
C VAL C 85 -18.92 16.30 74.24
N ALA C 86 -18.21 15.25 73.86
CA ALA C 86 -16.76 15.34 73.76
C ALA C 86 -16.34 16.41 72.75
N GLN C 87 -16.97 16.42 71.57
CA GLN C 87 -16.66 17.44 70.57
C GLN C 87 -16.96 18.83 71.10
N GLY C 88 -18.10 18.99 71.78
CA GLY C 88 -18.46 20.29 72.32
C GLY C 88 -17.46 20.78 73.34
N LEU C 89 -17.06 19.92 74.27
CA LEU C 89 -16.12 20.34 75.30
C LEU C 89 -14.73 20.61 74.72
N CYS C 90 -14.33 19.84 73.71
CA CYS C 90 -13.05 20.08 73.07
C CYS C 90 -13.05 21.40 72.32
N ASP C 91 -14.14 21.71 71.60
CA ASP C 91 -14.24 23.02 70.97
C ASP C 91 -14.24 24.13 72.01
N ALA C 92 -14.90 23.88 73.16
CA ALA C 92 -14.94 24.88 74.22
C ALA C 92 -13.55 25.17 74.77
N ILE C 93 -12.76 24.14 75.05
CA ILE C 93 -11.43 24.37 75.58
C ILE C 93 -10.54 25.01 74.52
N ARG C 94 -10.71 24.61 73.25
CA ARG C 94 -9.95 25.23 72.17
C ARG C 94 -10.22 26.72 72.08
N LEU C 95 -11.49 27.13 72.13
CA LEU C 95 -11.82 28.55 72.05
C LEU C 95 -11.49 29.29 73.33
N ASP C 96 -11.51 28.62 74.48
CA ASP C 96 -11.17 29.25 75.75
C ASP C 96 -9.67 29.50 75.89
N GLY C 97 -8.84 28.65 75.32
CA GLY C 97 -7.40 28.79 75.47
C GLY C 97 -6.75 27.78 76.39
N GLY C 98 -7.47 26.75 76.80
CA GLY C 98 -6.83 25.66 77.51
C GLY C 98 -5.73 24.99 76.70
N LEU C 99 -5.87 24.98 75.37
CA LEU C 99 -4.86 24.37 74.53
C LEU C 99 -3.51 25.07 74.65
N ASP C 100 -3.45 26.37 74.38
CA ASP C 100 -2.17 27.05 74.50
C ASP C 100 -1.76 27.23 75.95
N LEU C 101 -2.72 27.14 76.89
CA LEU C 101 -2.33 27.06 78.30
C LEU C 101 -1.51 25.80 78.57
N LEU C 102 -1.99 24.66 78.10
CA LEU C 102 -1.22 23.41 78.24
C LEU C 102 0.11 23.52 77.52
N LEU C 103 0.10 24.13 76.33
CA LEU C 103 1.34 24.34 75.58
C LEU C 103 2.30 25.27 76.28
N ARG C 104 1.82 26.11 77.21
CA ARG C 104 2.71 26.88 78.06
C ARG C 104 3.20 26.08 79.27
N LEU C 105 2.32 25.30 79.88
CA LEU C 105 2.73 24.47 81.01
C LEU C 105 3.69 23.36 80.63
N LEU C 106 3.74 22.98 79.36
CA LEU C 106 4.62 21.88 78.95
C LEU C 106 6.11 22.21 79.14
N GLN C 107 6.47 23.48 79.36
CA GLN C 107 7.87 23.87 79.45
C GLN C 107 8.36 24.08 80.88
N ALA C 108 7.45 24.23 81.84
CA ALA C 108 7.78 24.66 83.20
C ALA C 108 8.85 23.78 83.83
N PRO C 109 10.05 24.32 84.05
CA PRO C 109 11.12 23.51 84.66
C PRO C 109 10.88 23.21 86.13
N GLU C 110 10.48 24.21 86.91
CA GLU C 110 10.21 23.97 88.33
C GLU C 110 9.08 22.98 88.52
N LEU C 111 8.19 22.87 87.54
CA LEU C 111 7.15 21.84 87.54
C LEU C 111 7.71 20.56 86.93
N GLU C 112 8.25 19.71 87.80
CA GLU C 112 8.62 18.36 87.38
C GLU C 112 7.40 17.57 86.92
N THR C 113 6.20 18.01 87.29
CA THR C 113 4.96 17.33 86.92
C THR C 113 4.29 18.02 85.74
N ARG C 114 4.84 17.79 84.54
CA ARG C 114 4.10 18.07 83.32
C ARG C 114 3.13 16.95 82.99
N VAL C 115 3.14 15.89 83.80
CA VAL C 115 2.38 14.68 83.48
C VAL C 115 0.89 14.96 83.45
N GLN C 116 0.38 15.77 84.39
CA GLN C 116 -1.03 16.08 84.39
C GLN C 116 -1.43 16.85 83.14
N ALA C 117 -0.60 17.81 82.71
CA ALA C 117 -0.88 18.53 81.48
C ALA C 117 -0.88 17.58 80.29
N ALA C 118 0.07 16.65 80.24
CA ALA C 118 0.12 15.71 79.13
C ALA C 118 -1.11 14.80 79.10
N ARG C 119 -1.52 14.31 80.28
CA ARG C 119 -2.68 13.43 80.35
C ARG C 119 -3.97 14.17 79.98
N LEU C 120 -4.05 15.47 80.28
CA LEU C 120 -5.22 16.22 79.84
C LEU C 120 -5.15 16.50 78.35
N LEU C 121 -3.95 16.76 77.82
CA LEU C 121 -3.78 17.00 76.40
C LEU C 121 -4.13 15.76 75.58
N GLU C 122 -3.96 14.57 76.16
CA GLU C 122 -4.32 13.33 75.48
C GLU C 122 -5.76 13.38 74.99
N GLN C 123 -6.71 13.54 75.91
CA GLN C 123 -8.12 13.30 75.59
C GLN C 123 -8.70 14.39 74.70
N ILE C 124 -8.15 15.60 74.77
CA ILE C 124 -8.75 16.75 74.12
C ILE C 124 -8.37 16.80 72.64
N LEU C 125 -7.69 15.78 72.15
CA LEU C 125 -7.20 15.77 70.78
C LEU C 125 -8.29 15.24 69.85
N VAL C 126 -9.09 16.16 69.30
CA VAL C 126 -10.00 15.89 68.19
C VAL C 126 -9.42 16.60 66.98
N ALA C 127 -9.97 16.30 65.80
CA ALA C 127 -9.35 16.73 64.54
C ALA C 127 -9.03 18.22 64.54
N GLU C 128 -9.98 19.04 64.99
CA GLU C 128 -9.75 20.48 65.02
C GLU C 128 -8.65 20.87 65.99
N ASN C 129 -8.54 20.17 67.12
CA ASN C 129 -7.44 20.41 68.05
C ASN C 129 -6.10 19.94 67.49
N ARG C 130 -6.10 18.81 66.78
CA ARG C 130 -4.89 18.32 66.13
C ARG C 130 -4.39 19.32 65.10
N ASP C 131 -5.29 19.91 64.31
CA ASP C 131 -4.86 20.95 63.38
C ASP C 131 -4.14 22.09 64.10
N ARG C 132 -4.78 22.62 65.15
CA ARG C 132 -4.21 23.76 65.86
C ARG C 132 -2.87 23.42 66.48
N VAL C 133 -2.75 22.25 67.11
CA VAL C 133 -1.49 21.90 67.75
C VAL C 133 -0.43 21.61 66.71
N ALA C 134 -0.81 21.03 65.58
CA ALA C 134 0.16 20.76 64.52
C ALA C 134 0.67 22.07 63.91
N ARG C 135 -0.13 23.13 63.98
CA ARG C 135 0.35 24.43 63.48
C ARG C 135 1.56 24.91 64.27
N ILE C 136 1.52 24.81 65.60
CA ILE C 136 2.44 25.59 66.43
C ILE C 136 3.28 24.77 67.40
N GLY C 137 2.87 23.59 67.87
CA GLY C 137 3.50 23.03 69.06
C GLY C 137 4.38 21.82 68.87
N LEU C 138 4.70 21.44 67.63
CA LEU C 138 5.60 20.30 67.44
C LEU C 138 7.00 20.56 67.96
N GLY C 139 7.43 21.81 68.11
CA GLY C 139 8.70 22.06 68.73
C GLY C 139 8.72 21.61 70.18
N VAL C 140 7.72 22.06 70.95
CA VAL C 140 7.70 21.73 72.38
C VAL C 140 7.33 20.27 72.59
N ILE C 141 6.45 19.72 71.75
CA ILE C 141 6.07 18.31 71.91
C ILE C 141 7.29 17.42 71.67
N LEU C 142 8.04 17.69 70.61
CA LEU C 142 9.18 16.84 70.28
C LEU C 142 10.39 17.15 71.14
N ASN C 143 10.41 18.32 71.79
CA ASN C 143 11.36 18.53 72.89
C ASN C 143 11.00 17.69 74.10
N LEU C 144 9.71 17.63 74.45
CA LEU C 144 9.25 16.77 75.53
C LEU C 144 9.50 15.30 75.23
N ALA C 145 9.47 14.92 73.95
CA ALA C 145 9.70 13.53 73.57
C ALA C 145 11.12 13.08 73.87
N LYS C 146 12.07 14.01 74.03
CA LYS C 146 13.42 13.63 74.37
C LYS C 146 13.55 13.18 75.83
N GLU C 147 12.60 13.56 76.69
CA GLU C 147 12.60 13.13 78.09
C GLU C 147 12.10 11.69 78.16
N ARG C 148 13.05 10.77 78.28
CA ARG C 148 12.78 9.35 78.19
C ARG C 148 12.93 8.61 79.51
N GLU C 149 13.26 9.32 80.59
CA GLU C 149 13.40 8.72 81.91
C GLU C 149 12.05 8.42 82.58
N PRO C 150 11.14 9.39 82.73
CA PRO C 150 9.93 9.14 83.52
C PRO C 150 8.92 8.30 82.76
N VAL C 151 8.55 7.17 83.36
CA VAL C 151 7.63 6.24 82.73
C VAL C 151 6.24 6.84 82.60
N GLU C 152 5.79 7.54 83.64
CA GLU C 152 4.45 8.14 83.60
C GLU C 152 4.37 9.23 82.54
N LEU C 153 5.45 9.98 82.35
CA LEU C 153 5.48 11.00 81.29
C LEU C 153 5.55 10.37 79.92
N ALA C 154 6.33 9.28 79.79
CA ALA C 154 6.41 8.57 78.52
C ALA C 154 5.05 8.00 78.12
N ARG C 155 4.31 7.46 79.09
CA ARG C 155 3.00 6.88 78.83
C ARG C 155 2.02 7.87 78.23
N SER C 156 2.25 9.17 78.41
CA SER C 156 1.39 10.21 77.85
C SER C 156 1.95 10.82 76.57
N VAL C 157 3.26 11.09 76.52
CA VAL C 157 3.83 11.65 75.30
C VAL C 157 3.75 10.64 74.16
N ALA C 158 3.76 9.34 74.49
CA ALA C 158 3.56 8.33 73.45
C ALA C 158 2.18 8.44 72.82
N GLY C 159 1.15 8.64 73.65
CA GLY C 159 -0.18 8.84 73.12
C GLY C 159 -0.30 10.12 72.32
N ILE C 160 0.40 11.17 72.77
CA ILE C 160 0.43 12.42 72.02
C ILE C 160 0.99 12.18 70.62
N LEU C 161 2.12 11.47 70.54
CA LEU C 161 2.71 11.14 69.24
C LEU C 161 1.77 10.26 68.42
N GLU C 162 1.07 9.34 69.08
CA GLU C 162 0.15 8.46 68.36
C GLU C 162 -0.96 9.26 67.70
N HIS C 163 -1.52 10.23 68.41
CA HIS C 163 -2.55 11.07 67.80
C HIS C 163 -1.96 11.98 66.72
N MET C 164 -0.72 12.44 66.92
CA MET C 164 -0.13 13.33 65.92
C MET C 164 0.16 12.60 64.61
N PHE C 165 0.57 11.34 64.69
CA PHE C 165 0.84 10.57 63.48
C PHE C 165 -0.41 10.40 62.62
N LYS C 166 -1.60 10.50 63.21
CA LYS C 166 -2.85 10.45 62.45
C LYS C 166 -2.99 11.62 61.49
N HIS C 167 -2.23 12.69 61.67
CA HIS C 167 -2.36 13.86 60.83
C HIS C 167 -1.66 13.62 59.50
N SER C 168 -1.50 14.68 58.71
CA SER C 168 -1.12 14.55 57.31
C SER C 168 0.33 14.07 57.16
N GLU C 169 0.69 13.78 55.90
CA GLU C 169 2.03 13.30 55.59
C GLU C 169 3.09 14.32 55.93
N GLU C 170 2.77 15.62 55.83
CA GLU C 170 3.73 16.64 56.23
C GLU C 170 4.10 16.50 57.70
N THR C 171 3.10 16.40 58.58
CA THR C 171 3.36 16.24 59.99
C THR C 171 4.08 14.92 60.28
N CYS C 172 3.70 13.86 59.56
CA CYS C 172 4.39 12.59 59.73
C CYS C 172 5.87 12.72 59.38
N GLN C 173 6.17 13.41 58.27
CA GLN C 173 7.56 13.62 57.86
C GLN C 173 8.33 14.46 58.85
N ARG C 174 7.72 15.53 59.39
CA ARG C 174 8.40 16.30 60.42
C ARG C 174 8.68 15.45 61.66
N LEU C 175 7.70 14.66 62.11
CA LEU C 175 7.89 13.83 63.28
C LEU C 175 9.01 12.82 63.07
N VAL C 176 9.00 12.13 61.93
CA VAL C 176 10.00 11.10 61.68
C VAL C 176 11.39 11.71 61.59
N ALA C 177 11.50 12.83 60.87
CA ALA C 177 12.81 13.47 60.71
C ALA C 177 13.33 13.99 62.04
N ALA C 178 12.47 14.58 62.87
CA ALA C 178 12.95 15.21 64.10
C ALA C 178 13.27 14.18 65.18
N GLY C 179 12.50 13.09 65.28
CA GLY C 179 12.79 12.12 66.30
C GLY C 179 11.59 11.53 67.03
N GLY C 180 10.39 11.88 66.59
CA GLY C 180 9.21 11.23 67.13
C GLY C 180 9.22 9.73 66.90
N LEU C 181 9.63 9.31 65.70
CA LEU C 181 9.75 7.89 65.41
C LEU C 181 10.77 7.23 66.33
N ASP C 182 11.90 7.90 66.57
CA ASP C 182 12.90 7.36 67.48
C ASP C 182 12.35 7.22 68.90
N ALA C 183 11.60 8.22 69.35
CA ALA C 183 10.98 8.13 70.67
C ALA C 183 10.01 6.96 70.75
N VAL C 184 9.23 6.74 69.69
CA VAL C 184 8.30 5.62 69.69
C VAL C 184 9.07 4.29 69.71
N LEU C 185 10.14 4.19 68.92
CA LEU C 185 10.88 2.93 68.85
C LEU C 185 11.67 2.65 70.12
N TYR C 186 12.04 3.68 70.87
CA TYR C 186 12.79 3.47 72.10
C TYR C 186 11.96 2.71 73.14
N TRP C 187 10.66 2.99 73.20
CA TRP C 187 9.79 2.46 74.25
C TRP C 187 9.27 1.07 73.94
N CYS C 188 9.86 0.36 72.99
CA CYS C 188 9.46 -1.02 72.74
C CYS C 188 10.00 -1.96 73.81
N ARG C 189 11.11 -1.60 74.44
CA ARG C 189 11.69 -2.44 75.50
C ARG C 189 10.95 -2.29 76.82
N ARG C 190 10.03 -1.35 76.94
CA ARG C 190 9.34 -1.13 78.21
C ARG C 190 8.25 -2.19 78.42
N THR C 191 7.45 -1.97 79.47
CA THR C 191 6.55 -3.01 79.96
C THR C 191 5.09 -2.59 80.09
N ASP C 192 4.79 -1.33 80.36
CA ASP C 192 3.42 -0.93 80.65
C ASP C 192 2.52 -1.23 79.45
N PRO C 193 1.41 -1.96 79.66
CA PRO C 193 0.52 -2.31 78.55
C PRO C 193 -0.01 -1.08 77.81
N ALA C 194 -0.35 -0.03 78.54
CA ALA C 194 -0.88 1.17 77.89
C ALA C 194 0.19 1.86 77.05
N LEU C 195 1.41 1.97 77.57
CA LEU C 195 2.49 2.60 76.82
C LEU C 195 2.81 1.80 75.56
N LEU C 196 2.88 0.47 75.69
CA LEU C 196 3.18 -0.36 74.53
C LEU C 196 2.04 -0.34 73.51
N ARG C 197 0.79 -0.28 73.98
CA ARG C 197 -0.34 -0.15 73.06
C ARG C 197 -0.28 1.17 72.31
N HIS C 198 0.07 2.25 73.01
CA HIS C 198 0.23 3.54 72.36
C HIS C 198 1.34 3.49 71.31
N CYS C 199 2.45 2.83 71.64
CA CYS C 199 3.54 2.71 70.68
C CYS C 199 3.11 1.93 69.44
N ALA C 200 2.39 0.83 69.63
CA ALA C 200 1.91 0.03 68.50
C ALA C 200 0.96 0.82 67.62
N LEU C 201 0.01 1.52 68.25
CA LEU C 201 -0.93 2.33 67.48
C LEU C 201 -0.23 3.46 66.75
N ALA C 202 0.78 4.07 67.37
CA ALA C 202 1.52 5.14 66.71
C ALA C 202 2.27 4.61 65.49
N LEU C 203 2.92 3.45 65.63
CA LEU C 203 3.65 2.89 64.50
C LEU C 203 2.70 2.52 63.37
N GLY C 204 1.55 1.92 63.70
CA GLY C 204 0.59 1.58 62.67
C GLY C 204 0.02 2.81 61.98
N ASN C 205 -0.30 3.85 62.75
CA ASN C 205 -0.80 5.09 62.16
C ASN C 205 0.23 5.73 61.25
N CYS C 206 1.50 5.75 61.68
CA CYS C 206 2.55 6.30 60.85
C CYS C 206 2.70 5.52 59.55
N ALA C 207 2.66 4.19 59.63
CA ALA C 207 2.77 3.37 58.43
C ALA C 207 1.59 3.61 57.49
N LEU C 208 0.39 3.76 58.05
CA LEU C 208 -0.79 3.99 57.21
C LEU C 208 -0.73 5.36 56.54
N HIS C 209 -0.36 6.40 57.28
CA HIS C 209 -0.54 7.77 56.80
C HIS C 209 0.74 8.43 56.29
N GLY C 210 1.86 7.72 56.25
CA GLY C 210 3.04 8.24 55.58
C GLY C 210 3.03 7.94 54.09
N GLY C 211 3.98 8.54 53.40
CA GLY C 211 4.16 8.27 51.99
C GLY C 211 5.19 7.18 51.76
N GLN C 212 5.79 7.13 50.58
CA GLN C 212 6.89 6.22 50.35
C GLN C 212 8.10 6.52 51.22
N ALA C 213 8.45 7.80 51.36
CA ALA C 213 9.65 8.17 52.11
C ALA C 213 9.54 7.81 53.58
N VAL C 214 8.35 8.02 54.18
CA VAL C 214 8.19 7.71 55.60
C VAL C 214 8.32 6.21 55.85
N GLN C 215 7.68 5.41 55.01
CA GLN C 215 7.79 3.96 55.15
C GLN C 215 9.22 3.48 54.92
N ARG C 216 9.89 4.05 53.92
CA ARG C 216 11.29 3.70 53.69
C ARG C 216 12.16 4.04 54.89
N ARG C 217 11.94 5.21 55.49
CA ARG C 217 12.69 5.58 56.68
C ARG C 217 12.40 4.66 57.85
N MET C 218 11.14 4.28 58.06
CA MET C 218 10.81 3.36 59.15
C MET C 218 11.51 2.02 58.96
N VAL C 219 11.48 1.47 57.74
CA VAL C 219 12.17 0.21 57.49
C VAL C 219 13.67 0.38 57.65
N GLU C 220 14.21 1.54 57.29
CA GLU C 220 15.63 1.79 57.49
C GLU C 220 16.00 1.78 58.96
N LYS C 221 15.18 2.41 59.82
CA LYS C 221 15.42 2.38 61.25
C LYS C 221 14.95 1.08 61.90
N ARG C 222 14.66 0.05 61.10
CA ARG C 222 14.28 -1.27 61.59
C ARG C 222 13.04 -1.20 62.47
N ALA C 223 12.03 -0.49 61.96
CA ALA C 223 10.73 -0.45 62.61
C ALA C 223 9.98 -1.77 62.47
N ALA C 224 10.14 -2.45 61.33
CA ALA C 224 9.52 -3.76 61.15
C ALA C 224 10.16 -4.79 62.06
N GLU C 225 11.42 -4.59 62.43
CA GLU C 225 12.09 -5.57 63.28
C GLU C 225 11.79 -5.30 64.75
N TRP C 226 11.82 -4.03 65.16
CA TRP C 226 11.50 -3.68 66.54
C TRP C 226 10.04 -3.87 66.88
N LEU C 227 9.22 -4.32 65.94
CA LEU C 227 7.83 -4.64 66.20
C LEU C 227 7.63 -6.10 66.62
N PHE C 228 8.70 -6.90 66.61
CA PHE C 228 8.58 -8.29 67.07
C PHE C 228 8.19 -8.42 68.54
N PRO C 229 8.81 -7.71 69.49
CA PRO C 229 8.36 -7.89 70.88
C PRO C 229 6.93 -7.48 71.10
N LEU C 230 6.38 -6.64 70.22
CA LEU C 230 4.97 -6.30 70.32
C LEU C 230 4.07 -7.32 69.61
N ALA C 231 4.55 -7.93 68.52
CA ALA C 231 3.74 -8.93 67.84
C ALA C 231 3.82 -10.27 68.56
N PHE C 232 4.77 -10.42 69.47
CA PHE C 232 4.96 -11.66 70.22
C PHE C 232 4.76 -11.35 71.70
N SER C 233 3.50 -11.42 72.13
CA SER C 233 3.09 -11.12 73.49
C SER C 233 2.03 -12.13 73.91
N LYS C 234 1.88 -12.28 75.23
CA LYS C 234 0.97 -13.30 75.76
C LYS C 234 -0.04 -12.67 76.72
N GLU C 235 0.26 -11.46 77.19
CA GLU C 235 -0.58 -10.83 78.20
C GLU C 235 -1.89 -10.34 77.61
N ASP C 236 -1.85 -9.71 76.43
CA ASP C 236 -3.04 -9.16 75.80
C ASP C 236 -3.00 -9.44 74.30
N GLU C 237 -4.18 -9.39 73.69
CA GLU C 237 -4.33 -9.64 72.27
C GLU C 237 -4.54 -8.38 71.44
N LEU C 238 -5.01 -7.29 72.05
CA LEU C 238 -5.15 -6.03 71.32
C LEU C 238 -3.80 -5.57 70.80
N LEU C 239 -2.77 -5.65 71.63
CA LEU C 239 -1.45 -5.19 71.22
C LEU C 239 -0.88 -6.09 70.13
N ARG C 240 -1.09 -7.41 70.25
CA ARG C 240 -0.73 -8.32 69.17
C ARG C 240 -1.39 -7.92 67.86
N LEU C 241 -2.69 -7.67 67.91
CA LEU C 241 -3.43 -7.31 66.70
C LEU C 241 -2.91 -6.03 66.09
N HIS C 242 -2.60 -5.04 66.93
CA HIS C 242 -2.12 -3.76 66.43
C HIS C 242 -0.74 -3.89 65.79
N ALA C 243 0.16 -4.64 66.43
CA ALA C 243 1.49 -4.85 65.85
C ALA C 243 1.40 -5.61 64.53
N CYS C 244 0.53 -6.62 64.46
CA CYS C 244 0.35 -7.34 63.21
C CYS C 244 -0.23 -6.46 62.13
N LEU C 245 -1.18 -5.58 62.46
CA LEU C 245 -1.69 -4.65 61.46
C LEU C 245 -0.60 -3.74 60.95
N ALA C 246 0.24 -3.21 61.85
CA ALA C 246 1.30 -2.32 61.42
C ALA C 246 2.27 -3.02 60.49
N VAL C 247 2.71 -4.23 60.83
CA VAL C 247 3.67 -4.92 59.99
C VAL C 247 3.05 -5.33 58.67
N ALA C 248 1.76 -5.70 58.68
CA ALA C 248 1.09 -6.06 57.43
C ALA C 248 0.97 -4.86 56.51
N VAL C 249 0.72 -3.68 57.07
CA VAL C 249 0.70 -2.46 56.26
C VAL C 249 2.08 -2.20 55.67
N LEU C 250 3.13 -2.36 56.49
CA LEU C 250 4.48 -2.17 55.98
C LEU C 250 4.88 -3.20 54.94
N ALA C 251 4.24 -4.37 54.91
CA ALA C 251 4.60 -5.43 53.98
C ALA C 251 3.84 -5.38 52.67
N THR C 252 2.98 -4.38 52.47
CA THR C 252 2.24 -4.22 51.23
C THR C 252 2.96 -3.26 50.28
N ASN C 253 4.09 -2.73 50.73
CA ASN C 253 4.94 -1.86 49.92
C ASN C 253 6.05 -2.75 49.37
N LYS C 254 5.93 -3.16 48.10
CA LYS C 254 6.79 -4.20 47.56
C LYS C 254 8.17 -3.70 47.17
N GLU C 255 8.55 -2.53 47.65
CA GLU C 255 9.96 -2.12 47.58
C GLU C 255 10.74 -2.60 48.79
N VAL C 256 10.08 -2.83 49.92
CA VAL C 256 10.76 -3.18 51.16
C VAL C 256 10.23 -4.49 51.73
N GLU C 257 9.56 -5.29 50.90
CA GLU C 257 9.05 -6.57 51.38
C GLU C 257 10.17 -7.47 51.87
N ARG C 258 11.29 -7.53 51.14
CA ARG C 258 12.39 -8.38 51.56
C ARG C 258 12.96 -7.91 52.90
N GLU C 259 13.12 -6.59 53.05
CA GLU C 259 13.69 -6.07 54.29
C GLU C 259 12.74 -6.29 55.46
N VAL C 260 11.43 -6.28 55.21
CA VAL C 260 10.48 -6.61 56.27
C VAL C 260 10.55 -8.09 56.62
N GLU C 261 10.60 -8.96 55.60
CA GLU C 261 10.61 -10.39 55.85
C GLU C 261 11.88 -10.86 56.53
N ARG C 262 13.00 -10.16 56.31
CA ARG C 262 14.23 -10.53 57.01
C ARG C 262 14.13 -10.36 58.52
N SER C 263 13.15 -9.59 59.00
CA SER C 263 12.92 -9.45 60.43
C SER C 263 12.27 -10.67 61.06
N GLY C 264 11.48 -11.42 60.29
CA GLY C 264 10.85 -12.62 60.79
C GLY C 264 9.51 -12.42 61.48
N THR C 265 9.05 -11.18 61.62
CA THR C 265 7.80 -10.92 62.32
C THR C 265 6.57 -11.18 61.47
N LEU C 266 6.73 -11.40 60.16
CA LEU C 266 5.58 -11.76 59.34
C LEU C 266 5.15 -13.20 59.56
N ALA C 267 5.96 -13.99 60.26
CA ALA C 267 5.59 -15.38 60.53
C ALA C 267 4.58 -15.51 61.66
N LEU C 268 4.32 -14.45 62.40
CA LEU C 268 3.44 -14.48 63.56
C LEU C 268 2.00 -14.11 63.22
N VAL C 269 1.72 -13.67 62.00
CA VAL C 269 0.41 -13.09 61.69
C VAL C 269 -0.64 -14.17 61.53
N GLU C 270 -0.36 -15.18 60.70
CA GLU C 270 -1.36 -16.19 60.39
C GLU C 270 -1.80 -17.01 61.60
N PRO C 271 -0.89 -17.53 62.44
CA PRO C 271 -1.37 -18.25 63.64
C PRO C 271 -2.21 -17.37 64.55
N LEU C 272 -1.85 -16.10 64.69
CA LEU C 272 -2.60 -15.20 65.56
C LEU C 272 -4.01 -14.98 65.03
N VAL C 273 -4.13 -14.72 63.73
CA VAL C 273 -5.45 -14.49 63.15
C VAL C 273 -6.27 -15.77 63.15
N ALA C 274 -5.62 -16.93 63.03
CA ALA C 274 -6.34 -18.19 63.15
C ALA C 274 -6.88 -18.37 64.56
N SER C 275 -6.09 -18.00 65.58
CA SER C 275 -6.53 -18.14 66.96
C SER C 275 -7.64 -17.17 67.33
N LEU C 276 -7.58 -15.93 66.86
CA LEU C 276 -8.50 -14.88 67.30
C LEU C 276 -9.88 -15.07 66.67
N ASP C 277 -10.85 -14.35 67.23
CA ASP C 277 -12.26 -14.46 66.86
C ASP C 277 -12.85 -13.06 66.74
N PRO C 278 -13.37 -12.67 65.57
CA PRO C 278 -13.95 -11.32 65.42
C PRO C 278 -15.34 -11.16 66.00
N GLY C 279 -15.98 -12.23 66.46
CA GLY C 279 -17.35 -12.11 66.95
C GLY C 279 -17.47 -11.24 68.18
N ARG C 280 -16.59 -11.43 69.15
CA ARG C 280 -16.64 -10.68 70.40
C ARG C 280 -15.44 -9.78 70.65
N PHE C 281 -14.30 -10.03 70.00
CA PHE C 281 -13.13 -9.20 70.16
C PHE C 281 -13.28 -7.83 69.49
N ALA C 282 -14.22 -7.70 68.56
CA ALA C 282 -14.37 -6.46 67.81
C ALA C 282 -14.73 -5.28 68.72
N ARG C 283 -15.27 -5.57 69.90
CA ARG C 283 -15.59 -4.53 70.87
C ARG C 283 -14.32 -3.99 71.53
N ARG C 295 -13.13 4.37 63.62
CA ARG C 295 -12.85 4.10 62.21
C ARG C 295 -14.07 4.41 61.34
N GLY C 296 -13.85 5.22 60.31
CA GLY C 296 -14.93 5.60 59.42
C GLY C 296 -14.68 5.17 57.99
N PRO C 297 -15.46 5.76 57.08
CA PRO C 297 -15.25 5.48 55.65
C PRO C 297 -13.91 5.97 55.14
N ASP C 298 -13.29 6.93 55.82
CA ASP C 298 -11.94 7.33 55.46
C ASP C 298 -10.91 6.32 55.96
N ASP C 299 -11.29 5.50 56.94
CA ASP C 299 -10.37 4.48 57.44
C ASP C 299 -10.53 3.17 56.70
N LEU C 300 -11.73 2.90 56.18
CA LEU C 300 -11.93 1.67 55.42
C LEU C 300 -11.20 1.69 54.08
N GLN C 301 -11.04 2.89 53.51
CA GLN C 301 -10.31 3.02 52.26
C GLN C 301 -8.82 2.76 52.45
N ARG C 302 -8.34 2.77 53.69
CA ARG C 302 -6.97 2.39 53.98
C ARG C 302 -6.84 0.93 54.39
N LEU C 303 -7.96 0.19 54.45
CA LEU C 303 -7.92 -1.23 54.73
C LEU C 303 -8.23 -2.07 53.51
N VAL C 304 -9.01 -1.54 52.57
CA VAL C 304 -9.27 -2.28 51.33
C VAL C 304 -8.00 -2.61 50.56
N PRO C 305 -7.01 -1.71 50.41
CA PRO C 305 -5.78 -2.12 49.72
C PRO C 305 -5.06 -3.28 50.36
N LEU C 306 -5.28 -3.56 51.64
CA LEU C 306 -4.74 -4.78 52.23
C LEU C 306 -5.38 -6.02 51.62
N LEU C 307 -6.70 -5.97 51.37
CA LEU C 307 -7.35 -7.06 50.66
C LEU C 307 -6.84 -7.15 49.23
N ASP C 308 -6.69 -6.01 48.56
CA ASP C 308 -6.21 -5.98 47.18
C ASP C 308 -4.69 -6.09 47.13
N SER C 309 -4.19 -7.18 47.71
CA SER C 309 -2.75 -7.43 47.78
C SER C 309 -2.48 -8.92 47.63
N ASN C 310 -1.27 -9.25 47.20
CA ASN C 310 -0.87 -10.64 47.07
C ASN C 310 -0.22 -11.20 48.33
N ARG C 311 -0.03 -10.38 49.36
CA ARG C 311 0.54 -10.86 50.61
C ARG C 311 -0.54 -11.58 51.42
N LEU C 312 -0.28 -12.85 51.75
CA LEU C 312 -1.28 -13.64 52.46
C LEU C 312 -1.55 -13.08 53.84
N GLU C 313 -0.50 -12.63 54.54
CA GLU C 313 -0.69 -12.03 55.86
C GLU C 313 -1.52 -10.76 55.77
N ALA C 314 -1.23 -9.92 54.76
CA ALA C 314 -1.99 -8.70 54.59
C ALA C 314 -3.45 -9.00 54.29
N GLN C 315 -3.72 -10.00 53.46
CA GLN C 315 -5.10 -10.38 53.19
C GLN C 315 -5.79 -10.89 54.44
N CYS C 316 -5.08 -11.68 55.26
CA CYS C 316 -5.66 -12.18 56.50
C CYS C 316 -6.03 -11.04 57.44
N ILE C 317 -5.11 -10.09 57.64
CA ILE C 317 -5.39 -8.96 58.52
C ILE C 317 -6.53 -8.12 57.98
N GLY C 318 -6.54 -7.86 56.68
CA GLY C 318 -7.63 -7.10 56.09
C GLY C 318 -8.97 -7.77 56.28
N ALA C 319 -9.04 -9.08 56.06
CA ALA C 319 -10.29 -9.80 56.25
C ALA C 319 -10.73 -9.77 57.71
N PHE C 320 -9.79 -9.95 58.65
CA PHE C 320 -10.15 -9.93 60.07
C PHE C 320 -10.73 -8.58 60.48
N TYR C 321 -10.00 -7.50 60.17
CA TYR C 321 -10.48 -6.17 60.53
C TYR C 321 -11.79 -5.83 59.83
N LEU C 322 -11.91 -6.21 58.55
CA LEU C 322 -13.14 -5.91 57.82
C LEU C 322 -14.32 -6.64 58.41
N CYS C 323 -14.14 -7.91 58.78
CA CYS C 323 -15.23 -8.66 59.40
C CYS C 323 -15.63 -8.05 60.74
N ALA C 324 -14.64 -7.67 61.56
CA ALA C 324 -14.95 -7.07 62.85
C ALA C 324 -15.72 -5.77 62.67
N GLU C 325 -15.23 -4.89 61.81
CA GLU C 325 -15.90 -3.60 61.59
C GLU C 325 -17.28 -3.81 60.98
N ALA C 326 -17.42 -4.80 60.09
CA ALA C 326 -18.71 -5.08 59.49
C ALA C 326 -19.71 -5.53 60.55
N ALA C 327 -19.30 -6.41 61.45
CA ALA C 327 -20.19 -6.84 62.52
C ALA C 327 -20.61 -5.67 63.39
N ILE C 328 -19.65 -4.85 63.81
CA ILE C 328 -19.99 -3.71 64.68
C ILE C 328 -20.93 -2.74 63.98
N LYS C 329 -20.62 -2.39 62.74
CA LYS C 329 -21.45 -1.44 62.01
C LYS C 329 -22.84 -2.00 61.76
N SER C 330 -22.94 -3.29 61.40
CA SER C 330 -24.24 -3.89 61.15
C SER C 330 -25.08 -3.90 62.41
N LEU C 331 -24.47 -4.20 63.55
CA LEU C 331 -25.21 -4.11 64.82
C LEU C 331 -25.65 -2.69 65.11
N GLN C 332 -24.76 -1.72 64.87
CA GLN C 332 -25.04 -0.32 65.18
C GLN C 332 -25.56 0.40 63.92
N GLY C 333 -26.79 0.07 63.57
CA GLY C 333 -27.44 0.72 62.46
C GLY C 333 -27.19 0.03 61.13
N LYS C 334 -27.68 0.66 60.06
CA LYS C 334 -27.55 0.12 58.71
C LYS C 334 -27.03 1.21 57.79
N THR C 335 -26.11 0.81 56.91
CA THR C 335 -25.50 1.72 55.93
C THR C 335 -24.90 0.88 54.82
N LYS C 336 -24.80 1.46 53.62
CA LYS C 336 -24.18 0.81 52.48
C LYS C 336 -22.80 1.36 52.17
N VAL C 337 -22.03 1.69 53.22
CA VAL C 337 -20.70 2.26 53.01
C VAL C 337 -19.78 1.26 52.31
N PHE C 338 -19.90 -0.03 52.64
CA PHE C 338 -19.03 -1.04 52.05
C PHE C 338 -19.21 -1.14 50.54
N SER C 339 -20.44 -0.96 50.06
CA SER C 339 -20.70 -1.10 48.63
C SER C 339 -19.93 -0.07 47.81
N ASP C 340 -19.86 1.18 48.27
CA ASP C 340 -19.15 2.20 47.51
C ASP C 340 -17.66 2.22 47.87
N ILE C 341 -17.31 1.72 49.06
CA ILE C 341 -15.89 1.56 49.38
C ILE C 341 -15.27 0.49 48.49
N GLY C 342 -16.04 -0.54 48.13
CA GLY C 342 -15.55 -1.58 47.25
C GLY C 342 -15.08 -2.83 47.95
N ALA C 343 -15.42 -3.01 49.23
CA ALA C 343 -14.96 -4.19 49.95
C ALA C 343 -15.72 -5.45 49.52
N ILE C 344 -16.91 -5.29 48.93
CA ILE C 344 -17.70 -6.46 48.56
C ILE C 344 -16.98 -7.29 47.50
N GLN C 345 -16.53 -6.63 46.42
CA GLN C 345 -15.85 -7.35 45.36
C GLN C 345 -14.52 -7.92 45.83
N SER C 346 -13.82 -7.20 46.70
CA SER C 346 -12.58 -7.74 47.26
C SER C 346 -12.85 -8.99 48.09
N LEU C 347 -13.90 -8.98 48.91
CA LEU C 347 -14.25 -10.16 49.69
C LEU C 347 -14.61 -11.32 48.77
N LYS C 348 -15.36 -11.05 47.70
CA LYS C 348 -15.69 -12.11 46.75
C LYS C 348 -14.45 -12.66 46.06
N ARG C 349 -13.50 -11.81 45.70
CA ARG C 349 -12.28 -12.26 45.03
C ARG C 349 -11.32 -12.99 45.96
N LEU C 350 -11.38 -12.72 47.26
CA LEU C 350 -10.55 -13.50 48.17
C LEU C 350 -11.16 -14.88 48.34
N VAL C 351 -12.48 -14.97 48.28
CA VAL C 351 -13.15 -16.25 48.46
C VAL C 351 -13.03 -17.17 47.26
N SER C 352 -13.33 -16.65 46.07
CA SER C 352 -13.33 -17.49 44.86
C SER C 352 -11.99 -18.18 44.62
N TYR C 353 -10.89 -17.44 44.73
CA TYR C 353 -9.58 -18.01 44.45
C TYR C 353 -8.83 -18.34 45.73
N SER C 354 -9.55 -18.48 46.83
CA SER C 354 -8.90 -18.72 48.12
C SER C 354 -8.25 -20.09 48.22
N THR C 355 -7.17 -20.17 48.99
CA THR C 355 -6.51 -21.45 49.21
C THR C 355 -6.26 -21.62 50.70
N ASN C 356 -6.00 -20.51 51.38
CA ASN C 356 -5.79 -20.57 52.82
C ASN C 356 -7.12 -20.60 53.53
N GLY C 357 -7.29 -21.53 54.47
CA GLY C 357 -8.54 -21.65 55.18
C GLY C 357 -8.90 -20.44 56.00
N THR C 358 -7.92 -19.87 56.70
CA THR C 358 -8.20 -18.74 57.57
C THR C 358 -8.80 -17.59 56.77
N LYS C 359 -8.15 -17.23 55.66
CA LYS C 359 -8.65 -16.13 54.85
C LYS C 359 -10.03 -16.42 54.32
N SER C 360 -10.25 -17.64 53.84
CA SER C 360 -11.54 -17.99 53.27
C SER C 360 -12.64 -17.85 54.31
N ALA C 361 -12.40 -18.39 55.49
CA ALA C 361 -13.41 -18.33 56.54
C ALA C 361 -13.79 -16.89 56.83
N LEU C 362 -12.80 -16.09 57.21
CA LEU C 362 -13.07 -14.70 57.55
C LEU C 362 -13.84 -14.00 56.45
N ALA C 363 -13.48 -14.25 55.19
CA ALA C 363 -14.21 -13.63 54.09
C ALA C 363 -15.66 -14.07 54.06
N LYS C 364 -15.91 -15.37 54.28
CA LYS C 364 -17.28 -15.87 54.30
C LYS C 364 -18.08 -15.26 55.44
N ARG C 365 -17.47 -15.17 56.64
CA ARG C 365 -18.17 -14.56 57.76
C ARG C 365 -18.53 -13.11 57.47
N ALA C 366 -17.58 -12.33 56.94
CA ALA C 366 -17.89 -10.95 56.63
C ALA C 366 -18.99 -10.83 55.58
N LEU C 367 -18.92 -11.65 54.53
CA LEU C 367 -19.91 -11.59 53.47
C LEU C 367 -21.31 -11.96 53.99
N ARG C 368 -21.38 -12.94 54.88
CA ARG C 368 -22.70 -13.34 55.40
C ARG C 368 -23.21 -12.33 56.42
N LEU C 369 -22.33 -11.66 57.15
CA LEU C 369 -22.76 -10.57 58.02
C LEU C 369 -23.34 -9.43 57.20
N LEU C 370 -22.70 -9.08 56.08
CA LEU C 370 -23.27 -8.04 55.23
C LEU C 370 -24.47 -8.50 54.43
N GLY C 371 -24.96 -9.72 54.64
CA GLY C 371 -26.18 -10.17 54.01
C GLY C 371 -26.14 -10.23 52.50
N GLU C 372 -25.05 -10.77 51.95
CA GLU C 372 -24.94 -10.96 50.52
C GLU C 372 -24.48 -12.39 50.26
N GLU C 373 -24.99 -12.96 49.16
CA GLU C 373 -24.70 -14.35 48.85
C GLU C 373 -23.21 -14.59 48.69
N VAL C 374 -22.72 -15.67 49.31
CA VAL C 374 -21.31 -16.01 49.30
C VAL C 374 -21.03 -16.86 48.06
N PRO C 375 -20.10 -16.47 47.20
CA PRO C 375 -19.79 -17.29 46.02
C PRO C 375 -19.14 -18.60 46.42
N ARG C 376 -19.43 -19.64 45.62
CA ARG C 376 -18.73 -20.88 45.89
C ARG C 376 -17.35 -20.86 45.25
N PRO C 377 -16.38 -21.57 45.82
CA PRO C 377 -15.04 -21.62 45.20
C PRO C 377 -15.08 -22.39 43.89
N ILE C 378 -14.16 -22.05 42.99
CA ILE C 378 -14.11 -22.63 41.66
C ILE C 378 -13.00 -23.67 41.59
N LEU C 379 -13.15 -24.64 40.70
CA LEU C 379 -12.14 -25.67 40.52
C LEU C 379 -10.95 -25.10 39.74
N PRO C 380 -9.74 -25.53 40.08
CA PRO C 380 -8.55 -24.99 39.40
C PRO C 380 -8.36 -25.56 37.99
N SER C 381 -8.92 -26.73 37.73
CA SER C 381 -8.75 -27.40 36.44
C SER C 381 -9.65 -26.72 35.41
N VAL C 382 -9.17 -25.60 34.87
CA VAL C 382 -9.95 -24.78 33.94
C VAL C 382 -10.02 -25.38 32.55
N PRO C 383 -8.95 -26.00 32.00
CA PRO C 383 -9.08 -26.57 30.64
C PRO C 383 -10.19 -27.60 30.51
N SER C 384 -10.63 -28.20 31.60
CA SER C 384 -11.68 -29.21 31.57
C SER C 384 -13.05 -28.66 31.96
N TRP C 385 -13.20 -27.34 31.99
CA TRP C 385 -14.46 -26.73 32.38
C TRP C 385 -15.55 -26.99 31.34
N LYS C 386 -16.78 -26.78 31.74
CA LYS C 386 -17.94 -26.88 30.86
C LYS C 386 -18.72 -25.58 30.90
N GLU C 387 -19.87 -25.58 30.22
CA GLU C 387 -20.68 -24.37 30.11
C GLU C 387 -21.16 -23.92 31.49
N ALA C 388 -21.57 -24.86 32.34
CA ALA C 388 -22.04 -24.48 33.67
C ALA C 388 -20.94 -23.83 34.48
N GLU C 389 -19.72 -24.38 34.43
CA GLU C 389 -18.61 -23.77 35.15
C GLU C 389 -18.30 -22.39 34.61
N VAL C 390 -18.35 -22.21 33.29
CA VAL C 390 -18.10 -20.90 32.71
C VAL C 390 -19.16 -19.90 33.19
N GLN C 391 -20.42 -20.33 33.24
CA GLN C 391 -21.49 -19.44 33.69
C GLN C 391 -21.30 -19.04 35.15
N THR C 392 -20.93 -20.00 36.00
CA THR C 392 -20.69 -19.67 37.41
C THR C 392 -19.53 -18.71 37.55
N TRP C 393 -18.45 -18.92 36.79
CA TRP C 393 -17.33 -17.99 36.85
C TRP C 393 -17.74 -16.59 36.39
N LEU C 394 -18.52 -16.50 35.32
CA LEU C 394 -18.96 -15.20 34.84
C LEU C 394 -19.81 -14.49 35.88
N GLN C 395 -20.70 -15.24 36.55
CA GLN C 395 -21.52 -14.63 37.60
C GLN C 395 -20.68 -14.20 38.79
N GLN C 396 -19.59 -14.91 39.07
CA GLN C 396 -18.77 -14.61 40.25
C GLN C 396 -17.84 -13.41 40.05
N ILE C 397 -17.75 -12.85 38.85
CA ILE C 397 -16.84 -11.74 38.62
C ILE C 397 -17.62 -10.52 38.15
N GLY C 398 -18.95 -10.57 38.25
CA GLY C 398 -19.76 -9.42 37.93
C GLY C 398 -19.97 -9.17 36.45
N PHE C 399 -19.87 -10.19 35.62
CA PHE C 399 -20.13 -10.08 34.19
C PHE C 399 -21.41 -10.81 33.81
N SER C 400 -22.41 -10.76 34.68
CA SER C 400 -23.66 -11.49 34.46
C SER C 400 -24.45 -10.98 33.27
N LYS C 401 -24.19 -9.76 32.80
CA LYS C 401 -24.88 -9.25 31.63
C LYS C 401 -24.46 -9.97 30.35
N TYR C 402 -23.19 -10.33 30.23
CA TYR C 402 -22.68 -11.08 29.09
C TYR C 402 -22.68 -12.57 29.37
N CYS C 403 -23.83 -13.12 29.78
CA CYS C 403 -23.92 -14.51 30.18
C CYS C 403 -24.75 -15.34 29.21
N GLU C 404 -25.89 -14.82 28.77
CA GLU C 404 -26.70 -15.55 27.80
C GLU C 404 -25.98 -15.64 26.46
N SER C 405 -25.13 -14.67 26.14
CA SER C 405 -24.31 -14.78 24.93
C SER C 405 -23.36 -15.96 25.02
N PHE C 406 -22.70 -16.12 26.17
CA PHE C 406 -21.80 -17.25 26.35
C PHE C 406 -22.56 -18.57 26.31
N ARG C 407 -23.75 -18.62 26.91
CA ARG C 407 -24.54 -19.84 26.85
C ARG C 407 -24.97 -20.15 25.43
N GLU C 408 -25.37 -19.13 24.67
CA GLU C 408 -25.80 -19.33 23.29
C GLU C 408 -24.66 -19.83 22.42
N GLN C 409 -23.46 -19.29 22.60
CA GLN C 409 -22.31 -19.68 21.79
C GLN C 409 -21.56 -20.89 22.34
N GLN C 410 -21.95 -21.40 23.51
CA GLN C 410 -21.41 -22.64 24.07
C GLN C 410 -19.89 -22.55 24.25
N VAL C 411 -19.47 -21.66 25.14
CA VAL C 411 -18.06 -21.45 25.43
C VAL C 411 -17.63 -22.40 26.53
N ASP C 412 -16.66 -23.26 26.22
CA ASP C 412 -16.06 -24.18 27.18
C ASP C 412 -14.86 -23.52 27.84
N GLY C 413 -14.19 -24.28 28.69
CA GLY C 413 -12.93 -23.80 29.24
C GLY C 413 -11.85 -23.66 28.19
N ASP C 414 -11.78 -24.62 27.27
CA ASP C 414 -10.80 -24.56 26.19
C ASP C 414 -11.04 -23.35 25.29
N LEU C 415 -12.31 -23.07 24.97
CA LEU C 415 -12.62 -21.88 24.17
C LEU C 415 -12.36 -20.61 24.97
N LEU C 416 -12.62 -20.65 26.27
CA LEU C 416 -12.42 -19.46 27.10
C LEU C 416 -10.95 -19.08 27.20
N LEU C 417 -10.07 -20.06 27.37
CA LEU C 417 -8.65 -19.75 27.50
C LEU C 417 -8.01 -19.27 26.21
N ARG C 418 -8.68 -19.46 25.07
CA ARG C 418 -8.20 -18.93 23.79
C ARG C 418 -9.31 -18.03 23.25
N LEU C 419 -9.32 -16.79 23.70
CA LEU C 419 -10.40 -15.86 23.41
C LEU C 419 -9.77 -14.54 22.99
N THR C 420 -9.94 -14.17 21.73
CA THR C 420 -9.31 -12.98 21.19
C THR C 420 -10.28 -11.80 21.24
N GLU C 421 -9.70 -10.60 21.17
CA GLU C 421 -10.51 -9.39 21.24
C GLU C 421 -11.45 -9.25 20.06
N GLU C 422 -11.07 -9.74 18.88
CA GLU C 422 -11.99 -9.73 17.75
C GLU C 422 -13.23 -10.58 18.03
N GLU C 423 -13.04 -11.76 18.61
CA GLU C 423 -14.18 -12.61 18.96
C GLU C 423 -15.02 -11.95 20.05
N LEU C 424 -14.38 -11.35 21.05
CA LEU C 424 -15.13 -10.65 22.09
C LEU C 424 -15.98 -9.55 21.51
N GLN C 425 -15.42 -8.76 20.59
CA GLN C 425 -16.14 -7.64 20.02
C GLN C 425 -17.27 -8.08 19.10
N THR C 426 -17.01 -9.09 18.24
CA THR C 426 -17.95 -9.46 17.20
C THR C 426 -19.02 -10.44 17.66
N ASP C 427 -18.65 -11.51 18.36
CA ASP C 427 -19.58 -12.59 18.63
C ASP C 427 -20.33 -12.44 19.94
N LEU C 428 -19.65 -12.12 21.04
CA LEU C 428 -20.27 -12.10 22.35
C LEU C 428 -20.87 -10.76 22.72
N GLY C 429 -20.51 -9.68 22.02
CA GLY C 429 -21.24 -8.44 22.13
C GLY C 429 -20.66 -7.36 23.01
N MET C 430 -19.47 -7.55 23.57
CA MET C 430 -18.83 -6.48 24.34
C MET C 430 -18.31 -5.43 23.36
N LYS C 431 -19.20 -4.50 23.00
CA LYS C 431 -18.85 -3.43 22.07
C LYS C 431 -17.84 -2.48 22.69
N SER C 432 -17.98 -2.20 23.98
CA SER C 432 -17.13 -1.20 24.63
C SER C 432 -15.68 -1.63 24.61
N GLY C 433 -14.77 -0.67 24.46
CA GLY C 433 -13.35 -0.98 24.37
C GLY C 433 -12.65 -1.17 25.70
N ILE C 434 -13.26 -0.78 26.81
CA ILE C 434 -12.65 -0.97 28.12
C ILE C 434 -13.36 -2.03 28.95
N THR C 435 -14.61 -2.35 28.64
CA THR C 435 -15.21 -3.56 29.19
C THR C 435 -14.38 -4.77 28.80
N ARG C 436 -13.87 -4.79 27.57
CA ARG C 436 -12.94 -5.84 27.17
C ARG C 436 -11.65 -5.82 27.97
N LYS C 437 -11.16 -4.63 28.34
CA LYS C 437 -9.98 -4.58 29.20
C LYS C 437 -10.26 -5.17 30.57
N ARG C 438 -11.43 -4.88 31.14
CA ARG C 438 -11.79 -5.51 32.41
C ARG C 438 -11.91 -7.02 32.27
N PHE C 439 -12.54 -7.48 31.19
CA PHE C 439 -12.67 -8.92 30.98
C PHE C 439 -11.31 -9.59 30.86
N PHE C 440 -10.37 -8.96 30.15
CA PHE C 440 -9.06 -9.57 30.02
C PHE C 440 -8.27 -9.49 31.30
N ARG C 441 -8.51 -8.48 32.15
CA ARG C 441 -7.93 -8.49 33.48
C ARG C 441 -8.40 -9.71 34.27
N GLU C 442 -9.71 -9.96 34.27
CA GLU C 442 -10.24 -11.12 34.98
C GLU C 442 -9.70 -12.42 34.39
N LEU C 443 -9.64 -12.50 33.06
CA LEU C 443 -9.14 -13.71 32.41
C LEU C 443 -7.67 -13.94 32.72
N THR C 444 -6.87 -12.87 32.80
CA THR C 444 -5.47 -13.03 33.17
C THR C 444 -5.33 -13.55 34.58
N GLU C 445 -6.15 -13.04 35.51
CA GLU C 445 -6.11 -13.57 36.87
C GLU C 445 -6.49 -15.04 36.89
N LEU C 446 -7.52 -15.42 36.14
CA LEU C 446 -7.92 -16.82 36.07
C LEU C 446 -6.81 -17.69 35.49
N LYS C 447 -6.16 -17.22 34.43
CA LYS C 447 -5.07 -17.99 33.82
C LYS C 447 -3.92 -18.18 34.79
N THR C 448 -3.61 -17.16 35.57
CA THR C 448 -2.57 -17.31 36.59
C THR C 448 -3.00 -18.27 37.69
N PHE C 449 -4.28 -18.31 38.03
CA PHE C 449 -4.80 -19.23 39.03
C PHE C 449 -4.91 -20.67 38.54
N ALA C 450 -5.01 -20.90 37.23
CA ALA C 450 -5.47 -22.17 36.70
C ALA C 450 -4.50 -23.32 37.01
N ASN C 451 -4.91 -24.51 36.59
CA ASN C 451 -4.19 -25.76 36.88
C ASN C 451 -3.99 -26.51 35.57
N TYR C 452 -2.81 -26.35 34.97
CA TYR C 452 -2.50 -26.98 33.68
C TYR C 452 -1.75 -28.29 33.93
N SER C 453 -2.51 -29.33 34.26
CA SER C 453 -1.95 -30.66 34.46
C SER C 453 -2.34 -31.63 33.36
N THR C 454 -3.59 -31.58 32.88
CA THR C 454 -4.04 -32.52 31.86
C THR C 454 -3.69 -32.08 30.45
N CYS C 455 -3.11 -30.90 30.27
CA CYS C 455 -2.67 -30.43 28.97
C CYS C 455 -1.17 -30.21 28.89
N ASP C 456 -0.56 -29.73 29.97
CA ASP C 456 0.86 -29.45 30.03
C ASP C 456 1.64 -30.69 30.44
N ARG C 457 2.72 -30.95 29.73
CA ARG C 457 3.50 -32.16 29.94
C ARG C 457 4.87 -31.91 30.56
N SER C 458 5.58 -30.88 30.11
CA SER C 458 6.95 -30.65 30.53
C SER C 458 7.07 -29.62 31.65
N ASN C 459 5.97 -29.32 32.33
CA ASN C 459 5.93 -28.35 33.43
C ASN C 459 6.43 -26.98 32.96
N LEU C 460 5.86 -26.53 31.84
CA LEU C 460 6.18 -25.20 31.32
C LEU C 460 5.64 -24.09 32.20
N ALA C 461 4.57 -24.35 32.94
CA ALA C 461 4.01 -23.32 33.82
C ALA C 461 5.00 -22.91 34.90
N ASP C 462 5.66 -23.89 35.52
CA ASP C 462 6.65 -23.59 36.53
C ASP C 462 7.84 -22.86 35.93
N TRP C 463 8.22 -23.21 34.70
CA TRP C 463 9.30 -22.51 34.03
C TRP C 463 8.96 -21.04 33.83
N LEU C 464 7.74 -20.76 33.36
CA LEU C 464 7.33 -19.38 33.16
C LEU C 464 7.25 -18.62 34.49
N GLY C 465 6.72 -19.27 35.52
CA GLY C 465 6.67 -18.66 36.83
C GLY C 465 8.03 -18.37 37.43
N SER C 466 9.03 -19.17 37.08
CA SER C 466 10.39 -18.90 37.55
C SER C 466 10.90 -17.57 36.99
N LEU C 467 10.66 -17.31 35.70
CA LEU C 467 10.99 -16.00 35.14
C LEU C 467 10.18 -14.92 35.83
N ASP C 468 8.86 -15.07 35.88
CA ASP C 468 8.02 -14.01 36.40
C ASP C 468 6.66 -14.60 36.75
N PRO C 469 6.15 -14.33 37.95
CA PRO C 469 4.82 -14.85 38.31
C PRO C 469 3.71 -14.37 37.39
N ARG C 470 3.96 -13.31 36.62
CA ARG C 470 3.00 -12.80 35.67
C ARG C 470 3.16 -13.42 34.28
N PHE C 471 4.15 -14.29 34.09
CA PHE C 471 4.30 -15.01 32.83
C PHE C 471 3.55 -16.33 32.82
N ARG C 472 3.01 -16.78 33.95
CA ARG C 472 2.35 -18.06 34.03
C ARG C 472 1.08 -18.11 33.20
N GLN C 473 0.51 -16.97 32.84
CA GLN C 473 -0.74 -16.92 32.08
C GLN C 473 -0.58 -17.38 30.64
N TYR C 474 0.64 -17.49 30.14
CA TYR C 474 0.89 -17.87 28.75
C TYR C 474 1.03 -19.37 28.57
N THR C 475 0.80 -20.15 29.64
CA THR C 475 1.07 -21.59 29.59
C THR C 475 0.18 -22.29 28.59
N TYR C 476 -1.12 -21.99 28.61
CA TYR C 476 -2.04 -22.68 27.70
C TYR C 476 -1.76 -22.30 26.26
N GLY C 477 -1.48 -21.02 26.01
CA GLY C 477 -1.12 -20.62 24.66
C GLY C 477 0.15 -21.28 24.17
N LEU C 478 1.11 -21.50 25.07
CA LEU C 478 2.35 -22.16 24.65
C LEU C 478 2.16 -23.65 24.43
N VAL C 479 1.28 -24.29 25.19
CA VAL C 479 1.15 -25.76 25.09
C VAL C 479 0.13 -26.16 24.04
N SER C 480 -0.78 -25.26 23.65
CA SER C 480 -1.70 -25.59 22.57
C SER C 480 -1.00 -25.58 21.22
N CYS C 481 0.16 -24.96 21.12
CA CYS C 481 0.96 -24.94 19.90
C CYS C 481 1.98 -26.06 19.85
N GLY C 482 1.90 -27.02 20.75
CA GLY C 482 2.84 -28.12 20.78
C GLY C 482 4.26 -27.70 21.13
N LEU C 483 4.41 -26.87 22.16
CA LEU C 483 5.70 -26.44 22.63
C LEU C 483 5.92 -26.94 24.05
N ASP C 484 7.18 -27.22 24.37
CA ASP C 484 7.54 -27.68 25.71
C ASP C 484 8.97 -27.21 26.00
N ARG C 485 9.53 -27.69 27.11
CA ARG C 485 10.85 -27.24 27.54
C ARG C 485 11.92 -27.58 26.52
N SER C 486 11.89 -28.79 25.97
CA SER C 486 12.93 -29.24 25.07
C SER C 486 12.84 -28.60 23.68
N LEU C 487 11.76 -27.87 23.39
CA LEU C 487 11.58 -27.25 22.09
C LEU C 487 11.59 -25.73 22.12
N LEU C 488 11.67 -25.12 23.29
CA LEU C 488 11.61 -23.66 23.39
C LEU C 488 12.84 -22.97 22.80
N HIS C 489 13.97 -23.65 22.72
CA HIS C 489 15.19 -23.00 22.26
C HIS C 489 15.23 -22.81 20.75
N ARG C 490 14.17 -23.19 20.03
CA ARG C 490 14.09 -22.99 18.60
C ARG C 490 12.98 -22.06 18.18
N VAL C 491 12.25 -21.48 19.12
CA VAL C 491 11.11 -20.63 18.80
C VAL C 491 11.59 -19.27 18.30
N SER C 492 10.82 -18.65 17.42
CA SER C 492 11.09 -17.33 16.90
C SER C 492 10.23 -16.29 17.61
N GLU C 493 10.51 -15.03 17.31
CA GLU C 493 9.71 -13.95 17.91
C GLU C 493 8.34 -13.85 17.24
N GLN C 494 8.28 -14.08 15.93
CA GLN C 494 7.01 -14.00 15.23
C GLN C 494 6.07 -15.12 15.66
N GLN C 495 6.62 -16.30 15.92
CA GLN C 495 5.80 -17.43 16.35
C GLN C 495 5.13 -17.14 17.69
N LEU C 496 5.88 -16.57 18.64
CA LEU C 496 5.31 -16.21 19.93
C LEU C 496 4.22 -15.16 19.81
N LEU C 497 4.24 -14.36 18.75
CA LEU C 497 3.24 -13.32 18.57
C LEU C 497 1.98 -13.85 17.88
N GLU C 498 2.14 -14.68 16.86
CA GLU C 498 0.99 -15.14 16.10
C GLU C 498 0.35 -16.36 16.73
N ASP C 499 1.15 -17.35 17.14
CA ASP C 499 0.62 -18.62 17.62
C ASP C 499 0.39 -18.61 19.13
N CYS C 500 1.44 -18.32 19.90
CA CYS C 500 1.33 -18.41 21.34
C CYS C 500 0.48 -17.27 21.92
N GLY C 501 0.23 -16.24 21.13
CA GLY C 501 -0.64 -15.17 21.55
C GLY C 501 -0.08 -14.19 22.55
N ILE C 502 1.24 -14.06 22.65
CA ILE C 502 1.86 -13.10 23.56
C ILE C 502 1.87 -11.75 22.84
N HIS C 503 1.28 -10.73 23.46
CA HIS C 503 1.09 -9.46 22.76
C HIS C 503 2.17 -8.45 23.15
N LEU C 504 2.50 -8.37 24.43
CA LEU C 504 3.52 -7.42 24.86
C LEU C 504 4.90 -7.84 24.38
N GLY C 505 5.59 -6.91 23.72
CA GLY C 505 6.90 -7.21 23.18
C GLY C 505 7.94 -7.48 24.23
N VAL C 506 7.83 -6.83 25.39
CA VAL C 506 8.80 -7.03 26.47
C VAL C 506 8.77 -8.48 26.94
N HIS C 507 7.56 -9.02 27.13
CA HIS C 507 7.45 -10.41 27.57
C HIS C 507 8.01 -11.37 26.52
N ARG C 508 7.74 -11.12 25.24
CA ARG C 508 8.28 -11.96 24.19
C ARG C 508 9.81 -11.92 24.20
N ALA C 509 10.38 -10.73 24.33
CA ALA C 509 11.84 -10.61 24.35
C ALA C 509 12.44 -11.34 25.54
N ARG C 510 11.84 -11.18 26.73
CA ARG C 510 12.35 -11.85 27.91
C ARG C 510 12.26 -13.36 27.77
N ILE C 511 11.15 -13.86 27.23
CA ILE C 511 10.98 -15.30 27.07
C ILE C 511 12.00 -15.84 26.07
N LEU C 512 12.24 -15.12 24.99
CA LEU C 512 13.26 -15.55 24.02
C LEU C 512 14.63 -15.61 24.67
N THR C 513 15.05 -14.52 25.33
CA THR C 513 16.37 -14.51 25.94
C THR C 513 16.53 -15.58 27.00
N ALA C 514 15.47 -15.88 27.75
CA ALA C 514 15.57 -16.95 28.74
C ALA C 514 15.60 -18.33 28.11
N ALA C 515 14.84 -18.53 27.03
CA ALA C 515 14.83 -19.83 26.38
C ALA C 515 16.17 -20.15 25.74
N ARG C 516 16.83 -19.13 25.16
CA ARG C 516 18.11 -19.37 24.50
C ARG C 516 19.20 -19.80 25.47
N GLU C 517 19.02 -19.60 26.78
CA GLU C 517 20.04 -20.02 27.74
C GLU C 517 19.96 -21.50 28.08
N MET C 518 18.97 -22.22 27.55
CA MET C 518 18.89 -23.67 27.82
C MET C 518 20.05 -24.42 27.19
N LEU C 519 20.64 -23.86 26.14
CA LEU C 519 21.72 -24.51 25.39
C LEU C 519 21.29 -25.88 24.87
N THR C 534 14.74 -57.79 29.22
CA THR C 534 15.60 -58.76 29.87
C THR C 534 15.15 -59.01 31.31
N PRO C 535 14.30 -60.02 31.51
CA PRO C 535 13.82 -60.32 32.85
C PRO C 535 14.97 -60.70 33.77
N ASP C 536 14.86 -60.28 35.03
CA ASP C 536 15.87 -60.56 36.04
C ASP C 536 15.49 -61.69 36.98
N VAL C 537 14.26 -61.73 37.46
CA VAL C 537 13.78 -62.82 38.31
C VAL C 537 12.41 -63.23 37.80
N PHE C 538 11.98 -64.43 38.19
CA PHE C 538 10.65 -64.91 37.83
C PHE C 538 9.92 -65.34 39.10
N ILE C 539 8.70 -64.84 39.24
CA ILE C 539 7.87 -65.13 40.40
C ILE C 539 6.83 -66.16 40.01
N SER C 540 6.89 -67.34 40.63
CA SER C 540 5.98 -68.43 40.35
C SER C 540 5.14 -68.72 41.59
N TYR C 541 3.83 -68.76 41.42
CA TYR C 541 2.90 -68.96 42.52
C TYR C 541 1.72 -69.81 42.06
N ARG C 542 0.81 -70.07 42.99
CA ARG C 542 -0.43 -70.79 42.72
C ARG C 542 -1.60 -69.83 42.89
N ARG C 543 -2.63 -70.01 42.07
CA ARG C 543 -3.81 -69.16 42.14
C ARG C 543 -4.49 -69.30 43.50
N ASN C 544 -4.97 -68.16 44.03
CA ASN C 544 -5.77 -68.10 45.25
C ASN C 544 -4.98 -68.50 46.49
N SER C 545 -3.67 -68.75 46.35
CA SER C 545 -2.86 -69.19 47.47
C SER C 545 -1.43 -68.71 47.22
N GLY C 546 -1.06 -67.61 47.86
CA GLY C 546 0.25 -67.01 47.68
C GLY C 546 0.27 -65.77 46.81
N SER C 547 -0.89 -65.34 46.30
CA SER C 547 -0.93 -64.17 45.42
C SER C 547 -0.48 -62.91 46.15
N GLN C 548 -0.91 -62.76 47.40
CA GLN C 548 -0.53 -61.58 48.18
C GLN C 548 0.98 -61.52 48.38
N LEU C 549 1.58 -62.65 48.77
CA LEU C 549 3.03 -62.68 48.99
C LEU C 549 3.78 -62.46 47.68
N ALA C 550 3.26 -63.01 46.57
CA ALA C 550 3.91 -62.79 45.28
C ALA C 550 3.92 -61.31 44.91
N SER C 551 2.79 -60.63 45.09
CA SER C 551 2.71 -59.21 44.77
C SER C 551 3.64 -58.39 45.66
N LEU C 552 3.64 -58.68 46.96
CA LEU C 552 4.51 -57.96 47.88
C LEU C 552 5.98 -58.17 47.53
N LEU C 553 6.36 -59.41 47.22
CA LEU C 553 7.73 -59.71 46.86
C LEU C 553 8.13 -58.99 45.57
N LYS C 554 7.24 -58.97 44.58
CA LYS C 554 7.54 -58.26 43.35
C LYS C 554 7.74 -56.77 43.60
N VAL C 555 6.88 -56.18 44.43
CA VAL C 555 6.99 -54.75 44.71
C VAL C 555 8.31 -54.45 45.39
N HIS C 556 8.68 -55.26 46.39
CA HIS C 556 9.94 -55.01 47.08
C HIS C 556 11.14 -55.18 46.16
N LEU C 557 11.11 -56.23 45.32
CA LEU C 557 12.23 -56.43 44.39
C LEU C 557 12.32 -55.29 43.38
N GLN C 558 11.18 -54.75 42.96
CA GLN C 558 11.19 -53.59 42.06
C GLN C 558 11.78 -52.38 42.77
N LEU C 559 11.43 -52.18 44.04
CA LEU C 559 12.00 -51.07 44.80
C LEU C 559 13.50 -51.22 45.03
N HIS C 560 14.00 -52.46 45.07
CA HIS C 560 15.42 -52.71 45.27
C HIS C 560 16.19 -52.85 43.96
N GLY C 561 15.70 -52.21 42.89
CA GLY C 561 16.45 -52.10 41.65
C GLY C 561 16.43 -53.33 40.76
N PHE C 562 15.52 -54.27 40.97
CA PHE C 562 15.43 -55.48 40.16
C PHE C 562 14.12 -55.45 39.38
N SER C 563 14.21 -55.57 38.06
CA SER C 563 13.03 -55.71 37.21
C SER C 563 12.48 -57.13 37.36
N VAL C 564 11.16 -57.25 37.38
CA VAL C 564 10.51 -58.51 37.68
C VAL C 564 9.38 -58.74 36.67
N PHE C 565 9.12 -60.00 36.36
CA PHE C 565 7.95 -60.40 35.58
C PHE C 565 7.13 -61.38 36.41
N ILE C 566 6.02 -60.91 36.96
CA ILE C 566 5.06 -61.76 37.64
C ILE C 566 4.03 -62.19 36.60
N ASP C 567 3.42 -63.35 36.79
CA ASP C 567 2.36 -63.79 35.89
C ASP C 567 1.13 -62.92 36.10
N VAL C 568 0.72 -62.23 35.04
CA VAL C 568 -0.35 -61.24 35.14
C VAL C 568 -1.71 -61.91 35.34
N GLU C 569 -1.93 -63.06 34.73
CA GLU C 569 -3.23 -63.74 34.83
C GLU C 569 -3.34 -64.49 36.15
N ASP C 578 2.55 -70.58 25.39
CA ASP C 578 3.67 -71.03 26.20
C ASP C 578 4.69 -69.93 26.41
N LYS C 579 4.23 -68.67 26.26
CA LYS C 579 5.13 -67.52 26.42
C LYS C 579 5.73 -67.47 27.82
N LEU C 580 5.03 -68.00 28.81
CA LEU C 580 5.56 -68.04 30.17
C LEU C 580 6.83 -68.88 30.23
N ILE C 581 6.92 -69.92 29.40
CA ILE C 581 8.13 -70.75 29.37
C ILE C 581 9.32 -69.95 28.83
N GLN C 582 9.12 -69.24 27.71
CA GLN C 582 10.19 -68.41 27.20
C GLN C 582 10.58 -67.34 28.22
N SER C 583 9.59 -66.80 28.95
CA SER C 583 9.90 -65.81 29.97
C SER C 583 10.74 -66.40 31.09
N VAL C 584 10.40 -67.60 31.56
CA VAL C 584 11.13 -68.18 32.70
C VAL C 584 12.55 -68.56 32.27
N MET C 585 12.73 -69.03 31.04
CA MET C 585 14.10 -69.27 30.56
C MET C 585 14.87 -67.96 30.41
N GLY C 586 14.20 -66.90 29.94
CA GLY C 586 14.88 -65.62 29.79
C GLY C 586 15.31 -65.02 31.11
N ALA C 587 14.52 -65.25 32.17
CA ALA C 587 14.83 -64.71 33.48
C ALA C 587 16.07 -65.39 34.04
N ARG C 588 17.00 -64.58 34.56
CA ARG C 588 18.21 -65.14 35.15
C ARG C 588 17.92 -65.96 36.40
N ASN C 589 16.97 -65.50 37.21
CA ASN C 589 16.67 -66.11 38.49
C ASN C 589 15.24 -66.65 38.51
N PHE C 590 15.01 -67.59 39.41
CA PHE C 590 13.70 -68.22 39.57
C PHE C 590 13.32 -68.23 41.04
N VAL C 591 12.05 -67.88 41.31
CA VAL C 591 11.52 -67.80 42.66
C VAL C 591 10.23 -68.60 42.72
N LEU C 592 10.12 -69.46 43.73
CA LEU C 592 8.95 -70.32 43.92
C LEU C 592 8.41 -70.12 45.32
N VAL C 593 7.37 -69.28 45.44
CA VAL C 593 6.78 -69.01 46.75
C VAL C 593 6.12 -70.27 47.27
N LEU C 594 6.24 -70.51 48.58
CA LEU C 594 5.68 -71.69 49.22
C LEU C 594 4.47 -71.28 50.05
N SER C 595 3.33 -71.23 49.39
CA SER C 595 2.05 -70.98 50.05
C SER C 595 1.54 -72.26 50.71
N PRO C 596 0.76 -72.13 51.78
CA PRO C 596 0.18 -73.33 52.41
C PRO C 596 -0.76 -74.06 51.46
N GLY C 597 -0.62 -75.37 51.40
CA GLY C 597 -1.44 -76.18 50.52
C GLY C 597 -1.27 -75.86 49.04
N ALA C 598 -0.03 -75.63 48.61
CA ALA C 598 0.24 -75.30 47.21
C ALA C 598 0.58 -76.54 46.40
N LEU C 599 1.65 -77.25 46.78
CA LEU C 599 2.09 -78.41 46.02
C LEU C 599 1.27 -79.65 46.31
N ASP C 600 0.25 -79.57 47.18
CA ASP C 600 -0.59 -80.72 47.43
C ASP C 600 -1.32 -81.18 46.18
N LYS C 601 -1.79 -80.23 45.36
CA LYS C 601 -2.51 -80.60 44.15
C LYS C 601 -1.61 -81.34 43.17
N CYS C 602 -0.37 -80.90 43.02
CA CYS C 602 0.56 -81.55 42.11
C CYS C 602 1.15 -82.82 42.74
N ASP C 610 0.31 -79.64 35.16
CA ASP C 610 0.27 -78.44 35.99
C ASP C 610 1.23 -77.37 35.47
N TRP C 611 0.76 -76.13 35.48
CA TRP C 611 1.61 -75.01 35.07
C TRP C 611 2.81 -74.87 36.01
N VAL C 612 2.59 -75.03 37.31
CA VAL C 612 3.69 -74.94 38.27
C VAL C 612 4.70 -76.05 38.01
N HIS C 613 4.23 -77.27 37.75
CA HIS C 613 5.14 -78.37 37.49
C HIS C 613 5.99 -78.11 36.25
N LYS C 614 5.37 -77.70 35.15
CA LYS C 614 6.13 -77.47 33.93
C LYS C 614 7.12 -76.32 34.10
N GLU C 615 6.71 -75.25 34.78
CA GLU C 615 7.64 -74.15 34.96
C GLU C 615 8.81 -74.51 35.87
N ILE C 616 8.56 -75.29 36.94
CA ILE C 616 9.67 -75.64 37.83
C ILE C 616 10.61 -76.63 37.15
N VAL C 617 10.08 -77.56 36.35
CA VAL C 617 10.99 -78.48 35.65
C VAL C 617 11.76 -77.74 34.56
N THR C 618 11.13 -76.75 33.91
CA THR C 618 11.85 -75.93 32.96
C THR C 618 12.97 -75.15 33.63
N ALA C 619 12.70 -74.61 34.82
CA ALA C 619 13.74 -73.92 35.58
C ALA C 619 14.86 -74.87 35.98
N LEU C 620 14.53 -76.08 36.42
CA LEU C 620 15.55 -77.03 36.85
C LEU C 620 16.33 -77.58 35.66
N SER C 621 15.78 -77.47 34.46
CA SER C 621 16.52 -77.88 33.27
C SER C 621 17.83 -77.10 33.15
N CYS C 622 17.78 -75.80 33.40
CA CYS C 622 19.02 -75.01 33.44
C CYS C 622 19.67 -75.03 34.82
N GLY C 623 18.86 -75.02 35.89
CA GLY C 623 19.38 -75.01 37.23
C GLY C 623 20.13 -73.74 37.57
N LYS C 624 19.43 -72.61 37.61
CA LYS C 624 20.04 -71.29 37.80
C LYS C 624 19.39 -70.58 38.98
N ASN C 625 19.88 -70.87 40.19
CA ASN C 625 19.60 -70.09 41.39
C ASN C 625 18.10 -70.01 41.68
N ILE C 626 17.52 -71.16 41.99
CA ILE C 626 16.12 -71.23 42.41
C ILE C 626 16.06 -71.19 43.93
N VAL C 627 15.16 -70.35 44.46
CA VAL C 627 15.02 -70.20 45.90
C VAL C 627 13.54 -70.19 46.32
N PRO C 628 13.06 -71.26 46.95
CA PRO C 628 11.71 -71.23 47.52
C PRO C 628 11.65 -70.53 48.86
N ILE C 629 10.69 -69.63 49.04
CA ILE C 629 10.50 -68.95 50.32
C ILE C 629 9.37 -69.63 51.07
N ILE C 630 9.66 -70.12 52.27
CA ILE C 630 8.71 -70.93 53.02
C ILE C 630 7.72 -70.01 53.74
N ASP C 631 6.43 -70.24 53.50
CA ASP C 631 5.35 -69.58 54.24
C ASP C 631 4.32 -70.67 54.57
N GLY C 632 4.51 -71.34 55.70
CA GLY C 632 3.61 -72.42 56.08
C GLY C 632 3.62 -73.60 55.13
N PHE C 633 4.80 -74.06 54.74
CA PHE C 633 4.95 -75.19 53.83
C PHE C 633 5.62 -76.34 54.56
N GLU C 634 5.01 -77.52 54.50
CA GLU C 634 5.48 -78.68 55.24
C GLU C 634 6.25 -79.67 54.39
N TRP C 635 6.58 -79.31 53.15
CA TRP C 635 7.35 -80.15 52.25
C TRP C 635 6.75 -81.56 52.11
N PRO C 636 5.61 -81.69 51.42
CA PRO C 636 4.95 -82.99 51.21
C PRO C 636 5.84 -84.01 50.50
N GLN C 646 10.45 -84.84 40.33
CA GLN C 646 10.50 -84.12 41.60
C GLN C 646 11.88 -83.56 41.88
N ALA C 647 12.53 -84.08 42.92
CA ALA C 647 13.84 -83.62 43.37
C ALA C 647 13.84 -82.12 43.64
N VAL C 648 12.75 -81.63 44.23
CA VAL C 648 12.58 -80.20 44.49
C VAL C 648 12.72 -79.94 45.98
N LEU C 649 12.61 -80.99 46.79
CA LEU C 649 12.75 -80.83 48.23
C LEU C 649 14.20 -80.72 48.67
N THR C 650 15.16 -81.04 47.79
CA THR C 650 16.58 -80.92 48.11
C THR C 650 17.06 -79.49 47.87
N PHE C 651 16.38 -78.55 48.51
CA PHE C 651 16.71 -77.14 48.37
C PHE C 651 16.41 -76.43 49.68
N ASN C 652 17.05 -75.28 49.88
CA ASN C 652 16.91 -74.50 51.08
C ASN C 652 16.14 -73.21 50.78
N GLY C 653 15.63 -72.59 51.84
CA GLY C 653 14.85 -71.38 51.69
C GLY C 653 14.89 -70.46 52.89
N ILE C 654 14.02 -69.44 52.89
CA ILE C 654 13.99 -68.43 53.93
C ILE C 654 12.58 -68.38 54.51
N LYS C 655 12.50 -68.36 55.84
CA LYS C 655 11.23 -68.17 56.53
C LYS C 655 10.73 -66.74 56.33
N TRP C 656 9.42 -66.61 56.14
CA TRP C 656 8.80 -65.33 55.85
C TRP C 656 8.17 -64.76 57.11
N SER C 657 8.19 -63.43 57.22
CA SER C 657 7.61 -62.70 58.34
C SER C 657 6.82 -61.52 57.79
N HIS C 658 5.50 -61.51 58.04
CA HIS C 658 4.66 -60.41 57.56
C HIS C 658 4.99 -59.10 58.28
N GLU C 659 5.29 -59.17 59.58
CA GLU C 659 5.54 -57.98 60.38
C GLU C 659 7.01 -57.60 60.44
N TYR C 660 7.92 -58.56 60.43
CA TYR C 660 9.35 -58.28 60.47
C TYR C 660 9.92 -58.24 59.04
N GLN C 661 9.38 -57.33 58.24
CA GLN C 661 9.81 -57.18 56.87
C GLN C 661 11.12 -56.39 56.81
N GLU C 662 11.63 -56.22 55.59
CA GLU C 662 12.89 -55.53 55.27
C GLU C 662 14.12 -56.28 55.76
N ALA C 663 13.95 -57.38 56.49
CA ALA C 663 15.05 -58.25 56.86
C ALA C 663 15.07 -59.53 56.04
N THR C 664 13.89 -60.12 55.82
CA THR C 664 13.78 -61.25 54.90
C THR C 664 14.13 -60.82 53.47
N ILE C 665 13.67 -59.64 53.07
CA ILE C 665 14.05 -59.10 51.77
C ILE C 665 15.54 -58.84 51.72
N GLU C 666 16.11 -58.35 52.83
CA GLU C 666 17.55 -58.15 52.91
C GLU C 666 18.30 -59.47 52.69
N LYS C 667 17.85 -60.54 53.35
CA LYS C 667 18.49 -61.83 53.20
C LYS C 667 18.35 -62.36 51.79
N ILE C 668 17.15 -62.22 51.19
CA ILE C 668 16.93 -62.76 49.86
C ILE C 668 17.74 -61.99 48.83
N ILE C 669 17.98 -60.70 49.07
CA ILE C 669 18.81 -59.92 48.16
C ILE C 669 20.22 -60.50 48.08
N ARG C 670 20.78 -60.84 49.24
CA ARG C 670 22.08 -61.53 49.25
C ARG C 670 21.98 -62.91 48.62
N PHE C 671 20.85 -63.60 48.83
CA PHE C 671 20.70 -64.95 48.30
C PHE C 671 20.75 -64.96 46.79
N LEU C 672 20.05 -64.03 46.15
CA LEU C 672 20.13 -63.88 44.69
C LEU C 672 20.34 -62.43 44.31
N VAL D 34 -41.26 -36.46 60.66
CA VAL D 34 -41.72 -37.84 60.51
C VAL D 34 -41.20 -38.70 61.66
N GLN D 35 -40.97 -39.99 61.38
CA GLN D 35 -40.54 -40.91 62.43
C GLN D 35 -39.14 -40.58 62.95
N ASP D 36 -38.36 -39.83 62.16
CA ASP D 36 -37.02 -39.43 62.63
C ASP D 36 -37.11 -38.51 63.84
N ALA D 37 -38.21 -37.76 63.96
CA ALA D 37 -38.36 -36.83 65.08
C ALA D 37 -38.34 -37.54 66.43
N LEU D 38 -38.64 -38.84 66.44
CA LEU D 38 -38.59 -39.60 67.68
C LEU D 38 -37.20 -39.55 68.29
N GLU D 39 -36.17 -39.86 67.50
CA GLU D 39 -34.81 -39.76 68.01
C GLU D 39 -34.26 -38.35 67.90
N ARG D 40 -34.89 -37.51 67.07
CA ARG D 40 -34.56 -36.08 67.09
C ARG D 40 -34.95 -35.42 68.40
N ALA D 41 -35.86 -36.03 69.17
CA ALA D 41 -36.14 -35.60 70.52
C ALA D 41 -35.01 -35.96 71.48
N LEU D 42 -34.01 -36.72 71.02
CA LEU D 42 -32.86 -37.14 71.80
C LEU D 42 -33.32 -37.96 73.00
N PRO D 43 -33.82 -39.18 72.76
CA PRO D 43 -34.34 -39.99 73.87
C PRO D 43 -33.28 -40.38 74.89
N GLU D 44 -32.05 -40.62 74.44
CA GLU D 44 -30.98 -41.08 75.31
C GLU D 44 -30.20 -39.95 75.96
N LEU D 45 -30.41 -38.71 75.55
CA LEU D 45 -29.67 -37.56 76.07
C LEU D 45 -28.15 -37.77 75.93
N GLN D 46 -27.75 -38.44 74.85
CA GLN D 46 -26.36 -38.80 74.61
C GLN D 46 -25.81 -39.65 75.75
N GLN D 47 -26.69 -40.44 76.38
CA GLN D 47 -26.36 -41.20 77.59
C GLN D 47 -25.78 -40.28 78.66
N ALA D 48 -26.60 -39.32 79.09
CA ALA D 48 -26.23 -38.31 80.07
C ALA D 48 -25.01 -37.51 79.60
N LEU D 49 -24.93 -37.29 78.29
CA LEU D 49 -23.81 -36.58 77.67
C LEU D 49 -22.49 -37.29 77.96
N SER D 50 -22.43 -38.55 77.56
CA SER D 50 -21.29 -39.42 77.78
C SER D 50 -20.93 -39.48 79.26
N ALA D 51 -21.93 -39.82 80.07
CA ALA D 51 -21.79 -39.96 81.52
C ALA D 51 -21.24 -38.70 82.18
N LEU D 52 -21.68 -37.53 81.71
CA LEU D 52 -21.38 -36.20 82.22
C LEU D 52 -19.94 -35.80 81.95
N LYS D 53 -19.16 -36.60 81.23
CA LYS D 53 -17.72 -36.48 81.01
C LYS D 53 -16.97 -36.68 82.31
N GLN D 54 -17.65 -37.06 83.40
CA GLN D 54 -17.03 -37.28 84.70
C GLN D 54 -16.83 -38.77 84.98
N ALA D 55 -16.55 -39.56 83.94
CA ALA D 55 -16.25 -40.97 84.16
C ALA D 55 -14.97 -41.13 84.97
N GLY D 56 -13.92 -40.39 84.60
CA GLY D 56 -12.71 -40.29 85.39
C GLY D 56 -11.86 -41.54 85.48
N GLY D 57 -12.38 -42.70 85.08
CA GLY D 57 -11.65 -43.95 85.18
C GLY D 57 -11.33 -44.50 83.80
N ALA D 58 -10.21 -45.22 83.71
CA ALA D 58 -9.82 -45.80 82.42
C ALA D 58 -10.85 -46.81 81.94
N ARG D 59 -11.20 -47.77 82.80
CA ARG D 59 -12.26 -48.71 82.45
C ARG D 59 -13.59 -48.01 82.28
N ALA D 60 -13.83 -46.95 83.04
CA ALA D 60 -15.09 -46.21 82.93
C ALA D 60 -15.25 -45.63 81.51
N VAL D 61 -14.25 -44.90 81.03
CA VAL D 61 -14.36 -44.31 79.70
C VAL D 61 -14.31 -45.39 78.63
N GLY D 62 -13.51 -46.44 78.83
CA GLY D 62 -13.45 -47.52 77.86
C GLY D 62 -14.80 -48.19 77.66
N ALA D 63 -15.54 -48.41 78.76
CA ALA D 63 -16.89 -48.92 78.65
C ALA D 63 -17.82 -47.87 78.04
N GLY D 64 -17.67 -46.60 78.45
CA GLY D 64 -18.59 -45.58 78.01
C GLY D 64 -18.58 -45.38 76.51
N LEU D 65 -17.41 -45.45 75.89
CA LEU D 65 -17.34 -45.31 74.44
C LEU D 65 -18.10 -46.43 73.72
N ALA D 66 -18.15 -47.62 74.31
CA ALA D 66 -18.72 -48.77 73.62
C ALA D 66 -20.22 -48.58 73.35
N GLU D 67 -20.98 -48.17 74.37
CA GLU D 67 -22.42 -48.07 74.17
C GLU D 67 -22.79 -46.88 73.29
N VAL D 68 -22.07 -45.77 73.38
CA VAL D 68 -22.37 -44.66 72.48
C VAL D 68 -22.04 -45.04 71.05
N PHE D 69 -20.94 -45.77 70.84
CA PHE D 69 -20.60 -46.24 69.50
C PHE D 69 -21.68 -47.18 68.96
N GLN D 70 -22.14 -48.12 69.79
CA GLN D 70 -23.18 -49.00 69.29
C GLN D 70 -24.48 -48.25 69.02
N LEU D 71 -24.86 -47.32 69.90
CA LEU D 71 -26.09 -46.55 69.67
C LEU D 71 -26.03 -45.81 68.34
N VAL D 72 -24.92 -45.14 68.05
CA VAL D 72 -24.83 -44.48 66.76
C VAL D 72 -24.75 -45.51 65.63
N GLU D 73 -24.33 -46.74 65.95
CA GLU D 73 -24.31 -47.77 64.91
C GLU D 73 -25.72 -48.14 64.44
N GLU D 74 -26.65 -48.46 65.36
CA GLU D 74 -28.01 -48.67 64.91
C GLU D 74 -28.66 -47.38 64.42
N ALA D 75 -28.19 -46.22 64.90
CA ALA D 75 -28.67 -44.97 64.32
C ALA D 75 -28.35 -44.90 62.84
N TRP D 76 -27.16 -45.34 62.46
CA TRP D 76 -26.82 -45.48 61.04
C TRP D 76 -27.68 -46.53 60.37
N LEU D 77 -27.83 -47.70 61.01
CA LEU D 77 -28.47 -48.86 60.41
C LEU D 77 -29.95 -48.87 60.77
N LEU D 78 -30.75 -48.12 60.02
CA LEU D 78 -32.20 -48.18 60.11
C LEU D 78 -32.77 -47.55 58.84
N PRO D 79 -33.85 -48.11 58.29
CA PRO D 79 -34.20 -47.87 56.88
C PRO D 79 -34.80 -46.49 56.63
N ALA D 80 -34.33 -45.84 55.57
CA ALA D 80 -35.00 -44.74 54.87
C ALA D 80 -35.01 -43.41 55.63
N VAL D 81 -34.59 -43.41 56.90
CA VAL D 81 -34.46 -42.17 57.64
C VAL D 81 -33.12 -42.16 58.38
N GLY D 82 -32.46 -43.31 58.42
CA GLY D 82 -31.19 -43.41 59.10
C GLY D 82 -30.11 -42.53 58.49
N ARG D 83 -30.06 -42.49 57.16
CA ARG D 83 -29.05 -41.69 56.47
C ARG D 83 -29.17 -40.22 56.84
N GLU D 84 -30.40 -39.70 56.90
CA GLU D 84 -30.59 -38.30 57.24
C GLU D 84 -30.40 -38.05 58.73
N VAL D 85 -30.87 -38.97 59.58
CA VAL D 85 -30.76 -38.73 61.02
C VAL D 85 -29.31 -38.87 61.48
N ALA D 86 -28.46 -39.53 60.68
CA ALA D 86 -27.04 -39.60 61.02
C ALA D 86 -26.43 -38.20 61.02
N GLN D 87 -26.80 -37.37 60.06
CA GLN D 87 -26.33 -35.98 60.05
C GLN D 87 -26.82 -35.23 61.27
N GLY D 88 -28.06 -35.48 61.69
CA GLY D 88 -28.57 -34.84 62.89
C GLY D 88 -27.81 -35.23 64.13
N LEU D 89 -27.51 -36.52 64.28
CA LEU D 89 -26.72 -36.97 65.42
C LEU D 89 -25.30 -36.40 65.39
N CYS D 90 -24.70 -36.34 64.20
CA CYS D 90 -23.37 -35.74 64.08
C CYS D 90 -23.40 -34.26 64.44
N ASP D 91 -24.42 -33.53 64.00
CA ASP D 91 -24.56 -32.13 64.40
C ASP D 91 -24.74 -32.01 65.90
N ALA D 92 -25.53 -32.90 66.51
CA ALA D 92 -25.75 -32.86 67.94
C ALA D 92 -24.45 -33.08 68.72
N ILE D 93 -23.66 -34.08 68.31
CA ILE D 93 -22.42 -34.34 69.03
C ILE D 93 -21.41 -33.22 68.80
N ARG D 94 -21.38 -32.66 67.59
CA ARG D 94 -20.46 -31.56 67.31
C ARG D 94 -20.80 -30.34 68.15
N LEU D 95 -22.09 -30.01 68.26
CA LEU D 95 -22.47 -28.87 69.09
C LEU D 95 -22.30 -29.15 70.58
N ASP D 96 -22.47 -30.40 71.01
CA ASP D 96 -22.25 -30.74 72.40
C ASP D 96 -20.76 -30.74 72.78
N GLY D 97 -19.88 -30.98 71.82
CA GLY D 97 -18.45 -31.01 72.11
C GLY D 97 -17.84 -32.38 72.17
N GLY D 98 -18.55 -33.42 71.73
CA GLY D 98 -17.97 -34.74 71.66
C GLY D 98 -16.75 -34.82 70.77
N LEU D 99 -16.67 -33.97 69.75
CA LEU D 99 -15.49 -33.93 68.91
C LEU D 99 -14.25 -33.54 69.72
N ASP D 100 -14.34 -32.43 70.46
CA ASP D 100 -13.22 -32.02 71.30
C ASP D 100 -12.98 -33.04 72.41
N LEU D 101 -14.04 -33.69 72.89
CA LEU D 101 -13.88 -34.75 73.88
C LEU D 101 -12.97 -35.86 73.34
N LEU D 102 -13.28 -36.35 72.13
CA LEU D 102 -12.45 -37.38 71.52
C LEU D 102 -11.04 -36.88 71.26
N LEU D 103 -10.93 -35.66 70.73
CA LEU D 103 -9.62 -35.10 70.41
C LEU D 103 -8.73 -34.97 71.65
N ARG D 104 -9.32 -34.70 72.81
CA ARG D 104 -8.55 -34.74 74.05
C ARG D 104 -8.30 -36.16 74.53
N LEU D 105 -9.25 -37.08 74.27
CA LEU D 105 -9.12 -38.45 74.75
C LEU D 105 -8.01 -39.22 74.04
N LEU D 106 -7.73 -38.88 72.78
CA LEU D 106 -6.83 -39.68 71.96
C LEU D 106 -5.37 -39.64 72.40
N GLN D 107 -5.04 -38.95 73.50
CA GLN D 107 -3.65 -38.83 73.91
C GLN D 107 -3.29 -39.65 75.14
N ALA D 108 -4.28 -40.10 75.91
CA ALA D 108 -4.02 -40.76 77.19
C ALA D 108 -3.25 -42.06 77.02
N PRO D 109 -1.99 -42.12 77.47
CA PRO D 109 -1.22 -43.38 77.36
C PRO D 109 -1.79 -44.50 78.20
N GLU D 110 -2.34 -44.19 79.38
CA GLU D 110 -2.95 -45.22 80.22
C GLU D 110 -4.22 -45.75 79.56
N LEU D 111 -4.78 -45.02 78.61
CA LEU D 111 -5.90 -45.50 77.81
C LEU D 111 -5.37 -46.13 76.53
N GLU D 112 -4.79 -47.33 76.69
CA GLU D 112 -4.26 -48.05 75.54
C GLU D 112 -5.33 -48.34 74.50
N THR D 113 -6.60 -48.32 74.90
CA THR D 113 -7.71 -48.52 73.98
C THR D 113 -8.22 -47.17 73.44
N ARG D 114 -7.37 -46.55 72.62
CA ARG D 114 -7.86 -45.49 71.74
C ARG D 114 -8.72 -46.06 70.62
N VAL D 115 -8.88 -47.38 70.59
CA VAL D 115 -9.60 -48.05 69.50
C VAL D 115 -11.05 -47.58 69.44
N GLN D 116 -11.74 -47.60 70.58
CA GLN D 116 -13.14 -47.21 70.59
C GLN D 116 -13.31 -45.73 70.23
N ALA D 117 -12.43 -44.88 70.74
CA ALA D 117 -12.52 -43.46 70.41
C ALA D 117 -12.28 -43.21 68.92
N ALA D 118 -11.31 -43.90 68.33
CA ALA D 118 -11.04 -43.76 66.91
C ALA D 118 -12.22 -44.27 66.08
N ARG D 119 -12.79 -45.41 66.48
CA ARG D 119 -13.96 -45.94 65.77
C ARG D 119 -15.14 -44.99 65.87
N LEU D 120 -15.33 -44.36 67.03
CA LEU D 120 -16.41 -43.38 67.17
C LEU D 120 -16.17 -42.16 66.30
N LEU D 121 -14.94 -41.63 66.29
CA LEU D 121 -14.63 -40.49 65.43
C LEU D 121 -14.79 -40.83 63.96
N GLU D 122 -14.57 -42.10 63.61
CA GLU D 122 -14.71 -42.54 62.23
C GLU D 122 -16.13 -42.31 61.71
N GLN D 123 -17.13 -42.80 62.45
CA GLN D 123 -18.49 -42.82 61.94
C GLN D 123 -19.12 -41.43 61.96
N ILE D 124 -18.65 -40.56 62.84
CA ILE D 124 -19.30 -39.27 63.05
C ILE D 124 -18.75 -38.21 62.11
N LEU D 125 -17.94 -38.63 61.14
CA LEU D 125 -17.31 -37.68 60.22
C LEU D 125 -18.21 -37.39 59.03
N VAL D 126 -18.86 -36.23 59.05
CA VAL D 126 -19.50 -35.65 57.88
C VAL D 126 -18.73 -34.37 57.54
N ALA D 127 -19.27 -33.60 56.59
CA ALA D 127 -18.54 -32.43 56.09
C ALA D 127 -18.26 -31.42 57.20
N GLU D 128 -19.27 -31.11 58.00
CA GLU D 128 -19.11 -30.11 59.06
C GLU D 128 -18.12 -30.56 60.12
N ASN D 129 -18.16 -31.83 60.52
CA ASN D 129 -17.17 -32.37 61.43
C ASN D 129 -15.78 -32.41 60.81
N ARG D 130 -15.69 -32.66 59.51
CA ARG D 130 -14.40 -32.68 58.83
C ARG D 130 -13.74 -31.31 58.84
N ASP D 131 -14.52 -30.25 58.62
CA ASP D 131 -13.94 -28.92 58.69
C ASP D 131 -13.45 -28.61 60.11
N ARG D 132 -14.23 -29.00 61.11
CA ARG D 132 -13.83 -28.76 62.50
C ARG D 132 -12.56 -29.52 62.85
N VAL D 133 -12.44 -30.77 62.39
CA VAL D 133 -11.22 -31.54 62.64
C VAL D 133 -10.04 -30.92 61.90
N ALA D 134 -10.24 -30.53 60.64
CA ALA D 134 -9.16 -29.92 59.88
C ALA D 134 -8.67 -28.63 60.52
N ARG D 135 -9.54 -27.94 61.26
CA ARG D 135 -9.11 -26.72 61.93
C ARG D 135 -8.04 -26.99 62.99
N ILE D 136 -8.25 -28.01 63.83
CA ILE D 136 -7.49 -28.10 65.08
C ILE D 136 -6.77 -29.42 65.30
N GLY D 137 -7.19 -30.54 64.73
CA GLY D 137 -6.71 -31.82 65.22
C GLY D 137 -5.68 -32.53 64.37
N LEU D 138 -5.11 -31.86 63.35
CA LEU D 138 -4.17 -32.56 62.49
C LEU D 138 -2.90 -32.97 63.20
N GLY D 139 -2.38 -32.14 64.11
CA GLY D 139 -1.18 -32.48 64.83
C GLY D 139 -1.33 -33.75 65.64
N VAL D 140 -2.44 -33.86 66.38
CA VAL D 140 -2.66 -35.05 67.20
C VAL D 140 -2.97 -36.26 66.31
N ILE D 141 -3.71 -36.07 65.23
CA ILE D 141 -3.99 -37.20 64.33
C ILE D 141 -2.69 -37.71 63.72
N LEU D 142 -1.84 -36.79 63.26
CA LEU D 142 -0.59 -37.19 62.64
C LEU D 142 0.38 -37.77 63.66
N ASN D 143 0.30 -37.34 64.91
CA ASN D 143 1.06 -38.00 65.97
C ASN D 143 0.56 -39.42 66.23
N LEU D 144 -0.76 -39.64 66.16
CA LEU D 144 -1.31 -40.98 66.25
C LEU D 144 -0.91 -41.83 65.05
N ALA D 145 -0.65 -41.19 63.90
CA ALA D 145 -0.33 -41.94 62.68
C ALA D 145 0.97 -42.71 62.79
N LYS D 146 1.84 -42.37 63.74
CA LYS D 146 3.07 -43.14 63.93
C LYS D 146 2.83 -44.46 64.63
N GLU D 147 1.67 -44.65 65.26
CA GLU D 147 1.34 -45.91 65.91
C GLU D 147 0.74 -46.87 64.89
N ARG D 148 1.63 -47.73 64.36
CA ARG D 148 1.26 -48.69 63.32
C ARG D 148 1.17 -50.12 63.83
N GLU D 149 1.47 -50.36 65.10
CA GLU D 149 1.46 -51.69 65.69
C GLU D 149 0.06 -52.34 65.68
N PRO D 150 -0.99 -51.69 66.18
CA PRO D 150 -2.28 -52.40 66.32
C PRO D 150 -3.12 -52.30 65.06
N VAL D 151 -3.57 -53.47 64.59
CA VAL D 151 -4.43 -53.52 63.41
C VAL D 151 -5.80 -52.92 63.73
N GLU D 152 -6.30 -53.16 64.94
CA GLU D 152 -7.63 -52.66 65.30
C GLU D 152 -7.64 -51.14 65.40
N LEU D 153 -6.47 -50.53 65.57
CA LEU D 153 -6.37 -49.07 65.57
C LEU D 153 -6.04 -48.52 64.19
N ALA D 154 -5.22 -49.27 63.43
CA ALA D 154 -4.91 -48.88 62.07
C ALA D 154 -6.16 -48.87 61.19
N ARG D 155 -7.02 -49.88 61.34
CA ARG D 155 -8.25 -49.97 60.57
C ARG D 155 -9.16 -48.78 60.78
N SER D 156 -9.00 -48.06 61.88
CA SER D 156 -9.74 -46.83 62.13
C SER D 156 -8.99 -45.59 61.64
N VAL D 157 -7.72 -45.43 62.04
CA VAL D 157 -7.00 -44.22 61.70
C VAL D 157 -6.86 -44.09 60.18
N ALA D 158 -6.76 -45.21 59.47
CA ALA D 158 -6.78 -45.16 58.01
C ALA D 158 -8.13 -44.63 57.52
N GLY D 159 -9.22 -44.97 58.20
CA GLY D 159 -10.51 -44.45 57.82
C GLY D 159 -10.63 -42.94 58.05
N ILE D 160 -10.11 -42.46 59.18
CA ILE D 160 -10.06 -41.01 59.38
C ILE D 160 -9.25 -40.34 58.27
N LEU D 161 -8.10 -40.94 57.92
CA LEU D 161 -7.27 -40.35 56.88
C LEU D 161 -7.98 -40.32 55.53
N GLU D 162 -8.68 -41.41 55.18
CA GLU D 162 -9.35 -41.45 53.89
C GLU D 162 -10.54 -40.49 53.85
N HIS D 163 -11.22 -40.31 54.98
CA HIS D 163 -12.26 -39.29 55.04
C HIS D 163 -11.66 -37.89 54.90
N MET D 164 -10.52 -37.66 55.54
CA MET D 164 -9.92 -36.33 55.55
C MET D 164 -9.37 -35.96 54.17
N PHE D 165 -8.83 -36.93 53.44
CA PHE D 165 -8.26 -36.61 52.13
C PHE D 165 -9.29 -36.08 51.15
N LYS D 166 -10.57 -36.27 51.44
CA LYS D 166 -11.63 -35.66 50.65
C LYS D 166 -11.76 -34.17 50.88
N HIS D 167 -11.03 -33.62 51.85
CA HIS D 167 -11.10 -32.19 52.14
C HIS D 167 -10.23 -31.42 51.15
N SER D 168 -9.96 -30.16 51.46
CA SER D 168 -9.37 -29.23 50.50
C SER D 168 -7.91 -29.58 50.22
N GLU D 169 -7.39 -28.95 49.16
CA GLU D 169 -5.99 -29.14 48.79
C GLU D 169 -5.05 -28.70 49.91
N GLU D 170 -5.48 -27.74 50.74
CA GLU D 170 -4.67 -27.34 51.88
C GLU D 170 -4.43 -28.50 52.82
N THR D 171 -5.50 -29.20 53.21
CA THR D 171 -5.36 -30.35 54.11
C THR D 171 -4.62 -31.48 53.43
N CYS D 172 -4.86 -31.68 52.13
CA CYS D 172 -4.14 -32.71 51.41
C CYS D 172 -2.64 -32.45 51.43
N GLN D 173 -2.22 -31.22 51.16
CA GLN D 173 -0.82 -30.84 51.21
C GLN D 173 -0.23 -30.97 52.61
N ARG D 174 -0.98 -30.57 53.64
CA ARG D 174 -0.48 -30.71 54.99
C ARG D 174 -0.26 -32.18 55.36
N LEU D 175 -1.22 -33.05 55.04
CA LEU D 175 -1.07 -34.46 55.35
C LEU D 175 0.08 -35.08 54.57
N VAL D 176 0.19 -34.77 53.27
CA VAL D 176 1.25 -35.35 52.45
C VAL D 176 2.62 -34.92 52.97
N ALA D 177 2.76 -33.63 53.29
CA ALA D 177 4.03 -33.13 53.79
C ALA D 177 4.36 -33.72 55.16
N ALA D 178 3.36 -33.88 56.03
CA ALA D 178 3.63 -34.34 57.38
C ALA D 178 3.95 -35.82 57.45
N GLY D 179 3.23 -36.66 56.71
CA GLY D 179 3.49 -38.08 56.80
C GLY D 179 2.29 -39.00 56.77
N GLY D 180 1.09 -38.42 56.64
CA GLY D 180 -0.10 -39.24 56.48
C GLY D 180 -0.03 -40.13 55.26
N LEU D 181 0.48 -39.60 54.15
CA LEU D 181 0.66 -40.40 52.95
C LEU D 181 1.63 -41.55 53.19
N ASP D 182 2.73 -41.29 53.91
CA ASP D 182 3.68 -42.35 54.23
C ASP D 182 3.03 -43.42 55.09
N ALA D 183 2.22 -43.00 56.06
CA ALA D 183 1.51 -43.97 56.90
C ALA D 183 0.56 -44.83 56.08
N VAL D 184 -0.15 -44.22 55.13
CA VAL D 184 -1.05 -44.98 54.28
C VAL D 184 -0.27 -45.96 53.41
N LEU D 185 0.86 -45.52 52.84
CA LEU D 185 1.64 -46.39 51.97
C LEU D 185 2.29 -47.53 52.75
N TYR D 186 2.56 -47.33 54.04
CA TYR D 186 3.14 -48.41 54.83
C TYR D 186 2.17 -49.58 54.96
N TRP D 187 0.88 -49.30 55.14
CA TRP D 187 -0.11 -50.32 55.43
C TRP D 187 -0.55 -51.11 54.20
N CYS D 188 0.02 -50.86 53.04
CA CYS D 188 -0.35 -51.63 51.86
C CYS D 188 0.17 -53.05 51.94
N ARG D 189 1.16 -53.31 52.78
CA ARG D 189 1.62 -54.68 53.00
C ARG D 189 0.70 -55.46 53.91
N ARG D 190 -0.22 -54.81 54.60
CA ARG D 190 -1.10 -55.49 55.55
C ARG D 190 -2.10 -56.36 54.80
N THR D 191 -2.84 -57.17 55.58
CA THR D 191 -3.76 -58.14 55.03
C THR D 191 -5.21 -57.90 55.43
N ASP D 192 -5.48 -57.02 56.39
CA ASP D 192 -6.86 -56.79 56.81
C ASP D 192 -7.68 -56.23 55.65
N PRO D 193 -8.80 -56.87 55.30
CA PRO D 193 -9.62 -56.37 54.18
C PRO D 193 -10.05 -54.92 54.37
N ALA D 194 -10.59 -54.60 55.55
CA ALA D 194 -11.09 -53.25 55.78
C ALA D 194 -9.96 -52.23 55.76
N LEU D 195 -8.81 -52.57 56.35
CA LEU D 195 -7.69 -51.65 56.36
C LEU D 195 -7.15 -51.39 54.95
N LEU D 196 -7.03 -52.46 54.16
CA LEU D 196 -6.56 -52.29 52.78
C LEU D 196 -7.56 -51.49 51.95
N ARG D 197 -8.86 -51.74 52.14
CA ARG D 197 -9.87 -50.97 51.42
C ARG D 197 -9.81 -49.49 51.80
N HIS D 198 -9.62 -49.22 53.09
CA HIS D 198 -9.46 -47.84 53.53
C HIS D 198 -8.24 -47.20 52.90
N CYS D 199 -7.13 -47.92 52.84
CA CYS D 199 -5.92 -47.37 52.24
C CYS D 199 -6.12 -47.08 50.75
N ALA D 200 -6.76 -48.00 50.03
CA ALA D 200 -7.01 -47.80 48.61
C ALA D 200 -7.91 -46.59 48.38
N LEU D 201 -8.98 -46.48 49.18
CA LEU D 201 -9.88 -45.34 49.04
C LEU D 201 -9.19 -44.03 49.43
N ALA D 202 -8.29 -44.07 50.42
CA ALA D 202 -7.53 -42.89 50.79
C ALA D 202 -6.65 -42.43 49.64
N LEU D 203 -5.93 -43.36 49.02
CA LEU D 203 -5.07 -42.98 47.90
C LEU D 203 -5.89 -42.46 46.73
N GLY D 204 -7.03 -43.08 46.46
CA GLY D 204 -7.90 -42.56 45.40
C GLY D 204 -8.40 -41.15 45.68
N ASN D 205 -8.88 -40.91 46.90
CA ASN D 205 -9.39 -39.59 47.26
C ASN D 205 -8.28 -38.55 47.20
N CYS D 206 -7.08 -38.90 47.66
CA CYS D 206 -5.96 -37.97 47.59
C CYS D 206 -5.62 -37.64 46.14
N ALA D 207 -5.59 -38.67 45.28
CA ALA D 207 -5.28 -38.43 43.87
C ALA D 207 -6.33 -37.53 43.22
N LEU D 208 -7.61 -37.73 43.56
CA LEU D 208 -8.65 -36.87 42.99
C LEU D 208 -8.53 -35.43 43.50
N HIS D 209 -8.39 -35.26 44.82
CA HIS D 209 -8.57 -33.95 45.43
C HIS D 209 -7.27 -33.17 45.63
N GLY D 210 -6.12 -33.73 45.27
CA GLY D 210 -4.89 -32.97 45.32
C GLY D 210 -4.67 -32.20 44.04
N GLY D 211 -3.56 -31.44 44.03
CA GLY D 211 -3.15 -30.69 42.87
C GLY D 211 -1.96 -31.31 42.17
N GLN D 212 -1.33 -30.50 41.31
CA GLN D 212 -0.11 -30.95 40.65
C GLN D 212 0.98 -31.32 41.64
N ALA D 213 1.19 -30.48 42.67
CA ALA D 213 2.20 -30.78 43.67
C ALA D 213 1.89 -32.06 44.42
N VAL D 214 0.62 -32.26 44.80
CA VAL D 214 0.25 -33.46 45.55
C VAL D 214 0.45 -34.70 44.71
N GLN D 215 0.00 -34.67 43.45
CA GLN D 215 0.16 -35.83 42.59
C GLN D 215 1.63 -36.11 42.29
N ARG D 216 2.42 -35.06 42.05
CA ARG D 216 3.84 -35.25 41.79
C ARG D 216 4.54 -35.84 43.02
N ARG D 217 4.21 -35.37 44.22
CA ARG D 217 4.77 -35.96 45.43
C ARG D 217 4.35 -37.41 45.60
N MET D 218 3.09 -37.73 45.29
CA MET D 218 2.65 -39.13 45.40
C MET D 218 3.44 -40.02 44.46
N VAL D 219 3.60 -39.60 43.20
CA VAL D 219 4.37 -40.40 42.25
C VAL D 219 5.84 -40.48 42.68
N GLU D 220 6.38 -39.39 43.25
CA GLU D 220 7.73 -39.45 43.79
C GLU D 220 7.85 -40.46 44.92
N LYS D 221 6.80 -40.58 45.73
CA LYS D 221 6.75 -41.55 46.82
C LYS D 221 6.56 -42.98 46.33
N ARG D 222 6.62 -43.20 45.01
CA ARG D 222 6.43 -44.52 44.42
C ARG D 222 5.08 -45.12 44.83
N ALA D 223 4.05 -44.28 44.75
CA ALA D 223 2.70 -44.72 45.08
C ALA D 223 2.18 -45.74 44.07
N ALA D 224 2.43 -45.50 42.78
CA ALA D 224 1.90 -46.39 41.75
C ALA D 224 2.41 -47.81 41.91
N GLU D 225 3.65 -47.96 42.37
CA GLU D 225 4.21 -49.30 42.55
C GLU D 225 3.63 -49.98 43.78
N TRP D 226 3.10 -49.19 44.73
CA TRP D 226 2.51 -49.78 45.93
C TRP D 226 1.03 -50.08 45.77
N LEU D 227 0.40 -49.73 44.65
CA LEU D 227 -0.96 -50.14 44.37
C LEU D 227 -1.05 -51.47 43.64
N PHE D 228 0.08 -52.06 43.26
CA PHE D 228 0.05 -53.38 42.64
C PHE D 228 -0.49 -54.46 43.57
N PRO D 229 -0.06 -54.57 44.84
CA PRO D 229 -0.67 -55.60 45.69
C PRO D 229 -2.15 -55.36 45.94
N LEU D 230 -2.64 -54.14 45.76
CA LEU D 230 -4.06 -53.87 45.94
C LEU D 230 -4.85 -54.05 44.64
N ALA D 231 -4.27 -53.66 43.50
CA ALA D 231 -4.95 -53.87 42.22
C ALA D 231 -4.88 -55.33 41.81
N PHE D 232 -3.97 -56.10 42.39
CA PHE D 232 -3.81 -57.52 42.08
C PHE D 232 -4.25 -58.32 43.30
N SER D 233 -5.54 -58.62 43.35
CA SER D 233 -6.15 -59.36 44.44
C SER D 233 -7.19 -60.33 43.90
N LYS D 234 -7.51 -61.35 44.69
CA LYS D 234 -8.59 -62.25 44.33
C LYS D 234 -9.56 -62.40 45.50
N GLU D 235 -9.14 -61.95 46.68
CA GLU D 235 -10.01 -62.05 47.86
C GLU D 235 -11.27 -61.21 47.69
N ASP D 236 -11.15 -60.01 47.12
CA ASP D 236 -12.28 -59.12 46.94
C ASP D 236 -12.10 -58.32 45.66
N GLU D 237 -13.21 -57.74 45.19
CA GLU D 237 -13.25 -57.02 43.93
C GLU D 237 -13.40 -55.51 44.08
N LEU D 238 -14.15 -55.05 45.07
CA LEU D 238 -14.27 -53.61 45.30
C LEU D 238 -12.91 -52.98 45.58
N LEU D 239 -12.04 -53.71 46.27
CA LEU D 239 -10.70 -53.20 46.54
C LEU D 239 -9.93 -52.99 45.24
N ARG D 240 -10.02 -53.95 44.32
CA ARG D 240 -9.38 -53.79 43.02
C ARG D 240 -9.98 -52.64 42.24
N LEU D 241 -11.30 -52.47 42.31
CA LEU D 241 -11.94 -51.37 41.60
C LEU D 241 -11.44 -50.03 42.13
N HIS D 242 -11.33 -49.90 43.46
CA HIS D 242 -10.86 -48.66 44.04
C HIS D 242 -9.40 -48.39 43.68
N ALA D 243 -8.56 -49.44 43.74
CA ALA D 243 -7.15 -49.27 43.39
C ALA D 243 -7.00 -48.86 41.93
N CYS D 244 -7.77 -49.47 41.04
CA CYS D 244 -7.70 -49.10 39.63
C CYS D 244 -8.22 -47.68 39.39
N LEU D 245 -9.26 -47.26 40.11
CA LEU D 245 -9.69 -45.88 40.01
C LEU D 245 -8.57 -44.94 40.42
N ALA D 246 -7.88 -45.25 41.52
CA ALA D 246 -6.79 -44.40 41.97
C ALA D 246 -5.69 -44.30 40.94
N VAL D 247 -5.27 -45.45 40.39
CA VAL D 247 -4.14 -45.43 39.46
C VAL D 247 -4.54 -44.79 38.14
N ALA D 248 -5.82 -44.93 37.74
CA ALA D 248 -6.27 -44.27 36.51
C ALA D 248 -6.30 -42.76 36.70
N VAL D 249 -6.70 -42.29 37.88
CA VAL D 249 -6.67 -40.85 38.15
C VAL D 249 -5.24 -40.35 38.17
N LEU D 250 -4.32 -41.15 38.72
CA LEU D 250 -2.90 -40.80 38.61
C LEU D 250 -2.41 -40.77 37.16
N ALA D 251 -2.93 -41.63 36.29
CA ALA D 251 -2.45 -41.73 34.93
C ALA D 251 -3.26 -40.90 33.94
N THR D 252 -3.95 -39.86 34.39
CA THR D 252 -4.58 -38.88 33.50
C THR D 252 -3.85 -37.55 33.57
N ASN D 253 -2.73 -37.52 34.28
CA ASN D 253 -1.87 -36.33 34.40
C ASN D 253 -0.65 -36.58 33.53
N LYS D 254 -0.52 -35.83 32.44
CA LYS D 254 0.48 -36.12 31.41
C LYS D 254 1.87 -35.67 31.80
N GLU D 255 2.09 -35.35 33.07
CA GLU D 255 3.43 -35.07 33.57
C GLU D 255 4.10 -36.31 34.14
N VAL D 256 3.31 -37.30 34.57
CA VAL D 256 3.84 -38.47 35.25
C VAL D 256 3.36 -39.75 34.59
N GLU D 257 2.95 -39.65 33.33
CA GLU D 257 2.47 -40.84 32.61
C GLU D 257 3.53 -41.91 32.54
N ARG D 258 4.76 -41.54 32.18
CA ARG D 258 5.81 -42.53 32.00
C ARG D 258 6.18 -43.19 33.33
N GLU D 259 6.28 -42.38 34.39
CA GLU D 259 6.62 -42.94 35.70
C GLU D 259 5.51 -43.86 36.20
N VAL D 260 4.25 -43.48 35.97
CA VAL D 260 3.14 -44.34 36.40
C VAL D 260 3.13 -45.64 35.59
N GLU D 261 3.34 -45.56 34.28
CA GLU D 261 3.28 -46.76 33.45
C GLU D 261 4.48 -47.66 33.68
N ARG D 262 5.60 -47.11 34.16
CA ARG D 262 6.77 -47.92 34.47
C ARG D 262 6.51 -48.91 35.59
N SER D 263 5.49 -48.69 36.41
CA SER D 263 5.16 -49.60 37.49
C SER D 263 4.50 -50.88 37.00
N GLY D 264 3.79 -50.84 35.87
CA GLY D 264 3.13 -52.01 35.34
C GLY D 264 1.74 -52.26 35.87
N THR D 265 1.26 -51.46 36.83
CA THR D 265 -0.07 -51.67 37.38
C THR D 265 -1.18 -51.12 36.50
N LEU D 266 -0.85 -50.42 35.42
CA LEU D 266 -1.88 -49.98 34.50
C LEU D 266 -2.34 -51.09 33.57
N ALA D 267 -1.58 -52.19 33.52
CA ALA D 267 -1.96 -53.32 32.67
C ALA D 267 -3.12 -54.13 33.24
N LEU D 268 -3.47 -53.90 34.51
CA LEU D 268 -4.49 -54.67 35.19
C LEU D 268 -5.89 -54.05 35.08
N VAL D 269 -6.04 -52.97 34.31
CA VAL D 269 -7.29 -52.24 34.30
C VAL D 269 -8.29 -52.88 33.34
N GLU D 270 -7.89 -53.09 32.09
CA GLU D 270 -8.80 -53.60 31.08
C GLU D 270 -9.31 -55.01 31.39
N PRO D 271 -8.48 -55.98 31.77
CA PRO D 271 -9.04 -57.30 32.14
C PRO D 271 -10.02 -57.21 33.29
N LEU D 272 -9.73 -56.38 34.30
CA LEU D 272 -10.62 -56.25 35.45
C LEU D 272 -11.97 -55.69 35.02
N VAL D 273 -11.95 -54.63 34.21
CA VAL D 273 -13.18 -54.00 33.77
C VAL D 273 -13.98 -54.94 32.88
N ALA D 274 -13.30 -55.71 32.03
CA ALA D 274 -14.01 -56.67 31.20
C ALA D 274 -14.62 -57.80 32.03
N SER D 275 -13.92 -58.21 33.10
CA SER D 275 -14.40 -59.31 33.93
C SER D 275 -15.59 -58.92 34.79
N LEU D 276 -15.59 -57.72 35.37
CA LEU D 276 -16.66 -57.32 36.28
C LEU D 276 -17.92 -56.93 35.51
N ASP D 277 -18.97 -56.65 36.27
CA ASP D 277 -20.31 -56.41 35.76
C ASP D 277 -20.89 -55.20 36.50
N PRO D 278 -21.26 -54.13 35.80
CA PRO D 278 -21.85 -52.97 36.48
C PRO D 278 -23.34 -53.08 36.75
N GLY D 279 -23.99 -54.16 36.31
CA GLY D 279 -25.42 -54.27 36.50
C GLY D 279 -25.83 -54.31 37.96
N ARG D 280 -25.12 -55.11 38.76
CA ARG D 280 -25.45 -55.26 40.17
C ARG D 280 -24.32 -54.86 41.12
N PHE D 281 -23.09 -54.74 40.64
CA PHE D 281 -21.97 -54.38 41.51
C PHE D 281 -22.01 -52.93 41.95
N ALA D 282 -22.93 -52.12 41.39
CA ALA D 282 -23.01 -50.71 41.77
C ALA D 282 -23.43 -50.54 43.22
N ARG D 283 -24.16 -51.52 43.76
CA ARG D 283 -24.59 -51.46 45.15
C ARG D 283 -23.46 -51.82 46.10
N ARG D 295 -22.80 -41.15 44.87
CA ARG D 295 -21.94 -40.01 44.62
C ARG D 295 -22.75 -38.78 44.24
N GLY D 296 -22.17 -37.59 44.43
CA GLY D 296 -22.86 -36.36 44.14
C GLY D 296 -22.36 -35.71 42.87
N PRO D 297 -22.97 -34.55 42.56
CA PRO D 297 -22.52 -33.80 41.38
C PRO D 297 -21.08 -33.34 41.46
N ASP D 298 -20.57 -33.11 42.67
CA ASP D 298 -19.16 -32.78 42.82
C ASP D 298 -18.28 -33.99 42.57
N ASP D 299 -18.75 -35.18 42.96
CA ASP D 299 -17.97 -36.40 42.75
C ASP D 299 -17.93 -36.77 41.27
N LEU D 300 -19.03 -36.57 40.55
CA LEU D 300 -19.07 -36.94 39.14
C LEU D 300 -18.28 -35.98 38.27
N GLN D 301 -18.12 -34.74 38.72
CA GLN D 301 -17.32 -33.78 37.98
C GLN D 301 -15.85 -34.14 37.98
N ARG D 302 -15.42 -34.98 38.92
CA ARG D 302 -14.06 -35.51 38.92
C ARG D 302 -13.97 -36.87 38.24
N LEU D 303 -15.09 -37.39 37.73
CA LEU D 303 -15.09 -38.60 36.93
C LEU D 303 -15.17 -38.29 35.44
N VAL D 304 -15.85 -37.20 35.07
CA VAL D 304 -15.94 -36.83 33.65
C VAL D 304 -14.58 -36.65 33.00
N PRO D 305 -13.58 -36.01 33.62
CA PRO D 305 -12.26 -35.90 32.95
C PRO D 305 -11.62 -37.24 32.64
N LEU D 306 -11.98 -38.31 33.35
CA LEU D 306 -11.50 -39.63 32.97
C LEU D 306 -12.04 -40.03 31.60
N LEU D 307 -13.32 -39.72 31.34
CA LEU D 307 -13.86 -39.90 30.00
C LEU D 307 -13.13 -39.01 29.00
N ASP D 308 -12.92 -37.74 29.35
CA ASP D 308 -12.25 -36.80 28.46
C ASP D 308 -10.73 -36.90 28.59
N SER D 309 -10.20 -38.05 28.17
CA SER D 309 -8.77 -38.32 28.26
C SER D 309 -8.36 -39.26 27.13
N ASN D 310 -7.05 -39.30 26.88
CA ASN D 310 -6.53 -40.17 25.82
C ASN D 310 -6.13 -41.55 26.32
N ARG D 311 -6.14 -41.79 27.63
CA ARG D 311 -5.73 -43.07 28.18
C ARG D 311 -6.91 -44.04 28.17
N LEU D 312 -6.73 -45.19 27.53
CA LEU D 312 -7.83 -46.13 27.37
C LEU D 312 -8.26 -46.72 28.72
N GLU D 313 -7.29 -47.00 29.59
CA GLU D 313 -7.64 -47.51 30.92
C GLU D 313 -8.48 -46.50 31.69
N ALA D 314 -8.09 -45.23 31.66
CA ALA D 314 -8.85 -44.20 32.34
C ALA D 314 -10.24 -44.06 31.74
N GLN D 315 -10.35 -44.14 30.42
CA GLN D 315 -11.67 -44.09 29.79
C GLN D 315 -12.54 -45.25 30.24
N CYS D 316 -11.97 -46.46 30.31
CA CYS D 316 -12.74 -47.62 30.75
C CYS D 316 -13.21 -47.47 32.18
N ILE D 317 -12.33 -47.02 33.08
CA ILE D 317 -12.72 -46.83 34.48
C ILE D 317 -13.82 -45.78 34.59
N GLY D 318 -13.66 -44.66 33.87
CA GLY D 318 -14.68 -43.63 33.91
C GLY D 318 -16.02 -44.13 33.41
N ALA D 319 -16.03 -44.88 32.31
CA ALA D 319 -17.28 -45.43 31.78
C ALA D 319 -17.91 -46.41 32.76
N PHE D 320 -17.10 -47.27 33.39
CA PHE D 320 -17.63 -48.21 34.37
C PHE D 320 -18.30 -47.46 35.52
N TYR D 321 -17.60 -46.49 36.11
CA TYR D 321 -18.15 -45.77 37.25
C TYR D 321 -19.38 -44.97 36.83
N LEU D 322 -19.36 -44.37 35.65
CA LEU D 322 -20.50 -43.57 35.21
C LEU D 322 -21.71 -44.45 34.95
N CYS D 323 -21.51 -45.66 34.41
CA CYS D 323 -22.61 -46.58 34.22
C CYS D 323 -23.20 -47.00 35.56
N ALA D 324 -22.35 -47.31 36.54
CA ALA D 324 -22.84 -47.68 37.86
C ALA D 324 -23.64 -46.55 38.49
N GLU D 325 -23.12 -45.32 38.40
CA GLU D 325 -23.80 -44.18 38.97
C GLU D 325 -25.13 -43.92 38.26
N ALA D 326 -25.14 -44.05 36.93
CA ALA D 326 -26.37 -43.88 36.19
C ALA D 326 -27.41 -44.90 36.60
N ALA D 327 -26.99 -46.16 36.78
CA ALA D 327 -27.93 -47.20 37.20
C ALA D 327 -28.53 -46.88 38.57
N ILE D 328 -27.68 -46.60 39.56
CA ILE D 328 -28.19 -46.39 40.91
C ILE D 328 -29.04 -45.12 40.97
N LYS D 329 -28.63 -44.08 40.23
CA LYS D 329 -29.39 -42.84 40.23
C LYS D 329 -30.74 -43.00 39.56
N SER D 330 -30.78 -43.66 38.41
CA SER D 330 -32.04 -43.84 37.70
C SER D 330 -33.00 -44.72 38.50
N LEU D 331 -32.47 -45.72 39.18
CA LEU D 331 -33.33 -46.52 40.06
C LEU D 331 -33.80 -45.70 41.25
N GLN D 332 -32.92 -44.83 41.78
CA GLN D 332 -33.22 -44.02 42.96
C GLN D 332 -33.64 -42.61 42.53
N GLY D 333 -34.82 -42.54 41.91
CA GLY D 333 -35.36 -41.25 41.49
C GLY D 333 -34.84 -40.81 40.13
N LYS D 334 -35.02 -39.52 39.87
CA LYS D 334 -34.61 -38.92 38.61
C LYS D 334 -33.88 -37.60 38.87
N THR D 335 -32.98 -37.26 37.95
CA THR D 335 -32.21 -36.02 38.01
C THR D 335 -31.62 -35.76 36.63
N LYS D 336 -31.48 -34.49 36.28
CA LYS D 336 -30.85 -34.08 35.03
C LYS D 336 -29.39 -33.65 35.23
N VAL D 337 -28.72 -34.24 36.23
CA VAL D 337 -27.36 -33.83 36.54
C VAL D 337 -26.40 -34.19 35.42
N PHE D 338 -26.69 -35.26 34.68
CA PHE D 338 -25.79 -35.68 33.62
C PHE D 338 -25.73 -34.69 32.47
N SER D 339 -26.87 -34.11 32.07
CA SER D 339 -26.85 -33.10 31.02
C SER D 339 -26.11 -31.86 31.46
N ASP D 340 -26.24 -31.47 32.74
CA ASP D 340 -25.56 -30.28 33.22
C ASP D 340 -24.07 -30.52 33.41
N ILE D 341 -23.67 -31.78 33.65
CA ILE D 341 -22.26 -32.09 33.84
C ILE D 341 -21.59 -32.38 32.51
N GLY D 342 -22.36 -32.66 31.47
CA GLY D 342 -21.79 -32.86 30.16
C GLY D 342 -21.30 -34.26 29.88
N ALA D 343 -21.82 -35.27 30.59
CA ALA D 343 -21.39 -36.64 30.33
C ALA D 343 -22.02 -37.20 29.06
N ILE D 344 -23.13 -36.61 28.61
CA ILE D 344 -23.82 -37.13 27.43
C ILE D 344 -22.94 -37.03 26.20
N GLN D 345 -22.38 -35.85 25.95
CA GLN D 345 -21.53 -35.67 24.77
C GLN D 345 -20.26 -36.50 24.87
N SER D 346 -19.72 -36.63 26.07
CA SER D 346 -18.52 -37.45 26.25
C SER D 346 -18.81 -38.92 25.94
N LEU D 347 -19.95 -39.43 26.41
CA LEU D 347 -20.30 -40.83 26.13
C LEU D 347 -20.57 -41.03 24.64
N LYS D 348 -21.19 -40.04 23.99
CA LYS D 348 -21.38 -40.14 22.55
C LYS D 348 -20.05 -40.14 21.81
N ARG D 349 -19.10 -39.32 22.24
CA ARG D 349 -17.77 -39.34 21.64
C ARG D 349 -16.99 -40.61 21.96
N LEU D 350 -17.37 -41.30 23.03
CA LEU D 350 -16.64 -42.51 23.42
C LEU D 350 -17.10 -43.73 22.62
N VAL D 351 -18.15 -43.59 21.83
CA VAL D 351 -18.64 -44.69 21.02
C VAL D 351 -18.42 -44.43 19.53
N SER D 352 -18.48 -43.17 19.13
CA SER D 352 -18.32 -42.83 17.72
C SER D 352 -16.92 -43.13 17.22
N TYR D 353 -15.91 -42.83 18.04
CA TYR D 353 -14.52 -43.04 17.62
C TYR D 353 -13.85 -44.16 18.38
N SER D 354 -14.64 -45.03 19.01
CA SER D 354 -14.08 -46.10 19.82
C SER D 354 -13.49 -47.26 19.02
N THR D 355 -12.47 -47.91 19.56
CA THR D 355 -11.88 -49.07 18.90
C THR D 355 -11.74 -50.16 19.94
N ASN D 356 -12.38 -49.97 21.09
CA ASN D 356 -12.32 -50.93 22.18
C ASN D 356 -13.72 -51.43 22.46
N GLY D 357 -13.90 -52.76 22.40
CA GLY D 357 -15.22 -53.33 22.56
C GLY D 357 -15.80 -53.15 23.95
N THR D 358 -14.97 -53.35 24.98
CA THR D 358 -15.45 -53.19 26.35
C THR D 358 -15.88 -51.76 26.62
N LYS D 359 -15.06 -50.79 26.20
CA LYS D 359 -15.39 -49.39 26.38
C LYS D 359 -16.65 -49.03 25.61
N SER D 360 -16.78 -49.50 24.38
CA SER D 360 -17.97 -49.20 23.59
C SER D 360 -19.23 -49.78 24.24
N ALA D 361 -19.14 -51.02 24.72
CA ALA D 361 -20.30 -51.66 25.34
C ALA D 361 -20.71 -50.95 26.62
N LEU D 362 -19.74 -50.58 27.46
CA LEU D 362 -20.07 -49.89 28.69
C LEU D 362 -20.67 -48.52 28.42
N ALA D 363 -20.10 -47.78 27.46
CA ALA D 363 -20.67 -46.47 27.13
C ALA D 363 -22.09 -46.61 26.58
N LYS D 364 -22.32 -47.60 25.73
CA LYS D 364 -23.66 -47.82 25.18
C LYS D 364 -24.64 -48.19 26.28
N ARG D 365 -24.23 -49.05 27.22
CA ARG D 365 -25.12 -49.43 28.31
C ARG D 365 -25.47 -48.25 29.20
N ALA D 366 -24.48 -47.42 29.55
CA ALA D 366 -24.76 -46.23 30.35
C ALA D 366 -25.67 -45.27 29.60
N LEU D 367 -25.44 -45.10 28.29
CA LEU D 367 -26.27 -44.21 27.49
C LEU D 367 -27.71 -44.72 27.42
N ARG D 368 -27.89 -46.04 27.38
CA ARG D 368 -29.24 -46.59 27.37
C ARG D 368 -29.91 -46.43 28.74
N LEU D 369 -29.17 -46.64 29.82
CA LEU D 369 -29.74 -46.41 31.15
C LEU D 369 -30.16 -44.96 31.32
N LEU D 370 -29.40 -44.03 30.74
CA LEU D 370 -29.86 -42.65 30.75
C LEU D 370 -31.00 -42.40 29.79
N GLY D 371 -31.38 -43.40 28.99
CA GLY D 371 -32.49 -43.26 28.07
C GLY D 371 -32.24 -42.26 26.97
N GLU D 372 -31.21 -42.50 26.16
CA GLU D 372 -30.87 -41.60 25.07
C GLU D 372 -30.49 -42.40 23.84
N GLU D 373 -30.56 -41.75 22.68
CA GLU D 373 -30.25 -42.40 21.42
C GLU D 373 -28.78 -42.83 21.40
N VAL D 374 -28.54 -44.03 20.86
CA VAL D 374 -27.19 -44.58 20.76
C VAL D 374 -26.70 -44.34 19.34
N PRO D 375 -25.71 -43.46 19.13
CA PRO D 375 -25.18 -43.27 17.78
C PRO D 375 -24.37 -44.47 17.32
N ARG D 376 -24.33 -44.66 16.01
CA ARG D 376 -23.56 -45.73 15.40
C ARG D 376 -22.10 -45.31 15.23
N PRO D 377 -21.16 -46.24 15.36
CA PRO D 377 -19.77 -45.91 15.04
C PRO D 377 -19.63 -45.51 13.58
N ILE D 378 -18.72 -44.57 13.32
CA ILE D 378 -18.55 -44.03 11.98
C ILE D 378 -17.38 -44.75 11.30
N LEU D 379 -17.45 -44.81 9.97
CA LEU D 379 -16.42 -45.49 9.20
C LEU D 379 -15.09 -44.74 9.30
N PRO D 380 -13.98 -45.46 9.47
CA PRO D 380 -12.68 -44.80 9.52
C PRO D 380 -12.28 -44.19 8.19
N SER D 381 -12.72 -44.81 7.09
CA SER D 381 -12.32 -44.37 5.75
C SER D 381 -13.16 -43.16 5.37
N VAL D 382 -12.66 -41.98 5.74
CA VAL D 382 -13.37 -40.72 5.52
C VAL D 382 -13.23 -40.21 4.09
N PRO D 383 -12.06 -40.31 3.43
CA PRO D 383 -11.98 -39.80 2.06
C PRO D 383 -12.96 -40.46 1.09
N SER D 384 -13.46 -41.66 1.42
CA SER D 384 -14.42 -42.35 0.59
C SER D 384 -15.85 -42.11 1.03
N TRP D 385 -16.09 -41.14 1.91
CA TRP D 385 -17.42 -40.90 2.45
C TRP D 385 -18.35 -40.36 1.38
N LYS D 386 -19.63 -40.31 1.72
CA LYS D 386 -20.65 -39.69 0.88
C LYS D 386 -21.51 -38.76 1.74
N GLU D 387 -22.52 -38.18 1.11
CA GLU D 387 -23.32 -37.15 1.77
C GLU D 387 -24.08 -37.72 2.96
N ALA D 388 -24.56 -38.96 2.86
CA ALA D 388 -25.26 -39.57 3.99
C ALA D 388 -24.35 -39.73 5.19
N GLU D 389 -23.12 -40.20 4.97
CA GLU D 389 -22.17 -40.32 6.06
C GLU D 389 -21.84 -38.97 6.66
N VAL D 390 -21.70 -37.94 5.82
CA VAL D 390 -21.43 -36.60 6.33
C VAL D 390 -22.58 -36.11 7.20
N GLN D 391 -23.82 -36.35 6.75
CA GLN D 391 -24.98 -35.93 7.55
C GLN D 391 -25.01 -36.64 8.89
N THR D 392 -24.75 -37.95 8.88
CA THR D 392 -24.73 -38.69 10.14
C THR D 392 -23.65 -38.16 11.07
N TRP D 393 -22.45 -37.90 10.54
CA TRP D 393 -21.38 -37.36 11.38
C TRP D 393 -21.76 -36.00 11.95
N LEU D 394 -22.41 -35.15 11.15
CA LEU D 394 -22.86 -33.86 11.66
C LEU D 394 -23.88 -34.03 12.79
N GLN D 395 -24.80 -34.98 12.63
CA GLN D 395 -25.78 -35.22 13.68
C GLN D 395 -25.12 -35.76 14.94
N GLN D 396 -24.03 -36.51 14.82
CA GLN D 396 -23.39 -37.12 15.98
C GLN D 396 -22.59 -36.14 16.82
N ILE D 397 -22.35 -34.91 16.36
CA ILE D 397 -21.50 -34.00 17.09
C ILE D 397 -22.26 -32.73 17.47
N GLY D 398 -23.59 -32.77 17.35
CA GLY D 398 -24.40 -31.66 17.78
C GLY D 398 -24.43 -30.49 16.85
N PHE D 399 -23.97 -30.64 15.61
CA PHE D 399 -24.03 -29.58 14.61
C PHE D 399 -25.21 -29.79 13.67
N SER D 400 -26.30 -30.36 14.18
CA SER D 400 -27.46 -30.69 13.36
C SER D 400 -28.14 -29.45 12.80
N LYS D 401 -27.91 -28.27 13.35
CA LYS D 401 -28.49 -27.05 12.80
C LYS D 401 -27.90 -26.71 11.44
N TYR D 402 -26.59 -26.90 11.26
CA TYR D 402 -25.94 -26.70 9.97
C TYR D 402 -25.90 -28.00 9.16
N CYS D 403 -27.07 -28.62 8.99
CA CYS D 403 -27.20 -29.86 8.24
C CYS D 403 -27.87 -29.66 6.90
N GLU D 404 -28.90 -28.81 6.86
CA GLU D 404 -29.57 -28.50 5.60
C GLU D 404 -28.61 -27.82 4.62
N SER D 405 -27.78 -26.91 5.12
CA SER D 405 -26.81 -26.26 4.25
C SER D 405 -25.80 -27.25 3.69
N PHE D 406 -25.31 -28.17 4.52
CA PHE D 406 -24.39 -29.19 4.05
C PHE D 406 -25.05 -30.05 2.97
N ARG D 407 -26.30 -30.46 3.19
CA ARG D 407 -26.98 -31.26 2.18
C ARG D 407 -27.19 -30.47 0.89
N GLU D 408 -27.53 -29.19 1.00
CA GLU D 408 -27.77 -28.37 -0.18
C GLU D 408 -26.49 -28.19 -0.99
N GLN D 409 -25.36 -27.98 -0.32
CA GLN D 409 -24.10 -27.79 -1.02
C GLN D 409 -23.41 -29.10 -1.37
N GLN D 410 -23.96 -30.24 -0.94
CA GLN D 410 -23.44 -31.56 -1.31
C GLN D 410 -21.99 -31.74 -0.88
N VAL D 411 -21.77 -31.70 0.43
CA VAL D 411 -20.43 -31.85 0.99
C VAL D 411 -20.20 -33.33 1.30
N ASP D 412 -19.27 -33.94 0.57
CA ASP D 412 -18.83 -35.31 0.79
C ASP D 412 -17.52 -35.31 1.56
N GLY D 413 -16.91 -36.48 1.66
CA GLY D 413 -15.69 -36.61 2.45
C GLY D 413 -14.54 -35.76 1.92
N ASP D 414 -14.36 -35.74 0.60
CA ASP D 414 -13.26 -34.98 0.02
C ASP D 414 -13.40 -33.48 0.32
N LEU D 415 -14.61 -32.95 0.16
CA LEU D 415 -14.83 -31.53 0.44
C LEU D 415 -14.76 -31.25 1.93
N LEU D 416 -15.20 -32.20 2.75
CA LEU D 416 -15.16 -32.02 4.19
C LEU D 416 -13.73 -31.92 4.70
N LEU D 417 -12.85 -32.80 4.22
CA LEU D 417 -11.47 -32.78 4.67
C LEU D 417 -10.71 -31.55 4.22
N ARG D 418 -11.17 -30.86 3.17
CA ARG D 418 -10.55 -29.62 2.71
C ARG D 418 -11.63 -28.55 2.79
N LEU D 419 -11.79 -27.98 3.97
CA LEU D 419 -12.85 -27.02 4.26
C LEU D 419 -12.21 -25.82 4.95
N THR D 420 -12.25 -24.66 4.30
CA THR D 420 -11.58 -23.49 4.83
C THR D 420 -12.56 -22.61 5.60
N GLU D 421 -11.98 -21.71 6.41
CA GLU D 421 -12.79 -20.81 7.23
C GLU D 421 -13.64 -19.87 6.39
N GLU D 422 -13.12 -19.39 5.25
CA GLU D 422 -13.90 -18.53 4.38
C GLU D 422 -15.10 -19.27 3.80
N GLU D 423 -14.91 -20.51 3.37
CA GLU D 423 -16.03 -21.31 2.88
C GLU D 423 -17.05 -21.54 3.97
N LEU D 424 -16.58 -21.86 5.19
CA LEU D 424 -17.50 -22.08 6.30
C LEU D 424 -18.32 -20.84 6.59
N GLN D 425 -17.69 -19.67 6.60
CA GLN D 425 -18.40 -18.44 6.91
C GLN D 425 -19.38 -18.07 5.80
N THR D 426 -18.94 -18.09 4.55
CA THR D 426 -19.73 -17.54 3.47
C THR D 426 -20.80 -18.49 2.94
N ASP D 427 -20.49 -19.77 2.79
CA ASP D 427 -21.38 -20.71 2.12
C ASP D 427 -22.29 -21.47 3.07
N LEU D 428 -21.74 -22.14 4.07
CA LEU D 428 -22.53 -22.98 4.95
C LEU D 428 -23.22 -22.22 6.06
N GLY D 429 -22.84 -20.96 6.30
CA GLY D 429 -23.62 -20.08 7.16
C GLY D 429 -23.20 -19.95 8.59
N MET D 430 -22.02 -20.44 8.98
CA MET D 430 -21.53 -20.26 10.35
C MET D 430 -20.87 -18.89 10.46
N LYS D 431 -21.68 -17.88 10.76
CA LYS D 431 -21.17 -16.52 10.93
C LYS D 431 -20.36 -16.39 12.22
N SER D 432 -20.77 -17.10 13.27
CA SER D 432 -20.14 -16.96 14.58
C SER D 432 -18.67 -17.35 14.51
N GLY D 433 -17.82 -16.54 15.13
CA GLY D 433 -16.39 -16.77 15.07
C GLY D 433 -15.89 -17.94 15.89
N ILE D 434 -16.63 -18.36 16.91
CA ILE D 434 -16.21 -19.49 17.74
C ILE D 434 -16.97 -20.76 17.41
N THR D 435 -18.14 -20.66 16.79
CA THR D 435 -18.78 -21.86 16.25
C THR D 435 -17.87 -22.53 15.24
N ARG D 436 -17.19 -21.73 14.40
CA ARG D 436 -16.19 -22.28 13.50
C ARG D 436 -15.02 -22.92 14.24
N LYS D 437 -14.61 -22.35 15.39
CA LYS D 437 -13.56 -22.98 16.16
C LYS D 437 -13.98 -24.35 16.69
N ARG D 438 -15.23 -24.45 17.17
CA ARG D 438 -15.73 -25.75 17.61
C ARG D 438 -15.79 -26.73 16.45
N PHE D 439 -16.26 -26.27 15.29
CA PHE D 439 -16.32 -27.15 14.13
C PHE D 439 -14.94 -27.62 13.74
N PHE D 440 -13.94 -26.75 13.77
CA PHE D 440 -12.59 -27.17 13.41
C PHE D 440 -11.99 -28.09 14.45
N ARG D 441 -12.37 -27.95 15.73
CA ARG D 441 -11.95 -28.92 16.72
C ARG D 441 -12.50 -30.30 16.39
N GLU D 442 -13.79 -30.38 16.06
CA GLU D 442 -14.38 -31.65 15.66
C GLU D 442 -13.69 -32.22 14.41
N LEU D 443 -13.42 -31.34 13.44
CA LEU D 443 -12.77 -31.78 12.21
C LEU D 443 -11.36 -32.28 12.47
N THR D 444 -10.64 -31.65 13.40
CA THR D 444 -9.31 -32.13 13.76
C THR D 444 -9.38 -33.51 14.40
N GLU D 445 -10.36 -33.74 15.28
CA GLU D 445 -10.54 -35.08 15.82
C GLU D 445 -10.81 -36.10 14.72
N LEU D 446 -11.69 -35.75 13.78
CA LEU D 446 -11.99 -36.67 12.68
C LEU D 446 -10.75 -36.95 11.83
N LYS D 447 -9.99 -35.91 11.51
CA LYS D 447 -8.79 -36.08 10.69
C LYS D 447 -7.77 -36.97 11.39
N THR D 448 -7.62 -36.81 12.70
CA THR D 448 -6.71 -37.67 13.44
C THR D 448 -7.19 -39.11 13.48
N PHE D 449 -8.50 -39.34 13.57
CA PHE D 449 -9.02 -40.70 13.64
C PHE D 449 -9.19 -41.36 12.29
N ALA D 450 -9.10 -40.61 11.19
CA ALA D 450 -9.45 -41.12 9.87
C ALA D 450 -8.48 -42.20 9.40
N ASN D 451 -8.75 -42.72 8.21
CA ASN D 451 -8.04 -43.87 7.64
C ASN D 451 -7.60 -43.54 6.22
N TYR D 452 -6.36 -43.08 6.08
CA TYR D 452 -5.83 -42.68 4.77
C TYR D 452 -5.06 -43.83 4.15
N SER D 453 -5.81 -44.76 3.56
CA SER D 453 -5.22 -45.90 2.87
C SER D 453 -5.46 -45.87 1.37
N THR D 454 -6.60 -45.34 0.92
CA THR D 454 -6.90 -45.31 -0.50
C THR D 454 -6.15 -44.21 -1.25
N CYS D 455 -5.72 -43.16 -0.57
CA CYS D 455 -5.03 -42.05 -1.20
C CYS D 455 -3.55 -41.97 -0.85
N ASP D 456 -3.19 -42.33 0.37
CA ASP D 456 -1.82 -42.24 0.84
C ASP D 456 -1.02 -43.47 0.44
N ARG D 457 0.12 -43.25 -0.17
CA ARG D 457 0.91 -44.33 -0.74
C ARG D 457 2.20 -44.61 0.02
N SER D 458 2.88 -43.58 0.52
CA SER D 458 4.16 -43.73 1.18
C SER D 458 4.05 -43.82 2.69
N ASN D 459 2.86 -44.09 3.22
CA ASN D 459 2.61 -44.18 4.65
C ASN D 459 3.06 -42.90 5.36
N LEU D 460 2.66 -41.78 4.77
CA LEU D 460 3.04 -40.47 5.30
C LEU D 460 2.33 -40.13 6.60
N ALA D 461 1.15 -40.70 6.84
CA ALA D 461 0.45 -40.46 8.09
C ALA D 461 1.25 -40.98 9.27
N ASP D 462 1.86 -42.15 9.14
CA ASP D 462 2.69 -42.68 10.22
C ASP D 462 3.92 -41.83 10.43
N TRP D 463 4.49 -41.28 9.35
CA TRP D 463 5.63 -40.39 9.49
C TRP D 463 5.25 -39.13 10.27
N LEU D 464 4.08 -38.56 9.98
CA LEU D 464 3.63 -37.40 10.74
C LEU D 464 3.35 -37.77 12.21
N GLY D 465 2.71 -38.91 12.43
CA GLY D 465 2.41 -39.36 13.78
C GLY D 465 3.64 -39.63 14.62
N SER D 466 4.70 -40.14 14.01
CA SER D 466 5.95 -40.35 14.74
C SER D 466 6.50 -39.03 15.27
N LEU D 467 6.45 -37.97 14.45
CA LEU D 467 6.83 -36.65 14.93
C LEU D 467 5.91 -36.20 16.06
N ASP D 468 4.61 -36.26 15.84
CA ASP D 468 3.67 -35.73 16.81
C ASP D 468 2.28 -36.30 16.52
N PRO D 469 1.59 -36.87 17.50
CA PRO D 469 0.25 -37.40 17.25
C PRO D 469 -0.72 -36.35 16.75
N ARG D 470 -0.46 -35.08 17.03
CA ARG D 470 -1.28 -33.99 16.52
C ARG D 470 -0.87 -33.56 15.12
N PHE D 471 0.18 -34.15 14.56
CA PHE D 471 0.57 -33.87 13.19
C PHE D 471 -0.12 -34.78 12.18
N ARG D 472 -0.83 -35.82 12.65
CA ARG D 472 -1.47 -36.76 11.75
C ARG D 472 -2.64 -36.15 11.00
N GLN D 473 -3.17 -35.02 11.45
CA GLN D 473 -4.30 -34.38 10.82
C GLN D 473 -3.95 -33.72 9.49
N TYR D 474 -2.67 -33.60 9.17
CA TYR D 474 -2.22 -32.92 7.96
C TYR D 474 -2.01 -33.88 6.79
N THR D 475 -2.36 -35.16 6.96
CA THR D 475 -2.01 -36.16 5.96
C THR D 475 -2.76 -35.92 4.65
N TYR D 476 -4.07 -35.68 4.72
CA TYR D 476 -4.83 -35.46 3.50
C TYR D 476 -4.38 -34.19 2.80
N GLY D 477 -4.13 -33.13 3.56
CA GLY D 477 -3.63 -31.90 2.97
C GLY D 477 -2.30 -32.09 2.29
N LEU D 478 -1.42 -32.92 2.87
CA LEU D 478 -0.12 -33.15 2.27
C LEU D 478 -0.22 -34.01 1.01
N VAL D 479 -1.08 -35.03 1.02
CA VAL D 479 -1.13 -35.95 -0.11
C VAL D 479 -2.02 -35.43 -1.23
N SER D 480 -2.88 -34.45 -0.96
CA SER D 480 -3.65 -33.85 -2.04
C SER D 480 -2.80 -33.00 -2.97
N CYS D 481 -1.64 -32.54 -2.49
CA CYS D 481 -0.68 -31.81 -3.30
C CYS D 481 0.33 -32.73 -3.98
N GLY D 482 0.18 -34.04 -3.83
CA GLY D 482 1.09 -34.98 -4.44
C GLY D 482 2.45 -35.00 -3.77
N LEU D 483 2.47 -35.26 -2.46
CA LEU D 483 3.71 -35.34 -1.71
C LEU D 483 3.82 -36.73 -1.08
N ASP D 484 5.05 -37.14 -0.83
CA ASP D 484 5.33 -38.44 -0.24
C ASP D 484 6.68 -38.39 0.46
N ARG D 485 7.11 -39.52 1.00
CA ARG D 485 8.35 -39.56 1.78
C ARG D 485 9.55 -39.18 0.94
N SER D 486 9.51 -39.42 -0.37
CA SER D 486 10.65 -39.15 -1.22
C SER D 486 10.72 -37.71 -1.71
N LEU D 487 9.75 -36.87 -1.37
CA LEU D 487 9.69 -35.51 -1.88
C LEU D 487 9.63 -34.44 -0.81
N LEU D 488 9.54 -34.81 0.47
CA LEU D 488 9.44 -33.82 1.53
C LEU D 488 10.71 -33.00 1.70
N HIS D 489 11.87 -33.51 1.27
CA HIS D 489 13.13 -32.80 1.47
C HIS D 489 13.30 -31.62 0.52
N ARG D 490 12.26 -31.25 -0.23
CA ARG D 490 12.31 -30.11 -1.13
C ARG D 490 11.19 -29.11 -0.88
N VAL D 491 10.34 -29.32 0.10
CA VAL D 491 9.19 -28.46 0.34
C VAL D 491 9.67 -27.14 0.97
N SER D 492 9.02 -26.05 0.58
CA SER D 492 9.28 -24.73 1.13
C SER D 492 8.23 -24.41 2.18
N GLU D 493 8.56 -23.45 3.05
CA GLU D 493 7.63 -23.06 4.11
C GLU D 493 6.38 -22.42 3.51
N GLN D 494 6.53 -21.64 2.45
CA GLN D 494 5.36 -21.04 1.80
C GLN D 494 4.44 -22.11 1.22
N GLN D 495 5.03 -23.19 0.70
CA GLN D 495 4.21 -24.26 0.14
C GLN D 495 3.33 -24.90 1.20
N LEU D 496 3.88 -25.18 2.38
CA LEU D 496 3.10 -25.80 3.44
C LEU D 496 1.99 -24.90 3.95
N LEU D 497 2.08 -23.60 3.72
CA LEU D 497 1.04 -22.67 4.16
C LEU D 497 -0.03 -22.51 3.09
N GLU D 498 0.37 -22.22 1.85
CA GLU D 498 -0.60 -21.94 0.80
C GLU D 498 -1.29 -23.21 0.32
N ASP D 499 -0.53 -24.30 0.14
CA ASP D 499 -1.06 -25.50 -0.48
C ASP D 499 -1.57 -26.51 0.56
N CYS D 500 -0.70 -26.93 1.46
CA CYS D 500 -1.04 -28.02 2.38
C CYS D 500 -2.00 -27.56 3.47
N GLY D 501 -2.15 -26.25 3.63
CA GLY D 501 -3.09 -25.72 4.59
C GLY D 501 -2.65 -25.73 6.04
N ILE D 502 -1.37 -25.93 6.32
CA ILE D 502 -0.87 -25.90 7.68
C ILE D 502 -0.78 -24.43 8.11
N HIS D 503 -1.42 -24.09 9.22
CA HIS D 503 -1.54 -22.69 9.59
C HIS D 503 -0.54 -22.29 10.67
N LEU D 504 -0.45 -23.07 11.74
CA LEU D 504 0.46 -22.72 12.83
C LEU D 504 1.91 -22.82 12.37
N GLY D 505 2.64 -21.72 12.55
CA GLY D 505 4.02 -21.67 12.11
C GLY D 505 4.94 -22.63 12.83
N VAL D 506 4.64 -22.95 14.08
CA VAL D 506 5.46 -23.88 14.83
C VAL D 506 5.43 -25.25 14.17
N HIS D 507 4.24 -25.71 13.77
CA HIS D 507 4.12 -27.02 13.13
C HIS D 507 4.84 -27.03 11.79
N ARG D 508 4.74 -25.93 11.02
CA ARG D 508 5.44 -25.85 9.75
C ARG D 508 6.94 -25.94 9.94
N ALA D 509 7.47 -25.19 10.92
CA ALA D 509 8.91 -25.21 11.17
C ALA D 509 9.36 -26.61 11.61
N ARG D 510 8.59 -27.26 12.48
CA ARG D 510 8.95 -28.60 12.92
C ARG D 510 8.97 -29.58 11.75
N ILE D 511 7.94 -29.53 10.90
CA ILE D 511 7.86 -30.44 9.77
C ILE D 511 9.03 -30.20 8.82
N LEU D 512 9.36 -28.94 8.56
CA LEU D 512 10.49 -28.65 7.68
C LEU D 512 11.80 -29.18 8.26
N THR D 513 12.09 -28.84 9.52
CA THR D 513 13.35 -29.24 10.11
C THR D 513 13.45 -30.75 10.29
N ALA D 514 12.33 -31.46 10.33
CA ALA D 514 12.39 -32.91 10.38
C ALA D 514 12.43 -33.53 8.99
N ALA D 515 11.94 -32.82 7.99
CA ALA D 515 11.98 -33.33 6.62
C ALA D 515 13.38 -33.20 6.03
N ARG D 516 14.08 -32.11 6.35
CA ARG D 516 15.44 -31.95 5.82
C ARG D 516 16.39 -33.01 6.33
N GLU D 517 16.02 -33.75 7.38
CA GLU D 517 16.88 -34.77 7.94
C GLU D 517 16.83 -36.08 7.15
N MET D 518 15.95 -36.20 6.16
CA MET D 518 15.88 -37.43 5.37
C MET D 518 17.16 -37.65 4.57
N LEU D 519 17.74 -36.58 4.05
CA LEU D 519 18.95 -36.66 3.22
C LEU D 519 18.72 -37.53 2.00
N THR D 534 12.78 -62.42 -17.53
CA THR D 534 13.31 -63.75 -17.81
C THR D 534 12.64 -64.81 -16.94
N PRO D 535 11.86 -65.70 -17.55
CA PRO D 535 11.27 -66.80 -16.81
C PRO D 535 12.32 -67.79 -16.35
N ASP D 536 12.03 -68.50 -15.25
CA ASP D 536 12.93 -69.50 -14.73
C ASP D 536 12.32 -70.90 -14.67
N VAL D 537 10.99 -71.03 -14.55
CA VAL D 537 10.34 -72.33 -14.48
C VAL D 537 9.15 -72.30 -15.43
N PHE D 538 8.93 -73.40 -16.14
CA PHE D 538 7.82 -73.53 -17.07
C PHE D 538 7.02 -74.77 -16.73
N ILE D 539 5.70 -74.65 -16.79
CA ILE D 539 4.78 -75.73 -16.43
C ILE D 539 3.94 -76.08 -17.64
N SER D 540 3.90 -77.36 -17.99
CA SER D 540 3.02 -77.89 -19.02
C SER D 540 2.08 -78.89 -18.39
N TYR D 541 0.78 -78.65 -18.50
CA TYR D 541 -0.23 -79.43 -17.80
C TYR D 541 -1.38 -79.75 -18.73
N ARG D 542 -2.35 -80.49 -18.19
CA ARG D 542 -3.60 -80.80 -18.88
C ARG D 542 -4.71 -79.96 -18.27
N ARG D 543 -5.51 -79.33 -19.13
CA ARG D 543 -6.68 -78.61 -18.65
C ARG D 543 -7.67 -79.56 -18.02
N ASN D 544 -8.34 -79.07 -16.97
CA ASN D 544 -9.40 -79.80 -16.27
C ASN D 544 -8.88 -81.00 -15.50
N SER D 545 -7.56 -81.24 -15.56
CA SER D 545 -6.95 -82.31 -14.77
C SER D 545 -5.47 -81.96 -14.58
N GLY D 546 -5.13 -81.45 -13.39
CA GLY D 546 -3.77 -81.06 -13.08
C GLY D 546 -3.59 -79.57 -12.81
N SER D 547 -4.64 -78.77 -12.98
CA SER D 547 -4.52 -77.33 -12.77
C SER D 547 -4.16 -77.01 -11.33
N GLN D 548 -4.81 -77.69 -10.37
CA GLN D 548 -4.52 -77.45 -8.96
C GLN D 548 -3.08 -77.82 -8.64
N LEU D 549 -2.61 -78.96 -9.15
CA LEU D 549 -1.23 -79.37 -8.91
C LEU D 549 -0.26 -78.34 -9.49
N ALA D 550 -0.54 -77.86 -10.71
CA ALA D 550 0.31 -76.86 -11.32
C ALA D 550 0.30 -75.56 -10.52
N SER D 551 -0.88 -75.15 -10.03
CA SER D 551 -0.98 -73.93 -9.25
C SER D 551 -0.17 -74.03 -7.96
N LEU D 552 -0.28 -75.15 -7.26
CA LEU D 552 0.48 -75.33 -6.03
C LEU D 552 1.98 -75.34 -6.31
N LEU D 553 2.40 -76.01 -7.38
CA LEU D 553 3.83 -75.98 -7.73
C LEU D 553 4.28 -74.56 -8.03
N LYS D 554 3.49 -73.79 -8.80
CA LYS D 554 3.84 -72.41 -9.08
C LYS D 554 4.02 -71.62 -7.79
N VAL D 555 3.05 -71.71 -6.88
CA VAL D 555 3.09 -70.89 -5.67
C VAL D 555 4.28 -71.27 -4.81
N HIS D 556 4.54 -72.58 -4.66
CA HIS D 556 5.64 -73.00 -3.81
C HIS D 556 6.99 -72.59 -4.40
N LEU D 557 7.19 -72.79 -5.71
CA LEU D 557 8.46 -72.40 -6.30
C LEU D 557 8.65 -70.89 -6.27
N GLN D 558 7.56 -70.13 -6.41
CA GLN D 558 7.65 -68.68 -6.27
C GLN D 558 8.02 -68.29 -4.84
N LEU D 559 7.44 -68.99 -3.85
CA LEU D 559 7.85 -68.80 -2.45
C LEU D 559 9.30 -69.15 -2.22
N HIS D 560 9.88 -70.01 -3.06
CA HIS D 560 11.29 -70.36 -2.95
C HIS D 560 12.18 -69.47 -3.81
N GLY D 561 11.67 -68.33 -4.26
CA GLY D 561 12.48 -67.30 -4.88
C GLY D 561 12.78 -67.45 -6.35
N PHE D 562 12.15 -68.39 -7.04
CA PHE D 562 12.42 -68.66 -8.46
C PHE D 562 11.25 -68.13 -9.28
N SER D 563 11.57 -67.45 -10.38
CA SER D 563 10.56 -66.93 -11.28
C SER D 563 9.81 -68.09 -11.93
N VAL D 564 8.56 -67.84 -12.33
CA VAL D 564 7.68 -68.89 -12.85
C VAL D 564 6.81 -68.26 -13.92
N PHE D 565 6.47 -69.05 -14.95
CA PHE D 565 5.55 -68.63 -16.01
C PHE D 565 4.62 -69.80 -16.36
N ILE D 566 3.37 -69.68 -15.94
CA ILE D 566 2.34 -70.66 -16.28
C ILE D 566 1.43 -70.06 -17.35
N ASP D 567 0.73 -70.91 -18.10
CA ASP D 567 -0.24 -70.44 -19.06
C ASP D 567 -1.46 -69.86 -18.33
N VAL D 568 -2.02 -68.81 -18.91
CA VAL D 568 -3.11 -68.08 -18.25
C VAL D 568 -4.46 -68.77 -18.47
N GLU D 569 -4.63 -69.47 -19.59
CA GLU D 569 -5.89 -70.12 -19.88
C GLU D 569 -6.16 -71.29 -18.92
N ASP D 578 2.29 -68.39 -31.05
CA ASP D 578 3.42 -69.25 -30.69
C ASP D 578 4.36 -68.55 -29.72
N LYS D 579 3.81 -67.62 -28.93
CA LYS D 579 4.62 -66.94 -27.92
C LYS D 579 5.04 -67.91 -26.82
N LEU D 580 4.26 -68.98 -26.60
CA LEU D 580 4.68 -70.04 -25.70
C LEU D 580 5.97 -70.70 -26.16
N ILE D 581 6.11 -70.91 -27.48
CA ILE D 581 7.34 -71.47 -28.02
C ILE D 581 8.50 -70.52 -27.80
N GLN D 582 8.22 -69.22 -27.73
CA GLN D 582 9.26 -68.26 -27.42
C GLN D 582 9.64 -68.31 -25.95
N SER D 583 8.65 -68.44 -25.06
CA SER D 583 8.93 -68.43 -23.63
C SER D 583 9.62 -69.71 -23.18
N VAL D 584 9.29 -70.84 -23.81
CA VAL D 584 9.91 -72.10 -23.42
C VAL D 584 11.42 -72.09 -23.70
N MET D 585 11.83 -71.44 -24.79
CA MET D 585 13.26 -71.33 -25.06
C MET D 585 13.95 -70.46 -24.02
N GLY D 586 13.29 -69.39 -23.57
CA GLY D 586 13.87 -68.53 -22.56
C GLY D 586 13.97 -69.21 -21.20
N ALA D 587 12.98 -70.02 -20.85
CA ALA D 587 12.94 -70.66 -19.55
C ALA D 587 14.09 -71.65 -19.42
N ARG D 588 14.83 -71.57 -18.30
CA ARG D 588 15.94 -72.48 -18.08
C ARG D 588 15.47 -73.89 -17.76
N ASN D 589 14.38 -74.02 -17.03
CA ASN D 589 13.88 -75.31 -16.55
C ASN D 589 12.58 -75.67 -17.26
N PHE D 590 12.15 -76.90 -17.02
CA PHE D 590 10.88 -77.40 -17.55
C PHE D 590 10.22 -78.29 -16.51
N VAL D 591 8.90 -78.13 -16.38
CA VAL D 591 8.09 -78.93 -15.47
C VAL D 591 6.89 -79.48 -16.22
N LEU D 592 6.67 -80.79 -16.10
CA LEU D 592 5.52 -81.45 -16.71
C LEU D 592 4.84 -82.27 -15.64
N VAL D 593 3.66 -81.83 -15.21
CA VAL D 593 2.92 -82.57 -14.20
C VAL D 593 2.26 -83.79 -14.83
N LEU D 594 2.33 -84.92 -14.14
CA LEU D 594 1.77 -86.17 -14.64
C LEU D 594 0.42 -86.41 -13.96
N SER D 595 -0.62 -85.87 -14.58
CA SER D 595 -1.98 -86.04 -14.09
C SER D 595 -2.46 -87.47 -14.35
N PRO D 596 -3.41 -87.97 -13.56
CA PRO D 596 -4.04 -89.25 -13.90
C PRO D 596 -4.81 -89.13 -15.20
N GLY D 597 -4.47 -90.00 -16.15
CA GLY D 597 -5.04 -89.87 -17.49
C GLY D 597 -4.62 -88.61 -18.20
N ALA D 598 -3.34 -88.27 -18.15
CA ALA D 598 -2.84 -87.03 -18.75
C ALA D 598 -2.37 -87.23 -20.19
N LEU D 599 -1.45 -88.17 -20.40
CA LEU D 599 -0.90 -88.38 -21.74
C LEU D 599 -1.75 -89.30 -22.59
N ASP D 600 -2.93 -89.70 -22.10
CA ASP D 600 -3.83 -90.52 -22.91
C ASP D 600 -4.28 -89.78 -24.16
N LYS D 601 -4.52 -88.47 -24.05
CA LYS D 601 -4.95 -87.70 -25.21
C LYS D 601 -3.84 -87.59 -26.24
N CYS D 602 -2.59 -87.52 -25.79
CA CYS D 602 -1.45 -87.46 -26.69
C CYS D 602 -0.81 -88.84 -26.86
N ASP D 610 -1.62 -80.99 -30.64
CA ASP D 610 -1.71 -80.88 -29.19
C ASP D 610 -0.75 -79.83 -28.64
N TRP D 611 -1.22 -79.06 -27.67
CA TRP D 611 -0.31 -78.16 -26.96
C TRP D 611 0.76 -78.94 -26.21
N VAL D 612 0.38 -80.04 -25.56
CA VAL D 612 1.33 -80.86 -24.82
C VAL D 612 2.40 -81.39 -25.77
N HIS D 613 1.99 -81.87 -26.94
CA HIS D 613 2.93 -82.39 -27.91
C HIS D 613 3.97 -81.33 -28.30
N LYS D 614 3.51 -80.15 -28.70
CA LYS D 614 4.43 -79.12 -29.17
C LYS D 614 5.36 -78.67 -28.06
N GLU D 615 4.82 -78.46 -26.84
CA GLU D 615 5.70 -77.98 -25.78
C GLU D 615 6.71 -79.04 -25.36
N ILE D 616 6.30 -80.31 -25.33
CA ILE D 616 7.22 -81.36 -24.90
C ILE D 616 8.31 -81.58 -25.94
N VAL D 617 7.97 -81.51 -27.24
CA VAL D 617 9.00 -81.68 -28.25
C VAL D 617 9.93 -80.48 -28.27
N THR D 618 9.39 -79.28 -28.05
CA THR D 618 10.25 -78.09 -27.99
C THR D 618 11.20 -78.16 -26.80
N ALA D 619 10.71 -78.64 -25.66
CA ALA D 619 11.58 -78.82 -24.50
C ALA D 619 12.64 -79.88 -24.77
N LEU D 620 12.27 -81.00 -25.39
CA LEU D 620 13.25 -82.03 -25.73
C LEU D 620 14.30 -81.52 -26.70
N SER D 621 13.92 -80.58 -27.57
CA SER D 621 14.88 -80.03 -28.52
C SER D 621 16.07 -79.42 -27.80
N CYS D 622 15.82 -78.55 -26.82
CA CYS D 622 16.92 -77.94 -26.08
C CYS D 622 17.53 -78.89 -25.05
N GLY D 623 16.71 -79.73 -24.42
CA GLY D 623 17.21 -80.66 -23.43
C GLY D 623 17.80 -79.97 -22.21
N LYS D 624 16.96 -79.30 -21.43
CA LYS D 624 17.39 -78.47 -20.31
C LYS D 624 16.63 -78.84 -19.04
N ASN D 625 17.11 -79.87 -18.36
CA ASN D 625 16.69 -80.21 -16.99
C ASN D 625 15.17 -80.32 -16.89
N ILE D 626 14.61 -81.29 -17.61
CA ILE D 626 13.17 -81.53 -17.63
C ILE D 626 12.82 -82.49 -16.50
N VAL D 627 11.78 -82.16 -15.74
CA VAL D 627 11.36 -82.99 -14.63
C VAL D 627 9.86 -83.28 -14.69
N PRO D 628 9.47 -84.55 -14.82
CA PRO D 628 8.05 -84.91 -14.64
C PRO D 628 7.74 -85.30 -13.22
N ILE D 629 6.71 -84.71 -12.63
CA ILE D 629 6.27 -85.07 -11.28
C ILE D 629 5.13 -86.07 -11.41
N ILE D 630 5.32 -87.26 -10.85
CA ILE D 630 4.37 -88.36 -11.00
C ILE D 630 3.24 -88.18 -10.01
N ASP D 631 2.01 -88.11 -10.52
CA ASP D 631 0.80 -88.08 -9.68
C ASP D 631 -0.21 -89.03 -10.32
N GLY D 632 -0.15 -90.30 -9.94
CA GLY D 632 -1.06 -91.29 -10.50
C GLY D 632 -0.92 -91.51 -11.99
N PHE D 633 0.31 -91.63 -12.48
CA PHE D 633 0.58 -91.85 -13.90
C PHE D 633 1.18 -93.24 -14.06
N GLU D 634 0.60 -94.05 -14.96
CA GLU D 634 0.98 -95.44 -15.11
C GLU D 634 1.89 -95.69 -16.31
N TRP D 635 2.38 -94.64 -16.95
CA TRP D 635 3.24 -94.75 -18.13
C TRP D 635 2.63 -95.65 -19.20
N PRO D 636 1.57 -95.20 -19.88
CA PRO D 636 0.95 -96.00 -20.95
C PRO D 636 1.89 -96.23 -22.12
N GLN D 646 8.51 -89.35 -29.62
CA GLN D 646 8.31 -89.87 -28.28
C GLN D 646 9.59 -89.78 -27.46
N ALA D 647 10.01 -90.92 -26.90
CA ALA D 647 11.20 -91.00 -26.05
C ALA D 647 11.13 -89.99 -24.90
N VAL D 648 9.93 -89.84 -24.33
CA VAL D 648 9.69 -88.89 -23.25
C VAL D 648 9.74 -89.63 -21.92
N LEU D 649 9.69 -90.96 -21.97
CA LEU D 649 9.70 -91.76 -20.76
C LEU D 649 11.11 -92.00 -20.24
N THR D 650 12.14 -91.57 -20.96
CA THR D 650 13.52 -91.76 -20.52
C THR D 650 13.92 -90.67 -19.52
N PHE D 651 13.10 -90.53 -18.47
CA PHE D 651 13.34 -89.54 -17.44
C PHE D 651 12.78 -90.06 -16.13
N ASN D 652 13.32 -89.53 -15.04
CA ASN D 652 12.84 -89.84 -13.70
C ASN D 652 12.21 -88.59 -13.08
N GLY D 653 11.54 -88.79 -11.95
CA GLY D 653 10.88 -87.68 -11.30
C GLY D 653 10.70 -87.84 -9.80
N ILE D 654 9.72 -87.15 -9.25
CA ILE D 654 9.46 -87.16 -7.80
C ILE D 654 7.99 -87.48 -7.58
N LYS D 655 7.73 -88.45 -6.71
CA LYS D 655 6.37 -88.77 -6.32
C LYS D 655 5.73 -87.58 -5.60
N TRP D 656 4.50 -87.28 -5.98
CA TRP D 656 3.74 -86.18 -5.38
C TRP D 656 3.00 -86.67 -4.16
N SER D 657 3.25 -86.02 -3.03
CA SER D 657 2.59 -86.34 -1.76
C SER D 657 1.67 -85.17 -1.42
N HIS D 658 0.39 -85.47 -1.20
CA HIS D 658 -0.59 -84.42 -0.96
C HIS D 658 -0.37 -83.76 0.39
N GLU D 659 -0.19 -84.55 1.45
CA GLU D 659 -0.03 -84.01 2.78
C GLU D 659 1.41 -83.97 3.26
N TYR D 660 2.33 -84.64 2.58
CA TYR D 660 3.75 -84.57 2.89
C TYR D 660 4.44 -83.54 1.99
N GLN D 661 4.03 -82.29 2.13
CA GLN D 661 4.56 -81.21 1.31
C GLN D 661 5.77 -80.57 1.98
N GLU D 662 6.40 -79.64 1.25
CA GLU D 662 7.60 -78.90 1.63
C GLU D 662 8.84 -79.79 1.67
N ALA D 663 8.68 -81.10 1.50
CA ALA D 663 9.81 -82.01 1.35
C ALA D 663 10.02 -82.42 -0.10
N THR D 664 8.94 -82.76 -0.80
CA THR D 664 9.03 -83.04 -2.23
C THR D 664 9.48 -81.79 -2.98
N ILE D 665 8.93 -80.63 -2.62
CA ILE D 665 9.35 -79.38 -3.26
C ILE D 665 10.81 -79.09 -2.96
N GLU D 666 11.25 -79.39 -1.74
CA GLU D 666 12.66 -79.23 -1.40
C GLU D 666 13.55 -80.13 -2.25
N LYS D 667 13.10 -81.37 -2.48
CA LYS D 667 13.85 -82.29 -3.33
C LYS D 667 13.89 -81.78 -4.78
N ILE D 668 12.77 -81.24 -5.26
CA ILE D 668 12.72 -80.69 -6.62
C ILE D 668 13.68 -79.51 -6.75
N ILE D 669 13.80 -78.70 -5.69
CA ILE D 669 14.72 -77.56 -5.73
C ILE D 669 16.14 -78.03 -5.94
N ARG D 670 16.55 -79.09 -5.22
CA ARG D 670 17.87 -79.67 -5.44
C ARG D 670 17.99 -80.26 -6.84
N PHE D 671 16.93 -80.94 -7.30
CA PHE D 671 16.98 -81.62 -8.59
C PHE D 671 17.20 -80.62 -9.72
N LEU D 672 16.54 -79.46 -9.65
CA LEU D 672 16.73 -78.41 -10.64
C LEU D 672 16.46 -77.03 -10.05
N VAL E 34 -47.58 -66.01 11.51
CA VAL E 34 -48.67 -66.90 11.12
C VAL E 34 -48.17 -68.34 11.12
N GLN E 35 -47.44 -68.72 10.06
CA GLN E 35 -46.86 -70.04 10.01
C GLN E 35 -45.66 -70.18 10.94
N ASP E 36 -44.92 -69.08 11.14
CA ASP E 36 -43.69 -69.15 11.92
C ASP E 36 -43.96 -69.50 13.37
N ALA E 37 -45.14 -69.13 13.90
CA ALA E 37 -45.40 -69.26 15.32
C ALA E 37 -45.33 -70.71 15.80
N LEU E 38 -45.61 -71.67 14.92
CA LEU E 38 -45.56 -73.07 15.32
C LEU E 38 -44.16 -73.47 15.77
N GLU E 39 -43.14 -73.07 15.02
CA GLU E 39 -41.78 -73.36 15.43
C GLU E 39 -41.23 -72.32 16.38
N ARG E 40 -41.87 -71.14 16.45
CA ARG E 40 -41.53 -70.18 17.49
C ARG E 40 -41.95 -70.65 18.87
N ALA E 41 -42.94 -71.55 18.96
CA ALA E 41 -43.33 -72.12 20.24
C ALA E 41 -42.33 -73.15 20.76
N LEU E 42 -41.16 -73.27 20.12
CA LEU E 42 -40.12 -74.21 20.53
C LEU E 42 -40.65 -75.63 20.54
N PRO E 43 -40.92 -76.23 19.36
CA PRO E 43 -41.54 -77.56 19.33
C PRO E 43 -40.73 -78.63 20.04
N GLU E 44 -39.40 -78.46 20.07
CA GLU E 44 -38.52 -79.43 20.70
C GLU E 44 -37.98 -78.99 22.05
N LEU E 45 -38.19 -77.74 22.45
CA LEU E 45 -37.67 -77.21 23.71
C LEU E 45 -36.14 -77.40 23.79
N GLN E 46 -35.48 -77.19 22.65
CA GLN E 46 -34.05 -77.44 22.50
C GLN E 46 -33.73 -78.90 22.84
N GLN E 47 -34.66 -79.78 22.49
CA GLN E 47 -34.59 -81.21 22.83
C GLN E 47 -34.36 -81.37 24.34
N ALA E 48 -35.34 -80.92 25.12
CA ALA E 48 -35.29 -80.97 26.59
C ALA E 48 -34.04 -80.29 27.12
N LEU E 49 -33.69 -79.15 26.52
CA LEU E 49 -32.51 -78.38 26.90
C LEU E 49 -31.25 -79.26 26.85
N SER E 50 -30.98 -79.76 25.65
CA SER E 50 -29.84 -80.64 25.38
C SER E 50 -29.85 -81.84 26.34
N ALA E 51 -31.03 -82.44 26.49
CA ALA E 51 -31.24 -83.57 27.38
C ALA E 51 -30.80 -83.27 28.81
N LEU E 52 -31.13 -82.08 29.30
CA LEU E 52 -30.82 -81.57 30.63
C LEU E 52 -29.32 -81.31 30.82
N LYS E 53 -28.51 -81.47 29.78
CA LYS E 53 -27.05 -81.35 29.78
C LYS E 53 -26.40 -82.44 30.62
N GLN E 54 -27.14 -83.46 31.05
CA GLN E 54 -26.61 -84.56 31.84
C GLN E 54 -26.24 -85.76 30.99
N ALA E 55 -25.85 -85.53 29.73
CA ALA E 55 -25.46 -86.63 28.86
C ALA E 55 -24.20 -87.31 29.39
N GLY E 56 -23.09 -86.57 29.44
CA GLY E 56 -21.87 -87.04 30.08
C GLY E 56 -21.12 -88.13 29.36
N GLY E 57 -21.76 -88.88 28.47
CA GLY E 57 -21.12 -89.96 27.74
C GLY E 57 -20.68 -89.48 26.38
N ALA E 58 -19.60 -90.09 25.86
CA ALA E 58 -19.07 -89.70 24.56
C ALA E 58 -20.12 -89.89 23.48
N ARG E 59 -20.66 -91.10 23.35
CA ARG E 59 -21.74 -91.34 22.40
C ARG E 59 -22.97 -90.51 22.73
N ALA E 60 -23.22 -90.26 24.01
CA ALA E 60 -24.40 -89.50 24.40
C ALA E 60 -24.36 -88.09 23.82
N VAL E 61 -23.25 -87.37 24.03
CA VAL E 61 -23.15 -86.01 23.49
C VAL E 61 -23.02 -86.06 21.97
N GLY E 62 -22.27 -87.04 21.44
CA GLY E 62 -22.11 -87.13 20.01
C GLY E 62 -23.44 -87.32 19.29
N ALA E 63 -24.35 -88.06 19.90
CA ALA E 63 -25.70 -88.14 19.37
C ALA E 63 -26.47 -86.86 19.61
N GLY E 64 -26.52 -86.39 20.86
CA GLY E 64 -27.39 -85.28 21.22
C GLY E 64 -27.13 -84.04 20.40
N LEU E 65 -25.87 -83.84 19.99
CA LEU E 65 -25.57 -82.75 19.06
C LEU E 65 -26.17 -82.99 17.69
N ALA E 66 -26.25 -84.25 17.26
CA ALA E 66 -26.62 -84.53 15.88
C ALA E 66 -28.06 -84.15 15.57
N GLU E 67 -29.01 -84.57 16.43
CA GLU E 67 -30.41 -84.28 16.09
C GLU E 67 -30.76 -82.81 16.30
N VAL E 68 -30.13 -82.12 17.26
CA VAL E 68 -30.37 -80.68 17.35
C VAL E 68 -29.78 -79.96 16.15
N PHE E 69 -28.62 -80.41 15.66
CA PHE E 69 -28.04 -79.85 14.45
C PHE E 69 -28.97 -80.04 13.24
N GLN E 70 -29.50 -81.26 13.08
CA GLN E 70 -30.42 -81.47 11.97
C GLN E 70 -31.74 -80.72 12.17
N LEU E 71 -32.19 -80.56 13.42
CA LEU E 71 -33.41 -79.78 13.66
C LEU E 71 -33.23 -78.33 13.22
N VAL E 72 -32.10 -77.73 13.57
CA VAL E 72 -31.87 -76.35 13.13
C VAL E 72 -31.67 -76.31 11.62
N GLU E 73 -31.15 -77.39 11.02
CA GLU E 73 -31.08 -77.45 9.56
C GLU E 73 -32.45 -77.30 8.93
N GLU E 74 -33.36 -78.24 9.21
CA GLU E 74 -34.68 -78.16 8.59
C GLU E 74 -35.48 -76.95 9.08
N ALA E 75 -35.07 -76.35 10.20
CA ALA E 75 -35.61 -75.03 10.54
C ALA E 75 -35.15 -73.99 9.54
N TRP E 76 -33.88 -74.07 9.11
CA TRP E 76 -33.37 -73.15 8.09
C TRP E 76 -34.03 -73.40 6.74
N LEU E 77 -34.08 -74.66 6.32
CA LEU E 77 -34.47 -75.03 4.95
C LEU E 77 -35.97 -75.29 4.92
N LEU E 78 -36.76 -74.22 4.97
CA LEU E 78 -38.21 -74.31 4.82
C LEU E 78 -38.71 -72.99 4.25
N PRO E 79 -39.83 -73.01 3.51
CA PRO E 79 -40.17 -71.89 2.63
C PRO E 79 -40.58 -70.63 3.38
N ALA E 80 -39.84 -69.55 3.14
CA ALA E 80 -40.26 -68.17 3.37
C ALA E 80 -40.33 -67.74 4.83
N VAL E 81 -40.20 -68.67 5.78
CA VAL E 81 -40.11 -68.29 7.19
C VAL E 81 -38.97 -69.04 7.85
N GLY E 82 -38.22 -69.82 7.07
CA GLY E 82 -37.04 -70.47 7.62
C GLY E 82 -35.98 -69.47 8.06
N ARG E 83 -35.72 -68.46 7.23
CA ARG E 83 -34.81 -67.39 7.62
C ARG E 83 -35.33 -66.66 8.85
N GLU E 84 -36.65 -66.47 8.93
CA GLU E 84 -37.21 -65.74 10.06
C GLU E 84 -37.15 -66.54 11.34
N VAL E 85 -37.20 -67.87 11.25
CA VAL E 85 -37.17 -68.69 12.46
C VAL E 85 -35.74 -69.03 12.85
N ALA E 86 -34.80 -68.90 11.90
CA ALA E 86 -33.40 -69.13 12.23
C ALA E 86 -32.91 -68.14 13.29
N GLN E 87 -33.29 -66.87 13.17
CA GLN E 87 -32.91 -65.88 14.17
C GLN E 87 -33.57 -66.20 15.51
N GLY E 88 -34.79 -66.72 15.48
CA GLY E 88 -35.44 -67.13 16.71
C GLY E 88 -34.70 -68.23 17.42
N LEU E 89 -34.30 -69.27 16.67
CA LEU E 89 -33.53 -70.36 17.27
C LEU E 89 -32.18 -69.87 17.79
N CYS E 90 -31.52 -69.00 17.04
CA CYS E 90 -30.24 -68.46 17.49
C CYS E 90 -30.39 -67.66 18.78
N ASP E 91 -31.40 -66.79 18.85
CA ASP E 91 -31.63 -66.03 20.07
C ASP E 91 -31.98 -66.95 21.23
N ALA E 92 -32.77 -68.00 20.97
CA ALA E 92 -33.16 -68.93 22.01
C ALA E 92 -31.94 -69.67 22.57
N ILE E 93 -31.07 -70.17 21.69
CA ILE E 93 -29.88 -70.88 22.17
C ILE E 93 -28.94 -69.91 22.89
N ARG E 94 -28.87 -68.67 22.42
CA ARG E 94 -28.04 -67.67 23.11
C ARG E 94 -28.54 -67.43 24.53
N LEU E 95 -29.85 -67.27 24.70
CA LEU E 95 -30.39 -67.01 26.03
C LEU E 95 -30.42 -68.27 26.89
N ASP E 96 -30.37 -69.45 26.28
CA ASP E 96 -30.34 -70.69 27.06
C ASP E 96 -28.93 -71.13 27.42
N GLY E 97 -27.91 -70.55 26.78
CA GLY E 97 -26.54 -70.89 27.13
C GLY E 97 -25.89 -71.95 26.27
N GLY E 98 -26.49 -72.28 25.12
CA GLY E 98 -25.89 -73.26 24.24
C GLY E 98 -24.54 -72.86 23.71
N LEU E 99 -24.30 -71.56 23.50
CA LEU E 99 -22.99 -71.12 23.05
C LEU E 99 -21.92 -71.42 24.10
N ASP E 100 -22.19 -71.12 25.36
CA ASP E 100 -21.26 -71.46 26.42
C ASP E 100 -21.09 -72.98 26.54
N LEU E 101 -22.19 -73.71 26.37
CA LEU E 101 -22.11 -75.17 26.36
C LEU E 101 -21.12 -75.65 25.31
N LEU E 102 -21.26 -75.16 24.08
CA LEU E 102 -20.35 -75.53 23.00
C LEU E 102 -18.92 -75.14 23.34
N LEU E 103 -18.73 -73.91 23.83
CA LEU E 103 -17.40 -73.45 24.19
C LEU E 103 -16.79 -74.29 25.31
N ARG E 104 -17.61 -75.02 26.07
CA ARG E 104 -17.07 -75.97 27.03
C ARG E 104 -16.78 -77.33 26.43
N LEU E 105 -17.61 -77.79 25.48
CA LEU E 105 -17.34 -79.07 24.82
C LEU E 105 -16.16 -79.02 23.85
N LEU E 106 -15.85 -77.86 23.28
CA LEU E 106 -14.83 -77.81 22.23
C LEU E 106 -13.44 -78.24 22.69
N GLN E 107 -13.18 -78.24 23.99
CA GLN E 107 -11.86 -78.61 24.49
C GLN E 107 -11.73 -80.10 24.80
N ALA E 108 -12.85 -80.83 24.87
CA ALA E 108 -12.88 -82.22 25.31
C ALA E 108 -11.96 -83.11 24.47
N PRO E 109 -10.87 -83.60 25.04
CA PRO E 109 -10.00 -84.51 24.28
C PRO E 109 -10.64 -85.86 24.01
N GLU E 110 -11.40 -86.38 24.98
CA GLU E 110 -12.06 -87.67 24.79
C GLU E 110 -13.05 -87.61 23.64
N LEU E 111 -13.65 -86.44 23.40
CA LEU E 111 -14.60 -86.27 22.30
C LEU E 111 -13.84 -86.00 21.01
N GLU E 112 -13.18 -87.06 20.52
CA GLU E 112 -12.44 -87.01 19.27
C GLU E 112 -13.23 -86.32 18.16
N THR E 113 -14.56 -86.42 18.21
CA THR E 113 -15.42 -85.69 17.28
C THR E 113 -15.87 -84.36 17.90
N ARG E 114 -14.96 -83.38 17.85
CA ARG E 114 -15.39 -81.99 18.04
C ARG E 114 -16.16 -81.47 16.85
N VAL E 115 -16.22 -82.26 15.77
CA VAL E 115 -16.75 -81.79 14.50
C VAL E 115 -18.23 -81.45 14.62
N GLN E 116 -18.99 -82.26 15.37
CA GLN E 116 -20.41 -81.95 15.52
C GLN E 116 -20.62 -80.63 16.26
N ALA E 117 -19.84 -80.39 17.30
CA ALA E 117 -19.93 -79.12 18.01
C ALA E 117 -19.57 -77.95 17.10
N ALA E 118 -18.50 -78.11 16.30
CA ALA E 118 -18.09 -77.04 15.41
C ALA E 118 -19.16 -76.75 14.35
N ARG E 119 -19.72 -77.80 13.75
CA ARG E 119 -20.76 -77.60 12.74
C ARG E 119 -22.02 -77.00 13.34
N LEU E 120 -22.36 -77.37 14.58
CA LEU E 120 -23.49 -76.71 15.23
C LEU E 120 -23.20 -75.25 15.47
N LEU E 121 -21.96 -74.92 15.85
CA LEU E 121 -21.57 -73.52 16.02
C LEU E 121 -21.64 -72.75 14.71
N GLU E 122 -21.41 -73.42 13.59
CA GLU E 122 -21.44 -72.76 12.29
C GLU E 122 -22.78 -72.07 12.04
N GLN E 123 -23.86 -72.84 12.01
CA GLN E 123 -25.14 -72.33 11.54
C GLN E 123 -25.69 -71.23 12.44
N ILE E 124 -25.30 -71.22 13.71
CA ILE E 124 -25.95 -70.37 14.70
C ILE E 124 -25.29 -69.00 14.78
N LEU E 125 -24.21 -68.79 14.04
CA LEU E 125 -23.44 -67.55 14.13
C LEU E 125 -24.18 -66.42 13.44
N VAL E 126 -25.00 -65.69 14.19
CA VAL E 126 -25.62 -64.45 13.75
C VAL E 126 -25.09 -63.35 14.68
N ALA E 127 -25.14 -62.11 14.20
CA ALA E 127 -24.35 -61.02 14.79
C ALA E 127 -24.50 -60.93 16.30
N GLU E 128 -25.71 -61.17 16.82
CA GLU E 128 -25.90 -61.17 18.26
C GLU E 128 -25.08 -62.26 18.95
N ASN E 129 -25.06 -63.47 18.39
CA ASN E 129 -24.18 -64.53 18.88
C ASN E 129 -22.71 -64.22 18.60
N ARG E 130 -22.44 -63.53 17.50
CA ARG E 130 -21.08 -63.17 17.14
C ARG E 130 -20.45 -62.26 18.18
N ASP E 131 -21.19 -61.28 18.68
CA ASP E 131 -20.65 -60.41 19.72
C ASP E 131 -20.30 -61.18 20.98
N ARG E 132 -21.21 -62.05 21.44
CA ARG E 132 -20.97 -62.80 22.65
C ARG E 132 -19.78 -63.75 22.49
N VAL E 133 -19.67 -64.42 21.35
CA VAL E 133 -18.55 -65.35 21.15
C VAL E 133 -17.25 -64.58 20.97
N ALA E 134 -17.29 -63.43 20.31
CA ALA E 134 -16.09 -62.61 20.18
C ALA E 134 -15.63 -62.09 21.53
N ARG E 135 -16.56 -61.97 22.49
CA ARG E 135 -16.17 -61.52 23.82
C ARG E 135 -15.18 -62.47 24.48
N ILE E 136 -15.44 -63.77 24.45
CA ILE E 136 -14.67 -64.71 25.28
C ILE E 136 -14.06 -65.88 24.52
N GLY E 137 -14.61 -66.35 23.41
CA GLY E 137 -14.22 -67.65 22.90
C GLY E 137 -13.08 -67.68 21.90
N LEU E 138 -12.43 -66.54 21.64
CA LEU E 138 -11.30 -66.56 20.71
C LEU E 138 -10.16 -67.44 21.20
N GLY E 139 -9.91 -67.51 22.50
CA GLY E 139 -8.85 -68.35 23.00
C GLY E 139 -9.04 -69.81 22.64
N VAL E 140 -10.24 -70.33 22.88
CA VAL E 140 -10.51 -71.72 22.53
C VAL E 140 -10.56 -71.90 21.02
N ILE E 141 -11.11 -70.92 20.29
CA ILE E 141 -11.14 -71.02 18.83
C ILE E 141 -9.72 -71.03 18.28
N LEU E 142 -8.88 -70.12 18.76
CA LEU E 142 -7.51 -70.04 18.25
C LEU E 142 -6.66 -71.22 18.71
N ASN E 143 -7.04 -71.86 19.82
CA ASN E 143 -6.42 -73.13 20.19
C ASN E 143 -6.87 -74.27 19.30
N LEU E 144 -8.13 -74.27 18.87
CA LEU E 144 -8.59 -75.24 17.88
C LEU E 144 -7.99 -74.98 16.51
N ALA E 145 -7.46 -73.78 16.29
CA ALA E 145 -6.92 -73.42 14.99
C ALA E 145 -5.66 -74.20 14.63
N LYS E 146 -4.89 -74.65 15.63
CA LYS E 146 -3.65 -75.36 15.30
C LYS E 146 -3.89 -76.82 14.91
N GLU E 147 -5.08 -77.36 15.17
CA GLU E 147 -5.41 -78.72 14.75
C GLU E 147 -5.72 -78.72 13.26
N ARG E 148 -4.71 -79.11 12.49
CA ARG E 148 -4.74 -78.99 11.04
C ARG E 148 -4.88 -80.33 10.32
N GLU E 149 -4.91 -81.44 11.04
CA GLU E 149 -5.05 -82.76 10.44
C GLU E 149 -6.48 -83.12 10.07
N PRO E 150 -7.48 -82.93 10.94
CA PRO E 150 -8.84 -83.40 10.62
C PRO E 150 -9.53 -82.53 9.59
N VAL E 151 -9.92 -83.15 8.48
CA VAL E 151 -10.62 -82.45 7.41
C VAL E 151 -12.01 -82.05 7.85
N GLU E 152 -12.72 -82.96 8.54
CA GLU E 152 -14.09 -82.67 8.96
C GLU E 152 -14.13 -81.52 9.96
N LEU E 153 -13.10 -81.37 10.78
CA LEU E 153 -13.05 -80.27 11.73
C LEU E 153 -12.52 -79.00 11.07
N ALA E 154 -11.64 -79.14 10.07
CA ALA E 154 -11.14 -77.99 9.34
C ALA E 154 -12.27 -77.30 8.57
N ARG E 155 -13.12 -78.08 7.90
CA ARG E 155 -14.21 -77.51 7.13
C ARG E 155 -15.17 -76.69 7.99
N SER E 156 -15.07 -76.79 9.31
CA SER E 156 -15.90 -76.04 10.23
C SER E 156 -15.16 -74.92 10.93
N VAL E 157 -13.92 -75.16 11.37
CA VAL E 157 -13.16 -74.10 12.01
C VAL E 157 -12.83 -73.00 11.01
N ALA E 158 -12.68 -73.35 9.73
CA ALA E 158 -12.52 -72.33 8.71
C ALA E 158 -13.75 -71.45 8.62
N GLY E 159 -14.94 -72.04 8.71
CA GLY E 159 -16.15 -71.25 8.74
C GLY E 159 -16.26 -70.38 9.98
N ILE E 160 -15.80 -70.91 11.12
CA ILE E 160 -15.76 -70.10 12.34
C ILE E 160 -14.90 -68.86 12.13
N LEU E 161 -13.69 -69.05 11.59
CA LEU E 161 -12.82 -67.91 11.35
C LEU E 161 -13.43 -66.94 10.34
N GLU E 162 -14.06 -67.50 9.29
CA GLU E 162 -14.74 -66.67 8.30
C GLU E 162 -15.79 -65.77 8.96
N HIS E 163 -16.64 -66.34 9.80
CA HIS E 163 -17.71 -65.56 10.41
C HIS E 163 -17.14 -64.60 11.45
N MET E 164 -16.01 -64.96 12.07
CA MET E 164 -15.40 -64.07 13.04
C MET E 164 -14.80 -62.84 12.37
N PHE E 165 -14.25 -63.01 11.16
CA PHE E 165 -13.63 -61.88 10.48
C PHE E 165 -14.65 -60.82 10.08
N LYS E 166 -15.94 -61.15 10.08
CA LYS E 166 -16.98 -60.14 9.87
C LYS E 166 -17.05 -59.12 10.99
N HIS E 167 -16.45 -59.40 12.14
CA HIS E 167 -16.55 -58.53 13.31
C HIS E 167 -15.59 -57.36 13.17
N SER E 168 -15.39 -56.62 14.24
CA SER E 168 -14.71 -55.34 14.18
C SER E 168 -13.19 -55.53 14.05
N GLU E 169 -12.49 -54.39 14.04
CA GLU E 169 -11.05 -54.40 13.86
C GLU E 169 -10.34 -55.09 15.02
N GLU E 170 -10.89 -55.03 16.23
CA GLU E 170 -10.35 -55.88 17.30
C GLU E 170 -10.32 -57.34 16.89
N THR E 171 -11.45 -57.87 16.43
CA THR E 171 -11.47 -59.29 16.06
C THR E 171 -10.49 -59.56 14.93
N CYS E 172 -10.46 -58.68 13.93
CA CYS E 172 -9.56 -58.89 12.80
C CYS E 172 -8.09 -58.92 13.26
N GLN E 173 -7.65 -57.91 14.00
CA GLN E 173 -6.26 -57.84 14.42
C GLN E 173 -5.90 -58.90 15.45
N ARG E 174 -6.82 -59.25 16.35
CA ARG E 174 -6.56 -60.33 17.30
C ARG E 174 -6.36 -61.66 16.59
N LEU E 175 -7.22 -62.00 15.63
CA LEU E 175 -7.01 -63.23 14.89
C LEU E 175 -5.72 -63.16 14.07
N VAL E 176 -5.45 -62.01 13.45
CA VAL E 176 -4.22 -61.87 12.66
C VAL E 176 -3.00 -62.03 13.54
N ALA E 177 -3.02 -61.41 14.73
CA ALA E 177 -1.88 -61.51 15.63
C ALA E 177 -1.72 -62.93 16.16
N ALA E 178 -2.82 -63.60 16.49
CA ALA E 178 -2.73 -64.92 17.11
C ALA E 178 -2.31 -65.99 16.11
N GLY E 179 -2.86 -65.97 14.89
CA GLY E 179 -2.56 -67.03 13.96
C GLY E 179 -3.76 -67.54 13.17
N GLY E 180 -4.90 -66.87 13.33
CA GLY E 180 -6.04 -67.19 12.49
C GLY E 180 -5.74 -67.00 11.01
N LEU E 181 -5.02 -65.93 10.68
CA LEU E 181 -4.62 -65.69 9.30
C LEU E 181 -3.73 -66.82 8.80
N ASP E 182 -2.77 -67.26 9.61
CA ASP E 182 -1.91 -68.38 9.22
C ASP E 182 -2.71 -69.66 9.02
N ALA E 183 -3.68 -69.91 9.89
CA ALA E 183 -4.52 -71.10 9.75
C ALA E 183 -5.32 -71.06 8.46
N VAL E 184 -5.85 -69.89 8.09
CA VAL E 184 -6.61 -69.78 6.85
C VAL E 184 -5.68 -69.93 5.65
N LEU E 185 -4.48 -69.35 5.72
CA LEU E 185 -3.56 -69.41 4.59
C LEU E 185 -3.02 -70.83 4.37
N TYR E 186 -2.87 -71.60 5.44
CA TYR E 186 -2.35 -72.95 5.28
C TYR E 186 -3.29 -73.82 4.43
N TRP E 187 -4.59 -73.65 4.61
CA TRP E 187 -5.58 -74.50 3.96
C TRP E 187 -5.84 -74.12 2.52
N CYS E 188 -4.97 -73.31 1.91
CA CYS E 188 -5.14 -72.99 0.50
C CYS E 188 -4.58 -74.10 -0.39
N ARG E 189 -3.85 -75.05 0.19
CA ARG E 189 -3.37 -76.21 -0.57
C ARG E 189 -4.37 -77.36 -0.58
N ARG E 190 -5.45 -77.27 0.18
CA ARG E 190 -6.41 -78.36 0.24
C ARG E 190 -7.20 -78.45 -1.07
N THR E 191 -8.06 -79.46 -1.14
CA THR E 191 -8.88 -79.73 -2.32
C THR E 191 -10.36 -79.55 -2.06
N ASP E 192 -10.79 -79.49 -0.81
CA ASP E 192 -12.21 -79.53 -0.48
C ASP E 192 -12.94 -78.31 -1.04
N PRO E 193 -14.01 -78.51 -1.81
CA PRO E 193 -14.77 -77.37 -2.35
C PRO E 193 -15.24 -76.40 -1.27
N ALA E 194 -16.00 -76.91 -0.30
CA ALA E 194 -16.57 -76.04 0.73
C ALA E 194 -15.50 -75.43 1.62
N LEU E 195 -14.48 -76.21 1.98
CA LEU E 195 -13.41 -75.67 2.81
C LEU E 195 -12.68 -74.54 2.10
N LEU E 196 -12.37 -74.73 0.81
CA LEU E 196 -11.71 -73.68 0.06
C LEU E 196 -12.60 -72.47 -0.14
N ARG E 197 -13.91 -72.70 -0.30
CA ARG E 197 -14.84 -71.58 -0.41
C ARG E 197 -14.86 -70.75 0.87
N HIS E 198 -14.92 -71.41 2.02
CA HIS E 198 -14.85 -70.68 3.29
C HIS E 198 -13.51 -69.95 3.43
N CYS E 199 -12.41 -70.59 3.03
CA CYS E 199 -11.11 -69.93 3.14
C CYS E 199 -11.05 -68.68 2.28
N ALA E 200 -11.51 -68.78 1.03
CA ALA E 200 -11.50 -67.63 0.13
C ALA E 200 -12.36 -66.49 0.68
N LEU E 201 -13.58 -66.81 1.12
CA LEU E 201 -14.44 -65.74 1.58
C LEU E 201 -13.96 -65.18 2.92
N ALA E 202 -13.27 -66.00 3.72
CA ALA E 202 -12.68 -65.50 4.96
C ALA E 202 -11.58 -64.50 4.68
N LEU E 203 -10.70 -64.82 3.73
CA LEU E 203 -9.67 -63.85 3.34
C LEU E 203 -10.29 -62.58 2.79
N GLY E 204 -11.34 -62.73 1.98
CA GLY E 204 -12.03 -61.56 1.45
C GLY E 204 -12.60 -60.67 2.54
N ASN E 205 -13.31 -61.26 3.50
CA ASN E 205 -13.91 -60.46 4.56
C ASN E 205 -12.83 -59.86 5.47
N CYS E 206 -11.73 -60.57 5.69
CA CYS E 206 -10.64 -60.00 6.46
C CYS E 206 -10.08 -58.76 5.77
N ALA E 207 -9.87 -58.85 4.45
CA ALA E 207 -9.37 -57.69 3.71
C ALA E 207 -10.37 -56.54 3.74
N LEU E 208 -11.67 -56.84 3.61
CA LEU E 208 -12.67 -55.78 3.65
C LEU E 208 -12.72 -55.08 5.00
N HIS E 209 -12.67 -55.85 6.09
CA HIS E 209 -12.99 -55.30 7.40
C HIS E 209 -11.77 -54.95 8.25
N GLY E 210 -10.56 -55.26 7.80
CA GLY E 210 -9.38 -54.80 8.49
C GLY E 210 -8.99 -53.39 8.11
N GLY E 211 -7.96 -52.89 8.79
CA GLY E 211 -7.41 -51.59 8.51
C GLY E 211 -6.12 -51.66 7.71
N GLN E 212 -5.38 -50.55 7.73
CA GLN E 212 -4.09 -50.53 7.06
C GLN E 212 -3.12 -51.54 7.67
N ALA E 213 -3.07 -51.66 8.99
CA ALA E 213 -2.20 -52.65 9.61
C ALA E 213 -2.59 -54.06 9.22
N VAL E 214 -3.89 -54.36 9.20
CA VAL E 214 -4.35 -55.70 8.83
C VAL E 214 -3.95 -56.01 7.40
N GLN E 215 -4.20 -55.08 6.48
CA GLN E 215 -3.88 -55.32 5.07
C GLN E 215 -2.37 -55.44 4.87
N ARG E 216 -1.59 -54.61 5.56
CA ARG E 216 -0.14 -54.69 5.46
C ARG E 216 0.37 -56.03 5.95
N ARG E 217 -0.14 -56.51 7.08
CA ARG E 217 0.25 -57.83 7.57
C ARG E 217 -0.16 -58.93 6.60
N MET E 218 -1.37 -58.85 6.03
CA MET E 218 -1.80 -59.83 5.04
C MET E 218 -0.82 -59.89 3.87
N VAL E 219 -0.47 -58.74 3.31
CA VAL E 219 0.45 -58.74 2.17
C VAL E 219 1.83 -59.21 2.59
N GLU E 220 2.26 -58.87 3.81
CA GLU E 220 3.56 -59.32 4.29
C GLU E 220 3.62 -60.85 4.40
N LYS E 221 2.53 -61.47 4.86
CA LYS E 221 2.46 -62.92 4.88
C LYS E 221 2.24 -63.52 3.49
N ARG E 222 2.32 -62.69 2.44
CA ARG E 222 2.14 -63.13 1.05
C ARG E 222 0.77 -63.77 0.85
N ALA E 223 -0.25 -63.09 1.39
CA ALA E 223 -1.62 -63.55 1.19
C ALA E 223 -2.03 -63.46 -0.27
N ALA E 224 -1.75 -62.32 -0.92
CA ALA E 224 -2.16 -62.13 -2.30
C ALA E 224 -1.53 -63.18 -3.22
N GLU E 225 -0.34 -63.67 -2.85
CA GLU E 225 0.31 -64.70 -3.65
C GLU E 225 -0.40 -66.04 -3.49
N TRP E 226 -1.07 -66.26 -2.35
CA TRP E 226 -1.74 -67.53 -2.06
C TRP E 226 -3.19 -67.58 -2.54
N LEU E 227 -3.70 -66.57 -3.22
CA LEU E 227 -5.00 -66.74 -3.87
C LEU E 227 -4.88 -67.19 -5.32
N PHE E 228 -3.67 -67.36 -5.84
CA PHE E 228 -3.52 -67.90 -7.19
C PHE E 228 -4.08 -69.31 -7.34
N PRO E 229 -3.81 -70.26 -6.43
CA PRO E 229 -4.51 -71.55 -6.56
C PRO E 229 -6.01 -71.43 -6.39
N LEU E 230 -6.48 -70.34 -5.79
CA LEU E 230 -7.92 -70.11 -5.65
C LEU E 230 -8.48 -69.32 -6.81
N ALA E 231 -7.73 -68.38 -7.37
CA ALA E 231 -8.22 -67.63 -8.52
C ALA E 231 -8.15 -68.46 -9.80
N PHE E 232 -7.17 -69.35 -9.89
CA PHE E 232 -6.93 -70.16 -11.09
C PHE E 232 -7.36 -71.59 -10.81
N SER E 233 -8.64 -71.86 -11.06
CA SER E 233 -9.23 -73.19 -10.91
C SER E 233 -10.19 -73.45 -12.07
N LYS E 234 -10.66 -74.69 -12.14
CA LYS E 234 -11.55 -75.09 -13.23
C LYS E 234 -12.83 -75.71 -12.69
N GLU E 235 -12.77 -76.26 -11.47
CA GLU E 235 -13.91 -77.00 -10.94
C GLU E 235 -15.07 -76.06 -10.59
N ASP E 236 -14.79 -74.97 -9.89
CA ASP E 236 -15.83 -74.12 -9.32
C ASP E 236 -15.68 -72.70 -9.81
N GLU E 237 -16.78 -71.95 -9.74
CA GLU E 237 -16.82 -70.54 -10.12
C GLU E 237 -17.03 -69.60 -8.94
N LEU E 238 -17.80 -70.02 -7.93
CA LEU E 238 -17.93 -69.21 -6.72
C LEU E 238 -16.57 -69.02 -6.04
N LEU E 239 -15.77 -70.09 -5.99
CA LEU E 239 -14.45 -70.00 -5.38
C LEU E 239 -13.59 -68.98 -6.10
N ARG E 240 -13.55 -69.05 -7.44
CA ARG E 240 -12.76 -68.10 -8.21
C ARG E 240 -13.27 -66.67 -8.03
N LEU E 241 -14.59 -66.50 -8.02
CA LEU E 241 -15.17 -65.17 -7.85
C LEU E 241 -14.78 -64.58 -6.51
N HIS E 242 -14.84 -65.37 -5.44
CA HIS E 242 -14.48 -64.88 -4.12
C HIS E 242 -13.00 -64.55 -4.04
N ALA E 243 -12.14 -65.39 -4.62
CA ALA E 243 -10.72 -65.09 -4.63
C ALA E 243 -10.42 -63.81 -5.40
N CYS E 244 -11.11 -63.62 -6.54
CA CYS E 244 -10.92 -62.40 -7.32
C CYS E 244 -11.37 -61.17 -6.55
N LEU E 245 -12.50 -61.24 -5.85
CA LEU E 245 -12.92 -60.10 -5.04
C LEU E 245 -11.90 -59.80 -3.95
N ALA E 246 -11.38 -60.84 -3.31
CA ALA E 246 -10.40 -60.62 -2.24
C ALA E 246 -9.15 -59.93 -2.77
N VAL E 247 -8.62 -60.41 -3.91
CA VAL E 247 -7.40 -59.81 -4.44
C VAL E 247 -7.66 -58.39 -4.95
N ALA E 248 -8.85 -58.16 -5.54
CA ALA E 248 -9.18 -56.83 -6.01
C ALA E 248 -9.28 -55.83 -4.85
N VAL E 249 -9.86 -56.25 -3.74
CA VAL E 249 -9.93 -55.37 -2.57
C VAL E 249 -8.54 -55.15 -1.99
N LEU E 250 -7.70 -56.18 -1.99
CA LEU E 250 -6.32 -56.00 -1.58
C LEU E 250 -5.55 -55.06 -2.50
N ALA E 251 -5.96 -54.91 -3.76
CA ALA E 251 -5.29 -54.03 -4.70
C ALA E 251 -5.84 -52.61 -4.72
N THR E 252 -6.79 -52.30 -3.84
CA THR E 252 -7.38 -50.97 -3.74
C THR E 252 -6.60 -50.12 -2.74
N ASN E 253 -5.57 -50.71 -2.14
CA ASN E 253 -4.73 -50.05 -1.15
C ASN E 253 -3.37 -49.83 -1.82
N LYS E 254 -3.09 -48.59 -2.23
CA LYS E 254 -1.91 -48.28 -3.02
C LYS E 254 -0.63 -48.24 -2.21
N GLU E 255 -0.65 -48.72 -0.97
CA GLU E 255 0.58 -48.97 -0.26
C GLU E 255 1.15 -50.35 -0.54
N VAL E 256 0.32 -51.26 -1.04
CA VAL E 256 0.73 -52.64 -1.29
C VAL E 256 0.38 -53.04 -2.72
N GLU E 257 0.02 -52.05 -3.54
CA GLU E 257 -0.37 -52.33 -4.92
C GLU E 257 0.75 -53.02 -5.68
N ARG E 258 1.97 -52.53 -5.53
CA ARG E 258 3.11 -53.10 -6.24
C ARG E 258 3.33 -54.55 -5.83
N GLU E 259 3.27 -54.81 -4.52
CA GLU E 259 3.50 -56.16 -4.03
C GLU E 259 2.40 -57.11 -4.48
N VAL E 260 1.16 -56.65 -4.52
CA VAL E 260 0.07 -57.55 -4.89
C VAL E 260 0.08 -57.81 -6.40
N GLU E 261 0.54 -56.83 -7.19
CA GLU E 261 0.63 -57.11 -8.62
C GLU E 261 1.89 -57.90 -8.97
N ARG E 262 2.88 -57.91 -8.08
CA ARG E 262 4.02 -58.79 -8.29
C ARG E 262 3.67 -60.27 -8.18
N SER E 263 2.53 -60.61 -7.58
CA SER E 263 2.12 -62.00 -7.44
C SER E 263 1.48 -62.55 -8.71
N GLY E 264 1.05 -61.70 -9.64
CA GLY E 264 0.44 -62.13 -10.86
C GLY E 264 -1.03 -62.50 -10.75
N THR E 265 -1.63 -62.33 -9.58
CA THR E 265 -3.03 -62.69 -9.39
C THR E 265 -4.00 -61.72 -10.07
N LEU E 266 -3.64 -60.45 -10.19
CA LEU E 266 -4.55 -59.46 -10.75
C LEU E 266 -4.80 -59.69 -12.24
N ALA E 267 -3.96 -60.48 -12.91
CA ALA E 267 -4.13 -60.72 -14.33
C ALA E 267 -5.32 -61.63 -14.63
N LEU E 268 -5.79 -62.40 -13.65
CA LEU E 268 -6.85 -63.39 -13.87
C LEU E 268 -8.24 -62.80 -13.72
N VAL E 269 -8.36 -61.55 -13.25
CA VAL E 269 -9.67 -60.99 -12.94
C VAL E 269 -10.45 -60.68 -14.22
N GLU E 270 -9.80 -60.07 -15.20
CA GLU E 270 -10.50 -59.61 -16.40
C GLU E 270 -11.08 -60.76 -17.23
N PRO E 271 -10.32 -61.80 -17.59
CA PRO E 271 -10.94 -62.89 -18.35
C PRO E 271 -12.09 -63.55 -17.61
N LEU E 272 -11.97 -63.68 -16.29
CA LEU E 272 -13.02 -64.29 -15.49
C LEU E 272 -14.30 -63.46 -15.54
N VAL E 273 -14.17 -62.15 -15.34
CA VAL E 273 -15.35 -61.29 -15.35
C VAL E 273 -15.96 -61.24 -16.75
N ALA E 274 -15.12 -61.27 -17.79
CA ALA E 274 -15.64 -61.28 -19.15
C ALA E 274 -16.38 -62.59 -19.45
N SER E 275 -15.87 -63.71 -18.92
CA SER E 275 -16.50 -64.99 -19.18
C SER E 275 -17.80 -65.19 -18.43
N LEU E 276 -17.87 -64.81 -17.16
CA LEU E 276 -19.04 -65.08 -16.34
C LEU E 276 -20.17 -64.13 -16.68
N ASP E 277 -21.34 -64.42 -16.11
CA ASP E 277 -22.58 -63.69 -16.38
C ASP E 277 -23.30 -63.47 -15.06
N PRO E 278 -23.60 -62.22 -14.68
CA PRO E 278 -24.34 -61.98 -13.44
C PRO E 278 -25.83 -62.19 -13.54
N GLY E 279 -26.35 -62.55 -14.72
CA GLY E 279 -27.78 -62.72 -14.88
C GLY E 279 -28.34 -63.86 -14.04
N ARG E 280 -27.67 -65.01 -14.08
CA ARG E 280 -28.13 -66.18 -13.34
C ARG E 280 -27.13 -66.71 -12.32
N PHE E 281 -25.92 -66.16 -12.25
CA PHE E 281 -24.98 -66.55 -11.21
C PHE E 281 -25.26 -65.82 -9.90
N ALA E 282 -26.04 -64.73 -9.94
CA ALA E 282 -26.35 -63.99 -8.72
C ALA E 282 -27.07 -64.86 -7.71
N ARG E 283 -27.70 -65.93 -8.16
CA ARG E 283 -28.32 -66.90 -7.27
C ARG E 283 -27.32 -67.97 -6.83
N ARG E 295 -26.46 -59.18 0.41
CA ARG E 295 -25.59 -58.28 1.13
C ARG E 295 -26.37 -57.11 1.73
N GLY E 296 -25.94 -56.64 2.90
CA GLY E 296 -26.59 -55.53 3.55
C GLY E 296 -26.13 -54.20 3.00
N PRO E 297 -26.81 -53.14 3.43
CA PRO E 297 -26.39 -51.79 3.01
C PRO E 297 -25.00 -51.42 3.50
N ASP E 298 -24.58 -51.96 4.66
CA ASP E 298 -23.23 -51.70 5.13
C ASP E 298 -22.20 -52.48 4.32
N ASP E 299 -22.60 -53.64 3.79
CA ASP E 299 -21.68 -54.40 2.95
C ASP E 299 -21.54 -53.76 1.57
N LEU E 300 -22.64 -53.25 1.01
CA LEU E 300 -22.55 -52.57 -0.28
C LEU E 300 -21.75 -51.28 -0.19
N GLN E 301 -21.74 -50.65 0.98
CA GLN E 301 -20.89 -49.48 1.20
C GLN E 301 -19.41 -49.83 1.14
N ARG E 302 -19.08 -51.11 1.30
CA ARG E 302 -17.71 -51.57 1.14
C ARG E 302 -17.42 -52.07 -0.27
N LEU E 303 -18.43 -52.10 -1.14
CA LEU E 303 -18.23 -52.42 -2.55
C LEU E 303 -18.20 -51.18 -3.42
N VAL E 304 -18.87 -50.10 -2.99
CA VAL E 304 -18.82 -48.84 -3.74
C VAL E 304 -17.39 -48.33 -3.94
N PRO E 305 -16.50 -48.35 -2.95
CA PRO E 305 -15.14 -47.86 -3.19
C PRO E 305 -14.40 -48.64 -4.27
N LEU E 306 -14.75 -49.90 -4.51
CA LEU E 306 -14.18 -50.62 -5.64
C LEU E 306 -14.58 -49.96 -6.96
N LEU E 307 -15.83 -49.50 -7.06
CA LEU E 307 -16.23 -48.70 -8.21
C LEU E 307 -15.43 -47.42 -8.28
N ASP E 308 -15.32 -46.72 -7.14
CA ASP E 308 -14.62 -45.45 -7.08
C ASP E 308 -13.12 -45.67 -6.87
N SER E 309 -12.48 -46.20 -7.91
CA SER E 309 -11.06 -46.51 -7.86
C SER E 309 -10.44 -46.34 -9.24
N ASN E 310 -9.13 -46.55 -9.30
CA ASN E 310 -8.42 -46.48 -10.57
C ASN E 310 -8.10 -47.86 -11.14
N ARG E 311 -7.95 -48.87 -10.29
CA ARG E 311 -7.61 -50.21 -10.74
C ARG E 311 -8.75 -50.77 -11.58
N LEU E 312 -8.42 -51.20 -12.80
CA LEU E 312 -9.44 -51.73 -13.71
C LEU E 312 -10.06 -53.01 -13.16
N GLU E 313 -9.24 -53.89 -12.56
CA GLU E 313 -9.76 -55.12 -12.00
C GLU E 313 -10.73 -54.84 -10.84
N ALA E 314 -10.36 -53.91 -9.97
CA ALA E 314 -11.24 -53.55 -8.86
C ALA E 314 -12.54 -52.95 -9.38
N GLN E 315 -12.46 -52.09 -10.40
CA GLN E 315 -13.68 -51.52 -10.97
C GLN E 315 -14.57 -52.61 -11.56
N CYS E 316 -13.97 -53.58 -12.26
CA CYS E 316 -14.76 -54.64 -12.87
C CYS E 316 -15.45 -55.51 -11.83
N ILE E 317 -14.72 -55.86 -10.76
CA ILE E 317 -15.34 -56.65 -9.68
C ILE E 317 -16.47 -55.86 -9.03
N GLY E 318 -16.25 -54.58 -8.78
CA GLY E 318 -17.31 -53.77 -8.21
C GLY E 318 -18.54 -53.72 -9.09
N ALA E 319 -18.35 -53.53 -10.39
CA ALA E 319 -19.48 -53.50 -11.32
C ALA E 319 -20.20 -54.83 -11.36
N PHE E 320 -19.45 -55.94 -11.41
CA PHE E 320 -20.07 -57.27 -11.43
C PHE E 320 -20.94 -57.48 -10.21
N TYR E 321 -20.36 -57.28 -9.02
CA TYR E 321 -21.12 -57.54 -7.80
C TYR E 321 -22.30 -56.59 -7.66
N LEU E 322 -22.10 -55.31 -8.02
CA LEU E 322 -23.17 -54.34 -7.85
C LEU E 322 -24.33 -54.64 -8.79
N CYS E 323 -24.05 -55.03 -10.04
CA CYS E 323 -25.15 -55.34 -10.94
C CYS E 323 -25.86 -56.62 -10.53
N ALA E 324 -25.12 -57.61 -10.02
CA ALA E 324 -25.77 -58.83 -9.53
C ALA E 324 -26.71 -58.51 -8.37
N GLU E 325 -26.23 -57.73 -7.39
CA GLU E 325 -27.07 -57.39 -6.26
C GLU E 325 -28.23 -56.50 -6.68
N ALA E 326 -28.01 -55.64 -7.68
CA ALA E 326 -29.10 -54.82 -8.20
C ALA E 326 -30.18 -55.68 -8.83
N ALA E 327 -29.79 -56.71 -9.57
CA ALA E 327 -30.77 -57.62 -10.15
C ALA E 327 -31.58 -58.31 -9.06
N ILE E 328 -30.90 -58.89 -8.06
CA ILE E 328 -31.64 -59.63 -7.04
C ILE E 328 -32.51 -58.70 -6.21
N LYS E 329 -32.04 -57.48 -5.97
CA LYS E 329 -32.84 -56.52 -5.20
C LYS E 329 -34.06 -56.08 -6.00
N SER E 330 -33.89 -55.76 -7.28
CA SER E 330 -35.02 -55.36 -8.11
C SER E 330 -36.06 -56.47 -8.19
N LEU E 331 -35.60 -57.73 -8.23
CA LEU E 331 -36.52 -58.84 -8.15
C LEU E 331 -37.24 -58.87 -6.81
N GLN E 332 -36.48 -58.70 -5.72
CA GLN E 332 -37.01 -58.75 -4.36
C GLN E 332 -37.47 -57.36 -3.93
N GLY E 333 -38.60 -56.95 -4.48
CA GLY E 333 -39.20 -55.68 -4.10
C GLY E 333 -38.49 -54.48 -4.71
N LYS E 334 -38.81 -53.31 -4.17
CA LYS E 334 -38.25 -52.05 -4.64
C LYS E 334 -37.73 -51.25 -3.47
N THR E 335 -36.56 -50.64 -3.66
CA THR E 335 -35.91 -49.87 -2.60
C THR E 335 -35.05 -48.79 -3.25
N LYS E 336 -34.88 -47.67 -2.55
CA LYS E 336 -34.02 -46.59 -2.99
C LYS E 336 -32.68 -46.60 -2.26
N VAL E 337 -32.17 -47.78 -1.92
CA VAL E 337 -30.90 -47.87 -1.21
C VAL E 337 -29.75 -47.44 -2.09
N PHE E 338 -29.84 -47.67 -3.40
CA PHE E 338 -28.74 -47.34 -4.29
C PHE E 338 -28.53 -45.83 -4.43
N SER E 339 -29.61 -45.05 -4.53
CA SER E 339 -29.46 -43.60 -4.57
C SER E 339 -28.85 -43.07 -3.29
N ASP E 340 -29.26 -43.61 -2.15
CA ASP E 340 -28.70 -43.18 -0.87
C ASP E 340 -27.22 -43.55 -0.76
N ILE E 341 -26.85 -44.75 -1.22
CA ILE E 341 -25.45 -45.17 -1.12
C ILE E 341 -24.58 -44.45 -2.14
N GLY E 342 -25.20 -43.91 -3.19
CA GLY E 342 -24.45 -43.16 -4.18
C GLY E 342 -23.87 -43.97 -5.31
N ALA E 343 -24.38 -45.18 -5.54
CA ALA E 343 -23.83 -46.02 -6.60
C ALA E 343 -24.24 -45.54 -7.99
N ILE E 344 -25.30 -44.72 -8.08
CA ILE E 344 -25.78 -44.27 -9.38
C ILE E 344 -24.73 -43.39 -10.07
N GLN E 345 -24.22 -42.40 -9.34
CA GLN E 345 -23.21 -41.51 -9.93
C GLN E 345 -21.91 -42.26 -10.20
N SER E 346 -21.54 -43.20 -9.34
CA SER E 346 -20.35 -44.00 -9.59
C SER E 346 -20.50 -44.82 -10.88
N LEU E 347 -21.66 -45.45 -11.06
CA LEU E 347 -21.89 -46.24 -12.27
C LEU E 347 -21.91 -45.36 -13.51
N LYS E 348 -22.49 -44.16 -13.40
CA LYS E 348 -22.44 -43.22 -14.51
C LYS E 348 -21.01 -42.81 -14.84
N ARG E 349 -20.17 -42.59 -13.84
CA ARG E 349 -18.78 -42.24 -14.09
C ARG E 349 -17.96 -43.41 -14.63
N LEU E 350 -18.39 -44.63 -14.37
CA LEU E 350 -17.69 -45.80 -14.87
C LEU E 350 -17.98 -46.05 -16.34
N VAL E 351 -19.01 -45.41 -16.88
CA VAL E 351 -19.39 -45.65 -18.27
C VAL E 351 -19.06 -44.47 -19.17
N SER E 352 -19.22 -43.25 -18.66
CA SER E 352 -18.96 -42.06 -19.47
C SER E 352 -17.52 -42.01 -19.95
N TYR E 353 -16.59 -42.30 -19.04
CA TYR E 353 -15.17 -42.23 -19.40
C TYR E 353 -14.56 -43.61 -19.59
N SER E 354 -15.39 -44.64 -19.63
CA SER E 354 -14.88 -46.00 -19.73
C SER E 354 -14.14 -46.27 -21.02
N THR E 355 -13.10 -47.09 -20.96
CA THR E 355 -12.36 -47.46 -22.16
C THR E 355 -12.31 -48.98 -22.27
N ASN E 356 -13.03 -49.66 -21.39
CA ASN E 356 -13.06 -51.12 -21.41
C ASN E 356 -14.48 -51.62 -21.61
N GLY E 357 -14.66 -52.55 -22.54
CA GLY E 357 -16.00 -53.04 -22.84
C GLY E 357 -16.68 -53.77 -21.71
N THR E 358 -16.01 -54.75 -21.12
CA THR E 358 -16.63 -55.53 -20.06
C THR E 358 -17.20 -54.60 -19.01
N LYS E 359 -16.43 -53.58 -18.65
CA LYS E 359 -16.87 -52.64 -17.63
C LYS E 359 -18.03 -51.79 -18.13
N SER E 360 -17.96 -51.33 -19.38
CA SER E 360 -19.06 -50.57 -19.95
C SER E 360 -20.35 -51.39 -19.98
N ALA E 361 -20.25 -52.65 -20.40
CA ALA E 361 -21.43 -53.50 -20.48
C ALA E 361 -22.05 -53.74 -19.12
N LEU E 362 -21.22 -54.05 -18.12
CA LEU E 362 -21.76 -54.28 -16.78
C LEU E 362 -22.40 -53.02 -16.22
N ALA E 363 -21.77 -51.86 -16.42
CA ALA E 363 -22.35 -50.62 -15.94
C ALA E 363 -23.68 -50.32 -16.62
N LYS E 364 -23.75 -50.51 -17.93
CA LYS E 364 -24.99 -50.26 -18.66
C LYS E 364 -26.09 -51.21 -18.20
N ARG E 365 -25.75 -52.47 -17.97
CA ARG E 365 -26.73 -53.43 -17.47
C ARG E 365 -27.25 -53.02 -16.11
N ALA E 366 -26.36 -52.59 -15.21
CA ALA E 366 -26.80 -52.14 -13.89
C ALA E 366 -27.70 -50.92 -14.00
N LEU E 367 -27.35 -49.95 -14.86
CA LEU E 367 -28.19 -48.77 -15.02
C LEU E 367 -29.58 -49.13 -15.54
N ARG E 368 -29.64 -50.00 -16.55
CA ARG E 368 -30.95 -50.34 -17.11
C ARG E 368 -31.77 -51.16 -16.12
N LEU E 369 -31.12 -51.98 -15.30
CA LEU E 369 -31.85 -52.72 -14.28
C LEU E 369 -32.40 -51.80 -13.19
N LEU E 370 -31.63 -50.79 -12.80
CA LEU E 370 -32.10 -49.87 -11.75
C LEU E 370 -33.06 -48.82 -12.27
N GLY E 371 -33.44 -48.83 -13.54
CA GLY E 371 -34.41 -47.88 -14.04
C GLY E 371 -33.91 -46.46 -14.11
N GLU E 372 -32.82 -46.24 -14.86
CA GLU E 372 -32.28 -44.90 -15.04
C GLU E 372 -31.63 -44.84 -16.41
N GLU E 373 -31.51 -43.63 -16.95
CA GLU E 373 -30.95 -43.44 -18.28
C GLU E 373 -29.49 -43.87 -18.31
N VAL E 374 -29.06 -44.39 -19.45
CA VAL E 374 -27.68 -44.80 -19.66
C VAL E 374 -26.98 -43.69 -20.44
N PRO E 375 -26.00 -42.98 -19.84
CA PRO E 375 -25.32 -41.92 -20.57
C PRO E 375 -24.41 -42.48 -21.66
N ARG E 376 -24.32 -41.74 -22.76
CA ARG E 376 -23.44 -42.14 -23.84
C ARG E 376 -21.99 -41.85 -23.48
N PRO E 377 -21.04 -42.62 -24.00
CA PRO E 377 -19.63 -42.22 -23.88
C PRO E 377 -19.39 -40.93 -24.62
N ILE E 378 -18.49 -40.12 -24.09
CA ILE E 378 -18.20 -38.80 -24.64
C ILE E 378 -16.96 -38.88 -25.53
N LEU E 379 -16.91 -38.02 -26.53
CA LEU E 379 -15.77 -37.99 -27.44
C LEU E 379 -14.52 -37.55 -26.69
N PRO E 380 -13.40 -38.25 -26.87
CA PRO E 380 -12.18 -37.90 -26.14
C PRO E 380 -11.57 -36.59 -26.61
N SER E 381 -11.80 -36.22 -27.87
CA SER E 381 -11.22 -35.02 -28.45
C SER E 381 -12.02 -33.81 -27.94
N VAL E 382 -11.63 -33.32 -26.77
CA VAL E 382 -12.33 -32.23 -26.10
C VAL E 382 -12.01 -30.88 -26.74
N PRO E 383 -10.78 -30.59 -27.18
CA PRO E 383 -10.54 -29.29 -27.83
C PRO E 383 -11.40 -29.04 -29.06
N SER E 384 -11.98 -30.08 -29.65
CA SER E 384 -12.84 -29.93 -30.80
C SER E 384 -14.33 -29.98 -30.44
N TRP E 385 -14.66 -29.90 -29.16
CA TRP E 385 -16.05 -29.93 -28.75
C TRP E 385 -16.79 -28.69 -29.20
N LYS E 386 -18.11 -28.77 -29.21
CA LYS E 386 -18.98 -27.64 -29.50
C LYS E 386 -20.01 -27.50 -28.37
N GLU E 387 -20.97 -26.59 -28.58
CA GLU E 387 -21.92 -26.27 -27.53
C GLU E 387 -22.79 -27.48 -27.18
N ALA E 388 -23.21 -28.24 -28.19
CA ALA E 388 -24.04 -29.41 -27.92
C ALA E 388 -23.31 -30.43 -27.05
N GLU E 389 -22.03 -30.68 -27.37
CA GLU E 389 -21.27 -31.65 -26.59
C GLU E 389 -20.99 -31.14 -25.18
N VAL E 390 -20.78 -29.82 -25.04
CA VAL E 390 -20.61 -29.25 -23.71
C VAL E 390 -21.88 -29.43 -22.89
N GLN E 391 -23.04 -29.20 -23.50
CA GLN E 391 -24.31 -29.41 -22.80
C GLN E 391 -24.48 -30.86 -22.39
N THR E 392 -24.14 -31.78 -23.30
CA THR E 392 -24.26 -33.21 -22.96
C THR E 392 -23.36 -33.57 -21.78
N TRP E 393 -22.11 -33.09 -21.80
CA TRP E 393 -21.20 -33.37 -20.69
C TRP E 393 -21.73 -32.78 -19.38
N LEU E 394 -22.27 -31.57 -19.43
CA LEU E 394 -22.83 -30.97 -18.23
C LEU E 394 -23.98 -31.80 -17.69
N GLN E 395 -24.84 -32.31 -18.58
CA GLN E 395 -25.95 -33.14 -18.13
C GLN E 395 -25.48 -34.47 -17.57
N GLN E 396 -24.34 -34.98 -18.05
CA GLN E 396 -23.85 -36.27 -17.60
C GLN E 396 -23.25 -36.26 -16.20
N ILE E 397 -22.85 -35.10 -15.68
CA ILE E 397 -22.13 -35.05 -14.41
C ILE E 397 -22.97 -34.38 -13.33
N GLY E 398 -24.28 -34.29 -13.56
CA GLY E 398 -25.16 -33.75 -12.54
C GLY E 398 -25.12 -32.25 -12.36
N PHE E 399 -24.69 -31.51 -13.38
CA PHE E 399 -24.68 -30.06 -13.35
C PHE E 399 -25.75 -29.50 -14.30
N SER E 400 -26.90 -30.15 -14.36
CA SER E 400 -27.98 -29.71 -15.24
C SER E 400 -28.51 -28.34 -14.88
N LYS E 401 -28.30 -27.87 -13.65
CA LYS E 401 -28.81 -26.56 -13.26
C LYS E 401 -28.05 -25.43 -13.94
N TYR E 402 -26.73 -25.53 -14.06
CA TYR E 402 -25.93 -24.55 -14.78
C TYR E 402 -25.72 -24.95 -16.23
N CYS E 403 -26.82 -25.24 -16.93
CA CYS E 403 -26.78 -25.62 -18.34
C CYS E 403 -27.27 -24.50 -19.24
N GLU E 404 -28.31 -23.79 -18.82
CA GLU E 404 -28.82 -22.69 -19.63
C GLU E 404 -27.83 -21.53 -19.66
N SER E 405 -27.09 -21.31 -18.57
CA SER E 405 -26.07 -20.27 -18.57
C SER E 405 -24.95 -20.60 -19.57
N PHE E 406 -24.51 -21.85 -19.60
CA PHE E 406 -23.52 -22.26 -20.58
C PHE E 406 -24.05 -22.11 -22.00
N ARG E 407 -25.31 -22.49 -22.22
CA ARG E 407 -25.90 -22.33 -23.54
C ARG E 407 -25.93 -20.86 -23.95
N GLU E 408 -26.31 -19.97 -23.03
CA GLU E 408 -26.37 -18.55 -23.34
C GLU E 408 -24.99 -17.99 -23.65
N GLN E 409 -24.01 -18.30 -22.83
CA GLN E 409 -22.67 -17.75 -23.02
C GLN E 409 -21.88 -18.45 -24.13
N GLN E 410 -22.40 -19.53 -24.68
CA GLN E 410 -21.79 -20.21 -25.83
C GLN E 410 -20.37 -20.68 -25.51
N VAL E 411 -20.28 -21.59 -24.54
CA VAL E 411 -19.00 -22.13 -24.11
C VAL E 411 -18.67 -23.35 -24.94
N ASP E 412 -17.60 -23.26 -25.72
CA ASP E 412 -17.09 -24.36 -26.53
C ASP E 412 -16.08 -25.15 -25.70
N GLY E 413 -15.47 -26.15 -26.34
CA GLY E 413 -14.41 -26.90 -25.67
C GLY E 413 -13.22 -26.03 -25.35
N ASP E 414 -12.82 -25.16 -26.28
CA ASP E 414 -11.68 -24.29 -26.06
C ASP E 414 -11.92 -23.38 -24.86
N LEU E 415 -13.11 -22.81 -24.76
CA LEU E 415 -13.43 -21.97 -23.61
C LEU E 415 -13.58 -22.81 -22.34
N LEU E 416 -13.96 -24.07 -22.49
CA LEU E 416 -14.18 -24.92 -21.33
C LEU E 416 -12.86 -25.29 -20.66
N LEU E 417 -11.86 -25.69 -21.45
CA LEU E 417 -10.59 -26.06 -20.85
C LEU E 417 -9.83 -24.86 -20.28
N ARG E 418 -10.22 -23.64 -20.62
CA ARG E 418 -9.63 -22.44 -20.03
C ARG E 418 -10.77 -21.68 -19.35
N LEU E 419 -11.07 -22.09 -18.12
CA LEU E 419 -12.18 -21.53 -17.35
C LEU E 419 -11.66 -21.18 -15.98
N THR E 420 -11.65 -19.89 -15.66
CA THR E 420 -11.11 -19.42 -14.38
C THR E 420 -12.24 -19.25 -13.37
N GLU E 421 -11.84 -19.19 -12.10
CA GLU E 421 -12.81 -19.07 -11.02
C GLU E 421 -13.57 -17.76 -11.07
N GLU E 422 -12.92 -16.67 -11.49
CA GLU E 422 -13.63 -15.40 -11.63
C GLU E 422 -14.73 -15.48 -12.68
N GLU E 423 -14.43 -16.12 -13.83
CA GLU E 423 -15.45 -16.31 -14.85
C GLU E 423 -16.57 -17.20 -14.35
N LEU E 424 -16.22 -18.28 -13.64
CA LEU E 424 -17.25 -19.16 -13.10
C LEU E 424 -18.17 -18.43 -12.15
N GLN E 425 -17.61 -17.59 -11.28
CA GLN E 425 -18.42 -16.89 -10.30
C GLN E 425 -19.26 -15.80 -10.93
N THR E 426 -18.68 -14.98 -11.80
CA THR E 426 -19.35 -13.78 -12.29
C THR E 426 -20.17 -13.99 -13.54
N ASP E 427 -19.68 -14.74 -14.52
CA ASP E 427 -20.32 -14.85 -15.82
C ASP E 427 -21.30 -16.00 -15.93
N LEU E 428 -21.08 -17.09 -15.19
CA LEU E 428 -21.96 -18.25 -15.27
C LEU E 428 -22.85 -18.42 -14.03
N GLY E 429 -22.48 -17.83 -12.90
CA GLY E 429 -23.38 -17.74 -11.77
C GLY E 429 -23.19 -18.74 -10.65
N MET E 430 -22.10 -19.49 -10.64
CA MET E 430 -21.82 -20.40 -9.52
C MET E 430 -21.29 -19.57 -8.36
N LYS E 431 -22.22 -19.05 -7.56
CA LYS E 431 -21.85 -18.20 -6.43
C LYS E 431 -21.19 -19.00 -5.31
N SER E 432 -21.63 -20.24 -5.10
CA SER E 432 -21.12 -21.04 -3.99
C SER E 432 -19.64 -21.34 -4.17
N GLY E 433 -18.88 -21.22 -3.09
CA GLY E 433 -17.45 -21.42 -3.15
C GLY E 433 -17.00 -22.86 -3.23
N ILE E 434 -17.87 -23.81 -2.88
CA ILE E 434 -17.51 -25.22 -2.98
C ILE E 434 -18.19 -25.91 -4.15
N THR E 435 -19.28 -25.35 -4.67
CA THR E 435 -19.80 -25.81 -5.96
C THR E 435 -18.76 -25.64 -7.05
N ARG E 436 -18.03 -24.52 -7.02
CA ARG E 436 -16.91 -24.35 -7.93
C ARG E 436 -15.81 -25.39 -7.70
N LYS E 437 -15.57 -25.78 -6.44
CA LYS E 437 -14.60 -26.84 -6.19
C LYS E 437 -15.04 -28.15 -6.82
N ARG E 438 -16.32 -28.49 -6.70
CA ARG E 438 -16.83 -29.70 -7.34
C ARG E 438 -16.68 -29.61 -8.86
N PHE E 439 -17.04 -28.46 -9.43
CA PHE E 439 -16.92 -28.30 -10.88
C PHE E 439 -15.48 -28.44 -11.33
N PHE E 440 -14.54 -27.89 -10.57
CA PHE E 440 -13.15 -28.02 -10.96
C PHE E 440 -12.64 -29.43 -10.77
N ARG E 441 -13.18 -30.18 -9.81
CA ARG E 441 -12.86 -31.59 -9.73
C ARG E 441 -13.29 -32.33 -11.00
N GLU E 442 -14.52 -32.09 -11.45
CA GLU E 442 -14.98 -32.73 -12.69
C GLU E 442 -14.15 -32.28 -13.88
N LEU E 443 -13.82 -31.00 -13.94
CA LEU E 443 -13.02 -30.48 -15.05
C LEU E 443 -11.62 -31.09 -15.04
N THR E 444 -11.04 -31.29 -13.86
CA THR E 444 -9.72 -31.92 -13.80
C THR E 444 -9.79 -33.36 -14.28
N GLU E 445 -10.85 -34.08 -13.91
CA GLU E 445 -11.02 -35.44 -14.43
C GLU E 445 -11.12 -35.44 -15.95
N LEU E 446 -11.90 -34.50 -16.50
CA LEU E 446 -12.03 -34.41 -17.95
C LEU E 446 -10.71 -34.07 -18.61
N LYS E 447 -9.94 -33.14 -18.04
CA LYS E 447 -8.66 -32.75 -18.61
C LYS E 447 -7.70 -33.93 -18.62
N THR E 448 -7.70 -34.73 -17.54
CA THR E 448 -6.87 -35.92 -17.53
C THR E 448 -7.31 -36.94 -18.59
N PHE E 449 -8.62 -37.13 -18.76
CA PHE E 449 -9.13 -38.10 -19.73
C PHE E 449 -9.04 -37.65 -21.18
N ALA E 450 -8.87 -36.35 -21.43
CA ALA E 450 -9.03 -35.79 -22.76
C ALA E 450 -7.97 -36.30 -23.74
N ASN E 451 -8.09 -35.86 -24.98
CA ASN E 451 -7.27 -36.33 -26.10
C ASN E 451 -6.73 -35.12 -26.85
N TYR E 452 -5.49 -34.73 -26.54
CA TYR E 452 -4.89 -33.52 -27.10
C TYR E 452 -4.04 -33.89 -28.32
N SER E 453 -4.74 -34.35 -29.36
CA SER E 453 -4.07 -34.74 -30.60
C SER E 453 -3.91 -33.58 -31.57
N THR E 454 -4.92 -32.72 -31.70
CA THR E 454 -4.90 -31.67 -32.70
C THR E 454 -4.17 -30.41 -32.26
N CYS E 455 -3.77 -30.32 -31.00
CA CYS E 455 -3.08 -29.13 -30.50
C CYS E 455 -1.65 -29.39 -30.05
N ASP E 456 -1.34 -30.60 -29.62
CA ASP E 456 -0.01 -30.94 -29.12
C ASP E 456 0.86 -31.46 -30.24
N ARG E 457 2.06 -30.91 -30.34
CA ARG E 457 2.97 -31.24 -31.42
C ARG E 457 4.19 -32.01 -30.95
N SER E 458 4.69 -31.74 -29.75
CA SER E 458 5.86 -32.41 -29.21
C SER E 458 5.48 -33.53 -28.24
N ASN E 459 4.21 -33.85 -28.13
CA ASN E 459 3.70 -34.85 -27.20
C ASN E 459 4.11 -34.49 -25.77
N LEU E 460 3.65 -33.32 -25.33
CA LEU E 460 3.93 -32.85 -23.98
C LEU E 460 3.07 -33.54 -22.93
N ALA E 461 1.91 -34.07 -23.33
CA ALA E 461 1.01 -34.70 -22.39
C ALA E 461 1.64 -35.93 -21.75
N ASP E 462 2.31 -36.77 -22.55
CA ASP E 462 2.92 -37.96 -21.97
C ASP E 462 4.17 -37.61 -21.17
N TRP E 463 4.85 -36.53 -21.54
CA TRP E 463 5.96 -36.07 -20.70
C TRP E 463 5.46 -35.67 -19.32
N LEU E 464 4.35 -34.94 -19.26
CA LEU E 464 3.77 -34.60 -17.96
C LEU E 464 3.30 -35.85 -17.22
N GLY E 465 2.65 -36.78 -17.93
CA GLY E 465 2.16 -37.99 -17.31
C GLY E 465 3.25 -38.87 -16.74
N SER E 466 4.42 -38.92 -17.39
CA SER E 466 5.54 -39.68 -16.86
C SER E 466 5.97 -39.12 -15.50
N LEU E 467 6.00 -37.79 -15.37
CA LEU E 467 6.24 -37.18 -14.06
C LEU E 467 5.16 -37.60 -13.07
N ASP E 468 3.90 -37.43 -13.45
CA ASP E 468 2.81 -37.70 -12.51
C ASP E 468 1.50 -37.80 -13.29
N PRO E 469 0.70 -38.84 -13.07
CA PRO E 469 -0.58 -38.96 -13.79
C PRO E 469 -1.50 -37.77 -13.58
N ARG E 470 -1.40 -37.09 -12.44
CA ARG E 470 -2.20 -35.91 -12.18
C ARG E 470 -1.59 -34.64 -12.76
N PHE E 471 -0.42 -34.74 -13.39
CA PHE E 471 0.18 -33.62 -14.10
C PHE E 471 -0.28 -33.52 -15.54
N ARG E 472 -1.08 -34.48 -16.01
CA ARG E 472 -1.53 -34.48 -17.40
C ARG E 472 -2.60 -33.45 -17.67
N GLN E 473 -3.22 -32.89 -16.63
CA GLN E 473 -4.29 -31.91 -16.79
C GLN E 473 -3.80 -30.55 -17.24
N TYR E 474 -2.49 -30.30 -17.21
CA TYR E 474 -1.92 -29.01 -17.53
C TYR E 474 -1.54 -28.89 -18.99
N THR E 475 -1.84 -29.90 -19.81
CA THR E 475 -1.34 -29.93 -21.18
C THR E 475 -1.90 -28.79 -22.01
N TYR E 476 -3.21 -28.56 -21.92
CA TYR E 476 -3.82 -27.50 -22.73
C TYR E 476 -3.29 -26.14 -22.31
N GLY E 477 -3.17 -25.90 -21.01
CA GLY E 477 -2.63 -24.64 -20.54
C GLY E 477 -1.20 -24.44 -20.97
N LEU E 478 -0.42 -25.50 -21.03
CA LEU E 478 0.97 -25.37 -21.45
C LEU E 478 1.09 -25.14 -22.95
N VAL E 479 0.24 -25.77 -23.76
CA VAL E 479 0.40 -25.68 -25.20
C VAL E 479 -0.31 -24.44 -25.77
N SER E 480 -1.31 -23.91 -25.07
CA SER E 480 -1.97 -22.71 -25.57
C SER E 480 -1.14 -21.46 -25.38
N CYS E 481 -0.09 -21.53 -24.56
CA CYS E 481 0.85 -20.42 -24.38
C CYS E 481 2.05 -20.52 -25.31
N GLY E 482 2.07 -21.49 -26.21
CA GLY E 482 3.18 -21.65 -27.12
C GLY E 482 4.40 -22.25 -26.47
N LEU E 483 4.25 -23.47 -25.95
CA LEU E 483 5.35 -24.18 -25.32
C LEU E 483 5.40 -25.60 -25.86
N ASP E 484 6.58 -26.20 -25.78
CA ASP E 484 6.77 -27.57 -26.21
C ASP E 484 8.01 -28.12 -25.51
N ARG E 485 8.41 -29.34 -25.89
CA ARG E 485 9.54 -29.99 -25.22
C ARG E 485 10.84 -29.21 -25.39
N SER E 486 11.00 -28.54 -26.52
CA SER E 486 12.23 -27.82 -26.80
C SER E 486 12.31 -26.47 -26.09
N LEU E 487 11.22 -26.02 -25.46
CA LEU E 487 11.16 -24.70 -24.85
C LEU E 487 10.92 -24.70 -23.36
N LEU E 488 10.73 -25.87 -22.74
CA LEU E 488 10.48 -25.93 -21.31
C LEU E 488 11.72 -25.60 -20.48
N HIS E 489 12.91 -25.74 -21.03
CA HIS E 489 14.14 -25.47 -20.30
C HIS E 489 14.43 -23.99 -20.13
N ARG E 490 13.48 -23.12 -20.48
CA ARG E 490 13.65 -21.68 -20.30
C ARG E 490 12.50 -21.03 -19.55
N VAL E 491 11.42 -21.75 -19.26
CA VAL E 491 10.25 -21.17 -18.63
C VAL E 491 10.56 -20.87 -17.17
N SER E 492 9.92 -19.84 -16.63
CA SER E 492 10.11 -19.40 -15.26
C SER E 492 8.90 -19.77 -14.41
N GLU E 493 9.08 -19.68 -13.10
CA GLU E 493 8.00 -20.02 -12.17
C GLU E 493 6.85 -19.03 -12.30
N GLN E 494 7.16 -17.75 -12.53
CA GLN E 494 6.11 -16.76 -12.72
C GLN E 494 5.32 -17.03 -13.99
N GLN E 495 5.99 -17.48 -15.05
CA GLN E 495 5.30 -17.76 -16.31
C GLN E 495 4.31 -18.91 -16.15
N LEU E 496 4.71 -19.98 -15.47
CA LEU E 496 3.83 -21.11 -15.27
C LEU E 496 2.61 -20.75 -14.43
N LEU E 497 2.71 -19.72 -13.59
CA LEU E 497 1.58 -19.31 -12.77
C LEU E 497 0.66 -18.35 -13.50
N GLU E 498 1.22 -17.29 -14.08
CA GLU E 498 0.40 -16.29 -14.75
C GLU E 498 -0.20 -16.83 -16.04
N ASP E 499 0.62 -17.46 -16.88
CA ASP E 499 0.21 -17.80 -18.24
C ASP E 499 -0.37 -19.20 -18.34
N CYS E 500 0.42 -20.21 -17.95
CA CYS E 500 -0.01 -21.60 -18.12
C CYS E 500 -1.22 -21.92 -17.25
N GLY E 501 -1.26 -21.37 -16.03
CA GLY E 501 -2.38 -21.59 -15.15
C GLY E 501 -2.19 -22.62 -14.06
N ILE E 502 -0.94 -22.96 -13.72
CA ILE E 502 -0.67 -23.93 -12.66
C ILE E 502 -0.76 -23.17 -11.34
N HIS E 503 -1.62 -23.65 -10.43
CA HIS E 503 -1.88 -22.92 -9.19
C HIS E 503 -0.99 -23.43 -8.05
N LEU E 504 -0.99 -24.74 -7.83
CA LEU E 504 -0.25 -25.30 -6.71
C LEU E 504 1.25 -25.10 -6.90
N GLY E 505 1.89 -24.57 -5.85
CA GLY E 505 3.32 -24.32 -5.92
C GLY E 505 4.17 -25.58 -6.02
N VAL E 506 3.71 -26.66 -5.39
CA VAL E 506 4.46 -27.91 -5.45
C VAL E 506 4.55 -28.40 -6.89
N HIS E 507 3.42 -28.35 -7.62
CA HIS E 507 3.42 -28.80 -9.01
C HIS E 507 4.31 -27.92 -9.88
N ARG E 508 4.28 -26.60 -9.65
CA ARG E 508 5.15 -25.71 -10.41
C ARG E 508 6.62 -26.03 -10.17
N ALA E 509 6.99 -26.21 -8.90
CA ALA E 509 8.38 -26.51 -8.57
C ALA E 509 8.81 -27.84 -9.17
N ARG E 510 7.95 -28.85 -9.11
CA ARG E 510 8.28 -30.15 -9.70
C ARG E 510 8.46 -30.05 -11.20
N ILE E 511 7.57 -29.33 -11.87
CA ILE E 511 7.66 -29.20 -13.32
C ILE E 511 8.93 -28.46 -13.72
N LEU E 512 9.27 -27.39 -13.00
CA LEU E 512 10.52 -26.68 -13.30
C LEU E 512 11.72 -27.59 -13.09
N THR E 513 11.83 -28.21 -11.91
CA THR E 513 13.01 -28.99 -11.60
C THR E 513 13.12 -30.23 -12.46
N ALA E 514 12.03 -30.66 -13.10
CA ALA E 514 12.14 -31.73 -14.08
C ALA E 514 12.47 -31.20 -15.46
N ALA E 515 12.02 -29.99 -15.78
CA ALA E 515 12.32 -29.40 -17.08
C ALA E 515 13.81 -29.09 -17.21
N ARG E 516 14.43 -28.60 -16.14
CA ARG E 516 15.85 -28.26 -16.23
C ARG E 516 16.73 -29.49 -16.41
N GLU E 517 16.20 -30.70 -16.21
CA GLU E 517 17.01 -31.91 -16.28
C GLU E 517 17.24 -32.40 -17.71
N MET E 518 16.61 -31.78 -18.71
CA MET E 518 16.81 -32.23 -20.09
C MET E 518 18.26 -32.04 -20.53
N LEU E 519 18.87 -30.91 -20.17
CA LEU E 519 20.24 -30.59 -20.55
C LEU E 519 20.43 -30.64 -22.06
N THR E 534 18.09 -34.66 -53.59
CA THR E 534 18.37 -34.90 -55.00
C THR E 534 17.78 -36.23 -55.45
N PRO E 535 16.93 -36.19 -56.47
CA PRO E 535 16.32 -37.43 -56.98
C PRO E 535 17.37 -38.38 -57.52
N ASP E 536 17.11 -39.68 -57.33
CA ASP E 536 18.00 -40.72 -57.77
C ASP E 536 17.42 -41.62 -58.86
N VAL E 537 16.11 -41.82 -58.88
CA VAL E 537 15.48 -42.68 -59.88
C VAL E 537 14.25 -41.96 -60.43
N PHE E 538 14.03 -42.09 -61.74
CA PHE E 538 12.84 -41.56 -62.39
C PHE E 538 12.03 -42.72 -62.95
N ILE E 539 10.71 -42.53 -62.95
CA ILE E 539 9.77 -43.52 -63.45
C ILE E 539 9.02 -42.93 -64.62
N SER E 540 9.11 -43.59 -65.78
CA SER E 540 8.43 -43.16 -66.99
C SER E 540 7.35 -44.19 -67.32
N TYR E 541 6.11 -43.72 -67.44
CA TYR E 541 4.97 -44.60 -67.62
C TYR E 541 3.97 -43.96 -68.58
N ARG E 542 3.14 -44.82 -69.17
CA ARG E 542 2.07 -44.39 -70.07
C ARG E 542 0.78 -44.34 -69.28
N ARG E 543 -0.01 -43.29 -69.50
CA ARG E 543 -1.27 -43.15 -68.78
C ARG E 543 -2.23 -44.29 -69.13
N ASN E 544 -3.05 -44.66 -68.16
CA ASN E 544 -4.10 -45.67 -68.29
C ASN E 544 -3.54 -47.08 -68.48
N SER E 545 -2.21 -47.22 -68.52
CA SER E 545 -1.59 -48.53 -68.66
C SER E 545 -0.19 -48.45 -68.07
N GLY E 546 -0.03 -48.94 -66.86
CA GLY E 546 1.24 -48.89 -66.15
C GLY E 546 1.24 -48.05 -64.89
N SER E 547 0.13 -47.37 -64.57
CA SER E 547 0.08 -46.54 -63.38
C SER E 547 0.28 -47.37 -62.12
N GLN E 548 -0.37 -48.53 -62.05
CA GLN E 548 -0.24 -49.38 -60.87
C GLN E 548 1.20 -49.89 -60.73
N LEU E 549 1.81 -50.31 -61.83
CA LEU E 549 3.21 -50.76 -61.78
C LEU E 549 4.11 -49.64 -61.29
N ALA E 550 3.93 -48.43 -61.83
CA ALA E 550 4.75 -47.29 -61.42
C ALA E 550 4.53 -46.97 -59.95
N SER E 551 3.27 -46.99 -59.50
CA SER E 551 2.97 -46.68 -58.11
C SER E 551 3.63 -47.68 -57.16
N LEU E 552 3.50 -48.97 -57.46
CA LEU E 552 4.09 -49.99 -56.58
C LEU E 552 5.60 -49.89 -56.58
N LEU E 553 6.21 -49.67 -57.75
CA LEU E 553 7.66 -49.55 -57.81
C LEU E 553 8.13 -48.33 -57.02
N LYS E 554 7.42 -47.21 -57.15
CA LYS E 554 7.80 -46.01 -56.42
C LYS E 554 7.70 -46.24 -54.92
N VAL E 555 6.62 -46.88 -54.48
CA VAL E 555 6.42 -47.10 -53.05
C VAL E 555 7.51 -48.01 -52.50
N HIS E 556 7.84 -49.07 -53.22
CA HIS E 556 8.88 -49.98 -52.74
C HIS E 556 10.24 -49.30 -52.68
N LEU E 557 10.58 -48.52 -53.72
CA LEU E 557 11.86 -47.81 -53.69
C LEU E 557 11.89 -46.75 -52.59
N GLN E 558 10.76 -46.09 -52.34
CA GLN E 558 10.68 -45.13 -51.25
C GLN E 558 10.88 -45.81 -49.90
N LEU E 559 10.27 -46.98 -49.72
CA LEU E 559 10.45 -47.75 -48.49
C LEU E 559 11.88 -48.23 -48.30
N HIS E 560 12.57 -48.57 -49.38
CA HIS E 560 13.93 -49.07 -49.31
C HIS E 560 14.96 -47.96 -49.30
N GLY E 561 14.56 -46.74 -48.92
CA GLY E 561 15.48 -45.66 -48.69
C GLY E 561 15.92 -44.87 -49.91
N PHE E 562 15.31 -45.10 -51.07
CA PHE E 562 15.70 -44.43 -52.31
C PHE E 562 14.66 -43.38 -52.65
N SER E 563 15.10 -42.14 -52.82
CA SER E 563 14.21 -41.05 -53.20
C SER E 563 13.84 -41.21 -54.67
N VAL E 564 12.84 -40.43 -55.12
CA VAL E 564 12.24 -40.65 -56.43
C VAL E 564 11.50 -39.38 -56.84
N PHE E 565 11.41 -39.16 -58.16
CA PHE E 565 10.59 -38.10 -58.75
C PHE E 565 9.67 -38.75 -59.78
N ILE E 566 8.38 -38.82 -59.45
CA ILE E 566 7.39 -39.37 -60.37
C ILE E 566 6.49 -38.23 -60.84
N ASP E 567 5.86 -38.39 -62.00
CA ASP E 567 4.91 -37.40 -62.47
C ASP E 567 3.65 -37.44 -61.62
N VAL E 568 3.29 -36.28 -61.08
CA VAL E 568 2.14 -36.18 -60.18
C VAL E 568 0.83 -36.40 -60.92
N GLU E 569 0.79 -36.07 -62.21
CA GLU E 569 -0.42 -36.26 -63.00
C GLU E 569 -0.77 -37.74 -63.14
N ASP E 578 9.92 -29.59 -70.09
CA ASP E 578 10.87 -28.54 -69.75
C ASP E 578 11.47 -28.79 -68.36
N LYS E 579 10.65 -28.55 -67.32
CA LYS E 579 11.11 -28.82 -65.96
C LYS E 579 11.37 -30.31 -65.76
N LEU E 580 10.54 -31.16 -66.35
CA LEU E 580 10.82 -32.60 -66.33
C LEU E 580 12.14 -32.91 -67.03
N ILE E 581 12.37 -32.29 -68.19
CA ILE E 581 13.62 -32.49 -68.92
C ILE E 581 14.80 -32.05 -68.08
N GLN E 582 14.68 -30.90 -67.41
CA GLN E 582 15.76 -30.44 -66.54
C GLN E 582 15.99 -31.40 -65.39
N SER E 583 14.91 -31.96 -64.83
CA SER E 583 15.04 -32.91 -63.73
C SER E 583 15.71 -34.19 -64.19
N VAL E 584 15.56 -34.55 -65.47
CA VAL E 584 16.14 -35.79 -65.97
C VAL E 584 17.63 -35.85 -65.69
N MET E 585 18.35 -34.75 -65.92
CA MET E 585 19.78 -34.72 -65.65
C MET E 585 20.06 -34.88 -64.15
N GLY E 586 19.12 -34.48 -63.30
CA GLY E 586 19.34 -34.59 -61.87
C GLY E 586 19.28 -36.02 -61.37
N ALA E 587 18.76 -36.92 -62.18
CA ALA E 587 18.60 -38.32 -61.78
C ALA E 587 19.87 -39.11 -62.08
N ARG E 588 20.38 -39.82 -61.08
CA ARG E 588 21.50 -40.73 -61.34
C ARG E 588 21.06 -41.92 -62.18
N ASN E 589 19.82 -42.36 -62.02
CA ASN E 589 19.29 -43.53 -62.71
C ASN E 589 17.98 -43.20 -63.41
N PHE E 590 17.50 -44.15 -64.21
CA PHE E 590 16.27 -44.00 -64.96
C PHE E 590 15.60 -45.36 -65.11
N VAL E 591 14.29 -45.39 -64.92
CA VAL E 591 13.50 -46.61 -64.99
C VAL E 591 12.34 -46.39 -65.97
N LEU E 592 12.09 -47.39 -66.81
CA LEU E 592 11.06 -47.31 -67.84
C LEU E 592 10.20 -48.57 -67.76
N VAL E 593 8.94 -48.40 -67.37
CA VAL E 593 8.04 -49.53 -67.22
C VAL E 593 7.56 -49.97 -68.61
N LEU E 594 7.57 -51.29 -68.84
CA LEU E 594 7.11 -51.85 -70.12
C LEU E 594 5.70 -52.38 -69.93
N SER E 595 4.75 -51.45 -69.87
CA SER E 595 3.35 -51.82 -69.84
C SER E 595 2.94 -52.38 -71.20
N PRO E 596 2.02 -53.34 -71.22
CA PRO E 596 1.57 -53.89 -72.51
C PRO E 596 0.94 -52.81 -73.38
N GLY E 597 1.31 -52.81 -74.65
CA GLY E 597 0.81 -51.80 -75.58
C GLY E 597 1.24 -50.39 -75.22
N ALA E 598 2.49 -50.21 -74.81
CA ALA E 598 2.99 -48.89 -74.45
C ALA E 598 3.67 -48.19 -75.64
N LEU E 599 4.65 -48.86 -76.23
CA LEU E 599 5.37 -48.27 -77.36
C LEU E 599 4.55 -48.25 -78.64
N ASP E 600 3.37 -48.89 -78.65
CA ASP E 600 2.54 -48.90 -79.85
C ASP E 600 2.13 -47.48 -80.26
N LYS E 601 1.97 -46.58 -79.30
CA LYS E 601 1.63 -45.20 -79.62
C LYS E 601 2.77 -44.52 -80.37
N CYS E 602 4.01 -44.77 -79.97
CA CYS E 602 5.18 -44.19 -80.63
C CYS E 602 5.97 -45.25 -81.40
N ASP E 610 6.78 -37.53 -78.58
CA ASP E 610 6.01 -37.96 -77.42
C ASP E 610 6.76 -37.69 -76.12
N TRP E 611 6.01 -37.55 -75.03
CA TRP E 611 6.64 -37.33 -73.73
C TRP E 611 7.55 -38.49 -73.36
N VAL E 612 7.09 -39.72 -73.57
CA VAL E 612 7.93 -40.89 -73.34
C VAL E 612 9.15 -40.83 -74.26
N HIS E 613 8.93 -40.49 -75.53
CA HIS E 613 10.03 -40.37 -76.47
C HIS E 613 11.03 -39.32 -76.02
N LYS E 614 10.54 -38.15 -75.61
CA LYS E 614 11.44 -37.09 -75.18
C LYS E 614 12.25 -37.49 -73.96
N GLU E 615 11.61 -38.10 -72.96
CA GLU E 615 12.37 -38.47 -71.77
C GLU E 615 13.37 -39.58 -72.08
N ILE E 616 13.02 -40.56 -72.91
CA ILE E 616 13.95 -41.64 -73.18
C ILE E 616 15.14 -41.14 -74.00
N VAL E 617 14.90 -40.25 -74.97
CA VAL E 617 16.03 -39.73 -75.75
C VAL E 617 16.91 -38.83 -74.88
N THR E 618 16.30 -38.06 -73.98
CA THR E 618 17.09 -37.24 -73.06
C THR E 618 17.95 -38.10 -72.15
N ALA E 619 17.39 -39.21 -71.65
CA ALA E 619 18.17 -40.12 -70.83
C ALA E 619 19.28 -40.79 -71.62
N LEU E 620 18.99 -41.21 -72.86
CA LEU E 620 19.99 -41.87 -73.68
C LEU E 620 21.12 -40.92 -74.08
N SER E 621 20.83 -39.62 -74.17
CA SER E 621 21.87 -38.65 -74.50
C SER E 621 22.98 -38.68 -73.45
N CYS E 622 22.61 -38.74 -72.17
CA CYS E 622 23.61 -38.90 -71.12
C CYS E 622 24.13 -40.32 -71.03
N GLY E 623 23.28 -41.32 -71.27
CA GLY E 623 23.68 -42.71 -71.19
C GLY E 623 24.07 -43.13 -69.79
N LYS E 624 23.09 -43.14 -68.88
CA LYS E 624 23.35 -43.40 -67.47
C LYS E 624 22.36 -44.44 -66.93
N ASN E 625 22.71 -45.72 -67.11
CA ASN E 625 22.06 -46.84 -66.44
C ASN E 625 20.54 -46.83 -66.64
N ILE E 626 20.13 -47.04 -67.89
CA ILE E 626 18.72 -47.12 -68.23
C ILE E 626 18.25 -48.56 -68.00
N VAL E 627 17.26 -48.73 -67.14
CA VAL E 627 16.79 -50.07 -66.78
C VAL E 627 15.29 -50.20 -67.03
N PRO E 628 14.88 -51.01 -68.01
CA PRO E 628 13.45 -51.25 -68.22
C PRO E 628 12.98 -52.50 -67.50
N ILE E 629 11.74 -52.49 -67.01
CA ILE E 629 11.17 -53.66 -66.37
C ILE E 629 10.07 -54.23 -67.26
N ILE E 630 10.17 -55.53 -67.54
CA ILE E 630 9.28 -56.18 -68.50
C ILE E 630 8.00 -56.63 -67.80
N ASP E 631 6.86 -56.21 -68.33
CA ASP E 631 5.55 -56.68 -67.87
C ASP E 631 4.67 -56.89 -69.10
N GLY E 632 4.71 -58.10 -69.65
CA GLY E 632 3.88 -58.42 -70.81
C GLY E 632 4.21 -57.61 -72.04
N PHE E 633 5.48 -57.47 -72.36
CA PHE E 633 5.93 -56.70 -73.51
C PHE E 633 6.68 -57.62 -74.47
N GLU E 634 6.25 -57.64 -75.73
CA GLU E 634 6.80 -58.54 -76.73
C GLU E 634 7.90 -57.91 -77.56
N TRP E 635 8.30 -56.68 -77.25
CA TRP E 635 9.33 -55.96 -77.99
C TRP E 635 9.01 -55.86 -79.48
N PRO E 636 7.99 -55.08 -79.87
CA PRO E 636 7.64 -54.94 -81.28
C PRO E 636 8.76 -54.33 -82.12
N GLN E 646 16.08 -44.79 -82.71
CA GLN E 646 15.74 -46.07 -82.08
C GLN E 646 16.86 -46.53 -81.15
N ALA E 647 17.26 -47.79 -81.33
CA ALA E 647 18.34 -48.40 -80.53
C ALA E 647 18.04 -48.33 -79.04
N VAL E 648 16.78 -48.60 -78.67
CA VAL E 648 16.37 -48.54 -77.28
C VAL E 648 16.20 -49.97 -76.75
N LEU E 649 15.96 -50.92 -77.67
CA LEU E 649 15.72 -52.30 -77.27
C LEU E 649 17.00 -53.07 -77.00
N THR E 650 18.17 -52.48 -77.23
CA THR E 650 19.44 -53.14 -76.94
C THR E 650 19.78 -53.04 -75.46
N PHE E 651 18.84 -53.50 -74.64
CA PHE E 651 18.98 -53.45 -73.19
C PHE E 651 18.26 -54.65 -72.60
N ASN E 652 18.78 -55.11 -71.46
CA ASN E 652 18.21 -56.23 -70.73
C ASN E 652 17.61 -55.74 -69.42
N GLY E 653 16.46 -56.32 -69.07
CA GLY E 653 15.71 -55.84 -67.93
C GLY E 653 15.21 -56.91 -66.98
N ILE E 654 14.20 -56.57 -66.18
CA ILE E 654 13.73 -57.41 -65.10
C ILE E 654 12.24 -57.68 -65.30
N LYS E 655 11.84 -58.94 -65.16
CA LYS E 655 10.44 -59.30 -65.25
C LYS E 655 9.71 -58.97 -63.95
N TRP E 656 8.47 -58.51 -64.08
CA TRP E 656 7.63 -58.16 -62.95
C TRP E 656 6.80 -59.38 -62.54
N SER E 657 6.79 -59.69 -61.25
CA SER E 657 5.98 -60.76 -60.68
C SER E 657 4.97 -60.13 -59.73
N HIS E 658 3.69 -60.38 -59.99
CA HIS E 658 2.64 -59.74 -59.19
C HIS E 658 2.64 -60.24 -57.76
N GLU E 659 2.80 -61.56 -57.57
CA GLU E 659 2.71 -62.14 -56.23
C GLU E 659 4.05 -62.64 -55.70
N TYR E 660 5.03 -62.86 -56.57
CA TYR E 660 6.40 -63.16 -56.14
C TYR E 660 7.19 -61.86 -55.96
N GLN E 661 6.62 -60.96 -55.17
CA GLN E 661 7.25 -59.67 -54.90
C GLN E 661 8.38 -59.84 -53.88
N GLU E 662 9.16 -58.77 -53.72
CA GLU E 662 10.35 -58.66 -52.87
C GLU E 662 11.52 -59.43 -53.47
N ALA E 663 11.31 -60.20 -54.53
CA ALA E 663 12.38 -60.83 -55.28
C ALA E 663 12.81 -59.99 -56.47
N THR E 664 11.85 -59.51 -57.26
CA THR E 664 12.16 -58.57 -58.34
C THR E 664 12.73 -57.28 -57.78
N ILE E 665 12.19 -56.82 -56.66
CA ILE E 665 12.72 -55.61 -56.00
C ILE E 665 14.17 -55.84 -55.58
N GLU E 666 14.44 -57.00 -54.97
CA GLU E 666 15.81 -57.29 -54.55
C GLU E 666 16.74 -57.37 -55.75
N LYS E 667 16.28 -57.97 -56.84
CA LYS E 667 17.09 -58.06 -58.05
C LYS E 667 17.40 -56.68 -58.63
N ILE E 668 16.39 -55.81 -58.69
CA ILE E 668 16.63 -54.48 -59.27
C ILE E 668 17.52 -53.64 -58.37
N ILE E 669 17.41 -53.81 -57.04
CA ILE E 669 18.30 -53.06 -56.16
C ILE E 669 19.77 -53.39 -56.47
N ARG E 670 20.07 -54.67 -56.68
CA ARG E 670 21.43 -55.05 -57.04
C ARG E 670 21.78 -54.57 -58.45
N PHE E 671 20.81 -54.61 -59.37
CA PHE E 671 21.08 -54.18 -60.74
C PHE E 671 21.46 -52.70 -60.79
N LEU E 672 20.73 -51.87 -60.07
CA LEU E 672 21.08 -50.45 -59.93
C LEU E 672 21.03 -50.04 -58.46
N VAL F 34 -45.71 -52.33 -43.80
CA VAL F 34 -46.77 -52.76 -44.71
C VAL F 34 -46.28 -53.94 -45.55
N GLN F 35 -45.49 -53.63 -46.59
CA GLN F 35 -44.92 -54.70 -47.41
C GLN F 35 -43.78 -55.41 -46.68
N ASP F 36 -43.11 -54.71 -45.77
CA ASP F 36 -41.99 -55.31 -45.05
C ASP F 36 -42.45 -56.45 -44.15
N ALA F 37 -43.67 -56.39 -43.63
CA ALA F 37 -44.16 -57.44 -42.74
C ALA F 37 -44.23 -58.79 -43.42
N LEU F 38 -44.36 -58.80 -44.76
CA LEU F 38 -44.41 -60.05 -45.50
C LEU F 38 -43.12 -60.85 -45.31
N GLU F 39 -41.97 -60.18 -45.36
CA GLU F 39 -40.72 -60.86 -45.09
C GLU F 39 -40.40 -60.90 -43.60
N ARG F 40 -40.97 -59.98 -42.82
CA ARG F 40 -40.85 -60.08 -41.36
C ARG F 40 -41.57 -61.30 -40.81
N ALA F 41 -42.50 -61.90 -41.56
CA ALA F 41 -43.09 -63.17 -41.19
C ALA F 41 -42.15 -64.35 -41.40
N LEU F 42 -40.90 -64.10 -41.81
CA LEU F 42 -39.87 -65.11 -42.02
C LEU F 42 -40.35 -66.15 -43.03
N PRO F 43 -40.44 -65.79 -44.32
CA PRO F 43 -40.98 -66.73 -45.31
C PRO F 43 -40.08 -67.92 -45.58
N GLU F 44 -38.85 -67.89 -45.05
CA GLU F 44 -37.87 -68.92 -45.34
C GLU F 44 -37.47 -69.75 -44.13
N LEU F 45 -37.71 -69.27 -42.90
CA LEU F 45 -37.26 -69.93 -41.68
C LEU F 45 -35.75 -70.13 -41.70
N GLN F 46 -35.05 -69.20 -42.37
CA GLN F 46 -33.60 -69.27 -42.55
C GLN F 46 -33.24 -70.57 -43.26
N GLN F 47 -34.14 -71.05 -44.11
CA GLN F 47 -34.00 -72.34 -44.78
C GLN F 47 -33.82 -73.47 -43.76
N ALA F 48 -34.81 -73.62 -42.89
CA ALA F 48 -34.78 -74.58 -41.80
C ALA F 48 -33.56 -74.39 -40.90
N LEU F 49 -33.20 -73.12 -40.68
CA LEU F 49 -32.02 -72.74 -39.91
C LEU F 49 -30.77 -73.42 -40.49
N SER F 50 -30.51 -73.10 -41.75
CA SER F 50 -29.40 -73.64 -42.52
C SER F 50 -29.38 -75.17 -42.46
N ALA F 51 -30.52 -75.76 -42.80
CA ALA F 51 -30.70 -77.21 -42.83
C ALA F 51 -30.38 -77.87 -41.49
N LEU F 52 -30.89 -77.30 -40.40
CA LEU F 52 -30.86 -77.82 -39.03
C LEU F 52 -29.47 -77.80 -38.41
N LYS F 53 -28.46 -77.27 -39.10
CA LYS F 53 -27.05 -77.22 -38.70
C LYS F 53 -26.43 -78.62 -38.69
N GLN F 54 -27.19 -79.67 -38.96
CA GLN F 54 -26.66 -81.02 -39.03
C GLN F 54 -26.36 -81.44 -40.47
N ALA F 55 -25.98 -80.50 -41.33
CA ALA F 55 -25.64 -80.84 -42.70
C ALA F 55 -24.46 -81.79 -42.75
N GLY F 56 -23.36 -81.42 -42.08
CA GLY F 56 -22.23 -82.30 -41.89
C GLY F 56 -21.43 -82.65 -43.13
N GLY F 57 -21.95 -82.37 -44.32
CA GLY F 57 -21.27 -82.69 -45.57
C GLY F 57 -20.60 -81.45 -46.12
N ALA F 58 -19.43 -81.64 -46.75
CA ALA F 58 -18.69 -80.52 -47.29
C ALA F 58 -19.51 -79.80 -48.37
N ARG F 59 -19.98 -80.56 -49.36
CA ARG F 59 -20.82 -79.97 -50.40
C ARG F 59 -22.12 -79.43 -49.81
N ALA F 60 -22.67 -80.12 -48.82
CA ALA F 60 -23.93 -79.68 -48.22
C ALA F 60 -23.79 -78.29 -47.61
N VAL F 61 -22.76 -78.08 -46.78
CA VAL F 61 -22.59 -76.77 -46.14
C VAL F 61 -22.16 -75.73 -47.15
N GLY F 62 -21.29 -76.11 -48.09
CA GLY F 62 -20.85 -75.16 -49.10
C GLY F 62 -21.99 -74.62 -49.94
N ALA F 63 -22.90 -75.51 -50.35
CA ALA F 63 -24.11 -75.06 -51.02
C ALA F 63 -24.99 -74.24 -50.08
N GLY F 64 -25.28 -74.79 -48.89
CA GLY F 64 -26.26 -74.17 -48.01
C GLY F 64 -25.92 -72.75 -47.65
N LEU F 65 -24.62 -72.45 -47.53
CA LEU F 65 -24.22 -71.05 -47.35
C LEU F 65 -24.59 -70.20 -48.57
N ALA F 66 -24.52 -70.79 -49.77
CA ALA F 66 -24.68 -70.00 -50.98
C ALA F 66 -26.11 -69.49 -51.15
N GLU F 67 -27.11 -70.35 -50.91
CA GLU F 67 -28.48 -69.86 -51.13
C GLU F 67 -28.92 -68.89 -50.05
N VAL F 68 -28.49 -69.08 -48.80
CA VAL F 68 -28.82 -68.08 -47.79
C VAL F 68 -28.12 -66.77 -48.09
N PHE F 69 -26.88 -66.84 -48.59
CA PHE F 69 -26.20 -65.64 -49.08
C PHE F 69 -27.04 -64.93 -50.13
N GLN F 70 -27.37 -65.62 -51.22
CA GLN F 70 -28.12 -64.96 -52.28
C GLN F 70 -29.45 -64.44 -51.76
N LEU F 71 -30.16 -65.21 -50.92
CA LEU F 71 -31.44 -64.78 -50.40
C LEU F 71 -31.33 -63.46 -49.65
N VAL F 72 -30.30 -63.32 -48.81
CA VAL F 72 -30.15 -62.04 -48.12
C VAL F 72 -29.73 -60.96 -49.11
N GLU F 73 -29.13 -61.34 -50.24
CA GLU F 73 -28.86 -60.33 -51.28
C GLU F 73 -30.16 -59.74 -51.85
N GLU F 74 -31.15 -60.57 -52.22
CA GLU F 74 -32.41 -59.96 -52.67
C GLU F 74 -33.13 -59.26 -51.52
N ALA F 75 -33.04 -59.79 -50.29
CA ALA F 75 -33.63 -59.09 -49.16
C ALA F 75 -33.03 -57.71 -48.98
N TRP F 76 -31.74 -57.58 -49.28
CA TRP F 76 -31.06 -56.29 -49.22
C TRP F 76 -31.47 -55.39 -50.38
N LEU F 77 -31.48 -55.93 -51.59
CA LEU F 77 -31.67 -55.14 -52.81
C LEU F 77 -33.13 -55.21 -53.23
N LEU F 78 -33.97 -54.49 -52.48
CA LEU F 78 -35.38 -54.33 -52.83
C LEU F 78 -35.84 -52.99 -52.28
N PRO F 79 -36.66 -52.25 -53.05
CA PRO F 79 -36.77 -50.79 -52.84
C PRO F 79 -37.54 -50.42 -51.58
N ALA F 80 -37.00 -49.43 -50.86
CA ALA F 80 -37.71 -48.62 -49.86
C ALA F 80 -38.02 -49.35 -48.55
N VAL F 81 -37.84 -50.66 -48.50
CA VAL F 81 -37.98 -51.38 -47.24
C VAL F 81 -36.83 -52.36 -47.07
N GLY F 82 -36.00 -52.49 -48.10
CA GLY F 82 -34.86 -53.39 -48.02
C GLY F 82 -33.87 -53.00 -46.95
N ARG F 83 -33.62 -51.69 -46.81
CA ARG F 83 -32.64 -51.20 -45.85
C ARG F 83 -33.04 -51.58 -44.42
N GLU F 84 -34.32 -51.41 -44.08
CA GLU F 84 -34.76 -51.73 -42.73
C GLU F 84 -34.93 -53.24 -42.54
N VAL F 85 -35.35 -53.95 -43.60
CA VAL F 85 -35.54 -55.40 -43.44
C VAL F 85 -34.19 -56.11 -43.31
N ALA F 86 -33.12 -55.50 -43.82
CA ALA F 86 -31.79 -56.07 -43.61
C ALA F 86 -31.45 -56.13 -42.13
N GLN F 87 -31.77 -55.07 -41.39
CA GLN F 87 -31.54 -55.07 -39.94
C GLN F 87 -32.36 -56.16 -39.25
N GLY F 88 -33.61 -56.35 -39.70
CA GLY F 88 -34.43 -57.41 -39.13
C GLY F 88 -33.85 -58.78 -39.35
N LEU F 89 -33.39 -59.06 -40.57
CA LEU F 89 -32.76 -60.35 -40.86
C LEU F 89 -31.49 -60.53 -40.03
N CYS F 90 -30.69 -59.46 -39.91
CA CYS F 90 -29.48 -59.54 -39.10
C CYS F 90 -29.79 -59.82 -37.64
N ASP F 91 -30.81 -59.17 -37.08
CA ASP F 91 -31.21 -59.42 -35.71
C ASP F 91 -31.70 -60.85 -35.53
N ALA F 92 -32.47 -61.36 -36.50
CA ALA F 92 -32.92 -62.73 -36.44
C ALA F 92 -31.75 -63.71 -36.44
N ILE F 93 -30.75 -63.47 -37.30
CA ILE F 93 -29.58 -64.33 -37.33
C ILE F 93 -28.82 -64.25 -36.01
N ARG F 94 -28.70 -63.05 -35.45
CA ARG F 94 -28.01 -62.87 -34.17
C ARG F 94 -28.67 -63.67 -33.07
N LEU F 95 -30.00 -63.55 -32.94
CA LEU F 95 -30.70 -64.28 -31.90
C LEU F 95 -30.75 -65.78 -32.18
N ASP F 96 -30.66 -66.19 -33.44
CA ASP F 96 -30.64 -67.61 -33.78
C ASP F 96 -29.32 -68.27 -33.45
N GLY F 97 -28.21 -67.57 -33.65
CA GLY F 97 -26.89 -68.15 -33.42
C GLY F 97 -26.09 -68.45 -34.65
N GLY F 98 -26.53 -67.98 -35.82
CA GLY F 98 -25.73 -68.13 -37.02
C GLY F 98 -24.38 -67.46 -36.92
N LEU F 99 -24.24 -66.46 -36.05
CA LEU F 99 -22.94 -65.83 -35.84
C LEU F 99 -21.94 -66.81 -35.24
N ASP F 100 -22.33 -67.48 -34.15
CA ASP F 100 -21.48 -68.51 -33.57
C ASP F 100 -21.28 -69.66 -34.54
N LEU F 101 -22.31 -69.98 -35.33
CA LEU F 101 -22.17 -71.02 -36.34
C LEU F 101 -21.07 -70.67 -37.33
N LEU F 102 -21.06 -69.44 -37.82
CA LEU F 102 -20.01 -68.98 -38.74
C LEU F 102 -18.65 -69.02 -38.06
N LEU F 103 -18.56 -68.50 -36.84
CA LEU F 103 -17.30 -68.49 -36.12
C LEU F 103 -16.76 -69.90 -35.90
N ARG F 104 -17.65 -70.90 -35.84
CA ARG F 104 -17.21 -72.28 -35.82
C ARG F 104 -16.81 -72.78 -37.20
N LEU F 105 -17.51 -72.34 -38.25
CA LEU F 105 -17.24 -72.83 -39.59
C LEU F 105 -15.93 -72.32 -40.16
N LEU F 106 -15.49 -71.13 -39.75
CA LEU F 106 -14.33 -70.48 -40.37
C LEU F 106 -13.01 -71.23 -40.14
N GLN F 107 -13.03 -72.37 -39.45
CA GLN F 107 -11.79 -73.07 -39.14
C GLN F 107 -11.58 -74.36 -39.91
N ALA F 108 -12.63 -74.87 -40.59
CA ALA F 108 -12.56 -76.20 -41.18
C ALA F 108 -11.53 -76.27 -42.30
N PRO F 109 -10.55 -77.17 -42.21
CA PRO F 109 -9.54 -77.26 -43.28
C PRO F 109 -10.05 -77.97 -44.53
N GLU F 110 -10.85 -79.03 -44.36
CA GLU F 110 -11.45 -79.68 -45.52
C GLU F 110 -12.40 -78.74 -46.25
N LEU F 111 -13.03 -77.83 -45.50
CA LEU F 111 -13.87 -76.79 -46.09
C LEU F 111 -12.98 -75.59 -46.47
N GLU F 112 -12.10 -75.83 -47.43
CA GLU F 112 -11.21 -74.78 -47.90
C GLU F 112 -11.97 -73.55 -48.36
N THR F 113 -13.21 -73.73 -48.83
CA THR F 113 -14.05 -72.62 -49.23
C THR F 113 -14.73 -72.00 -48.00
N ARG F 114 -13.93 -71.28 -47.22
CA ARG F 114 -14.49 -70.38 -46.21
C ARG F 114 -15.05 -69.12 -46.83
N VAL F 115 -14.90 -68.96 -48.14
CA VAL F 115 -15.27 -67.73 -48.82
C VAL F 115 -16.76 -67.45 -48.67
N GLN F 116 -17.60 -68.49 -48.74
CA GLN F 116 -19.03 -68.30 -48.57
C GLN F 116 -19.36 -67.78 -47.18
N ALA F 117 -18.74 -68.36 -46.15
CA ALA F 117 -18.96 -67.88 -44.79
C ALA F 117 -18.50 -66.44 -44.62
N ALA F 118 -17.37 -66.09 -45.24
CA ALA F 118 -16.86 -64.73 -45.14
C ALA F 118 -17.78 -63.73 -45.81
N ARG F 119 -18.23 -64.03 -47.04
CA ARG F 119 -19.10 -63.09 -47.73
C ARG F 119 -20.47 -63.01 -47.05
N LEU F 120 -20.88 -64.08 -46.37
CA LEU F 120 -22.11 -64.00 -45.58
C LEU F 120 -21.91 -63.15 -44.34
N LEU F 121 -20.73 -63.25 -43.71
CA LEU F 121 -20.43 -62.40 -42.56
C LEU F 121 -20.33 -60.94 -42.96
N GLU F 122 -20.05 -60.67 -44.24
CA GLU F 122 -20.07 -59.30 -44.73
C GLU F 122 -21.39 -58.60 -44.43
N GLN F 123 -22.48 -59.12 -44.99
CA GLN F 123 -23.73 -58.35 -45.03
C GLN F 123 -24.42 -58.31 -43.67
N ILE F 124 -24.10 -59.26 -42.79
CA ILE F 124 -24.84 -59.39 -41.54
C ILE F 124 -24.21 -58.57 -40.43
N LEU F 125 -23.27 -57.69 -40.78
CA LEU F 125 -22.56 -56.89 -39.79
C LEU F 125 -23.29 -55.57 -39.55
N VAL F 126 -24.12 -55.54 -38.51
CA VAL F 126 -24.73 -54.33 -38.00
C VAL F 126 -24.17 -54.12 -36.60
N ALA F 127 -24.25 -52.88 -36.10
CA ALA F 127 -23.54 -52.50 -34.88
C ALA F 127 -23.81 -53.48 -33.73
N GLU F 128 -25.06 -53.92 -33.60
CA GLU F 128 -25.39 -54.92 -32.59
C GLU F 128 -24.64 -56.23 -32.83
N ASN F 129 -24.40 -56.59 -34.08
CA ASN F 129 -23.61 -57.78 -34.38
C ASN F 129 -22.12 -57.55 -34.21
N ARG F 130 -21.64 -56.33 -34.50
CA ARG F 130 -20.23 -56.02 -34.30
C ARG F 130 -19.87 -56.06 -32.82
N ASP F 131 -20.80 -55.68 -31.94
CA ASP F 131 -20.55 -55.85 -30.52
C ASP F 131 -20.28 -57.31 -30.17
N ARG F 132 -21.16 -58.21 -30.62
CA ARG F 132 -20.99 -59.63 -30.34
C ARG F 132 -19.70 -60.17 -30.96
N VAL F 133 -19.39 -59.74 -32.18
CA VAL F 133 -18.15 -60.19 -32.82
C VAL F 133 -16.94 -59.69 -32.05
N ALA F 134 -16.96 -58.43 -31.63
CA ALA F 134 -15.86 -57.89 -30.84
C ALA F 134 -15.71 -58.65 -29.53
N ARG F 135 -16.79 -59.21 -29.00
CA ARG F 135 -16.67 -59.98 -27.77
C ARG F 135 -15.84 -61.25 -27.96
N ILE F 136 -16.15 -62.06 -28.98
CA ILE F 136 -15.59 -63.40 -29.05
C ILE F 136 -14.71 -63.66 -30.26
N GLY F 137 -14.97 -63.09 -31.44
CA GLY F 137 -14.37 -63.60 -32.66
C GLY F 137 -13.05 -62.99 -33.09
N LEU F 138 -12.45 -62.14 -32.26
CA LEU F 138 -11.20 -61.49 -32.65
C LEU F 138 -10.04 -62.47 -32.78
N GLY F 139 -10.00 -63.54 -32.01
CA GLY F 139 -8.94 -64.51 -32.18
C GLY F 139 -9.04 -65.21 -33.53
N VAL F 140 -10.25 -65.67 -33.86
CA VAL F 140 -10.42 -66.47 -35.06
C VAL F 140 -10.27 -65.60 -36.32
N ILE F 141 -10.80 -64.37 -36.29
CA ILE F 141 -10.73 -63.55 -37.50
C ILE F 141 -9.29 -63.13 -37.78
N LEU F 142 -8.53 -62.83 -36.73
CA LEU F 142 -7.15 -62.41 -36.93
C LEU F 142 -6.23 -63.59 -37.20
N ASN F 143 -6.61 -64.80 -36.78
CA ASN F 143 -5.96 -65.99 -37.28
C ASN F 143 -6.24 -66.21 -38.76
N LEU F 144 -7.49 -65.96 -39.19
CA LEU F 144 -7.84 -66.11 -40.60
C LEU F 144 -7.16 -65.08 -41.48
N ALA F 145 -6.89 -63.88 -40.95
CA ALA F 145 -6.33 -62.82 -41.77
C ALA F 145 -4.95 -63.15 -42.31
N LYS F 146 -4.28 -64.17 -41.76
CA LYS F 146 -3.00 -64.60 -42.28
C LYS F 146 -3.10 -65.31 -43.62
N GLU F 147 -4.30 -65.67 -44.06
CA GLU F 147 -4.50 -66.34 -45.34
C GLU F 147 -4.63 -65.29 -46.44
N ARG F 148 -3.47 -64.87 -46.95
CA ARG F 148 -3.36 -63.75 -47.87
C ARG F 148 -3.32 -64.17 -49.35
N GLU F 149 -3.31 -65.48 -49.63
CA GLU F 149 -3.17 -65.93 -51.01
C GLU F 149 -4.46 -65.79 -51.81
N PRO F 150 -5.59 -66.36 -51.39
CA PRO F 150 -6.77 -66.35 -52.26
C PRO F 150 -7.41 -64.97 -52.32
N VAL F 151 -7.57 -64.47 -53.55
CA VAL F 151 -8.14 -63.14 -53.74
C VAL F 151 -9.59 -63.10 -53.28
N GLU F 152 -10.34 -64.17 -53.52
CA GLU F 152 -11.74 -64.20 -53.13
C GLU F 152 -11.91 -64.10 -51.62
N LEU F 153 -11.09 -64.83 -50.86
CA LEU F 153 -11.18 -64.75 -49.41
C LEU F 153 -10.59 -63.44 -48.88
N ALA F 154 -9.57 -62.91 -49.56
CA ALA F 154 -9.00 -61.64 -49.17
C ALA F 154 -10.02 -60.51 -49.31
N ARG F 155 -10.78 -60.51 -50.41
CA ARG F 155 -11.78 -59.48 -50.66
C ARG F 155 -12.82 -59.41 -49.55
N SER F 156 -13.05 -60.51 -48.83
CA SER F 156 -14.00 -60.53 -47.73
C SER F 156 -13.38 -60.34 -46.37
N VAL F 157 -12.17 -60.86 -46.14
CA VAL F 157 -11.52 -60.61 -44.85
C VAL F 157 -11.16 -59.13 -44.72
N ALA F 158 -10.81 -58.49 -45.83
CA ALA F 158 -10.58 -57.05 -45.81
C ALA F 158 -11.85 -56.30 -45.42
N GLY F 159 -13.00 -56.73 -45.96
CA GLY F 159 -14.25 -56.10 -45.58
C GLY F 159 -14.59 -56.32 -44.12
N ILE F 160 -14.29 -57.52 -43.60
CA ILE F 160 -14.53 -57.79 -42.18
C ILE F 160 -13.68 -56.85 -41.32
N LEU F 161 -12.40 -56.71 -41.67
CA LEU F 161 -11.54 -55.80 -40.93
C LEU F 161 -12.03 -54.36 -41.03
N GLU F 162 -12.47 -53.96 -42.22
CA GLU F 162 -13.01 -52.61 -42.41
C GLU F 162 -14.21 -52.36 -41.51
N HIS F 163 -15.14 -53.31 -41.45
CA HIS F 163 -16.31 -53.13 -40.60
C HIS F 163 -15.92 -53.13 -39.13
N MET F 164 -14.96 -53.97 -38.74
CA MET F 164 -14.56 -54.04 -37.33
C MET F 164 -13.85 -52.78 -36.89
N PHE F 165 -13.06 -52.16 -37.78
CA PHE F 165 -12.32 -50.96 -37.41
C PHE F 165 -13.24 -49.80 -37.06
N LYS F 166 -14.48 -49.79 -37.56
CA LYS F 166 -15.41 -48.73 -37.17
C LYS F 166 -15.89 -48.87 -35.73
N HIS F 167 -15.46 -49.91 -35.02
CA HIS F 167 -15.80 -50.07 -33.62
C HIS F 167 -14.88 -49.19 -32.77
N SER F 168 -14.86 -49.44 -31.46
CA SER F 168 -14.23 -48.53 -30.53
C SER F 168 -12.70 -48.61 -30.60
N GLU F 169 -12.07 -47.67 -29.89
CA GLU F 169 -10.61 -47.59 -29.89
C GLU F 169 -10.02 -48.87 -29.33
N GLU F 170 -10.73 -49.55 -28.42
CA GLU F 170 -10.21 -50.78 -27.86
C GLU F 170 -10.07 -51.85 -28.93
N THR F 171 -11.11 -52.02 -29.75
CA THR F 171 -11.01 -52.93 -30.88
C THR F 171 -9.96 -52.52 -31.90
N CYS F 172 -9.84 -51.21 -32.16
CA CYS F 172 -8.82 -50.75 -33.08
C CYS F 172 -7.42 -51.09 -32.58
N GLN F 173 -7.16 -50.87 -31.29
CA GLN F 173 -5.87 -51.22 -30.70
C GLN F 173 -5.60 -52.71 -30.74
N ARG F 174 -6.59 -53.54 -30.44
CA ARG F 174 -6.39 -54.99 -30.52
C ARG F 174 -6.05 -55.41 -31.94
N LEU F 175 -6.76 -54.87 -32.94
CA LEU F 175 -6.45 -55.21 -34.33
C LEU F 175 -5.05 -54.76 -34.71
N VAL F 176 -4.67 -53.53 -34.33
CA VAL F 176 -3.35 -53.01 -34.69
C VAL F 176 -2.27 -53.82 -34.00
N ALA F 177 -2.47 -54.13 -32.71
CA ALA F 177 -1.48 -54.90 -31.97
C ALA F 177 -1.31 -56.30 -32.55
N ALA F 178 -2.41 -56.95 -32.93
CA ALA F 178 -2.32 -58.31 -33.45
C ALA F 178 -1.72 -58.36 -34.84
N GLY F 179 -2.14 -57.48 -35.75
CA GLY F 179 -1.60 -57.54 -37.09
C GLY F 179 -2.59 -57.35 -38.21
N GLY F 180 -3.84 -57.00 -37.88
CA GLY F 180 -4.78 -56.63 -38.92
C GLY F 180 -4.31 -55.44 -39.74
N LEU F 181 -3.66 -54.48 -39.07
CA LEU F 181 -3.08 -53.35 -39.78
C LEU F 181 -2.00 -53.79 -40.75
N ASP F 182 -1.12 -54.70 -40.33
CA ASP F 182 -0.12 -55.23 -41.24
C ASP F 182 -0.76 -55.96 -42.41
N ALA F 183 -1.82 -56.73 -42.13
CA ALA F 183 -2.51 -57.45 -43.20
C ALA F 183 -3.08 -56.50 -44.23
N VAL F 184 -3.74 -55.42 -43.78
CA VAL F 184 -4.33 -54.49 -44.74
C VAL F 184 -3.25 -53.72 -45.49
N LEU F 185 -2.15 -53.37 -44.82
CA LEU F 185 -1.07 -52.66 -45.51
C LEU F 185 -0.40 -53.56 -46.54
N TYR F 186 -0.37 -54.87 -46.30
CA TYR F 186 0.21 -55.78 -47.29
C TYR F 186 -0.57 -55.75 -48.60
N TRP F 187 -1.91 -55.71 -48.52
CA TRP F 187 -2.78 -55.87 -49.68
C TRP F 187 -2.82 -54.65 -50.57
N CYS F 188 -1.97 -53.65 -50.36
CA CYS F 188 -1.92 -52.52 -51.27
C CYS F 188 -1.19 -52.88 -52.57
N ARG F 189 -0.53 -54.03 -52.59
CA ARG F 189 0.14 -54.49 -53.81
C ARG F 189 -0.76 -55.33 -54.70
N ARG F 190 -2.00 -55.58 -54.28
CA ARG F 190 -2.94 -56.34 -55.11
C ARG F 190 -3.56 -55.42 -56.17
N THR F 191 -4.48 -55.99 -56.94
CA THR F 191 -5.07 -55.31 -58.08
C THR F 191 -6.60 -55.30 -58.07
N ASP F 192 -7.24 -56.19 -57.32
CA ASP F 192 -8.70 -56.26 -57.34
C ASP F 192 -9.29 -54.93 -56.85
N PRO F 193 -10.14 -54.28 -57.64
CA PRO F 193 -10.70 -52.98 -57.24
C PRO F 193 -11.51 -53.04 -55.96
N ALA F 194 -12.30 -54.10 -55.78
CA ALA F 194 -13.10 -54.21 -54.56
C ALA F 194 -12.22 -54.39 -53.33
N LEU F 195 -11.20 -55.24 -53.44
CA LEU F 195 -10.27 -55.44 -52.33
C LEU F 195 -9.54 -54.15 -51.99
N LEU F 196 -9.09 -53.42 -53.02
CA LEU F 196 -8.40 -52.16 -52.77
C LEU F 196 -9.32 -51.12 -52.14
N ARG F 197 -10.58 -51.05 -52.59
CA ARG F 197 -11.54 -50.14 -51.97
C ARG F 197 -11.76 -50.49 -50.50
N HIS F 198 -11.92 -51.78 -50.22
CA HIS F 198 -12.12 -52.20 -48.84
C HIS F 198 -10.89 -51.87 -47.99
N CYS F 199 -9.70 -52.07 -48.53
CA CYS F 199 -8.49 -51.74 -47.79
C CYS F 199 -8.39 -50.25 -47.50
N ALA F 200 -8.67 -49.43 -48.51
CA ALA F 200 -8.59 -47.98 -48.33
C ALA F 200 -9.59 -47.51 -47.28
N LEU F 201 -10.83 -47.99 -47.37
CA LEU F 201 -11.82 -47.54 -46.41
C LEU F 201 -11.55 -48.11 -45.02
N ALA F 202 -10.91 -49.29 -44.95
CA ALA F 202 -10.49 -49.83 -43.66
C ALA F 202 -9.44 -48.94 -43.00
N LEU F 203 -8.44 -48.51 -43.78
CA LEU F 203 -7.43 -47.62 -43.23
C LEU F 203 -8.04 -46.29 -42.81
N GLY F 204 -8.97 -45.77 -43.61
CA GLY F 204 -9.64 -44.54 -43.25
C GLY F 204 -10.42 -44.66 -41.95
N ASN F 205 -11.20 -45.74 -41.81
CA ASN F 205 -11.98 -45.94 -40.59
C ASN F 205 -11.08 -46.13 -39.38
N CYS F 206 -9.96 -46.85 -39.55
CA CYS F 206 -9.01 -47.00 -38.47
C CYS F 206 -8.46 -45.65 -38.03
N ALA F 207 -8.09 -44.80 -38.99
CA ALA F 207 -7.58 -43.48 -38.63
C ALA F 207 -8.64 -42.65 -37.91
N LEU F 208 -9.89 -42.70 -38.39
CA LEU F 208 -10.95 -41.90 -37.78
C LEU F 208 -11.24 -42.37 -36.36
N HIS F 209 -11.30 -43.68 -36.14
CA HIS F 209 -11.82 -44.20 -34.87
C HIS F 209 -10.74 -44.73 -33.93
N GLY F 210 -9.45 -44.57 -34.25
CA GLY F 210 -8.42 -44.89 -33.31
C GLY F 210 -8.09 -43.72 -32.40
N GLY F 211 -7.04 -43.90 -31.62
CA GLY F 211 -6.54 -42.87 -30.75
C GLY F 211 -5.22 -42.30 -31.21
N GLN F 212 -4.59 -41.52 -30.33
CA GLN F 212 -3.25 -41.02 -30.61
C GLN F 212 -2.25 -42.14 -30.83
N ALA F 213 -2.24 -43.15 -29.97
CA ALA F 213 -1.32 -44.27 -30.15
C ALA F 213 -1.62 -45.04 -31.43
N VAL F 214 -2.90 -45.21 -31.76
CA VAL F 214 -3.26 -45.94 -32.98
C VAL F 214 -2.76 -45.19 -34.21
N GLN F 215 -3.01 -43.88 -34.26
CA GLN F 215 -2.53 -43.09 -35.39
C GLN F 215 -1.00 -43.09 -35.45
N ARG F 216 -0.35 -42.98 -34.29
CA ARG F 216 1.10 -42.95 -34.24
C ARG F 216 1.69 -44.26 -34.75
N ARG F 217 1.12 -45.39 -34.35
CA ARG F 217 1.58 -46.68 -34.88
C ARG F 217 1.28 -46.83 -36.36
N MET F 218 0.13 -46.31 -36.82
CA MET F 218 -0.18 -46.35 -38.24
C MET F 218 0.88 -45.61 -39.04
N VAL F 219 1.28 -44.43 -38.58
CA VAL F 219 2.32 -43.68 -39.28
C VAL F 219 3.67 -44.38 -39.15
N GLU F 220 3.94 -44.99 -37.99
CA GLU F 220 5.21 -45.69 -37.80
C GLU F 220 5.36 -46.85 -38.77
N LYS F 221 4.28 -47.60 -38.99
CA LYS F 221 4.28 -48.66 -40.00
C LYS F 221 4.35 -48.12 -41.42
N ARG F 222 4.45 -46.80 -41.58
CA ARG F 222 4.52 -46.14 -42.88
C ARG F 222 3.29 -46.45 -43.72
N ALA F 223 2.12 -46.28 -43.10
CA ALA F 223 0.86 -46.43 -43.82
C ALA F 223 0.67 -45.32 -44.84
N ALA F 224 1.06 -44.09 -44.49
CA ALA F 224 0.95 -42.98 -45.43
C ALA F 224 1.79 -43.24 -46.68
N GLU F 225 2.84 -44.04 -46.55
CA GLU F 225 3.64 -44.44 -47.72
C GLU F 225 2.82 -45.34 -48.64
N TRP F 226 2.00 -46.22 -48.06
CA TRP F 226 1.28 -47.21 -48.84
C TRP F 226 -0.07 -46.73 -49.35
N LEU F 227 -0.48 -45.50 -49.03
CA LEU F 227 -1.68 -44.93 -49.62
C LEU F 227 -1.44 -44.30 -50.98
N PHE F 228 -0.18 -44.13 -51.39
CA PHE F 228 0.10 -43.57 -52.71
C PHE F 228 -0.44 -44.43 -53.84
N PRO F 229 -0.24 -45.76 -53.88
CA PRO F 229 -0.78 -46.53 -55.01
C PRO F 229 -2.29 -46.50 -55.08
N LEU F 230 -2.96 -46.15 -53.98
CA LEU F 230 -4.41 -46.08 -53.98
C LEU F 230 -4.91 -44.67 -54.24
N ALA F 231 -4.26 -43.65 -53.64
CA ALA F 231 -4.64 -42.27 -53.94
C ALA F 231 -4.29 -41.91 -55.37
N PHE F 232 -3.38 -42.66 -55.99
CA PHE F 232 -2.94 -42.40 -57.36
C PHE F 232 -3.44 -43.54 -58.24
N SER F 233 -4.68 -43.38 -58.73
CA SER F 233 -5.32 -44.36 -59.60
C SER F 233 -6.00 -43.64 -60.76
N LYS F 234 -6.40 -44.42 -61.75
CA LYS F 234 -7.05 -43.86 -62.94
C LYS F 234 -8.40 -44.53 -63.19
N GLU F 235 -8.54 -45.79 -62.76
CA GLU F 235 -9.75 -46.54 -63.08
C GLU F 235 -10.95 -46.06 -62.28
N ASP F 236 -10.78 -45.83 -60.98
CA ASP F 236 -11.90 -45.51 -60.11
C ASP F 236 -11.58 -44.25 -59.31
N GLU F 237 -12.64 -43.51 -58.98
CA GLU F 237 -12.53 -42.27 -58.22
C GLU F 237 -13.01 -42.41 -56.78
N LEU F 238 -13.89 -43.37 -56.50
CA LEU F 238 -14.29 -43.62 -55.12
C LEU F 238 -13.09 -44.08 -54.30
N LEU F 239 -12.26 -44.95 -54.89
CA LEU F 239 -11.07 -45.44 -54.19
C LEU F 239 -10.09 -44.29 -53.92
N ARG F 240 -9.87 -43.43 -54.91
CA ARG F 240 -8.99 -42.29 -54.71
C ARG F 240 -9.54 -41.35 -53.65
N LEU F 241 -10.86 -41.14 -53.65
CA LEU F 241 -11.47 -40.28 -52.65
C LEU F 241 -11.31 -40.86 -51.25
N HIS F 242 -11.47 -42.18 -51.11
CA HIS F 242 -11.29 -42.81 -49.81
C HIS F 242 -9.85 -42.68 -49.33
N ALA F 243 -8.89 -42.93 -50.22
CA ALA F 243 -7.49 -42.80 -49.84
C ALA F 243 -7.14 -41.36 -49.45
N CYS F 244 -7.68 -40.39 -50.18
CA CYS F 244 -7.44 -38.99 -49.86
C CYS F 244 -8.06 -38.60 -48.53
N LEU F 245 -9.27 -39.11 -48.24
CA LEU F 245 -9.86 -38.87 -46.92
C LEU F 245 -8.98 -39.45 -45.82
N ALA F 246 -8.48 -40.67 -46.01
CA ALA F 246 -7.65 -41.29 -45.00
C ALA F 246 -6.37 -40.48 -44.75
N VAL F 247 -5.69 -40.06 -45.82
CA VAL F 247 -4.45 -39.33 -45.64
C VAL F 247 -4.72 -37.93 -45.07
N ALA F 248 -5.85 -37.33 -45.42
CA ALA F 248 -6.19 -36.03 -44.86
C ALA F 248 -6.47 -36.13 -43.37
N VAL F 249 -7.13 -37.19 -42.93
CA VAL F 249 -7.36 -37.39 -41.51
C VAL F 249 -6.06 -37.66 -40.78
N LEU F 250 -5.17 -38.43 -41.40
CA LEU F 250 -3.84 -38.62 -40.81
C LEU F 250 -3.03 -37.34 -40.77
N ALA F 251 -3.29 -36.38 -41.66
CA ALA F 251 -2.55 -35.13 -41.69
C ALA F 251 -3.20 -34.03 -40.86
N THR F 252 -4.07 -34.38 -39.90
CA THR F 252 -4.66 -33.43 -38.99
C THR F 252 -4.09 -33.61 -37.58
N ASN F 253 -3.33 -34.68 -37.40
CA ASN F 253 -2.61 -34.95 -36.14
C ASN F 253 -1.25 -34.31 -36.31
N LYS F 254 -1.02 -33.19 -35.60
CA LYS F 254 0.20 -32.42 -35.80
C LYS F 254 1.38 -32.95 -35.00
N GLU F 255 1.34 -34.21 -34.61
CA GLU F 255 2.55 -34.90 -34.17
C GLU F 255 3.28 -35.56 -35.32
N VAL F 256 2.57 -35.88 -36.40
CA VAL F 256 3.15 -36.64 -37.51
C VAL F 256 2.97 -35.90 -38.83
N GLU F 257 2.78 -34.58 -38.78
CA GLU F 257 2.65 -33.81 -40.01
C GLU F 257 3.87 -33.98 -40.90
N ARG F 258 5.07 -33.88 -40.32
CA ARG F 258 6.29 -33.95 -41.11
C ARG F 258 6.46 -35.33 -41.74
N GLU F 259 6.16 -36.38 -40.98
CA GLU F 259 6.32 -37.74 -41.49
C GLU F 259 5.31 -38.01 -42.59
N VAL F 260 4.08 -37.50 -42.45
CA VAL F 260 3.09 -37.66 -43.51
C VAL F 260 3.50 -36.90 -44.75
N GLU F 261 4.02 -35.67 -44.58
CA GLU F 261 4.43 -34.86 -45.71
C GLU F 261 5.62 -35.46 -46.44
N ARG F 262 6.52 -36.13 -45.71
CA ARG F 262 7.67 -36.77 -46.35
C ARG F 262 7.28 -37.81 -47.39
N SER F 263 6.11 -38.45 -47.24
CA SER F 263 5.65 -39.43 -48.20
C SER F 263 5.25 -38.82 -49.54
N GLY F 264 4.77 -37.58 -49.53
CA GLY F 264 4.38 -36.91 -50.75
C GLY F 264 3.00 -37.27 -51.27
N THR F 265 2.27 -38.15 -50.59
CA THR F 265 0.93 -38.51 -51.03
C THR F 265 -0.10 -37.43 -50.71
N LEU F 266 0.27 -36.42 -49.93
CA LEU F 266 -0.65 -35.31 -49.68
C LEU F 266 -0.86 -34.44 -50.92
N ALA F 267 0.13 -34.39 -51.81
CA ALA F 267 0.07 -33.50 -52.96
C ALA F 267 -1.03 -33.86 -53.94
N LEU F 268 -1.59 -35.06 -53.85
CA LEU F 268 -2.62 -35.52 -54.77
C LEU F 268 -4.01 -35.04 -54.40
N VAL F 269 -4.18 -34.43 -53.23
CA VAL F 269 -5.50 -34.05 -52.77
C VAL F 269 -6.09 -32.94 -53.64
N GLU F 270 -5.31 -31.88 -53.87
CA GLU F 270 -5.83 -30.71 -54.58
C GLU F 270 -6.23 -31.02 -56.02
N PRO F 271 -5.40 -31.66 -56.85
CA PRO F 271 -5.87 -31.98 -58.21
C PRO F 271 -7.11 -32.84 -58.23
N LEU F 272 -7.21 -33.82 -57.34
CA LEU F 272 -8.36 -34.72 -57.33
C LEU F 272 -9.64 -33.97 -56.96
N VAL F 273 -9.57 -33.13 -55.92
CA VAL F 273 -10.76 -32.39 -55.51
C VAL F 273 -11.13 -31.34 -56.55
N ALA F 274 -10.13 -30.78 -57.25
CA ALA F 274 -10.44 -29.85 -58.32
C ALA F 274 -11.12 -30.54 -59.49
N SER F 275 -10.68 -31.76 -59.81
CA SER F 275 -11.28 -32.50 -60.93
C SER F 275 -12.67 -33.01 -60.62
N LEU F 276 -12.92 -33.48 -59.40
CA LEU F 276 -14.18 -34.13 -59.07
C LEU F 276 -15.25 -33.08 -58.81
N ASP F 277 -16.48 -33.56 -58.59
CA ASP F 277 -17.66 -32.73 -58.46
C ASP F 277 -18.61 -33.40 -57.47
N PRO F 278 -19.01 -32.72 -56.39
CA PRO F 278 -19.96 -33.32 -55.45
C PRO F 278 -21.41 -33.22 -55.88
N GLY F 279 -21.69 -32.60 -57.03
CA GLY F 279 -23.07 -32.43 -57.46
C GLY F 279 -23.77 -33.75 -57.75
N ARG F 280 -23.11 -34.64 -58.49
CA ARG F 280 -23.71 -35.92 -58.86
C ARG F 280 -22.87 -37.12 -58.48
N PHE F 281 -21.58 -36.97 -58.22
CA PHE F 281 -20.73 -38.07 -57.79
C PHE F 281 -21.05 -38.51 -56.37
N ALA F 282 -21.86 -37.74 -55.63
CA ALA F 282 -22.10 -38.03 -54.22
C ALA F 282 -22.61 -39.44 -54.00
N ARG F 283 -23.34 -39.99 -54.97
CA ARG F 283 -23.84 -41.35 -54.86
C ARG F 283 -22.71 -42.37 -55.00
N ARG F 295 -23.94 -41.36 -43.91
CA ARG F 295 -23.17 -40.94 -42.74
C ARG F 295 -24.07 -40.28 -41.71
N GLY F 296 -23.99 -40.76 -40.46
CA GLY F 296 -24.80 -40.24 -39.39
C GLY F 296 -24.19 -39.03 -38.74
N PRO F 297 -24.87 -38.53 -37.71
CA PRO F 297 -24.33 -37.38 -36.96
C PRO F 297 -23.01 -37.68 -36.28
N ASP F 298 -22.77 -38.93 -35.89
CA ASP F 298 -21.48 -39.28 -35.31
C ASP F 298 -20.39 -39.32 -36.38
N ASP F 299 -20.75 -39.64 -37.62
CA ASP F 299 -19.77 -39.63 -38.69
C ASP F 299 -19.45 -38.20 -39.13
N LEU F 300 -20.44 -37.32 -39.10
CA LEU F 300 -20.20 -35.93 -39.52
C LEU F 300 -19.43 -35.15 -38.45
N GLN F 301 -19.59 -35.53 -37.18
CA GLN F 301 -18.79 -34.93 -36.12
C GLN F 301 -17.32 -35.25 -36.26
N ARG F 302 -16.98 -36.27 -37.05
CA ARG F 302 -15.59 -36.59 -37.37
C ARG F 302 -15.13 -35.98 -38.68
N LEU F 303 -16.03 -35.31 -39.41
CA LEU F 303 -15.66 -34.56 -40.60
C LEU F 303 -15.52 -33.08 -40.33
N VAL F 304 -16.27 -32.56 -39.35
CA VAL F 304 -16.14 -31.14 -38.98
C VAL F 304 -14.72 -30.77 -38.58
N PRO F 305 -13.99 -31.57 -37.78
CA PRO F 305 -12.61 -31.19 -37.44
C PRO F 305 -11.70 -31.05 -38.64
N LEU F 306 -11.97 -31.73 -39.75
CA LEU F 306 -11.21 -31.48 -40.97
C LEU F 306 -11.43 -30.06 -41.47
N LEU F 307 -12.67 -29.57 -41.37
CA LEU F 307 -12.94 -28.17 -41.68
C LEU F 307 -12.20 -27.24 -40.73
N ASP F 308 -12.24 -27.55 -39.43
CA ASP F 308 -11.60 -26.73 -38.41
C ASP F 308 -10.13 -27.15 -38.24
N SER F 309 -9.34 -26.85 -39.26
CA SER F 309 -7.92 -27.21 -39.27
C SER F 309 -7.13 -26.16 -40.04
N ASN F 310 -5.81 -26.24 -39.92
CA ASN F 310 -4.92 -25.34 -40.66
C ASN F 310 -4.44 -25.96 -41.97
N ARG F 311 -4.70 -27.23 -42.21
CA ARG F 311 -4.28 -27.88 -43.44
C ARG F 311 -5.28 -27.57 -44.55
N LEU F 312 -4.80 -26.91 -45.61
CA LEU F 312 -5.67 -26.59 -46.73
C LEU F 312 -6.22 -27.85 -47.39
N GLU F 313 -5.39 -28.88 -47.49
CA GLU F 313 -5.81 -30.14 -48.10
C GLU F 313 -6.93 -30.80 -47.29
N ALA F 314 -6.75 -30.87 -45.97
CA ALA F 314 -7.79 -31.44 -45.12
C ALA F 314 -9.06 -30.62 -45.15
N GLN F 315 -8.93 -29.28 -45.18
CA GLN F 315 -10.11 -28.43 -45.31
C GLN F 315 -10.85 -28.70 -46.61
N CYS F 316 -10.11 -28.89 -47.70
CA CYS F 316 -10.74 -29.15 -49.00
C CYS F 316 -11.45 -30.50 -49.01
N ILE F 317 -10.81 -31.53 -48.45
CA ILE F 317 -11.47 -32.84 -48.35
C ILE F 317 -12.73 -32.75 -47.51
N GLY F 318 -12.66 -32.06 -46.37
CA GLY F 318 -13.82 -31.90 -45.54
C GLY F 318 -14.95 -31.17 -46.24
N ALA F 319 -14.60 -30.11 -46.97
CA ALA F 319 -15.61 -29.37 -47.72
C ALA F 319 -16.25 -30.23 -48.80
N PHE F 320 -15.45 -31.04 -49.51
CA PHE F 320 -15.99 -31.93 -50.54
C PHE F 320 -16.97 -32.92 -49.93
N TYR F 321 -16.56 -33.62 -48.89
CA TYR F 321 -17.43 -34.61 -48.27
C TYR F 321 -18.68 -33.97 -47.68
N LEU F 322 -18.52 -32.81 -47.03
CA LEU F 322 -19.66 -32.15 -46.42
C LEU F 322 -20.63 -31.62 -47.48
N CYS F 323 -20.11 -31.20 -48.63
CA CYS F 323 -20.98 -30.78 -49.73
C CYS F 323 -21.78 -31.96 -50.26
N ALA F 324 -21.13 -33.12 -50.44
CA ALA F 324 -21.85 -34.30 -50.88
C ALA F 324 -22.94 -34.69 -49.88
N GLU F 325 -22.59 -34.68 -48.59
CA GLU F 325 -23.55 -35.02 -47.55
C GLU F 325 -24.69 -34.02 -47.53
N ALA F 326 -24.40 -32.73 -47.68
CA ALA F 326 -25.43 -31.71 -47.71
C ALA F 326 -26.37 -31.92 -48.88
N ALA F 327 -25.82 -32.23 -50.05
CA ALA F 327 -26.67 -32.47 -51.22
C ALA F 327 -27.61 -33.64 -50.98
N ILE F 328 -27.08 -34.78 -50.54
CA ILE F 328 -27.93 -35.96 -50.40
C ILE F 328 -28.93 -35.77 -49.27
N LYS F 329 -28.53 -35.10 -48.19
CA LYS F 329 -29.44 -34.88 -47.07
C LYS F 329 -30.55 -33.89 -47.44
N SER F 330 -30.20 -32.84 -48.18
CA SER F 330 -31.20 -31.89 -48.64
C SER F 330 -32.19 -32.56 -49.59
N LEU F 331 -31.70 -33.46 -50.44
CA LEU F 331 -32.60 -34.24 -51.28
C LEU F 331 -33.51 -35.12 -50.43
N GLN F 332 -32.96 -35.75 -49.40
CA GLN F 332 -33.71 -36.68 -48.57
C GLN F 332 -34.14 -36.01 -47.26
N GLY F 333 -35.18 -35.19 -47.37
CA GLY F 333 -35.82 -34.63 -46.19
C GLY F 333 -35.17 -33.36 -45.67
N LYS F 334 -35.66 -32.92 -44.51
CA LYS F 334 -35.22 -31.70 -43.87
C LYS F 334 -34.84 -31.99 -42.42
N THR F 335 -33.67 -31.50 -42.02
CA THR F 335 -33.18 -31.67 -40.66
C THR F 335 -32.21 -30.54 -40.36
N LYS F 336 -32.08 -30.20 -39.07
CA LYS F 336 -31.22 -29.11 -38.61
C LYS F 336 -29.92 -29.61 -37.99
N VAL F 337 -29.53 -30.85 -38.31
CA VAL F 337 -28.35 -31.44 -37.67
C VAL F 337 -27.10 -30.63 -37.96
N PHE F 338 -27.04 -29.96 -39.12
CA PHE F 338 -25.89 -29.12 -39.43
C PHE F 338 -25.75 -27.96 -38.45
N SER F 339 -26.87 -27.33 -38.07
CA SER F 339 -26.82 -26.16 -37.21
C SER F 339 -26.21 -26.46 -35.86
N ASP F 340 -26.60 -27.57 -35.23
CA ASP F 340 -26.08 -27.87 -33.89
C ASP F 340 -24.78 -28.66 -33.97
N ILE F 341 -24.49 -29.30 -35.11
CA ILE F 341 -23.18 -29.92 -35.27
C ILE F 341 -22.12 -28.87 -35.51
N GLY F 342 -22.52 -27.68 -35.97
CA GLY F 342 -21.60 -26.57 -36.07
C GLY F 342 -20.91 -26.41 -37.39
N ALA F 343 -21.39 -27.06 -38.45
CA ALA F 343 -20.74 -26.93 -39.75
C ALA F 343 -21.00 -25.58 -40.38
N ILE F 344 -22.08 -24.89 -39.98
CA ILE F 344 -22.43 -23.62 -40.62
C ILE F 344 -21.37 -22.56 -40.35
N GLN F 345 -21.00 -22.39 -39.08
CA GLN F 345 -19.98 -21.38 -38.76
C GLN F 345 -18.64 -21.75 -39.34
N SER F 346 -18.31 -23.04 -39.37
CA SER F 346 -17.05 -23.45 -39.99
C SER F 346 -17.04 -23.13 -41.47
N LEU F 347 -18.14 -23.40 -42.18
CA LEU F 347 -18.19 -23.09 -43.60
C LEU F 347 -18.12 -21.59 -43.85
N LYS F 348 -18.76 -20.80 -42.99
CA LYS F 348 -18.60 -19.35 -43.09
C LYS F 348 -17.16 -18.91 -42.88
N ARG F 349 -16.47 -19.51 -41.91
CA ARG F 349 -15.08 -19.16 -41.67
C ARG F 349 -14.14 -19.64 -42.77
N LEU F 350 -14.51 -20.68 -43.51
CA LEU F 350 -13.76 -21.06 -44.72
C LEU F 350 -14.04 -20.17 -45.92
N VAL F 351 -15.27 -19.69 -46.10
CA VAL F 351 -15.52 -18.78 -47.22
C VAL F 351 -14.94 -17.40 -46.97
N SER F 352 -15.00 -16.92 -45.72
CA SER F 352 -14.55 -15.56 -45.42
C SER F 352 -13.04 -15.35 -45.56
N TYR F 353 -12.23 -16.28 -45.06
CA TYR F 353 -10.78 -16.09 -45.08
C TYR F 353 -10.08 -16.93 -46.13
N SER F 354 -10.84 -17.61 -46.98
CA SER F 354 -10.23 -18.50 -47.96
C SER F 354 -9.35 -17.77 -48.94
N THR F 355 -8.29 -18.42 -49.39
CA THR F 355 -7.42 -17.82 -50.40
C THR F 355 -7.38 -18.76 -51.58
N ASN F 356 -7.62 -20.05 -51.34
CA ASN F 356 -7.64 -21.02 -52.42
C ASN F 356 -9.04 -21.09 -53.02
N GLY F 357 -9.12 -21.05 -54.34
CA GLY F 357 -10.41 -21.09 -55.00
C GLY F 357 -11.17 -22.37 -54.78
N THR F 358 -10.47 -23.51 -54.78
CA THR F 358 -11.14 -24.79 -54.64
C THR F 358 -11.94 -24.84 -53.35
N LYS F 359 -11.29 -24.52 -52.23
CA LYS F 359 -11.97 -24.54 -50.95
C LYS F 359 -13.10 -23.55 -50.93
N SER F 360 -12.86 -22.36 -51.49
CA SER F 360 -13.88 -21.32 -51.48
C SER F 360 -15.14 -21.79 -52.20
N ALA F 361 -14.97 -22.35 -53.38
CA ALA F 361 -16.11 -22.79 -54.17
C ALA F 361 -16.91 -23.83 -53.42
N LEU F 362 -16.28 -24.96 -53.12
CA LEU F 362 -16.99 -26.03 -52.43
C LEU F 362 -17.76 -25.52 -51.22
N ALA F 363 -17.14 -24.64 -50.43
CA ALA F 363 -17.84 -24.11 -49.28
C ALA F 363 -19.04 -23.26 -49.69
N LYS F 364 -18.90 -22.48 -50.76
CA LYS F 364 -20.03 -21.68 -51.25
C LYS F 364 -21.17 -22.57 -51.72
N ARG F 365 -20.84 -23.66 -52.43
CA ARG F 365 -21.88 -24.58 -52.87
C ARG F 365 -22.58 -25.23 -51.67
N ALA F 366 -21.83 -25.64 -50.67
CA ALA F 366 -22.44 -26.23 -49.48
C ALA F 366 -23.37 -25.23 -48.79
N LEU F 367 -22.92 -23.98 -48.64
CA LEU F 367 -23.76 -22.97 -48.01
C LEU F 367 -25.04 -22.72 -48.80
N ARG F 368 -24.93 -22.70 -50.14
CA ARG F 368 -26.12 -22.50 -50.95
C ARG F 368 -27.09 -23.67 -50.82
N LEU F 369 -26.56 -24.91 -50.80
CA LEU F 369 -27.43 -26.07 -50.67
C LEU F 369 -28.05 -26.17 -49.28
N LEU F 370 -27.43 -25.57 -48.28
CA LEU F 370 -28.19 -25.52 -47.02
C LEU F 370 -29.22 -24.41 -46.99
N GLY F 371 -29.23 -23.51 -47.98
CA GLY F 371 -30.16 -22.41 -47.98
C GLY F 371 -29.84 -21.37 -46.93
N GLU F 372 -28.65 -20.80 -47.02
CA GLU F 372 -28.23 -19.75 -46.10
C GLU F 372 -27.45 -18.69 -46.88
N GLU F 373 -27.36 -17.51 -46.29
CA GLU F 373 -26.60 -16.42 -46.91
C GLU F 373 -25.14 -16.83 -47.07
N VAL F 374 -24.56 -16.51 -48.23
CA VAL F 374 -23.17 -16.83 -48.53
C VAL F 374 -22.35 -15.55 -48.29
N PRO F 375 -21.62 -15.45 -47.19
CA PRO F 375 -20.84 -14.23 -46.95
C PRO F 375 -19.73 -14.07 -47.97
N ARG F 376 -19.45 -12.82 -48.30
CA ARG F 376 -18.40 -12.41 -49.23
C ARG F 376 -17.03 -12.45 -48.57
N PRO F 377 -15.97 -12.67 -49.32
CA PRO F 377 -14.62 -12.59 -48.73
C PRO F 377 -14.31 -11.19 -48.26
N ILE F 378 -13.50 -11.10 -47.21
CA ILE F 378 -13.15 -9.83 -46.59
C ILE F 378 -11.79 -9.36 -47.09
N LEU F 379 -11.63 -8.05 -47.21
CA LEU F 379 -10.39 -7.49 -47.73
C LEU F 379 -9.26 -7.70 -46.73
N PRO F 380 -8.05 -7.96 -47.22
CA PRO F 380 -6.93 -8.23 -46.31
C PRO F 380 -6.38 -6.99 -45.65
N SER F 381 -6.44 -5.85 -46.33
CA SER F 381 -5.87 -4.60 -45.81
C SER F 381 -6.79 -4.05 -44.74
N VAL F 382 -6.57 -4.48 -43.50
CA VAL F 382 -7.44 -4.12 -42.39
C VAL F 382 -7.16 -2.70 -41.87
N PRO F 383 -5.89 -2.26 -41.73
CA PRO F 383 -5.67 -0.89 -41.24
C PRO F 383 -6.36 0.18 -42.06
N SER F 384 -6.78 -0.12 -43.28
CA SER F 384 -7.48 0.82 -44.12
C SER F 384 -9.00 0.64 -44.08
N TRP F 385 -9.50 -0.22 -43.19
CA TRP F 385 -10.92 -0.45 -43.09
C TRP F 385 -11.64 0.80 -42.59
N LYS F 386 -12.94 0.85 -42.85
CA LYS F 386 -13.81 1.91 -42.36
C LYS F 386 -15.00 1.28 -41.64
N GLU F 387 -15.98 2.12 -41.31
CA GLU F 387 -17.11 1.66 -40.51
C GLU F 387 -17.89 0.56 -41.21
N ALA F 388 -18.11 0.70 -42.52
CA ALA F 388 -18.88 -0.32 -43.24
C ALA F 388 -18.19 -1.67 -43.22
N GLU F 389 -16.87 -1.68 -43.47
CA GLU F 389 -16.14 -2.93 -43.44
C GLU F 389 -16.13 -3.54 -42.05
N VAL F 390 -16.01 -2.70 -41.02
CA VAL F 390 -16.04 -3.21 -39.65
C VAL F 390 -17.40 -3.84 -39.35
N GLN F 391 -18.49 -3.19 -39.78
CA GLN F 391 -19.82 -3.75 -39.56
C GLN F 391 -19.99 -5.08 -40.29
N THR F 392 -19.49 -5.16 -41.53
CA THR F 392 -19.58 -6.42 -42.25
C THR F 392 -18.81 -7.53 -41.55
N TRP F 393 -17.60 -7.23 -41.08
CA TRP F 393 -16.83 -8.22 -40.35
C TRP F 393 -17.54 -8.65 -39.07
N LEU F 394 -18.15 -7.70 -38.36
CA LEU F 394 -18.88 -8.04 -37.16
C LEU F 394 -20.05 -8.98 -37.46
N GLN F 395 -20.78 -8.70 -38.55
CA GLN F 395 -21.88 -9.58 -38.93
C GLN F 395 -21.39 -10.97 -39.33
N GLN F 396 -20.22 -11.05 -39.95
CA GLN F 396 -19.74 -12.32 -40.47
C GLN F 396 -19.16 -13.24 -39.41
N ILE F 397 -19.15 -12.86 -38.14
CA ILE F 397 -18.58 -13.70 -37.09
C ILE F 397 -19.58 -13.90 -35.96
N GLY F 398 -20.84 -13.55 -36.20
CA GLY F 398 -21.86 -13.78 -35.21
C GLY F 398 -21.93 -12.78 -34.08
N PHE F 399 -21.23 -11.66 -34.20
CA PHE F 399 -21.28 -10.59 -33.20
C PHE F 399 -22.19 -9.46 -33.66
N SER F 400 -23.25 -9.80 -34.39
CA SER F 400 -24.18 -8.79 -34.88
C SER F 400 -24.96 -8.11 -33.77
N LYS F 401 -25.00 -8.69 -32.58
CA LYS F 401 -25.67 -8.05 -31.45
C LYS F 401 -24.93 -6.81 -30.98
N TYR F 402 -23.60 -6.83 -30.98
CA TYR F 402 -22.78 -5.67 -30.65
C TYR F 402 -22.42 -4.87 -31.89
N CYS F 403 -23.43 -4.47 -32.66
CA CYS F 403 -23.19 -3.74 -33.90
C CYS F 403 -23.57 -2.26 -33.77
N GLU F 404 -24.66 -1.97 -33.08
CA GLU F 404 -25.04 -0.58 -32.87
C GLU F 404 -24.02 0.17 -32.02
N SER F 405 -23.45 -0.51 -31.02
CA SER F 405 -22.42 0.14 -30.22
C SER F 405 -21.21 0.51 -31.06
N PHE F 406 -20.75 -0.42 -31.91
CA PHE F 406 -19.62 -0.12 -32.78
C PHE F 406 -19.96 1.01 -33.74
N ARG F 407 -21.19 1.02 -34.27
CA ARG F 407 -21.58 2.09 -35.19
C ARG F 407 -21.61 3.44 -34.50
N GLU F 408 -22.12 3.50 -33.26
CA GLU F 408 -22.25 4.78 -32.58
C GLU F 408 -20.89 5.28 -32.08
N GLN F 409 -19.97 4.37 -31.79
CA GLN F 409 -18.62 4.77 -31.40
C GLN F 409 -17.70 4.99 -32.60
N GLN F 410 -18.13 4.60 -33.80
CA GLN F 410 -17.39 4.85 -35.04
C GLN F 410 -15.99 4.23 -34.99
N VAL F 411 -15.97 2.90 -34.90
CA VAL F 411 -14.73 2.14 -34.83
C VAL F 411 -14.24 1.88 -36.24
N ASP F 412 -13.01 2.32 -36.54
CA ASP F 412 -12.35 2.07 -37.81
C ASP F 412 -11.54 0.79 -37.71
N GLY F 413 -10.81 0.48 -38.79
CA GLY F 413 -9.86 -0.62 -38.73
C GLY F 413 -8.73 -0.35 -37.77
N ASP F 414 -8.24 0.90 -37.75
CA ASP F 414 -7.17 1.28 -36.85
C ASP F 414 -7.62 1.14 -35.40
N LEU F 415 -8.82 1.61 -35.08
CA LEU F 415 -9.33 1.47 -33.71
C LEU F 415 -9.58 0.01 -33.38
N LEU F 416 -10.08 -0.76 -34.34
CA LEU F 416 -10.37 -2.18 -34.08
C LEU F 416 -9.09 -2.95 -33.75
N LEU F 417 -8.01 -2.70 -34.49
CA LEU F 417 -6.76 -3.41 -34.23
C LEU F 417 -6.14 -3.04 -32.89
N ARG F 418 -6.56 -1.94 -32.27
CA ARG F 418 -6.09 -1.56 -30.94
C ARG F 418 -7.33 -1.39 -30.06
N LEU F 419 -7.82 -2.51 -29.53
CA LEU F 419 -9.03 -2.54 -28.73
C LEU F 419 -8.72 -3.30 -27.45
N THR F 420 -8.67 -2.59 -26.34
CA THR F 420 -8.34 -3.20 -25.06
C THR F 420 -9.58 -3.73 -24.36
N GLU F 421 -9.36 -4.61 -23.39
CA GLU F 421 -10.47 -5.22 -22.66
C GLU F 421 -11.25 -4.20 -21.84
N GLU F 422 -10.59 -3.18 -21.29
CA GLU F 422 -11.32 -2.14 -20.58
C GLU F 422 -12.24 -1.39 -21.53
N GLU F 423 -11.79 -1.09 -22.74
CA GLU F 423 -12.65 -0.42 -23.71
C GLU F 423 -13.82 -1.31 -24.11
N LEU F 424 -13.55 -2.60 -24.33
CA LEU F 424 -14.64 -3.53 -24.65
C LEU F 424 -15.67 -3.58 -23.55
N GLN F 425 -15.23 -3.64 -22.29
CA GLN F 425 -16.17 -3.76 -21.18
C GLN F 425 -16.95 -2.47 -20.96
N THR F 426 -16.28 -1.33 -21.00
CA THR F 426 -16.93 -0.08 -20.63
C THR F 426 -17.71 0.56 -21.77
N ASP F 427 -17.08 0.73 -22.94
CA ASP F 427 -17.67 1.49 -24.02
C ASP F 427 -18.59 0.68 -24.92
N LEU F 428 -18.18 -0.51 -25.33
CA LEU F 428 -18.94 -1.29 -26.29
C LEU F 428 -19.92 -2.26 -25.65
N GLY F 429 -19.87 -2.44 -24.33
CA GLY F 429 -20.91 -3.15 -23.63
C GLY F 429 -20.78 -4.65 -23.51
N MET F 430 -19.57 -5.20 -23.66
CA MET F 430 -19.37 -6.64 -23.49
C MET F 430 -19.14 -6.92 -22.01
N LYS F 431 -20.24 -7.10 -21.27
CA LYS F 431 -20.14 -7.29 -19.83
C LYS F 431 -19.54 -8.65 -19.47
N SER F 432 -20.02 -9.72 -20.09
CA SER F 432 -19.59 -11.06 -19.72
C SER F 432 -18.15 -11.29 -20.11
N GLY F 433 -17.39 -11.94 -19.23
CA GLY F 433 -15.96 -12.07 -19.40
C GLY F 433 -15.51 -13.12 -20.40
N ILE F 434 -16.42 -13.95 -20.90
CA ILE F 434 -16.04 -14.93 -21.91
C ILE F 434 -16.54 -14.55 -23.31
N THR F 435 -17.54 -13.69 -23.41
CA THR F 435 -17.83 -13.07 -24.70
C THR F 435 -16.63 -12.28 -25.19
N ARG F 436 -15.94 -11.58 -24.29
CA ARG F 436 -14.71 -10.91 -24.64
C ARG F 436 -13.62 -11.89 -25.06
N LYS F 437 -13.56 -13.07 -24.44
CA LYS F 437 -12.58 -14.07 -24.87
C LYS F 437 -12.88 -14.55 -26.29
N ARG F 438 -14.16 -14.77 -26.60
CA ARG F 438 -14.53 -15.13 -27.97
C ARG F 438 -14.15 -14.01 -28.94
N PHE F 439 -14.44 -12.77 -28.56
CA PHE F 439 -14.13 -11.64 -29.44
C PHE F 439 -12.63 -11.56 -29.70
N PHE F 440 -11.82 -11.75 -28.66
CA PHE F 440 -10.37 -11.68 -28.86
C PHE F 440 -9.86 -12.88 -29.65
N ARG F 441 -10.52 -14.03 -29.55
CA ARG F 441 -10.18 -15.14 -30.44
C ARG F 441 -10.37 -14.76 -31.90
N GLU F 442 -11.55 -14.21 -32.22
CA GLU F 442 -11.81 -13.79 -33.59
C GLU F 442 -10.86 -12.68 -34.03
N LEU F 443 -10.58 -11.73 -33.13
CA LEU F 443 -9.67 -10.64 -33.46
C LEU F 443 -8.25 -11.14 -33.71
N THR F 444 -7.81 -12.13 -32.93
CA THR F 444 -6.49 -12.71 -33.15
C THR F 444 -6.42 -13.40 -34.50
N GLU F 445 -7.49 -14.12 -34.87
CA GLU F 445 -7.51 -14.74 -36.20
C GLU F 445 -7.46 -13.68 -37.29
N LEU F 446 -8.20 -12.59 -37.13
CA LEU F 446 -8.17 -11.52 -38.11
C LEU F 446 -6.80 -10.88 -38.21
N LYS F 447 -6.14 -10.64 -37.07
CA LYS F 447 -4.81 -10.05 -37.08
C LYS F 447 -3.81 -10.96 -37.79
N THR F 448 -3.92 -12.27 -37.56
CA THR F 448 -3.06 -13.21 -38.27
C THR F 448 -3.33 -13.21 -39.76
N PHE F 449 -4.59 -13.09 -40.17
CA PHE F 449 -4.97 -13.05 -41.59
C PHE F 449 -4.65 -11.72 -42.27
N ALA F 450 -4.47 -10.65 -41.50
CA ALA F 450 -4.47 -9.30 -42.06
C ALA F 450 -3.27 -9.06 -42.97
N ASN F 451 -3.24 -7.86 -43.54
CA ASN F 451 -2.23 -7.45 -44.52
C ASN F 451 -1.64 -6.11 -44.09
N TYR F 452 -0.45 -6.15 -43.48
CA TYR F 452 0.22 -4.94 -43.00
C TYR F 452 1.26 -4.49 -44.02
N SER F 453 0.78 -3.87 -45.09
CA SER F 453 1.66 -3.32 -46.12
C SER F 453 1.74 -1.81 -46.09
N THR F 454 0.62 -1.13 -45.81
CA THR F 454 0.61 0.33 -45.80
C THR F 454 1.21 0.91 -44.52
N CYS F 455 1.42 0.11 -43.49
CA CYS F 455 1.97 0.59 -42.23
C CYS F 455 3.36 0.04 -41.92
N ASP F 456 3.61 -1.22 -42.23
CA ASP F 456 4.90 -1.86 -41.98
C ASP F 456 5.89 -1.43 -43.06
N ARG F 457 7.13 -1.23 -42.64
CA ARG F 457 8.18 -0.77 -43.54
C ARG F 457 9.35 -1.74 -43.65
N SER F 458 9.74 -2.37 -42.54
CA SER F 458 10.89 -3.26 -42.52
C SER F 458 10.51 -4.73 -42.57
N ASN F 459 9.25 -5.03 -42.90
CA ASN F 459 8.76 -6.41 -42.97
C ASN F 459 8.92 -7.12 -41.63
N LEU F 460 8.24 -6.60 -40.62
CA LEU F 460 8.26 -7.19 -39.30
C LEU F 460 7.28 -8.35 -39.17
N ALA F 461 6.19 -8.34 -39.94
CA ALA F 461 5.22 -9.43 -39.85
C ALA F 461 5.84 -10.76 -40.24
N ASP F 462 6.64 -10.77 -41.32
CA ASP F 462 7.29 -12.01 -41.73
C ASP F 462 8.35 -12.44 -40.74
N TRP F 463 9.04 -11.48 -40.11
CA TRP F 463 10.01 -11.83 -39.09
C TRP F 463 9.34 -12.51 -37.90
N LEU F 464 8.20 -11.97 -37.47
CA LEU F 464 7.47 -12.61 -36.37
C LEU F 464 6.95 -13.98 -36.77
N GLY F 465 6.40 -14.10 -37.98
CA GLY F 465 5.92 -15.38 -38.46
C GLY F 465 7.00 -16.42 -38.60
N SER F 466 8.24 -16.00 -38.89
CA SER F 466 9.35 -16.94 -38.89
C SER F 466 9.56 -17.54 -37.50
N LEU F 467 9.47 -16.72 -36.47
CA LEU F 467 9.53 -17.24 -35.10
C LEU F 467 8.38 -18.19 -34.82
N ASP F 468 7.15 -17.75 -35.09
CA ASP F 468 5.98 -18.54 -34.74
C ASP F 468 4.78 -18.00 -35.52
N PRO F 469 4.00 -18.85 -36.17
CA PRO F 469 2.82 -18.37 -36.90
C PRO F 469 1.82 -17.65 -36.02
N ARG F 470 1.84 -17.92 -34.72
CA ARG F 470 0.96 -17.25 -33.77
C ARG F 470 1.52 -15.92 -33.29
N PHE F 471 2.74 -15.56 -33.69
CA PHE F 471 3.34 -14.28 -33.32
C PHE F 471 3.00 -13.17 -34.31
N ARG F 472 2.38 -13.49 -35.44
CA ARG F 472 2.11 -12.49 -36.47
C ARG F 472 1.04 -11.49 -36.04
N GLN F 473 0.28 -11.79 -34.99
CA GLN F 473 -0.78 -10.91 -34.53
C GLN F 473 -0.27 -9.66 -33.83
N TYR F 474 1.03 -9.59 -33.52
CA TYR F 474 1.60 -8.48 -32.78
C TYR F 474 2.18 -7.40 -33.70
N THR F 475 2.01 -7.55 -35.01
CA THR F 475 2.70 -6.68 -35.95
C THR F 475 2.21 -5.24 -35.85
N TYR F 476 0.89 -5.04 -35.83
CA TYR F 476 0.36 -3.68 -35.76
C TYR F 476 0.74 -3.02 -34.44
N GLY F 477 0.67 -3.78 -33.35
CA GLY F 477 1.08 -3.23 -32.06
C GLY F 477 2.54 -2.85 -32.02
N LEU F 478 3.39 -3.62 -32.70
CA LEU F 478 4.81 -3.29 -32.72
C LEU F 478 5.10 -2.09 -33.61
N VAL F 479 4.40 -1.94 -34.73
CA VAL F 479 4.71 -0.87 -35.66
C VAL F 479 4.02 0.43 -35.27
N SER F 480 2.96 0.37 -34.46
CA SER F 480 2.35 1.60 -33.98
C SER F 480 3.24 2.34 -32.99
N CYS F 481 4.14 1.64 -32.32
CA CYS F 481 5.08 2.24 -31.38
C CYS F 481 6.37 2.69 -32.06
N GLY F 482 6.42 2.64 -33.39
CA GLY F 482 7.61 3.07 -34.10
C GLY F 482 8.79 2.14 -33.92
N LEU F 483 8.57 0.84 -34.06
CA LEU F 483 9.63 -0.14 -34.01
C LEU F 483 9.81 -0.75 -35.39
N ASP F 484 10.97 -1.38 -35.59
CA ASP F 484 11.27 -2.05 -36.86
C ASP F 484 12.42 -3.04 -36.60
N ARG F 485 12.91 -3.64 -37.68
CA ARG F 485 13.98 -4.63 -37.54
C ARG F 485 15.24 -4.02 -36.96
N SER F 486 15.52 -2.76 -37.27
CA SER F 486 16.74 -2.12 -36.83
C SER F 486 16.67 -1.64 -35.39
N LEU F 487 15.50 -1.65 -34.77
CA LEU F 487 15.33 -1.14 -33.42
C LEU F 487 14.95 -2.18 -32.40
N LEU F 488 14.69 -3.43 -32.82
CA LEU F 488 14.26 -4.46 -31.89
C LEU F 488 15.36 -4.91 -30.94
N HIS F 489 16.63 -4.64 -31.26
CA HIS F 489 17.72 -5.06 -30.40
C HIS F 489 17.94 -4.14 -29.22
N ARG F 490 16.98 -3.26 -28.93
CA ARG F 490 17.06 -2.37 -27.77
C ARG F 490 15.79 -2.36 -26.94
N VAL F 491 14.75 -3.07 -27.36
CA VAL F 491 13.46 -2.99 -26.69
C VAL F 491 13.53 -3.73 -25.35
N SER F 492 12.81 -3.20 -24.37
CA SER F 492 12.78 -3.75 -23.02
C SER F 492 11.57 -4.66 -22.85
N GLU F 493 11.60 -5.45 -21.78
CA GLU F 493 10.49 -6.37 -21.52
C GLU F 493 9.25 -5.62 -21.08
N GLN F 494 9.42 -4.51 -20.34
CA GLN F 494 8.28 -3.72 -19.92
C GLN F 494 7.65 -2.99 -21.10
N GLN F 495 8.47 -2.59 -22.07
CA GLN F 495 7.93 -1.91 -23.25
C GLN F 495 7.01 -2.82 -24.04
N LEU F 496 7.40 -4.09 -24.22
CA LEU F 496 6.56 -5.03 -24.96
C LEU F 496 5.25 -5.32 -24.25
N LEU F 497 5.15 -4.98 -22.96
CA LEU F 497 3.91 -5.19 -22.23
C LEU F 497 3.04 -3.95 -22.23
N GLU F 498 3.59 -2.80 -21.82
CA GLU F 498 2.79 -1.59 -21.70
C GLU F 498 2.47 -0.99 -23.07
N ASP F 499 3.45 -0.95 -23.95
CA ASP F 499 3.29 -0.24 -25.23
C ASP F 499 2.78 -1.16 -26.33
N CYS F 500 3.52 -2.23 -26.62
CA CYS F 500 3.16 -3.09 -27.75
C CYS F 500 1.96 -3.97 -27.44
N GLY F 501 1.62 -4.12 -26.16
CA GLY F 501 0.44 -4.84 -25.76
C GLY F 501 0.54 -6.35 -25.77
N ILE F 502 1.75 -6.92 -25.70
CA ILE F 502 1.92 -8.37 -25.64
C ILE F 502 1.69 -8.79 -24.20
N HIS F 503 0.70 -9.65 -23.97
CA HIS F 503 0.27 -9.94 -22.60
C HIS F 503 0.95 -11.20 -22.06
N LEU F 504 1.07 -12.23 -22.89
CA LEU F 504 1.68 -13.48 -22.43
C LEU F 504 3.16 -13.28 -22.19
N GLY F 505 3.63 -13.69 -21.00
CA GLY F 505 5.03 -13.57 -20.67
C GLY F 505 5.93 -14.45 -21.51
N VAL F 506 5.45 -15.63 -21.89
CA VAL F 506 6.25 -16.53 -22.72
C VAL F 506 6.53 -15.90 -24.07
N HIS F 507 5.52 -15.27 -24.67
CA HIS F 507 5.71 -14.62 -25.96
C HIS F 507 6.69 -13.46 -25.85
N ARG F 508 6.58 -12.67 -24.79
CA ARG F 508 7.51 -11.56 -24.59
C ARG F 508 8.93 -12.06 -24.45
N ALA F 509 9.14 -13.11 -23.65
CA ALA F 509 10.49 -13.64 -23.48
C ALA F 509 11.04 -14.19 -24.78
N ARG F 510 10.22 -14.93 -25.54
CA ARG F 510 10.69 -15.48 -26.80
C ARG F 510 11.06 -14.38 -27.79
N ILE F 511 10.21 -13.36 -27.90
CA ILE F 511 10.49 -12.27 -28.82
C ILE F 511 11.76 -11.53 -28.41
N LEU F 512 11.95 -11.30 -27.12
CA LEU F 512 13.16 -10.62 -26.65
C LEU F 512 14.41 -11.42 -26.98
N THR F 513 14.42 -12.70 -26.59
CA THR F 513 15.61 -13.51 -26.82
C THR F 513 15.89 -13.72 -28.30
N ALA F 514 14.86 -13.71 -29.15
CA ALA F 514 15.10 -13.79 -30.57
C ALA F 514 15.59 -12.47 -31.16
N ALA F 515 15.15 -11.34 -30.59
CA ALA F 515 15.59 -10.04 -31.09
C ALA F 515 17.04 -9.79 -30.72
N ARG F 516 17.48 -10.28 -29.55
CA ARG F 516 18.88 -10.11 -29.17
C ARG F 516 19.82 -10.89 -30.08
N GLU F 517 19.31 -11.84 -30.85
CA GLU F 517 20.16 -12.57 -31.80
C GLU F 517 20.35 -11.83 -33.10
N MET F 518 19.59 -10.76 -33.34
CA MET F 518 19.77 -9.99 -34.57
C MET F 518 21.13 -9.30 -34.60
N LEU F 519 21.58 -8.81 -33.44
CA LEU F 519 22.85 -8.09 -33.31
C LEU F 519 22.87 -6.85 -34.22
N THR F 534 25.80 13.02 -59.44
CA THR F 534 26.62 13.06 -60.63
C THR F 534 26.06 12.13 -61.71
N PRO F 535 25.66 12.70 -62.84
CA PRO F 535 25.13 11.88 -63.94
C PRO F 535 26.24 11.15 -64.67
N ASP F 536 25.85 10.08 -65.37
CA ASP F 536 26.78 9.30 -66.17
C ASP F 536 26.64 9.53 -67.66
N VAL F 537 25.43 9.62 -68.20
CA VAL F 537 25.21 9.86 -69.62
C VAL F 537 24.18 10.97 -69.75
N PHE F 538 24.09 11.56 -70.93
CA PHE F 538 23.13 12.61 -71.20
C PHE F 538 22.40 12.28 -72.49
N ILE F 539 21.11 12.64 -72.54
CA ILE F 539 20.27 12.37 -73.69
C ILE F 539 19.67 13.69 -74.18
N SER F 540 19.80 13.96 -75.47
CA SER F 540 19.18 15.09 -76.12
C SER F 540 18.24 14.59 -77.21
N TYR F 541 16.99 15.02 -77.16
CA TYR F 541 15.97 14.55 -78.09
C TYR F 541 15.11 15.72 -78.54
N ARG F 542 14.42 15.52 -79.65
CA ARG F 542 13.45 16.49 -80.17
C ARG F 542 12.08 16.08 -79.69
N ARG F 543 11.31 17.06 -79.21
CA ARG F 543 9.95 16.79 -78.75
C ARG F 543 9.09 16.29 -79.90
N ASN F 544 8.16 15.38 -79.58
CA ASN F 544 7.17 14.86 -80.51
C ASN F 544 7.80 13.97 -81.58
N SER F 545 9.12 13.79 -81.54
CA SER F 545 9.81 12.93 -82.51
C SER F 545 11.09 12.43 -81.85
N GLY F 546 11.04 11.20 -81.33
CA GLY F 546 12.19 10.61 -80.65
C GLY F 546 12.04 10.47 -79.16
N SER F 547 10.90 10.90 -78.59
CA SER F 547 10.71 10.77 -77.14
C SER F 547 10.67 9.32 -76.71
N GLN F 548 9.98 8.47 -77.49
CA GLN F 548 9.92 7.05 -77.17
C GLN F 548 11.30 6.41 -77.24
N LEU F 549 12.06 6.74 -78.28
CA LEU F 549 13.42 6.20 -78.41
C LEU F 549 14.29 6.65 -77.24
N ALA F 550 14.18 7.92 -76.86
CA ALA F 550 14.96 8.43 -75.73
C ALA F 550 14.57 7.73 -74.43
N SER F 551 13.27 7.53 -74.21
CA SER F 551 12.81 6.86 -73.00
C SER F 551 13.32 5.42 -72.94
N LEU F 552 13.23 4.71 -74.06
CA LEU F 552 13.69 3.32 -74.09
C LEU F 552 15.19 3.24 -73.86
N LEU F 553 15.96 4.15 -74.48
CA LEU F 553 17.40 4.19 -74.27
C LEU F 553 17.74 4.47 -72.81
N LYS F 554 17.03 5.41 -72.20
CA LYS F 554 17.27 5.72 -70.79
C LYS F 554 16.98 4.52 -69.90
N VAL F 555 15.87 3.82 -70.17
CA VAL F 555 15.52 2.67 -69.36
C VAL F 555 16.59 1.58 -69.48
N HIS F 556 17.04 1.32 -70.72
CA HIS F 556 18.04 0.28 -70.91
C HIS F 556 19.36 0.65 -70.22
N LEU F 557 19.81 1.90 -70.39
CA LEU F 557 21.07 2.31 -69.76
C LEU F 557 20.97 2.29 -68.24
N GLN F 558 19.81 2.69 -67.70
CA GLN F 558 19.61 2.62 -66.26
C GLN F 558 19.67 1.17 -65.77
N LEU F 559 19.05 0.26 -66.52
CA LEU F 559 19.10 -1.15 -66.15
C LEU F 559 20.52 -1.72 -66.23
N HIS F 560 21.34 -1.23 -67.16
CA HIS F 560 22.66 -1.80 -67.38
C HIS F 560 23.75 -1.09 -66.58
N GLY F 561 23.40 -0.53 -65.42
CA GLY F 561 24.38 -0.05 -64.47
C GLY F 561 24.92 1.35 -64.72
N PHE F 562 24.40 2.08 -65.70
CA PHE F 562 24.86 3.43 -66.00
C PHE F 562 23.77 4.42 -65.63
N SER F 563 24.13 5.44 -64.88
CA SER F 563 23.20 6.50 -64.51
C SER F 563 22.82 7.29 -65.77
N VAL F 564 21.90 8.24 -65.62
CA VAL F 564 21.33 8.94 -66.76
C VAL F 564 20.62 10.19 -66.28
N PHE F 565 20.62 11.24 -67.12
CA PHE F 565 19.91 12.49 -66.84
C PHE F 565 19.23 12.94 -68.14
N ILE F 566 17.98 12.51 -68.32
CA ILE F 566 17.17 12.96 -69.44
C ILE F 566 16.36 14.17 -68.98
N ASP F 567 15.84 14.94 -69.92
CA ASP F 567 14.95 16.05 -69.57
C ASP F 567 13.63 15.51 -69.05
N VAL F 568 13.15 16.12 -67.97
CA VAL F 568 11.88 15.71 -67.37
C VAL F 568 10.71 16.41 -68.03
N GLU F 569 10.92 17.62 -68.55
CA GLU F 569 9.87 18.38 -69.20
C GLU F 569 9.40 17.70 -70.48
N ASP F 578 19.94 27.32 -67.42
CA ASP F 578 21.38 27.37 -67.18
C ASP F 578 21.84 26.19 -66.34
N LYS F 579 20.95 25.69 -65.49
CA LYS F 579 21.25 24.48 -64.72
C LYS F 579 21.36 23.27 -65.63
N LEU F 580 20.64 23.29 -66.77
CA LEU F 580 20.78 22.25 -67.77
C LEU F 580 22.20 22.22 -68.34
N ILE F 581 22.77 23.39 -68.60
CA ILE F 581 24.14 23.46 -69.07
C ILE F 581 25.11 22.90 -68.03
N GLN F 582 24.90 23.26 -66.76
CA GLN F 582 25.75 22.72 -65.71
C GLN F 582 25.65 21.21 -65.64
N SER F 583 24.44 20.68 -65.79
CA SER F 583 24.26 19.24 -65.79
C SER F 583 24.98 18.58 -66.96
N VAL F 584 24.94 19.21 -68.13
CA VAL F 584 25.58 18.59 -69.29
C VAL F 584 27.10 18.65 -69.19
N MET F 585 27.64 19.68 -68.51
CA MET F 585 29.07 19.63 -68.17
C MET F 585 29.35 18.51 -67.19
N GLY F 586 28.48 18.32 -66.20
CA GLY F 586 28.71 17.28 -65.21
C GLY F 586 28.68 15.88 -65.80
N ALA F 587 27.79 15.65 -66.74
CA ALA F 587 27.60 14.32 -67.33
C ALA F 587 28.80 13.95 -68.18
N ARG F 588 29.29 12.71 -68.03
CA ARG F 588 30.49 12.30 -68.75
C ARG F 588 30.20 12.04 -70.22
N ASN F 589 29.08 11.39 -70.53
CA ASN F 589 28.78 10.95 -71.88
C ASN F 589 27.61 11.72 -72.45
N PHE F 590 27.52 11.73 -73.78
CA PHE F 590 26.46 12.42 -74.50
C PHE F 590 25.86 11.49 -75.53
N VAL F 591 24.53 11.50 -75.62
CA VAL F 591 23.80 10.71 -76.61
C VAL F 591 22.82 11.63 -77.31
N LEU F 592 22.84 11.59 -78.64
CA LEU F 592 21.96 12.43 -79.46
C LEU F 592 21.16 11.51 -80.38
N VAL F 593 19.89 11.28 -80.03
CA VAL F 593 19.05 10.43 -80.85
C VAL F 593 18.75 11.13 -82.17
N LEU F 594 18.96 10.42 -83.28
CA LEU F 594 18.74 10.97 -84.61
C LEU F 594 17.35 10.53 -85.07
N SER F 595 16.33 11.15 -84.49
CA SER F 595 14.96 10.93 -84.92
C SER F 595 14.80 11.39 -86.37
N PRO F 596 13.93 10.73 -87.14
CA PRO F 596 13.76 11.12 -88.54
C PRO F 596 13.32 12.58 -88.65
N GLY F 597 14.14 13.36 -89.35
CA GLY F 597 13.86 14.77 -89.52
C GLY F 597 13.89 15.57 -88.23
N ALA F 598 14.90 15.35 -87.39
CA ALA F 598 15.01 16.06 -86.12
C ALA F 598 15.73 17.40 -86.29
N LEU F 599 16.90 17.38 -86.93
CA LEU F 599 17.69 18.60 -87.10
C LEU F 599 17.13 19.53 -88.18
N ASP F 600 15.96 19.23 -88.73
CA ASP F 600 15.40 20.08 -89.78
C ASP F 600 15.07 21.48 -89.25
N LYS F 601 14.58 21.57 -88.02
CA LYS F 601 14.21 22.87 -87.47
C LYS F 601 15.42 23.77 -87.30
N CYS F 602 16.55 23.21 -86.86
CA CYS F 602 17.77 23.97 -86.68
C CYS F 602 18.52 24.13 -87.99
N ASP F 610 17.73 27.57 -80.82
CA ASP F 610 17.21 26.23 -80.57
C ASP F 610 17.97 25.55 -79.44
N TRP F 611 17.23 24.99 -78.49
CA TRP F 611 17.85 24.27 -77.38
C TRP F 611 18.71 23.11 -77.87
N VAL F 612 18.31 22.46 -78.96
CA VAL F 612 19.13 21.38 -79.51
C VAL F 612 20.48 21.92 -79.98
N HIS F 613 20.48 23.08 -80.63
CA HIS F 613 21.74 23.67 -81.06
C HIS F 613 22.59 24.09 -79.87
N LYS F 614 21.96 24.65 -78.84
CA LYS F 614 22.72 25.04 -77.65
C LYS F 614 23.37 23.83 -76.99
N GLU F 615 22.62 22.74 -76.84
CA GLU F 615 23.19 21.58 -76.18
C GLU F 615 24.25 20.90 -77.04
N ILE F 616 24.08 20.92 -78.37
CA ILE F 616 25.08 20.28 -79.22
C ILE F 616 26.37 21.08 -79.22
N VAL F 617 26.28 22.42 -79.22
CA VAL F 617 27.51 23.21 -79.17
C VAL F 617 28.14 23.11 -77.79
N THR F 618 27.33 22.99 -76.74
CA THR F 618 27.88 22.79 -75.39
C THR F 618 28.62 21.47 -75.30
N ALA F 619 28.08 20.42 -75.95
CA ALA F 619 28.78 19.14 -75.98
C ALA F 619 30.05 19.21 -76.82
N LEU F 620 30.01 19.93 -77.94
CA LEU F 620 31.20 20.09 -78.78
C LEU F 620 32.30 20.84 -78.03
N SER F 621 31.93 21.78 -77.18
CA SER F 621 32.92 22.54 -76.41
C SER F 621 33.77 21.61 -75.55
N CYS F 622 33.13 20.70 -74.83
CA CYS F 622 33.89 19.77 -73.98
C CYS F 622 34.53 18.65 -74.78
N GLY F 623 33.84 18.15 -75.81
CA GLY F 623 34.36 17.05 -76.61
C GLY F 623 34.56 15.78 -75.81
N LYS F 624 33.47 15.17 -75.36
CA LYS F 624 33.52 14.00 -74.50
C LYS F 624 32.55 12.93 -75.03
N ASN F 625 33.05 12.10 -75.95
CA ASN F 625 32.38 10.87 -76.37
C ASN F 625 30.95 11.15 -76.85
N ILE F 626 30.85 11.95 -77.90
CA ILE F 626 29.57 12.30 -78.51
C ILE F 626 29.20 11.21 -79.50
N VAL F 627 28.10 10.50 -79.23
CA VAL F 627 27.69 9.37 -80.05
C VAL F 627 26.23 9.48 -80.47
N PRO F 628 25.93 10.17 -81.58
CA PRO F 628 24.58 10.13 -82.14
C PRO F 628 24.19 8.73 -82.57
N ILE F 629 22.91 8.38 -82.39
CA ILE F 629 22.39 7.09 -82.83
C ILE F 629 21.41 7.32 -83.97
N ILE F 630 21.69 6.75 -85.13
CA ILE F 630 20.94 7.04 -86.34
C ILE F 630 19.65 6.25 -86.35
N ASP F 631 18.52 6.96 -86.54
CA ASP F 631 17.22 6.33 -86.77
C ASP F 631 16.57 7.06 -87.93
N GLY F 632 16.88 6.61 -89.14
CA GLY F 632 16.30 7.21 -90.34
C GLY F 632 16.61 8.68 -90.51
N PHE F 633 17.86 9.08 -90.34
CA PHE F 633 18.28 10.47 -90.47
C PHE F 633 19.16 10.59 -91.71
N GLU F 634 18.80 11.52 -92.59
CA GLU F 634 19.39 11.61 -93.93
C GLU F 634 20.58 12.57 -94.00
N TRP F 635 20.98 13.16 -92.89
CA TRP F 635 22.08 14.12 -92.84
C TRP F 635 21.88 15.26 -93.84
N PRO F 636 20.86 16.11 -93.66
CA PRO F 636 20.65 17.22 -94.59
C PRO F 636 21.76 18.24 -94.54
N GLN F 646 29.06 24.58 -87.05
CA GLN F 646 28.47 23.27 -87.33
C GLN F 646 29.44 22.15 -86.98
N ALA F 647 29.92 21.46 -88.02
CA ALA F 647 30.89 20.37 -87.86
C ALA F 647 30.36 19.29 -86.91
N VAL F 648 29.08 18.95 -87.07
CA VAL F 648 28.44 17.95 -86.21
C VAL F 648 28.33 16.64 -86.96
N LEU F 649 28.27 16.71 -88.29
CA LEU F 649 28.13 15.50 -89.10
C LEU F 649 29.44 14.73 -89.23
N THR F 650 30.56 15.31 -88.81
CA THR F 650 31.87 14.65 -88.93
C THR F 650 32.06 13.65 -87.79
N PHE F 651 31.21 12.62 -87.79
CA PHE F 651 31.24 11.60 -86.75
C PHE F 651 30.74 10.29 -87.34
N ASN F 652 30.45 9.35 -86.44
CA ASN F 652 29.85 8.07 -86.78
C ASN F 652 28.79 7.73 -85.74
N GLY F 653 28.09 6.62 -85.97
CA GLY F 653 27.05 6.21 -85.04
C GLY F 653 26.59 4.77 -85.18
N ILE F 654 25.49 4.45 -84.52
CA ILE F 654 24.95 3.09 -84.47
C ILE F 654 23.51 3.13 -84.94
N LYS F 655 23.15 2.22 -85.84
CA LYS F 655 21.78 2.11 -86.30
C LYS F 655 20.89 1.54 -85.19
N TRP F 656 19.64 1.98 -85.19
CA TRP F 656 18.66 1.55 -84.19
C TRP F 656 17.74 0.49 -84.78
N SER F 657 17.69 -0.67 -84.14
CA SER F 657 16.80 -1.76 -84.52
C SER F 657 15.70 -1.84 -83.47
N HIS F 658 14.46 -1.64 -83.91
CA HIS F 658 13.34 -1.61 -82.97
C HIS F 658 13.06 -2.99 -82.38
N GLU F 659 13.29 -4.05 -83.17
CA GLU F 659 12.95 -5.40 -82.74
C GLU F 659 14.15 -6.21 -82.28
N TYR F 660 15.35 -5.96 -82.81
CA TYR F 660 16.54 -6.70 -82.41
C TYR F 660 17.27 -5.98 -81.28
N GLN F 661 16.56 -5.83 -80.16
CA GLN F 661 17.06 -5.10 -79.02
C GLN F 661 18.00 -5.97 -78.16
N GLU F 662 18.65 -5.33 -77.20
CA GLU F 662 19.60 -5.91 -76.26
C GLU F 662 20.90 -6.35 -76.92
N ALA F 663 21.01 -6.25 -78.24
CA ALA F 663 22.27 -6.44 -78.96
C ALA F 663 22.84 -5.12 -79.46
N THR F 664 21.98 -4.27 -80.02
CA THR F 664 22.38 -2.91 -80.33
C THR F 664 22.75 -2.16 -79.06
N ILE F 665 22.00 -2.38 -77.99
CA ILE F 665 22.36 -1.81 -76.68
C ILE F 665 23.71 -2.36 -76.24
N GLU F 666 23.97 -3.64 -76.51
CA GLU F 666 25.26 -4.22 -76.17
C GLU F 666 26.40 -3.54 -76.91
N LYS F 667 26.21 -3.25 -78.21
CA LYS F 667 27.24 -2.55 -78.96
C LYS F 667 27.38 -1.11 -78.49
N ILE F 668 26.27 -0.48 -78.10
CA ILE F 668 26.31 0.88 -77.57
C ILE F 668 27.13 0.93 -76.28
N ILE F 669 26.95 -0.07 -75.41
CA ILE F 669 27.69 -0.09 -74.14
C ILE F 669 29.20 -0.13 -74.41
N ARG F 670 29.62 -0.98 -75.35
CA ARG F 670 31.04 -1.03 -75.69
C ARG F 670 31.51 0.27 -76.34
N PHE F 671 30.65 0.88 -77.17
CA PHE F 671 31.03 2.13 -77.81
C PHE F 671 31.27 3.23 -76.78
N LEU F 672 30.40 3.33 -75.79
CA LEU F 672 30.62 4.27 -74.69
C LEU F 672 30.26 3.63 -73.36
N VAL G 34 -37.40 -5.04 -73.09
CA VAL G 34 -38.21 -4.28 -74.03
C VAL G 34 -37.53 -4.30 -75.40
N GLN G 35 -36.67 -3.32 -75.66
CA GLN G 35 -35.87 -3.34 -76.88
C GLN G 35 -34.86 -4.47 -76.84
N ASP G 36 -34.36 -4.82 -75.64
CA ASP G 36 -33.38 -5.89 -75.51
C ASP G 36 -33.94 -7.24 -75.92
N ALA G 37 -35.21 -7.51 -75.58
CA ALA G 37 -35.76 -8.86 -75.74
C ALA G 37 -35.70 -9.34 -77.18
N LEU G 38 -35.78 -8.44 -78.16
CA LEU G 38 -35.73 -8.84 -79.55
C LEU G 38 -34.40 -9.51 -79.87
N GLU G 39 -33.29 -8.92 -79.43
CA GLU G 39 -31.99 -9.54 -79.62
C GLU G 39 -31.78 -10.70 -78.65
N ARG G 40 -32.41 -10.64 -77.47
CA ARG G 40 -32.35 -11.73 -76.51
C ARG G 40 -33.01 -12.99 -77.03
N ALA G 41 -33.93 -12.88 -77.99
CA ALA G 41 -34.55 -14.05 -78.60
C ALA G 41 -33.59 -14.83 -79.47
N LEU G 42 -32.31 -14.46 -79.50
CA LEU G 42 -31.25 -15.16 -80.23
C LEU G 42 -31.60 -15.23 -81.72
N PRO G 43 -31.55 -14.10 -82.44
CA PRO G 43 -31.89 -14.11 -83.87
C PRO G 43 -30.95 -14.96 -84.71
N GLU G 44 -29.68 -15.07 -84.29
CA GLU G 44 -28.65 -15.71 -85.11
C GLU G 44 -28.31 -17.13 -84.68
N LEU G 45 -28.80 -17.60 -83.53
CA LEU G 45 -28.47 -18.92 -83.00
C LEU G 45 -26.96 -19.05 -82.78
N GLN G 46 -26.31 -17.92 -82.53
CA GLN G 46 -24.85 -17.83 -82.41
C GLN G 46 -24.18 -18.39 -83.67
N GLN G 47 -24.74 -18.05 -84.83
CA GLN G 47 -24.29 -18.58 -86.13
C GLN G 47 -24.35 -20.10 -86.14
N ALA G 48 -25.55 -20.63 -85.84
CA ALA G 48 -25.76 -22.07 -85.77
C ALA G 48 -24.71 -22.73 -84.89
N LEU G 49 -24.50 -22.15 -83.70
CA LEU G 49 -23.51 -22.64 -82.73
C LEU G 49 -22.11 -22.68 -83.35
N SER G 50 -21.63 -21.50 -83.75
CA SER G 50 -20.28 -21.30 -84.28
C SER G 50 -19.99 -22.27 -85.42
N ALA G 51 -20.82 -22.19 -86.47
CA ALA G 51 -20.73 -23.07 -87.62
C ALA G 51 -20.80 -24.53 -87.24
N LEU G 52 -21.57 -24.86 -86.21
CA LEU G 52 -21.80 -26.20 -85.68
C LEU G 52 -20.54 -26.83 -85.11
N LYS G 53 -19.43 -26.09 -85.02
CA LYS G 53 -18.11 -26.52 -84.55
C LYS G 53 -17.47 -27.53 -85.49
N GLN G 54 -18.05 -27.78 -86.66
CA GLN G 54 -17.52 -28.73 -87.64
C GLN G 54 -16.88 -28.03 -88.83
N ALA G 55 -16.16 -26.94 -88.59
CA ALA G 55 -15.51 -26.21 -89.67
C ALA G 55 -14.59 -27.11 -90.47
N GLY G 56 -13.75 -27.88 -89.79
CA GLY G 56 -12.91 -28.88 -90.42
C GLY G 56 -11.78 -28.35 -91.27
N GLY G 57 -11.74 -27.05 -91.56
CA GLY G 57 -10.70 -26.46 -92.39
C GLY G 57 -10.17 -25.18 -91.76
N ALA G 58 -8.92 -24.86 -92.08
CA ALA G 58 -8.30 -23.65 -91.54
C ALA G 58 -9.02 -22.41 -92.01
N ARG G 59 -9.20 -22.27 -93.33
CA ARG G 59 -9.95 -21.15 -93.86
C ARG G 59 -11.40 -21.16 -93.39
N ALA G 60 -11.99 -22.36 -93.26
CA ALA G 60 -13.36 -22.46 -92.80
C ALA G 60 -13.52 -21.86 -91.40
N VAL G 61 -12.68 -22.29 -90.46
CA VAL G 61 -12.80 -21.79 -89.09
C VAL G 61 -12.41 -20.32 -89.01
N GLY G 62 -11.40 -19.90 -89.79
CA GLY G 62 -11.03 -18.50 -89.81
C GLY G 62 -12.15 -17.60 -90.27
N ALA G 63 -12.87 -18.02 -91.31
CA ALA G 63 -14.04 -17.27 -91.76
C ALA G 63 -15.16 -17.34 -90.72
N GLY G 64 -15.37 -18.52 -90.13
CA GLY G 64 -16.47 -18.67 -89.20
C GLY G 64 -16.35 -17.78 -87.99
N LEU G 65 -15.12 -17.64 -87.46
CA LEU G 65 -14.93 -16.79 -86.29
C LEU G 65 -15.22 -15.33 -86.60
N ALA G 66 -15.04 -14.91 -87.86
CA ALA G 66 -15.13 -13.48 -88.20
C ALA G 66 -16.53 -12.94 -88.00
N GLU G 67 -17.56 -13.68 -88.42
CA GLU G 67 -18.92 -13.14 -88.31
C GLU G 67 -19.41 -13.10 -86.86
N VAL G 68 -19.11 -14.11 -86.05
CA VAL G 68 -19.48 -14.02 -84.64
C VAL G 68 -18.71 -12.89 -83.97
N PHE G 69 -17.45 -12.69 -84.35
CA PHE G 69 -16.69 -11.54 -83.85
C PHE G 69 -17.40 -10.23 -84.17
N GLN G 70 -17.55 -9.92 -85.46
CA GLN G 70 -18.20 -8.67 -85.85
C GLN G 70 -19.59 -8.55 -85.23
N LEU G 71 -20.28 -9.67 -85.02
CA LEU G 71 -21.56 -9.63 -84.32
C LEU G 71 -21.39 -9.12 -82.90
N VAL G 72 -20.34 -9.56 -82.20
CA VAL G 72 -20.18 -9.09 -80.83
C VAL G 72 -19.84 -7.60 -80.81
N GLU G 73 -19.06 -7.11 -81.77
CA GLU G 73 -18.84 -5.64 -81.80
C GLU G 73 -20.13 -4.86 -82.04
N GLU G 74 -20.89 -5.18 -83.09
CA GLU G 74 -22.11 -4.40 -83.31
C GLU G 74 -23.15 -4.65 -82.23
N ALA G 75 -23.00 -5.70 -81.43
CA ALA G 75 -23.83 -5.85 -80.25
C ALA G 75 -23.37 -4.91 -79.14
N TRP G 76 -22.06 -4.80 -78.93
CA TRP G 76 -21.52 -3.91 -77.91
C TRP G 76 -21.82 -2.45 -78.21
N LEU G 77 -21.64 -2.03 -79.46
CA LEU G 77 -21.66 -0.61 -79.82
C LEU G 77 -23.06 -0.25 -80.31
N LEU G 78 -23.97 -0.03 -79.37
CA LEU G 78 -25.31 0.46 -79.65
C LEU G 78 -25.86 1.09 -78.39
N PRO G 79 -26.69 2.15 -78.52
CA PRO G 79 -26.98 3.03 -77.39
C PRO G 79 -27.82 2.36 -76.30
N ALA G 80 -27.32 2.43 -75.06
CA ALA G 80 -28.09 2.32 -73.83
C ALA G 80 -28.58 0.92 -73.49
N VAL G 81 -28.43 -0.04 -74.41
CA VAL G 81 -28.80 -1.42 -74.08
C VAL G 81 -27.70 -2.37 -74.56
N GLY G 82 -26.66 -1.84 -75.20
CA GLY G 82 -25.57 -2.68 -75.66
C GLY G 82 -24.82 -3.33 -74.50
N ARG G 83 -24.51 -2.55 -73.47
CA ARG G 83 -23.84 -3.10 -72.29
C ARG G 83 -24.70 -4.15 -71.62
N GLU G 84 -26.01 -3.88 -71.53
CA GLU G 84 -26.92 -4.83 -70.88
C GLU G 84 -27.02 -6.13 -71.67
N VAL G 85 -27.04 -6.05 -73.00
CA VAL G 85 -27.17 -7.26 -73.81
C VAL G 85 -25.84 -7.99 -73.92
N ALA G 86 -24.74 -7.30 -73.63
CA ALA G 86 -23.44 -7.96 -73.63
C ALA G 86 -23.40 -9.09 -72.60
N GLN G 87 -23.98 -8.85 -71.41
CA GLN G 87 -24.06 -9.89 -70.40
C GLN G 87 -24.87 -11.08 -70.91
N GLY G 88 -25.96 -10.81 -71.62
CA GLY G 88 -26.77 -11.89 -72.17
C GLY G 88 -26.01 -12.74 -73.17
N LEU G 89 -25.27 -12.09 -74.07
CA LEU G 89 -24.50 -12.85 -75.06
C LEU G 89 -23.35 -13.62 -74.39
N CYS G 90 -22.73 -13.03 -73.37
CA CYS G 90 -21.69 -13.75 -72.64
C CYS G 90 -22.25 -14.98 -71.94
N ASP G 91 -23.43 -14.85 -71.31
CA ASP G 91 -24.08 -16.01 -70.72
C ASP G 91 -24.41 -17.05 -71.78
N ALA G 92 -24.88 -16.61 -72.95
CA ALA G 92 -25.23 -17.54 -74.02
C ALA G 92 -24.02 -18.33 -74.48
N ILE G 93 -22.90 -17.66 -74.72
CA ILE G 93 -21.71 -18.37 -75.19
C ILE G 93 -21.16 -19.27 -74.08
N ARG G 94 -21.21 -18.81 -72.83
CA ARG G 94 -20.71 -19.64 -71.73
C ARG G 94 -21.53 -20.92 -71.60
N LEU G 95 -22.86 -20.81 -71.71
CA LEU G 95 -23.70 -22.01 -71.63
C LEU G 95 -23.54 -22.90 -72.85
N ASP G 96 -23.37 -22.32 -74.03
CA ASP G 96 -23.13 -23.12 -75.23
C ASP G 96 -21.79 -23.83 -75.22
N GLY G 97 -20.82 -23.33 -74.45
CA GLY G 97 -19.50 -23.93 -74.45
C GLY G 97 -18.52 -23.29 -75.39
N GLY G 98 -18.84 -22.12 -75.93
CA GLY G 98 -17.90 -21.39 -76.76
C GLY G 98 -16.60 -21.07 -76.06
N LEU G 99 -16.62 -20.96 -74.73
CA LEU G 99 -15.39 -20.73 -74.00
C LEU G 99 -14.43 -21.90 -74.15
N ASP G 100 -14.92 -23.12 -73.92
CA ASP G 100 -14.10 -24.30 -74.12
C ASP G 100 -13.73 -24.46 -75.59
N LEU G 101 -14.65 -24.09 -76.49
CA LEU G 101 -14.34 -24.13 -77.92
C LEU G 101 -13.14 -23.24 -78.25
N LEU G 102 -13.14 -22.01 -77.73
CA LEU G 102 -12.02 -21.10 -77.94
C LEU G 102 -10.74 -21.66 -77.32
N LEU G 103 -10.82 -22.10 -76.06
CA LEU G 103 -9.66 -22.64 -75.38
C LEU G 103 -9.10 -23.87 -76.07
N ARG G 104 -9.91 -24.57 -76.86
CA ARG G 104 -9.40 -25.65 -77.69
C ARG G 104 -8.84 -25.13 -79.01
N LEU G 105 -9.39 -24.03 -79.52
CA LEU G 105 -8.91 -23.47 -80.77
C LEU G 105 -7.55 -22.79 -80.62
N LEU G 106 -7.20 -22.33 -79.42
CA LEU G 106 -5.98 -21.55 -79.24
C LEU G 106 -4.69 -22.34 -79.49
N GLN G 107 -4.73 -23.67 -79.58
CA GLN G 107 -3.50 -24.44 -79.60
C GLN G 107 -3.08 -24.90 -80.98
N ALA G 108 -4.00 -24.97 -81.95
CA ALA G 108 -3.73 -25.64 -83.22
C ALA G 108 -2.60 -24.96 -83.99
N PRO G 109 -1.55 -25.70 -84.36
CA PRO G 109 -0.44 -25.07 -85.10
C PRO G 109 -0.82 -24.64 -86.50
N GLU G 110 -1.54 -25.48 -87.24
CA GLU G 110 -1.96 -25.10 -88.59
C GLU G 110 -2.90 -23.91 -88.56
N LEU G 111 -3.58 -23.68 -87.44
CA LEU G 111 -4.44 -22.51 -87.27
C LEU G 111 -3.60 -21.36 -86.72
N GLU G 112 -2.67 -20.89 -87.55
CA GLU G 112 -1.86 -19.74 -87.20
C GLU G 112 -2.72 -18.52 -86.91
N THR G 113 -3.92 -18.46 -87.48
CA THR G 113 -4.84 -17.35 -87.22
C THR G 113 -5.60 -17.59 -85.92
N ARG G 114 -4.85 -17.56 -84.82
CA ARG G 114 -5.47 -17.49 -83.51
C ARG G 114 -5.86 -16.07 -83.14
N VAL G 115 -5.56 -15.12 -84.03
CA VAL G 115 -5.81 -13.70 -83.75
C VAL G 115 -7.30 -13.47 -83.54
N GLN G 116 -8.14 -14.01 -84.43
CA GLN G 116 -9.58 -13.83 -84.28
C GLN G 116 -10.08 -14.55 -83.03
N ALA G 117 -9.50 -15.68 -82.68
CA ALA G 117 -9.89 -16.39 -81.47
C ALA G 117 -9.62 -15.54 -80.24
N ALA G 118 -8.41 -14.97 -80.13
CA ALA G 118 -8.09 -14.12 -78.99
C ALA G 118 -8.96 -12.87 -78.97
N ARG G 119 -9.21 -12.28 -80.14
CA ARG G 119 -10.04 -11.09 -80.20
C ARG G 119 -11.48 -11.37 -79.79
N LEU G 120 -12.01 -12.55 -80.13
CA LEU G 120 -13.33 -12.92 -79.63
C LEU G 120 -13.32 -13.17 -78.13
N LEU G 121 -12.29 -13.86 -77.63
CA LEU G 121 -12.18 -14.09 -76.19
C LEU G 121 -12.08 -12.78 -75.42
N GLU G 122 -11.58 -11.73 -76.08
CA GLU G 122 -11.47 -10.42 -75.44
C GLU G 122 -12.82 -9.93 -74.93
N GLN G 123 -13.83 -9.93 -75.80
CA GLN G 123 -15.06 -9.21 -75.50
C GLN G 123 -15.93 -9.97 -74.49
N ILE G 124 -15.83 -11.29 -74.47
CA ILE G 124 -16.78 -12.12 -73.74
C ILE G 124 -16.37 -12.29 -72.28
N LEU G 125 -15.39 -11.50 -71.82
CA LEU G 125 -14.89 -11.64 -70.46
C LEU G 125 -15.64 -10.71 -69.51
N VAL G 126 -16.64 -11.27 -68.82
CA VAL G 126 -17.28 -10.63 -67.68
C VAL G 126 -17.02 -11.53 -66.47
N ALA G 127 -17.49 -11.10 -65.29
CA ALA G 127 -17.05 -11.72 -64.04
C ALA G 127 -17.22 -13.24 -64.05
N GLU G 128 -18.40 -13.72 -64.42
CA GLU G 128 -18.63 -15.16 -64.43
C GLU G 128 -17.74 -15.87 -65.43
N ASN G 129 -17.52 -15.28 -66.60
CA ASN G 129 -16.59 -15.85 -67.57
C ASN G 129 -15.15 -15.85 -67.07
N ARG G 130 -14.75 -14.79 -66.37
CA ARG G 130 -13.41 -14.73 -65.79
C ARG G 130 -13.21 -15.85 -64.79
N ASP G 131 -14.23 -16.14 -63.97
CA ASP G 131 -14.12 -17.27 -63.05
C ASP G 131 -13.86 -18.58 -63.80
N ARG G 132 -14.65 -18.84 -64.83
CA ARG G 132 -14.52 -20.10 -65.57
C ARG G 132 -13.17 -20.18 -66.28
N VAL G 133 -12.70 -19.06 -66.82
CA VAL G 133 -11.38 -19.05 -67.46
C VAL G 133 -10.28 -19.30 -66.44
N ALA G 134 -10.35 -18.62 -65.30
CA ALA G 134 -9.33 -18.80 -64.29
C ALA G 134 -9.32 -20.22 -63.74
N ARG G 135 -10.46 -20.91 -63.81
CA ARG G 135 -10.50 -22.28 -63.33
C ARG G 135 -9.64 -23.21 -64.19
N ILE G 136 -9.64 -23.03 -65.52
CA ILE G 136 -9.12 -24.08 -66.40
C ILE G 136 -8.08 -23.60 -67.40
N GLY G 137 -8.01 -22.33 -67.80
CA GLY G 137 -7.17 -21.97 -68.93
C GLY G 137 -5.83 -21.32 -68.59
N LEU G 138 -5.39 -21.40 -67.34
CA LEU G 138 -4.11 -20.82 -66.96
C LEU G 138 -2.91 -21.54 -67.55
N GLY G 139 -3.10 -22.74 -68.10
CA GLY G 139 -2.00 -23.36 -68.83
C GLY G 139 -1.91 -22.79 -70.23
N VAL G 140 -3.04 -22.83 -70.94
CA VAL G 140 -3.06 -22.46 -72.34
C VAL G 140 -2.77 -20.97 -72.53
N ILE G 141 -3.28 -20.13 -71.63
CA ILE G 141 -3.12 -18.68 -71.80
C ILE G 141 -1.64 -18.29 -71.73
N LEU G 142 -0.94 -18.78 -70.70
CA LEU G 142 0.46 -18.40 -70.56
C LEU G 142 1.38 -19.30 -71.39
N ASN G 143 0.86 -20.36 -71.99
CA ASN G 143 1.60 -21.00 -73.07
C ASN G 143 1.52 -20.18 -74.36
N LEU G 144 0.35 -19.60 -74.64
CA LEU G 144 0.20 -18.67 -75.76
C LEU G 144 1.01 -17.40 -75.54
N ALA G 145 1.15 -16.97 -74.28
CA ALA G 145 1.87 -15.74 -73.99
C ALA G 145 3.31 -15.77 -74.47
N LYS G 146 3.88 -16.96 -74.68
CA LYS G 146 5.20 -17.07 -75.27
C LYS G 146 5.22 -16.70 -76.75
N GLU G 147 4.11 -16.93 -77.46
CA GLU G 147 4.01 -16.60 -78.88
C GLU G 147 3.83 -15.08 -79.03
N ARG G 148 4.96 -14.39 -79.01
CA ARG G 148 4.98 -12.94 -78.93
C ARG G 148 5.24 -12.24 -80.26
N GLU G 149 5.49 -12.99 -81.34
CA GLU G 149 5.89 -12.33 -82.59
C GLU G 149 4.71 -11.72 -83.33
N PRO G 150 3.60 -12.43 -83.55
CA PRO G 150 2.39 -11.77 -84.05
C PRO G 150 2.01 -10.54 -83.23
N VAL G 151 2.12 -9.37 -83.85
CA VAL G 151 1.67 -8.14 -83.21
C VAL G 151 0.17 -8.17 -83.00
N GLU G 152 -0.57 -8.68 -83.99
CA GLU G 152 -2.03 -8.75 -83.87
C GLU G 152 -2.46 -9.67 -82.73
N LEU G 153 -1.76 -10.80 -82.57
CA LEU G 153 -2.06 -11.70 -81.47
C LEU G 153 -1.66 -11.11 -80.12
N ALA G 154 -0.52 -10.42 -80.06
CA ALA G 154 -0.08 -9.81 -78.82
C ALA G 154 -1.05 -8.74 -78.37
N ARG G 155 -1.56 -7.92 -79.30
CA ARG G 155 -2.45 -6.83 -78.95
C ARG G 155 -3.71 -7.30 -78.25
N SER G 156 -4.08 -8.56 -78.41
CA SER G 156 -5.21 -9.14 -77.70
C SER G 156 -4.80 -9.96 -76.48
N VAL G 157 -3.77 -10.80 -76.60
CA VAL G 157 -3.37 -11.62 -75.46
C VAL G 157 -2.95 -10.74 -74.29
N ALA G 158 -2.45 -9.54 -74.58
CA ALA G 158 -2.20 -8.57 -73.52
C ALA G 158 -3.48 -8.21 -72.79
N GLY G 159 -4.58 -8.06 -73.54
CA GLY G 159 -5.85 -7.76 -72.91
C GLY G 159 -6.40 -8.93 -72.09
N ILE G 160 -6.23 -10.16 -72.59
CA ILE G 160 -6.61 -11.32 -71.77
C ILE G 160 -5.81 -11.35 -70.48
N LEU G 161 -4.50 -11.08 -70.56
CA LEU G 161 -3.69 -11.03 -69.35
C LEU G 161 -4.16 -9.91 -68.42
N GLU G 162 -4.54 -8.76 -68.98
CA GLU G 162 -5.07 -7.66 -68.19
C GLU G 162 -6.33 -8.07 -67.45
N HIS G 163 -7.23 -8.78 -68.13
CA HIS G 163 -8.47 -9.19 -67.47
C HIS G 163 -8.21 -10.26 -66.42
N MET G 164 -7.24 -11.14 -66.66
CA MET G 164 -6.90 -12.15 -65.66
C MET G 164 -6.26 -11.53 -64.43
N PHE G 165 -5.47 -10.47 -64.61
CA PHE G 165 -4.84 -9.81 -63.47
C PHE G 165 -5.86 -9.17 -62.53
N LYS G 166 -7.08 -8.93 -63.00
CA LYS G 166 -8.10 -8.35 -62.13
C LYS G 166 -8.78 -9.40 -61.27
N HIS G 167 -8.47 -10.68 -61.45
CA HIS G 167 -9.04 -11.73 -60.63
C HIS G 167 -8.34 -11.75 -59.28
N SER G 168 -8.55 -12.83 -58.51
CA SER G 168 -8.12 -12.88 -57.13
C SER G 168 -6.59 -12.93 -57.02
N GLU G 169 -6.12 -12.80 -55.78
CA GLU G 169 -4.68 -12.86 -55.52
C GLU G 169 -4.09 -14.21 -55.89
N GLU G 170 -4.88 -15.28 -55.79
CA GLU G 170 -4.41 -16.58 -56.25
C GLU G 170 -4.06 -16.54 -57.73
N THR G 171 -4.96 -15.99 -58.55
CA THR G 171 -4.71 -15.87 -59.98
C THR G 171 -3.51 -14.98 -60.25
N CYS G 172 -3.41 -13.85 -59.53
CA CYS G 172 -2.29 -12.94 -59.74
C CYS G 172 -0.97 -13.61 -59.41
N GLN G 173 -0.90 -14.33 -58.29
CA GLN G 173 0.32 -15.02 -57.91
C GLN G 173 0.66 -16.15 -58.87
N ARG G 174 -0.35 -16.85 -59.40
CA ARG G 174 -0.05 -17.87 -60.40
C ARG G 174 0.52 -17.25 -61.67
N LEU G 175 -0.09 -16.16 -62.16
CA LEU G 175 0.38 -15.53 -63.38
C LEU G 175 1.80 -14.98 -63.21
N VAL G 176 2.07 -14.32 -62.08
CA VAL G 176 3.38 -13.72 -61.87
C VAL G 176 4.47 -14.79 -61.85
N ALA G 177 4.21 -15.90 -61.14
CA ALA G 177 5.18 -16.98 -61.07
C ALA G 177 5.34 -17.68 -62.41
N ALA G 178 4.25 -17.84 -63.16
CA ALA G 178 4.33 -18.59 -64.41
C ALA G 178 5.02 -17.78 -65.51
N GLY G 179 4.83 -16.46 -65.54
CA GLY G 179 5.51 -15.67 -66.54
C GLY G 179 4.68 -14.58 -67.20
N GLY G 180 3.44 -14.41 -66.75
CA GLY G 180 2.61 -13.36 -67.32
C GLY G 180 3.19 -11.98 -67.11
N LEU G 181 3.71 -11.72 -65.90
CA LEU G 181 4.32 -10.43 -65.62
C LEU G 181 5.53 -10.18 -66.53
N ASP G 182 6.37 -11.20 -66.69
CA ASP G 182 7.52 -11.05 -67.58
C ASP G 182 7.08 -10.78 -69.00
N ALA G 183 6.05 -11.49 -69.47
CA ALA G 183 5.57 -11.28 -70.84
C ALA G 183 5.05 -9.86 -71.03
N VAL G 184 4.30 -9.34 -70.06
CA VAL G 184 3.76 -7.99 -70.21
C VAL G 184 4.88 -6.95 -70.12
N LEU G 185 5.87 -7.18 -69.25
CA LEU G 185 7.00 -6.25 -69.18
C LEU G 185 7.83 -6.28 -70.47
N TYR G 186 7.86 -7.41 -71.16
CA TYR G 186 8.60 -7.48 -72.42
C TYR G 186 8.04 -6.52 -73.44
N TRP G 187 6.71 -6.42 -73.54
CA TRP G 187 6.05 -5.65 -74.59
C TRP G 187 6.15 -4.14 -74.38
N CYS G 188 6.66 -3.68 -73.23
CA CYS G 188 6.73 -2.25 -72.99
C CYS G 188 7.70 -1.55 -73.94
N ARG G 189 8.61 -2.29 -74.56
CA ARG G 189 9.50 -1.70 -75.55
C ARG G 189 8.83 -1.47 -76.90
N ARG G 190 7.61 -1.95 -77.08
CA ARG G 190 6.92 -1.80 -78.36
C ARG G 190 6.42 -0.36 -78.52
N THR G 191 5.67 -0.15 -79.60
CA THR G 191 5.18 1.18 -79.95
C THR G 191 3.66 1.24 -80.12
N ASP G 192 3.00 0.09 -80.31
CA ASP G 192 1.58 0.10 -80.65
C ASP G 192 0.76 0.72 -79.52
N PRO G 193 -0.09 1.71 -79.83
CA PRO G 193 -0.84 2.40 -78.77
C PRO G 193 -1.75 1.48 -77.97
N ALA G 194 -2.54 0.66 -78.66
CA ALA G 194 -3.47 -0.23 -77.97
C ALA G 194 -2.72 -1.26 -77.14
N LEU G 195 -1.63 -1.82 -77.68
CA LEU G 195 -0.85 -2.80 -76.93
C LEU G 195 -0.25 -2.19 -75.67
N LEU G 196 0.30 -0.98 -75.79
CA LEU G 196 0.88 -0.33 -74.61
C LEU G 196 -0.20 0.07 -73.62
N ARG G 197 -1.39 0.45 -74.10
CA ARG G 197 -2.51 0.72 -73.21
C ARG G 197 -2.87 -0.53 -72.41
N HIS G 198 -2.94 -1.67 -73.09
CA HIS G 198 -3.23 -2.93 -72.41
C HIS G 198 -2.16 -3.25 -71.37
N CYS G 199 -0.89 -3.06 -71.73
CA CYS G 199 0.19 -3.33 -70.78
C CYS G 199 0.09 -2.45 -69.55
N ALA G 200 -0.11 -1.15 -69.74
CA ALA G 200 -0.19 -0.22 -68.62
C ALA G 200 -1.37 -0.56 -67.72
N LEU G 201 -2.54 -0.79 -68.32
CA LEU G 201 -3.71 -1.09 -67.50
C LEU G 201 -3.58 -2.44 -66.81
N ALA G 202 -2.89 -3.38 -67.44
CA ALA G 202 -2.65 -4.68 -66.80
C ALA G 202 -1.77 -4.54 -65.59
N LEU G 203 -0.69 -3.76 -65.69
CA LEU G 203 0.17 -3.55 -64.54
C LEU G 203 -0.55 -2.79 -63.43
N GLY G 204 -1.39 -1.82 -63.79
CA GLY G 204 -2.20 -1.15 -62.79
C GLY G 204 -3.14 -2.10 -62.08
N ASN G 205 -3.84 -2.95 -62.83
CA ASN G 205 -4.76 -3.91 -62.23
C ASN G 205 -4.02 -4.89 -61.33
N CYS G 206 -2.83 -5.33 -61.76
CA CYS G 206 -2.03 -6.24 -60.95
C CYS G 206 -1.61 -5.57 -59.65
N ALA G 207 -1.19 -4.30 -59.72
CA ALA G 207 -0.79 -3.59 -58.51
C ALA G 207 -1.95 -3.43 -57.55
N LEU G 208 -3.15 -3.13 -58.07
CA LEU G 208 -4.31 -2.99 -57.20
C LEU G 208 -4.70 -4.33 -56.57
N HIS G 209 -4.75 -5.40 -57.36
CA HIS G 209 -5.35 -6.64 -56.90
C HIS G 209 -4.35 -7.69 -56.45
N GLY G 210 -3.07 -7.37 -56.34
CA GLY G 210 -2.12 -8.28 -55.74
C GLY G 210 -1.91 -8.01 -54.27
N GLY G 211 -0.98 -8.77 -53.69
CA GLY G 211 -0.61 -8.62 -52.31
C GLY G 211 0.80 -8.11 -52.14
N GLN G 212 1.32 -8.23 -50.91
CA GLN G 212 2.69 -7.83 -50.65
C GLN G 212 3.69 -8.62 -51.48
N ALA G 213 3.51 -9.94 -51.57
CA ALA G 213 4.42 -10.76 -52.38
C ALA G 213 4.33 -10.37 -53.85
N VAL G 214 3.12 -10.15 -54.37
CA VAL G 214 2.97 -9.77 -55.76
C VAL G 214 3.68 -8.46 -56.05
N GLN G 215 3.48 -7.47 -55.18
CA GLN G 215 4.11 -6.17 -55.38
C GLN G 215 5.63 -6.26 -55.24
N ARG G 216 6.11 -7.06 -54.30
CA ARG G 216 7.55 -7.24 -54.16
C ARG G 216 8.17 -7.87 -55.39
N ARG G 217 7.52 -8.90 -55.96
CA ARG G 217 8.02 -9.48 -57.20
C ARG G 217 7.95 -8.49 -58.35
N MET G 218 6.90 -7.68 -58.43
CA MET G 218 6.84 -6.65 -59.47
C MET G 218 8.02 -5.70 -59.36
N VAL G 219 8.29 -5.20 -58.14
CA VAL G 219 9.37 -4.24 -57.96
C VAL G 219 10.72 -4.89 -58.26
N GLU G 220 10.90 -6.14 -57.82
CA GLU G 220 12.16 -6.84 -58.09
C GLU G 220 12.36 -7.08 -59.58
N LYS G 221 11.28 -7.32 -60.32
CA LYS G 221 11.33 -7.44 -61.77
C LYS G 221 11.55 -6.10 -62.45
N ARG G 222 11.79 -5.04 -61.68
CA ARG G 222 12.00 -3.69 -62.20
C ARG G 222 10.80 -3.21 -63.02
N ALA G 223 9.61 -3.43 -62.46
CA ALA G 223 8.39 -2.90 -63.07
C ALA G 223 8.38 -1.38 -63.10
N ALA G 224 8.77 -0.74 -62.00
CA ALA G 224 8.71 0.71 -61.92
C ALA G 224 9.60 1.37 -62.97
N GLU G 225 10.78 0.78 -63.22
CA GLU G 225 11.65 1.33 -64.25
C GLU G 225 11.07 1.08 -65.64
N TRP G 226 10.19 0.09 -65.77
CA TRP G 226 9.61 -0.20 -67.07
C TRP G 226 8.30 0.54 -67.32
N LEU G 227 7.83 1.35 -66.37
CA LEU G 227 6.75 2.28 -66.64
C LEU G 227 7.25 3.65 -67.09
N PHE G 228 8.56 3.87 -67.11
CA PHE G 228 9.07 5.18 -67.53
C PHE G 228 8.71 5.51 -68.97
N PRO G 229 8.95 4.66 -69.97
CA PRO G 229 8.52 5.03 -71.34
C PRO G 229 7.02 5.19 -71.45
N LEU G 230 6.26 4.46 -70.64
CA LEU G 230 4.81 4.60 -70.65
C LEU G 230 4.35 5.89 -69.99
N ALA G 231 4.94 6.24 -68.84
CA ALA G 231 4.53 7.47 -68.15
C ALA G 231 5.02 8.70 -68.89
N PHE G 232 6.12 8.58 -69.63
CA PHE G 232 6.68 9.69 -70.40
C PHE G 232 6.29 9.48 -71.86
N SER G 233 5.07 9.88 -72.19
CA SER G 233 4.49 9.70 -73.52
C SER G 233 3.95 11.02 -74.05
N LYS G 234 3.79 11.09 -75.36
CA LYS G 234 3.36 12.32 -76.00
C LYS G 234 2.07 12.12 -76.80
N GLU G 235 1.91 10.96 -77.44
CA GLU G 235 0.81 10.77 -78.36
C GLU G 235 -0.54 10.66 -77.63
N ASP G 236 -0.57 9.91 -76.54
CA ASP G 236 -1.82 9.66 -75.82
C ASP G 236 -1.63 9.90 -74.33
N GLU G 237 -2.70 10.33 -73.68
CA GLU G 237 -2.67 10.68 -72.26
C GLU G 237 -3.37 9.67 -71.36
N LEU G 238 -4.28 8.86 -71.91
CA LEU G 238 -4.89 7.79 -71.11
C LEU G 238 -3.82 6.82 -70.64
N LEU G 239 -2.88 6.50 -71.54
CA LEU G 239 -1.79 5.61 -71.17
C LEU G 239 -0.93 6.21 -70.06
N ARG G 240 -0.66 7.52 -70.14
CA ARG G 240 0.09 8.18 -69.08
C ARG G 240 -0.66 8.15 -67.76
N LEU G 241 -1.97 8.37 -67.79
CA LEU G 241 -2.76 8.30 -66.56
C LEU G 241 -2.71 6.91 -65.95
N HIS G 242 -2.82 5.88 -66.78
CA HIS G 242 -2.78 4.51 -66.27
C HIS G 242 -1.42 4.19 -65.67
N ALA G 243 -0.35 4.59 -66.34
CA ALA G 243 0.99 4.36 -65.80
C ALA G 243 1.21 5.12 -64.49
N CYS G 244 0.72 6.36 -64.43
CA CYS G 244 0.86 7.14 -63.20
C CYS G 244 0.10 6.49 -62.06
N LEU G 245 -1.12 5.99 -62.31
CA LEU G 245 -1.85 5.31 -61.25
C LEU G 245 -1.10 4.05 -60.80
N ALA G 246 -0.55 3.30 -61.74
CA ALA G 246 0.17 2.09 -61.37
C ALA G 246 1.38 2.40 -60.50
N VAL G 247 2.16 3.40 -60.88
CA VAL G 247 3.35 3.73 -60.10
C VAL G 247 2.97 4.33 -58.75
N ALA G 248 1.88 5.10 -58.69
CA ALA G 248 1.43 5.65 -57.41
C ALA G 248 0.96 4.55 -56.47
N VAL G 249 0.26 3.54 -57.01
CA VAL G 249 -0.19 2.43 -56.18
C VAL G 249 1.02 1.64 -55.68
N LEU G 250 2.01 1.40 -56.54
CA LEU G 250 3.24 0.78 -56.09
C LEU G 250 4.01 1.64 -55.09
N ALA G 251 3.76 2.94 -55.06
CA ALA G 251 4.41 3.84 -54.11
C ALA G 251 3.57 4.07 -52.85
N THR G 252 2.54 3.26 -52.62
CA THR G 252 1.75 3.32 -51.40
C THR G 252 2.16 2.22 -50.44
N ASN G 253 2.93 1.26 -50.95
CA ASN G 253 3.46 0.15 -50.15
C ASN G 253 4.85 0.58 -49.70
N LYS G 254 4.98 0.97 -48.42
CA LYS G 254 6.19 1.63 -47.95
C LYS G 254 7.31 0.66 -47.61
N GLU G 255 7.24 -0.57 -48.12
CA GLU G 255 8.42 -1.42 -48.13
C GLU G 255 9.27 -1.16 -49.37
N VAL G 256 8.69 -0.61 -50.42
CA VAL G 256 9.38 -0.41 -51.69
C VAL G 256 9.38 1.07 -52.08
N GLU G 257 9.25 1.95 -51.09
CA GLU G 257 9.31 3.39 -51.36
C GLU G 257 10.59 3.76 -52.11
N ARG G 258 11.74 3.35 -51.57
CA ARG G 258 13.02 3.78 -52.14
C ARG G 258 13.24 3.15 -53.50
N GLU G 259 12.91 1.87 -53.64
CA GLU G 259 13.15 1.19 -54.91
C GLU G 259 12.23 1.73 -56.00
N VAL G 260 11.02 2.18 -55.63
CA VAL G 260 10.15 2.83 -56.59
C VAL G 260 10.70 4.21 -56.95
N GLU G 261 11.15 4.97 -55.96
CA GLU G 261 11.61 6.33 -56.21
C GLU G 261 12.91 6.36 -57.02
N ARG G 262 13.73 5.31 -56.92
CA ARG G 262 14.98 5.27 -57.66
C ARG G 262 14.78 5.26 -59.17
N SER G 263 13.61 4.86 -59.65
CA SER G 263 13.32 4.89 -61.07
C SER G 263 13.02 6.29 -61.59
N GLY G 264 12.59 7.20 -60.71
CA GLY G 264 12.23 8.55 -61.11
C GLY G 264 10.85 8.69 -61.70
N THR G 265 10.07 7.61 -61.76
CA THR G 265 8.74 7.66 -62.35
C THR G 265 7.77 8.53 -61.54
N LEU G 266 7.99 8.67 -60.23
CA LEU G 266 7.09 9.49 -59.42
C LEU G 266 7.28 10.97 -59.71
N ALA G 267 8.39 11.35 -60.35
CA ALA G 267 8.61 12.76 -60.69
C ALA G 267 7.76 13.21 -61.86
N LEU G 268 7.17 12.28 -62.61
CA LEU G 268 6.34 12.61 -63.76
C LEU G 268 4.85 12.65 -63.42
N VAL G 269 4.49 12.60 -62.14
CA VAL G 269 3.09 12.48 -61.77
C VAL G 269 2.47 13.85 -61.51
N GLU G 270 3.13 14.66 -60.68
CA GLU G 270 2.60 15.98 -60.35
C GLU G 270 2.51 16.90 -61.56
N PRO G 271 3.54 17.05 -62.41
CA PRO G 271 3.35 17.88 -63.61
C PRO G 271 2.24 17.38 -64.51
N LEU G 272 2.09 16.06 -64.62
CA LEU G 272 1.03 15.50 -65.46
C LEU G 272 -0.35 15.85 -64.92
N VAL G 273 -0.54 15.70 -63.61
CA VAL G 273 -1.83 16.01 -63.01
C VAL G 273 -2.12 17.50 -63.11
N ALA G 274 -1.08 18.34 -62.98
CA ALA G 274 -1.27 19.77 -63.14
C ALA G 274 -1.64 20.12 -64.58
N SER G 275 -1.04 19.43 -65.55
CA SER G 275 -1.31 19.71 -66.95
C SER G 275 -2.71 19.29 -67.38
N LEU G 276 -3.17 18.11 -66.97
CA LEU G 276 -4.45 17.60 -67.42
C LEU G 276 -5.60 18.30 -66.70
N ASP G 277 -6.82 18.01 -67.16
CA ASP G 277 -8.03 18.65 -66.66
C ASP G 277 -9.08 17.57 -66.41
N PRO G 278 -9.56 17.41 -65.19
CA PRO G 278 -10.55 16.35 -64.90
C PRO G 278 -11.97 16.67 -65.33
N GLY G 279 -12.25 17.89 -65.78
CA GLY G 279 -13.62 18.23 -66.13
C GLY G 279 -14.15 17.42 -67.29
N ARG G 280 -13.36 17.29 -68.36
CA ARG G 280 -13.80 16.60 -69.56
C ARG G 280 -12.96 15.39 -69.94
N PHE G 281 -11.86 15.12 -69.25
CA PHE G 281 -11.06 13.94 -69.56
C PHE G 281 -11.65 12.68 -68.95
N ALA G 282 -12.68 12.82 -68.09
CA ALA G 282 -13.26 11.66 -67.43
C ALA G 282 -13.84 10.67 -68.43
N ARG G 283 -14.43 11.17 -69.51
CA ARG G 283 -15.05 10.32 -70.51
C ARG G 283 -14.03 9.40 -71.18
N ARG G 295 -16.66 2.85 -62.64
CA ARG G 295 -16.07 2.05 -61.57
C ARG G 295 -17.13 1.61 -60.57
N GLY G 296 -16.80 0.59 -59.78
CA GLY G 296 -17.75 0.02 -58.85
C GLY G 296 -17.53 0.48 -57.42
N PRO G 297 -18.48 0.11 -56.56
CA PRO G 297 -18.33 0.44 -55.14
C PRO G 297 -17.19 -0.28 -54.47
N ASP G 298 -16.80 -1.45 -54.99
CA ASP G 298 -15.60 -2.11 -54.49
C ASP G 298 -14.36 -1.58 -55.19
N ASP G 299 -14.53 -0.91 -56.34
CA ASP G 299 -13.39 -0.33 -57.04
C ASP G 299 -12.95 0.97 -56.37
N LEU G 300 -13.90 1.79 -55.91
CA LEU G 300 -13.53 3.04 -55.26
C LEU G 300 -12.86 2.82 -53.91
N GLN G 301 -13.17 1.68 -53.27
CA GLN G 301 -12.50 1.34 -52.02
C GLN G 301 -11.03 1.02 -52.23
N ARG G 302 -10.61 0.83 -53.48
CA ARG G 302 -9.20 0.66 -53.80
C ARG G 302 -8.53 1.94 -54.26
N LEU G 303 -9.29 3.03 -54.38
CA LEU G 303 -8.72 4.34 -54.67
C LEU G 303 -8.67 5.24 -53.45
N VAL G 304 -9.57 5.02 -52.49
CA VAL G 304 -9.51 5.77 -51.23
C VAL G 304 -8.19 5.61 -50.50
N PRO G 305 -7.58 4.42 -50.42
CA PRO G 305 -6.27 4.33 -49.76
C PRO G 305 -5.19 5.20 -50.39
N LEU G 306 -5.30 5.52 -51.68
CA LEU G 306 -4.38 6.49 -52.27
C LEU G 306 -4.59 7.87 -51.64
N LEU G 307 -5.84 8.26 -51.41
CA LEU G 307 -6.12 9.50 -50.70
C LEU G 307 -5.53 9.47 -49.30
N ASP G 308 -5.73 8.35 -48.59
CA ASP G 308 -5.25 8.22 -47.21
C ASP G 308 -3.80 7.72 -47.19
N SER G 309 -2.91 8.57 -47.70
CA SER G 309 -1.49 8.25 -47.75
C SER G 309 -0.68 9.53 -47.57
N ASN G 310 0.60 9.37 -47.25
CA ASN G 310 1.49 10.51 -47.10
C ASN G 310 2.25 10.84 -48.38
N ARG G 311 2.10 10.03 -49.42
CA ARG G 311 2.77 10.30 -50.70
C ARG G 311 1.96 11.33 -51.48
N LEU G 312 2.59 12.48 -51.77
CA LEU G 312 1.86 13.56 -52.41
C LEU G 312 1.48 13.21 -53.85
N GLU G 313 2.34 12.49 -54.56
CA GLU G 313 2.00 12.05 -55.91
C GLU G 313 0.82 11.09 -55.89
N ALA G 314 0.81 10.14 -54.96
CA ALA G 314 -0.30 9.22 -54.85
C ALA G 314 -1.59 9.95 -54.47
N GLN G 315 -1.49 10.95 -53.59
CA GLN G 315 -2.67 11.74 -53.25
C GLN G 315 -3.19 12.51 -54.46
N CYS G 316 -2.28 13.04 -55.29
CA CYS G 316 -2.70 13.74 -56.50
C CYS G 316 -3.43 12.82 -57.46
N ILE G 317 -2.89 11.61 -57.67
CA ILE G 317 -3.55 10.65 -58.55
C ILE G 317 -4.91 10.27 -57.99
N GLY G 318 -4.98 9.99 -56.69
CA GLY G 318 -6.26 9.65 -56.09
C GLY G 318 -7.27 10.76 -56.23
N ALA G 319 -6.86 11.99 -56.00
CA ALA G 319 -7.77 13.13 -56.15
C ALA G 319 -8.25 13.28 -57.58
N PHE G 320 -7.33 13.13 -58.55
CA PHE G 320 -7.72 13.24 -59.96
C PHE G 320 -8.77 12.19 -60.32
N TYR G 321 -8.47 10.92 -60.03
CA TYR G 321 -9.38 9.86 -60.40
C TYR G 321 -10.70 9.97 -59.65
N LEU G 322 -10.66 10.35 -58.37
CA LEU G 322 -11.90 10.46 -57.61
C LEU G 322 -12.74 11.62 -58.11
N CYS G 323 -12.11 12.73 -58.49
CA CYS G 323 -12.87 13.85 -59.06
C CYS G 323 -13.52 13.45 -60.38
N ALA G 324 -12.78 12.76 -61.24
CA ALA G 324 -13.36 12.33 -62.52
C ALA G 324 -14.53 11.38 -62.29
N GLU G 325 -14.36 10.41 -61.39
CA GLU G 325 -15.44 9.46 -61.13
C GLU G 325 -16.63 10.15 -60.49
N ALA G 326 -16.39 11.12 -59.61
CA ALA G 326 -17.49 11.85 -58.99
C ALA G 326 -18.26 12.65 -60.02
N ALA G 327 -17.55 13.29 -60.97
CA ALA G 327 -18.23 14.00 -62.04
C ALA G 327 -19.08 13.06 -62.87
N ILE G 328 -18.52 11.91 -63.26
CA ILE G 328 -19.27 10.95 -64.07
C ILE G 328 -20.49 10.44 -63.32
N LYS G 329 -20.32 10.12 -62.03
CA LYS G 329 -21.44 9.63 -61.23
C LYS G 329 -22.52 10.69 -61.07
N SER G 330 -22.13 11.94 -60.81
CA SER G 330 -23.09 13.01 -60.64
C SER G 330 -23.88 13.23 -61.93
N LEU G 331 -23.20 13.15 -63.07
CA LEU G 331 -23.91 13.23 -64.35
C LEU G 331 -24.86 12.05 -64.53
N GLN G 332 -24.41 10.84 -64.15
CA GLN G 332 -25.18 9.62 -64.37
C GLN G 332 -25.82 9.17 -63.06
N GLY G 333 -26.99 9.73 -62.78
CA GLY G 333 -27.74 9.34 -61.61
C GLY G 333 -27.21 9.97 -60.34
N LYS G 334 -27.73 9.47 -59.21
CA LYS G 334 -27.31 9.93 -57.90
C LYS G 334 -27.05 8.73 -57.01
N THR G 335 -26.00 8.83 -56.20
CA THR G 335 -25.55 7.71 -55.36
C THR G 335 -24.86 8.27 -54.13
N LYS G 336 -25.01 7.58 -53.00
CA LYS G 336 -24.35 7.94 -51.75
C LYS G 336 -23.25 6.95 -51.39
N VAL G 337 -22.67 6.27 -52.38
CA VAL G 337 -21.64 5.28 -52.12
C VAL G 337 -20.37 5.95 -51.63
N PHE G 338 -20.10 7.18 -52.08
CA PHE G 338 -18.97 7.93 -51.55
C PHE G 338 -19.06 8.09 -50.04
N SER G 339 -20.28 8.31 -49.52
CA SER G 339 -20.44 8.53 -48.09
C SER G 339 -20.04 7.32 -47.27
N ASP G 340 -20.43 6.10 -47.70
CA ASP G 340 -20.12 4.94 -46.88
C ASP G 340 -18.73 4.39 -47.18
N ILE G 341 -18.17 4.73 -48.35
CA ILE G 341 -16.76 4.41 -48.56
C ILE G 341 -15.87 5.33 -47.73
N GLY G 342 -16.31 6.56 -47.51
CA GLY G 342 -15.56 7.48 -46.67
C GLY G 342 -14.73 8.51 -47.41
N ALA G 343 -15.09 8.82 -48.64
CA ALA G 343 -14.32 9.81 -49.40
C ALA G 343 -14.54 11.22 -48.87
N ILE G 344 -15.65 11.47 -48.18
CA ILE G 344 -15.97 12.83 -47.73
C ILE G 344 -14.95 13.31 -46.71
N GLN G 345 -14.76 12.55 -45.64
CA GLN G 345 -13.78 12.94 -44.62
C GLN G 345 -12.37 12.97 -45.19
N SER G 346 -12.04 12.04 -46.09
CA SER G 346 -10.71 12.04 -46.68
C SER G 346 -10.47 13.31 -47.49
N LEU G 347 -11.44 13.73 -48.30
CA LEU G 347 -11.27 14.94 -49.09
C LEU G 347 -11.23 16.18 -48.20
N LYS G 348 -12.02 16.19 -47.12
CA LYS G 348 -11.92 17.29 -46.17
C LYS G 348 -10.55 17.36 -45.51
N ARG G 349 -9.97 16.22 -45.15
CA ARG G 349 -8.63 16.19 -44.57
C ARG G 349 -7.54 16.49 -45.59
N LEU G 350 -7.84 16.32 -46.87
CA LEU G 350 -6.85 16.58 -47.91
C LEU G 350 -6.86 18.05 -48.33
N VAL G 351 -7.72 18.85 -47.70
CA VAL G 351 -7.77 20.27 -48.03
C VAL G 351 -7.43 21.13 -46.81
N SER G 352 -7.82 20.69 -45.62
CA SER G 352 -7.53 21.45 -44.42
C SER G 352 -6.04 21.53 -44.14
N TYR G 353 -5.34 20.41 -44.29
CA TYR G 353 -3.91 20.38 -44.01
C TYR G 353 -3.09 20.33 -45.29
N SER G 354 -3.73 20.58 -46.43
CA SER G 354 -3.03 20.50 -47.70
C SER G 354 -1.98 21.57 -47.88
N THR G 355 -0.97 21.29 -48.68
CA THR G 355 0.06 22.28 -48.95
C THR G 355 0.39 22.30 -50.44
N ASN G 356 -0.50 21.72 -51.25
CA ASN G 356 -0.28 21.70 -52.69
C ASN G 356 -1.54 22.15 -53.41
N GLY G 357 -1.41 23.17 -54.26
CA GLY G 357 -2.56 23.70 -54.96
C GLY G 357 -3.23 22.67 -55.85
N THR G 358 -2.44 21.94 -56.63
CA THR G 358 -2.99 20.91 -57.49
C THR G 358 -3.93 20.04 -56.68
N LYS G 359 -3.44 19.52 -55.58
CA LYS G 359 -4.25 18.67 -54.71
C LYS G 359 -5.40 19.46 -54.09
N SER G 360 -5.12 20.69 -53.65
CA SER G 360 -6.18 21.51 -53.07
C SER G 360 -7.29 21.78 -54.08
N ALA G 361 -6.92 22.10 -55.33
CA ALA G 361 -7.92 22.38 -56.35
C ALA G 361 -8.74 21.14 -56.68
N LEU G 362 -8.08 19.98 -56.79
CA LEU G 362 -8.81 18.76 -57.08
C LEU G 362 -9.80 18.42 -55.98
N ALA G 363 -9.37 18.53 -54.72
CA ALA G 363 -10.28 18.30 -53.61
C ALA G 363 -11.42 19.31 -53.60
N LYS G 364 -11.10 20.58 -53.91
CA LYS G 364 -12.13 21.61 -54.02
C LYS G 364 -13.20 21.20 -55.02
N ARG G 365 -12.78 20.81 -56.23
CA ARG G 365 -13.73 20.44 -57.27
C ARG G 365 -14.55 19.22 -56.88
N ALA G 366 -13.90 18.20 -56.29
CA ALA G 366 -14.64 17.01 -55.90
C ALA G 366 -15.68 17.33 -54.83
N LEU G 367 -15.31 18.09 -53.81
CA LEU G 367 -16.26 18.44 -52.75
C LEU G 367 -17.39 19.30 -53.30
N ARG G 368 -17.09 20.23 -54.20
CA ARG G 368 -18.15 21.05 -54.78
C ARG G 368 -19.11 20.21 -55.61
N LEU G 369 -18.57 19.25 -56.37
CA LEU G 369 -19.44 18.37 -57.16
C LEU G 369 -20.32 17.52 -56.27
N LEU G 370 -19.77 17.01 -55.17
CA LEU G 370 -20.61 16.23 -54.25
C LEU G 370 -21.62 17.09 -53.50
N GLY G 371 -21.49 18.41 -53.51
CA GLY G 371 -22.49 19.29 -52.94
C GLY G 371 -22.57 19.28 -51.43
N GLU G 372 -21.50 19.72 -50.76
CA GLU G 372 -21.53 19.94 -49.32
C GLU G 372 -20.73 21.20 -49.01
N GLU G 373 -20.72 21.58 -47.74
CA GLU G 373 -19.91 22.70 -47.32
C GLU G 373 -18.44 22.38 -47.51
N VAL G 374 -17.69 23.34 -48.04
CA VAL G 374 -16.27 23.14 -48.37
C VAL G 374 -15.44 23.86 -47.32
N PRO G 375 -14.66 23.15 -46.51
CA PRO G 375 -13.90 23.83 -45.45
C PRO G 375 -12.76 24.65 -46.01
N ARG G 376 -12.39 25.68 -45.25
CA ARG G 376 -11.30 26.62 -45.46
C ARG G 376 -10.00 26.07 -44.89
N PRO G 377 -8.86 26.27 -45.55
CA PRO G 377 -7.59 25.87 -44.96
C PRO G 377 -7.34 26.59 -43.64
N ILE G 378 -6.74 25.87 -42.70
CA ILE G 378 -6.53 26.37 -41.35
C ILE G 378 -5.14 26.98 -41.23
N LEU G 379 -5.01 27.94 -40.32
CA LEU G 379 -3.73 28.61 -40.10
C LEU G 379 -2.74 27.62 -39.49
N PRO G 380 -1.49 27.66 -39.96
CA PRO G 380 -0.49 26.71 -39.44
C PRO G 380 -0.04 27.03 -38.02
N SER G 381 0.03 28.31 -37.68
CA SER G 381 0.51 28.74 -36.37
C SER G 381 -0.59 28.51 -35.35
N VAL G 382 -0.55 27.34 -34.72
CA VAL G 382 -1.57 26.91 -33.76
C VAL G 382 -1.38 27.55 -32.38
N PRO G 383 -0.15 27.68 -31.85
CA PRO G 383 -0.02 28.30 -30.52
C PRO G 383 -0.60 29.70 -30.42
N SER G 384 -0.87 30.36 -31.53
CA SER G 384 -1.49 31.67 -31.53
C SER G 384 -2.99 31.64 -31.78
N TRP G 385 -3.60 30.46 -31.76
CA TRP G 385 -5.02 30.33 -32.06
C TRP G 385 -5.87 30.95 -30.98
N LYS G 386 -7.12 31.19 -31.31
CA LYS G 386 -8.12 31.67 -30.36
C LYS G 386 -9.35 30.75 -30.41
N GLU G 387 -10.41 31.17 -29.72
CA GLU G 387 -11.61 30.37 -29.65
C GLU G 387 -12.21 30.15 -31.04
N ALA G 388 -12.21 31.18 -31.88
CA ALA G 388 -12.78 31.04 -33.22
C ALA G 388 -12.04 29.98 -34.03
N GLU G 389 -10.71 30.02 -34.01
CA GLU G 389 -9.95 29.01 -34.74
C GLU G 389 -10.18 27.62 -34.17
N VAL G 390 -10.27 27.51 -32.84
CA VAL G 390 -10.52 26.21 -32.23
C VAL G 390 -11.88 25.68 -32.66
N GLN G 391 -12.90 26.53 -32.68
CA GLN G 391 -14.23 26.09 -33.10
C GLN G 391 -14.24 25.65 -34.55
N THR G 392 -13.58 26.41 -35.43
CA THR G 392 -13.52 26.01 -36.83
C THR G 392 -12.82 24.67 -37.00
N TRP G 393 -11.70 24.48 -36.30
CA TRP G 393 -11.00 23.20 -36.39
C TRP G 393 -11.87 22.06 -35.89
N LEU G 394 -12.60 22.28 -34.79
CA LEU G 394 -13.49 21.25 -34.27
C LEU G 394 -14.58 20.91 -35.27
N GLN G 395 -15.15 21.92 -35.92
CA GLN G 395 -16.18 21.65 -36.92
C GLN G 395 -15.63 20.92 -38.12
N GLN G 396 -14.37 21.15 -38.47
CA GLN G 396 -13.80 20.53 -39.66
C GLN G 396 -13.41 19.07 -39.47
N ILE G 397 -13.42 18.55 -38.26
CA ILE G 397 -12.97 17.18 -38.03
C ILE G 397 -14.12 16.31 -37.51
N GLY G 398 -15.35 16.81 -37.63
CA GLY G 398 -16.49 16.03 -37.25
C GLY G 398 -16.74 15.92 -35.77
N PHE G 399 -16.10 16.76 -34.97
CA PHE G 399 -16.32 16.81 -33.52
C PHE G 399 -17.19 18.00 -33.14
N SER G 400 -18.16 18.32 -33.99
CA SER G 400 -19.04 19.45 -33.75
C SER G 400 -19.91 19.27 -32.52
N LYS G 401 -20.15 18.04 -32.07
CA LYS G 401 -20.94 17.82 -30.87
C LYS G 401 -20.25 18.37 -29.63
N TYR G 402 -18.94 18.19 -29.51
CA TYR G 402 -18.18 18.75 -28.40
C TYR G 402 -17.65 20.13 -28.74
N CYS G 403 -18.54 21.02 -29.17
CA CYS G 403 -18.17 22.39 -29.49
C CYS G 403 -18.66 23.37 -28.45
N GLU G 404 -19.87 23.16 -27.93
CA GLU G 404 -20.39 24.01 -26.88
C GLU G 404 -19.55 23.91 -25.61
N SER G 405 -19.10 22.70 -25.26
CA SER G 405 -18.24 22.55 -24.09
C SER G 405 -16.92 23.31 -24.27
N PHE G 406 -16.32 23.20 -25.46
CA PHE G 406 -15.08 23.91 -25.71
C PHE G 406 -15.28 25.41 -25.62
N ARG G 407 -16.35 25.93 -26.21
CA ARG G 407 -16.60 27.36 -26.13
C ARG G 407 -16.86 27.80 -24.70
N GLU G 408 -17.63 27.03 -23.95
CA GLU G 408 -17.97 27.39 -22.58
C GLU G 408 -16.73 27.42 -21.70
N GLN G 409 -15.83 26.45 -21.87
CA GLN G 409 -14.61 26.42 -21.09
C GLN G 409 -13.50 27.29 -21.67
N GLN G 410 -13.73 27.91 -22.83
CA GLN G 410 -12.80 28.88 -23.42
C GLN G 410 -11.42 28.24 -23.66
N VAL G 411 -11.42 27.26 -24.56
CA VAL G 411 -10.19 26.55 -24.93
C VAL G 411 -9.59 27.21 -26.16
N ASP G 412 -8.42 27.82 -25.98
CA ASP G 412 -7.66 28.42 -27.07
C ASP G 412 -6.54 27.47 -27.49
N GLY G 413 -5.65 27.97 -28.35
CA GLY G 413 -4.59 27.12 -28.88
C GLY G 413 -3.67 26.56 -27.82
N ASP G 414 -3.25 27.40 -26.87
CA ASP G 414 -2.33 26.95 -25.83
C ASP G 414 -2.96 25.85 -24.99
N LEU G 415 -4.21 26.03 -24.58
CA LEU G 415 -4.88 25.00 -23.80
C LEU G 415 -5.14 23.75 -24.64
N LEU G 416 -5.31 23.92 -25.94
CA LEU G 416 -5.57 22.78 -26.80
C LEU G 416 -4.33 21.91 -26.97
N LEU G 417 -3.16 22.53 -27.16
CA LEU G 417 -1.95 21.73 -27.34
C LEU G 417 -1.50 21.03 -26.06
N ARG G 418 -2.03 21.42 -24.91
CA ARG G 418 -1.76 20.72 -23.65
C ARG G 418 -3.12 20.31 -23.09
N LEU G 419 -3.61 19.16 -23.56
CA LEU G 419 -4.94 18.68 -23.22
C LEU G 419 -4.80 17.22 -22.81
N THR G 420 -4.99 16.93 -21.53
CA THR G 420 -4.80 15.59 -21.02
C THR G 420 -6.10 14.79 -21.06
N GLU G 421 -5.94 13.47 -20.93
CA GLU G 421 -7.08 12.57 -20.94
C GLU G 421 -8.04 12.84 -19.80
N GLU G 422 -7.52 13.17 -18.61
CA GLU G 422 -8.39 13.49 -17.48
C GLU G 422 -9.21 14.74 -17.76
N GLU G 423 -8.58 15.77 -18.34
CA GLU G 423 -9.33 16.98 -18.69
C GLU G 423 -10.41 16.67 -19.73
N LEU G 424 -10.07 15.90 -20.75
CA LEU G 424 -11.07 15.51 -21.75
C LEU G 424 -12.23 14.77 -21.11
N GLN G 425 -11.93 13.83 -20.22
CA GLN G 425 -13.00 13.02 -19.64
C GLN G 425 -13.88 13.83 -18.70
N THR G 426 -13.28 14.62 -17.81
CA THR G 426 -14.02 15.24 -16.73
C THR G 426 -14.61 16.61 -17.10
N ASP G 427 -13.88 17.43 -17.84
CA ASP G 427 -14.29 18.81 -18.08
C ASP G 427 -15.04 19.02 -19.39
N LEU G 428 -14.67 18.29 -20.44
CA LEU G 428 -15.26 18.53 -21.75
C LEU G 428 -16.31 17.50 -22.15
N GLY G 429 -16.42 16.38 -21.45
CA GLY G 429 -17.52 15.47 -21.61
C GLY G 429 -17.29 14.26 -22.48
N MET G 430 -16.07 14.00 -22.91
CA MET G 430 -15.77 12.80 -23.72
C MET G 430 -15.70 11.60 -22.79
N LYS G 431 -16.88 11.09 -22.40
CA LYS G 431 -16.95 9.93 -21.52
C LYS G 431 -16.41 8.68 -22.20
N SER G 432 -16.69 8.51 -23.50
CA SER G 432 -16.33 7.29 -24.21
C SER G 432 -14.82 7.13 -24.25
N GLY G 433 -14.35 5.90 -24.05
CA GLY G 433 -12.93 5.63 -23.99
C GLY G 433 -12.21 5.65 -25.31
N ILE G 434 -12.93 5.49 -26.42
CA ILE G 434 -12.29 5.50 -27.73
C ILE G 434 -12.60 6.77 -28.52
N THR G 435 -13.64 7.51 -28.15
CA THR G 435 -13.82 8.85 -28.70
C THR G 435 -12.64 9.73 -28.35
N ARG G 436 -12.12 9.59 -27.13
CA ARG G 436 -10.89 10.27 -26.76
C ARG G 436 -9.71 9.81 -27.61
N LYS G 437 -9.64 8.53 -27.96
CA LYS G 437 -8.57 8.06 -28.83
C LYS G 437 -8.66 8.69 -30.21
N ARG G 438 -9.88 8.81 -30.75
CA ARG G 438 -10.05 9.50 -32.03
C ARG G 438 -9.64 10.96 -31.93
N PHE G 439 -10.05 11.62 -30.84
CA PHE G 439 -9.68 13.02 -30.67
C PHE G 439 -8.17 13.19 -30.59
N PHE G 440 -7.49 12.29 -29.86
CA PHE G 440 -6.04 12.41 -29.76
C PHE G 440 -5.35 12.04 -31.07
N ARG G 441 -5.96 11.18 -31.89
CA ARG G 441 -5.44 10.96 -33.23
C ARG G 441 -5.49 12.25 -34.05
N GLU G 442 -6.64 12.93 -34.03
CA GLU G 442 -6.75 14.20 -34.75
C GLU G 442 -5.78 15.24 -34.20
N LEU G 443 -5.64 15.29 -32.87
CA LEU G 443 -4.74 16.24 -32.25
C LEU G 443 -3.30 15.95 -32.60
N THR G 444 -2.92 14.68 -32.69
CA THR G 444 -1.56 14.34 -33.12
C THR G 444 -1.32 14.78 -34.55
N GLU G 445 -2.31 14.59 -35.43
CA GLU G 445 -2.18 15.09 -36.79
C GLU G 445 -1.97 16.60 -36.80
N LEU G 446 -2.76 17.33 -36.00
CA LEU G 446 -2.61 18.78 -35.92
C LEU G 446 -1.25 19.18 -35.38
N LYS G 447 -0.77 18.49 -34.35
CA LYS G 447 0.53 18.82 -33.76
C LYS G 447 1.66 18.60 -34.75
N THR G 448 1.57 17.52 -35.54
CA THR G 448 2.56 17.31 -36.59
C THR G 448 2.49 18.37 -37.67
N PHE G 449 1.30 18.82 -38.04
CA PHE G 449 1.12 19.87 -39.03
C PHE G 449 1.48 21.26 -38.53
N ALA G 450 1.53 21.48 -37.22
CA ALA G 450 1.55 22.83 -36.66
C ALA G 450 2.86 23.55 -37.00
N ASN G 451 2.92 24.82 -36.58
CA ASN G 451 4.04 25.70 -36.85
C ASN G 451 4.44 26.41 -35.56
N TYR G 452 5.49 25.91 -34.91
CA TYR G 452 5.95 26.49 -33.64
C TYR G 452 7.07 27.47 -33.91
N SER G 453 6.72 28.57 -34.57
CA SER G 453 7.68 29.63 -34.89
C SER G 453 7.84 30.63 -33.76
N THR G 454 6.75 31.03 -33.12
CA THR G 454 6.80 32.00 -32.05
C THR G 454 7.18 31.40 -30.71
N CYS G 455 7.37 30.09 -30.64
CA CYS G 455 7.66 29.40 -29.38
C CYS G 455 9.01 28.70 -29.37
N ASP G 456 9.39 28.08 -30.47
CA ASP G 456 10.62 27.30 -30.56
C ASP G 456 11.78 28.19 -30.93
N ARG G 457 12.81 28.19 -30.10
CA ARG G 457 13.96 29.05 -30.29
C ARG G 457 15.17 28.32 -30.85
N SER G 458 15.39 27.07 -30.45
CA SER G 458 16.55 26.30 -30.86
C SER G 458 16.24 25.33 -32.00
N ASN G 459 15.05 25.44 -32.59
CA ASN G 459 14.63 24.56 -33.69
C ASN G 459 14.63 23.10 -33.24
N LEU G 460 13.89 22.84 -32.17
CA LEU G 460 13.76 21.48 -31.66
C LEU G 460 12.85 20.62 -32.52
N ALA G 461 11.91 21.23 -33.25
CA ALA G 461 11.02 20.46 -34.12
C ALA G 461 11.80 19.75 -35.22
N ASP G 462 12.77 20.44 -35.82
CA ASP G 462 13.59 19.81 -36.85
C ASP G 462 14.42 18.68 -36.27
N TRP G 463 14.95 18.85 -35.06
CA TRP G 463 15.71 17.79 -34.43
C TRP G 463 14.85 16.56 -34.19
N LEU G 464 13.62 16.76 -33.70
CA LEU G 464 12.73 15.64 -33.47
C LEU G 464 12.35 14.96 -34.78
N GLY G 465 12.04 15.75 -35.82
CA GLY G 465 11.73 15.18 -37.12
C GLY G 465 12.88 14.42 -37.74
N SER G 466 14.12 14.84 -37.48
CA SER G 466 15.26 14.07 -37.96
C SER G 466 15.28 12.68 -37.35
N LEU G 467 14.97 12.57 -36.06
CA LEU G 467 14.83 11.26 -35.44
C LEU G 467 13.70 10.47 -36.08
N ASP G 468 12.52 11.07 -36.18
CA ASP G 468 11.35 10.37 -36.68
C ASP G 468 10.28 11.39 -37.02
N PRO G 469 9.67 11.32 -38.20
CA PRO G 469 8.60 12.27 -38.54
C PRO G 469 7.43 12.22 -37.57
N ARG G 470 7.29 11.12 -36.83
CA ARG G 470 6.24 10.98 -35.83
C ARG G 470 6.65 11.53 -34.48
N PHE G 471 7.88 12.02 -34.34
CA PHE G 471 8.34 12.62 -33.09
C PHE G 471 8.10 14.12 -33.04
N ARG G 472 7.67 14.73 -34.14
CA ARG G 472 7.53 16.19 -34.19
C ARG G 472 6.40 16.70 -33.32
N GLN G 473 5.46 15.84 -32.91
CA GLN G 473 4.33 16.25 -32.10
C GLN G 473 4.71 16.63 -30.68
N TYR G 474 5.90 16.27 -30.22
CA TYR G 474 6.35 16.51 -28.85
C TYR G 474 7.04 17.87 -28.70
N THR G 475 7.08 18.66 -29.77
CA THR G 475 7.84 19.91 -29.74
C THR G 475 7.28 20.88 -28.73
N TYR G 476 5.95 21.07 -28.73
CA TYR G 476 5.35 22.01 -27.78
C TYR G 476 5.53 21.54 -26.36
N GLY G 477 5.32 20.25 -26.11
CA GLY G 477 5.54 19.72 -24.78
C GLY G 477 6.96 19.91 -24.31
N LEU G 478 7.93 19.81 -25.21
CA LEU G 478 9.33 19.98 -24.82
C LEU G 478 9.69 21.44 -24.59
N VAL G 479 9.13 22.36 -25.39
CA VAL G 479 9.58 23.74 -25.32
C VAL G 479 8.78 24.55 -24.29
N SER G 480 7.53 24.20 -24.02
CA SER G 480 6.79 24.90 -22.98
C SER G 480 7.29 24.55 -21.60
N CYS G 481 8.08 23.49 -21.47
CA CYS G 481 8.69 23.11 -20.21
C CYS G 481 10.05 23.76 -20.02
N GLY G 482 10.52 24.53 -20.98
CA GLY G 482 11.81 25.19 -20.87
C GLY G 482 12.97 24.29 -21.25
N LEU G 483 12.98 23.80 -22.48
CA LEU G 483 14.04 22.93 -22.96
C LEU G 483 14.43 23.37 -24.37
N ASP G 484 15.65 23.00 -24.76
CA ASP G 484 16.17 23.30 -26.09
C ASP G 484 17.34 22.36 -26.36
N ARG G 485 17.98 22.55 -27.53
CA ARG G 485 19.10 21.70 -27.91
C ARG G 485 20.22 21.74 -26.89
N SER G 486 20.46 22.90 -26.28
CA SER G 486 21.54 23.07 -25.33
C SER G 486 21.24 22.43 -23.98
N LEU G 487 20.03 21.92 -23.77
CA LEU G 487 19.63 21.38 -22.47
C LEU G 487 19.17 19.93 -22.52
N LEU G 488 19.20 19.28 -23.68
CA LEU G 488 18.69 17.92 -23.79
C LEU G 488 19.65 16.87 -23.24
N HIS G 489 20.93 17.22 -23.05
CA HIS G 489 21.91 16.27 -22.55
C HIS G 489 21.86 16.11 -21.03
N ARG G 490 20.82 16.60 -20.37
CA ARG G 490 20.69 16.48 -18.93
C ARG G 490 19.29 16.07 -18.50
N VAL G 491 18.36 15.84 -19.42
CA VAL G 491 17.00 15.48 -19.07
C VAL G 491 16.94 14.01 -18.70
N SER G 492 15.95 13.65 -17.88
CA SER G 492 15.77 12.30 -17.39
C SER G 492 14.52 11.66 -17.99
N GLU G 493 14.42 10.34 -17.85
CA GLU G 493 13.25 9.63 -18.35
C GLU G 493 12.01 10.02 -17.57
N GLN G 494 12.15 10.23 -16.26
CA GLN G 494 11.03 10.70 -15.45
C GLN G 494 10.55 12.07 -15.90
N GLN G 495 11.49 12.96 -16.23
CA GLN G 495 11.11 14.31 -16.65
C GLN G 495 10.33 14.27 -17.95
N LEU G 496 10.76 13.46 -18.93
CA LEU G 496 10.05 13.37 -20.19
C LEU G 496 8.64 12.82 -20.02
N LEU G 497 8.39 12.05 -18.97
CA LEU G 497 7.06 11.48 -18.74
C LEU G 497 6.16 12.45 -17.99
N GLU G 498 6.64 13.00 -16.88
CA GLU G 498 5.80 13.86 -16.06
C GLU G 498 5.60 15.23 -16.70
N ASP G 499 6.67 15.81 -17.23
CA ASP G 499 6.62 17.20 -17.70
C ASP G 499 6.30 17.30 -19.19
N CYS G 500 7.11 16.65 -20.03
CA CYS G 500 6.99 16.85 -21.47
C CYS G 500 5.81 16.08 -22.04
N GLY G 501 5.25 15.16 -21.28
CA GLY G 501 4.06 14.46 -21.69
C GLY G 501 4.24 13.33 -22.68
N ILE G 502 5.45 12.81 -22.83
CA ILE G 502 5.70 11.69 -23.75
C ILE G 502 5.25 10.42 -23.03
N HIS G 503 4.23 9.75 -23.57
CA HIS G 503 3.66 8.61 -22.88
C HIS G 503 4.37 7.31 -23.23
N LEU G 504 4.51 7.02 -24.52
CA LEU G 504 5.12 5.76 -24.94
C LEU G 504 6.57 5.69 -24.50
N GLY G 505 6.93 4.55 -23.87
CA GLY G 505 8.28 4.38 -23.38
C GLY G 505 9.31 4.25 -24.48
N VAL G 506 8.93 3.70 -25.62
CA VAL G 506 9.86 3.58 -26.74
C VAL G 506 10.32 4.96 -27.19
N HIS G 507 9.39 5.90 -27.31
CA HIS G 507 9.74 7.25 -27.73
C HIS G 507 10.65 7.92 -26.71
N ARG G 508 10.36 7.75 -25.42
CA ARG G 508 11.21 8.33 -24.38
C ARG G 508 12.63 7.77 -24.46
N ALA G 509 12.76 6.45 -24.61
CA ALA G 509 14.08 5.85 -24.69
C ALA G 509 14.84 6.32 -25.92
N ARG G 510 14.16 6.38 -27.07
CA ARG G 510 14.82 6.83 -28.29
C ARG G 510 15.27 8.28 -28.17
N ILE G 511 14.41 9.14 -27.62
CA ILE G 511 14.78 10.55 -27.49
C ILE G 511 15.95 10.72 -26.53
N LEU G 512 15.97 9.97 -25.42
CA LEU G 512 17.10 10.05 -24.50
C LEU G 512 18.38 9.59 -25.17
N THR G 513 18.36 8.41 -25.79
CA THR G 513 19.58 7.86 -26.36
C THR G 513 20.05 8.63 -27.59
N ALA G 514 19.18 9.45 -28.17
CA ALA G 514 19.65 10.36 -29.23
C ALA G 514 20.07 11.70 -28.68
N ALA G 515 19.55 12.08 -27.51
CA ALA G 515 19.95 13.33 -26.89
C ALA G 515 21.35 13.24 -26.30
N ARG G 516 21.70 12.08 -25.75
CA ARG G 516 23.04 11.93 -25.21
C ARG G 516 24.12 11.95 -26.29
N GLU G 517 23.74 11.85 -27.56
CA GLU G 517 24.74 11.86 -28.63
C GLU G 517 25.17 13.27 -29.04
N MET G 518 24.54 14.31 -28.50
CA MET G 518 25.00 15.67 -28.78
C MET G 518 26.39 15.91 -28.22
N LEU G 519 26.65 15.44 -27.00
CA LEU G 519 27.91 15.68 -26.30
C LEU G 519 28.17 17.17 -26.14
N THR G 534 33.19 48.15 -30.77
CA THR G 534 33.75 49.48 -30.96
C THR G 534 33.70 49.90 -32.42
N PRO G 535 32.95 50.96 -32.71
CA PRO G 535 32.86 51.45 -34.08
C PRO G 535 34.22 51.90 -34.61
N ASP G 536 34.47 51.61 -35.88
CA ASP G 536 35.67 52.04 -36.56
C ASP G 536 35.44 53.04 -37.67
N VAL G 537 34.19 53.23 -38.10
CA VAL G 537 33.87 54.20 -39.14
C VAL G 537 32.72 55.06 -38.65
N PHE G 538 32.84 56.37 -38.82
CA PHE G 538 31.76 57.30 -38.52
C PHE G 538 31.35 58.01 -39.80
N ILE G 539 30.07 58.34 -39.90
CA ILE G 539 29.51 58.98 -41.08
C ILE G 539 28.81 60.27 -40.63
N SER G 540 29.04 61.35 -41.38
CA SER G 540 28.42 62.63 -41.14
C SER G 540 27.56 63.00 -42.35
N TYR G 541 26.30 63.32 -42.10
CA TYR G 541 25.35 63.60 -43.16
C TYR G 541 24.48 64.79 -42.79
N ARG G 542 23.83 65.36 -43.81
CA ARG G 542 22.88 66.43 -43.64
C ARG G 542 21.48 65.86 -43.65
N ARG G 543 20.63 66.38 -42.75
CA ARG G 543 19.23 65.99 -42.77
C ARG G 543 18.57 66.42 -44.08
N ASN G 544 17.74 65.54 -44.62
CA ASN G 544 16.97 65.81 -45.84
C ASN G 544 17.87 66.00 -47.05
N SER G 545 19.17 65.72 -46.91
CA SER G 545 20.12 65.89 -48.01
C SER G 545 21.32 64.98 -47.75
N GLY G 546 21.38 63.86 -48.45
CA GLY G 546 22.45 62.88 -48.26
C GLY G 546 22.10 61.73 -47.35
N SER G 547 20.91 61.76 -46.74
CA SER G 547 20.52 60.70 -45.81
C SER G 547 20.44 59.35 -46.50
N GLN G 548 19.87 59.32 -47.71
CA GLN G 548 19.73 58.06 -48.43
C GLN G 548 21.08 57.43 -48.73
N LEU G 549 22.02 58.25 -49.24
CA LEU G 549 23.36 57.74 -49.51
C LEU G 549 24.05 57.31 -48.22
N ALA G 550 23.77 58.01 -47.12
CA ALA G 550 24.33 57.60 -45.84
C ALA G 550 23.85 56.20 -45.45
N SER G 551 22.56 55.94 -45.60
CA SER G 551 22.02 54.62 -45.27
C SER G 551 22.61 53.54 -46.17
N LEU G 552 22.70 53.83 -47.47
CA LEU G 552 23.28 52.86 -48.41
C LEU G 552 24.72 52.55 -48.03
N LEU G 553 25.50 53.59 -47.69
CA LEU G 553 26.88 53.39 -47.30
C LEU G 553 26.99 52.55 -46.05
N LYS G 554 26.13 52.83 -45.06
CA LYS G 554 26.16 52.03 -43.83
C LYS G 554 25.86 50.57 -44.14
N VAL G 555 24.87 50.32 -44.99
CA VAL G 555 24.51 48.95 -45.32
C VAL G 555 25.69 48.24 -46.00
N HIS G 556 26.31 48.91 -46.96
CA HIS G 556 27.40 48.27 -47.70
C HIS G 556 28.59 47.97 -46.79
N LEU G 557 29.02 48.95 -45.99
CA LEU G 557 30.16 48.71 -45.10
C LEU G 557 29.82 47.68 -44.02
N GLN G 558 28.54 47.56 -43.65
CA GLN G 558 28.18 46.52 -42.68
C GLN G 558 28.22 45.14 -43.31
N LEU G 559 27.80 45.02 -44.57
CA LEU G 559 27.92 43.73 -45.26
C LEU G 559 29.36 43.35 -45.55
N HIS G 560 30.24 44.33 -45.79
CA HIS G 560 31.65 44.03 -46.04
C HIS G 560 32.43 43.84 -44.75
N GLY G 561 31.74 43.58 -43.63
CA GLY G 561 32.38 43.16 -42.40
C GLY G 561 32.81 44.27 -41.46
N PHE G 562 32.56 45.53 -41.78
CA PHE G 562 33.04 46.66 -40.98
C PHE G 562 31.87 47.22 -40.18
N SER G 563 32.06 47.34 -38.87
CA SER G 563 31.04 47.91 -38.00
C SER G 563 30.97 49.43 -38.23
N VAL G 564 29.79 50.01 -38.02
CA VAL G 564 29.57 51.42 -38.31
C VAL G 564 28.65 51.97 -37.22
N PHE G 565 28.77 53.28 -36.93
CA PHE G 565 27.95 53.95 -35.92
C PHE G 565 27.37 55.21 -36.55
N ILE G 566 26.13 55.11 -37.03
CA ILE G 566 25.42 56.25 -37.60
C ILE G 566 24.60 56.92 -36.50
N ASP G 567 24.36 58.22 -36.64
CA ASP G 567 23.43 58.89 -35.76
C ASP G 567 22.01 58.53 -36.16
N VAL G 568 21.29 57.90 -35.23
CA VAL G 568 19.94 57.41 -35.52
C VAL G 568 18.99 58.55 -35.84
N GLU G 569 19.17 59.70 -35.22
CA GLU G 569 18.34 60.87 -35.51
C GLU G 569 18.66 61.45 -36.88
N ASP G 578 27.49 64.97 -25.46
CA ASP G 578 28.93 64.95 -25.71
C ASP G 578 29.43 63.52 -25.91
N LYS G 579 28.50 62.56 -25.84
CA LYS G 579 28.86 61.17 -26.09
C LYS G 579 29.21 60.96 -27.56
N LEU G 580 28.59 61.72 -28.47
CA LEU G 580 28.90 61.62 -29.88
C LEU G 580 30.35 61.96 -30.15
N ILE G 581 30.88 62.98 -29.46
CA ILE G 581 32.28 63.37 -29.64
C ILE G 581 33.22 62.26 -29.18
N GLN G 582 32.90 61.61 -28.05
CA GLN G 582 33.71 60.49 -27.59
C GLN G 582 33.65 59.33 -28.57
N SER G 583 32.47 59.07 -29.14
CA SER G 583 32.36 58.04 -30.17
C SER G 583 33.18 58.40 -31.40
N VAL G 584 33.23 59.70 -31.73
CA VAL G 584 34.06 60.17 -32.83
C VAL G 584 35.54 59.86 -32.56
N MET G 585 35.99 60.12 -31.34
CA MET G 585 37.33 59.64 -30.94
C MET G 585 37.45 58.14 -31.13
N GLY G 586 36.44 57.38 -30.71
CA GLY G 586 36.55 55.93 -30.75
C GLY G 586 36.67 55.38 -32.16
N ALA G 587 35.99 56.01 -33.11
CA ALA G 587 35.99 55.54 -34.49
C ALA G 587 37.36 55.72 -35.11
N ARG G 588 37.83 54.70 -35.84
CA ARG G 588 39.12 54.82 -36.52
C ARG G 588 39.00 55.65 -37.79
N ASN G 589 37.92 55.50 -38.53
CA ASN G 589 37.75 56.12 -39.84
C ASN G 589 36.69 57.21 -39.76
N PHE G 590 36.53 57.94 -40.86
CA PHE G 590 35.50 58.96 -40.98
C PHE G 590 35.04 59.07 -42.42
N VAL G 591 33.74 59.23 -42.59
CA VAL G 591 33.13 59.46 -43.89
C VAL G 591 32.25 60.70 -43.80
N LEU G 592 32.41 61.62 -44.75
CA LEU G 592 31.61 62.83 -44.82
C LEU G 592 30.88 62.82 -46.15
N VAL G 593 29.56 62.63 -46.12
CA VAL G 593 28.79 62.61 -47.35
C VAL G 593 28.64 64.03 -47.88
N LEU G 594 29.33 64.31 -48.99
CA LEU G 594 29.24 65.61 -49.64
C LEU G 594 27.94 65.66 -50.45
N SER G 595 26.84 65.84 -49.73
CA SER G 595 25.52 65.98 -50.33
C SER G 595 25.45 67.27 -51.12
N PRO G 596 24.62 67.33 -52.17
CA PRO G 596 24.47 68.58 -52.92
C PRO G 596 24.00 69.71 -52.02
N GLY G 597 24.78 70.79 -51.99
CA GLY G 597 24.48 71.90 -51.11
C GLY G 597 24.58 71.54 -49.64
N ALA G 598 25.66 70.86 -49.24
CA ALA G 598 25.83 70.41 -47.87
C ALA G 598 26.30 71.54 -46.95
N LEU G 599 27.41 72.20 -47.33
CA LEU G 599 28.01 73.20 -46.46
C LEU G 599 27.37 74.57 -46.55
N ASP G 600 26.35 74.73 -47.41
CA ASP G 600 25.80 76.06 -47.65
C ASP G 600 25.24 76.71 -46.38
N LYS G 601 24.58 75.93 -45.51
CA LYS G 601 24.04 76.53 -44.30
C LYS G 601 25.14 77.03 -43.39
N CYS G 602 26.20 76.24 -43.23
CA CYS G 602 27.28 76.57 -42.31
C CYS G 602 28.39 77.30 -43.04
N ASP G 610 27.56 74.66 -35.34
CA ASP G 610 26.93 73.62 -36.16
C ASP G 610 27.37 72.24 -35.69
N TRP G 611 26.46 71.27 -35.85
CA TRP G 611 26.83 69.88 -35.60
C TRP G 611 27.88 69.39 -36.59
N VAL G 612 27.74 69.78 -37.86
CA VAL G 612 28.69 69.36 -38.88
C VAL G 612 30.09 69.90 -38.57
N HIS G 613 30.18 71.18 -38.21
CA HIS G 613 31.48 71.74 -37.84
C HIS G 613 32.08 71.05 -36.63
N LYS G 614 31.30 70.82 -35.58
CA LYS G 614 31.90 70.23 -34.39
C LYS G 614 32.39 68.82 -34.68
N GLU G 615 31.61 68.02 -35.42
CA GLU G 615 32.07 66.67 -35.72
C GLU G 615 33.29 66.68 -36.64
N ILE G 616 33.33 67.59 -37.63
CA ILE G 616 34.45 67.58 -38.57
C ILE G 616 35.73 68.06 -37.90
N VAL G 617 35.63 69.09 -37.05
CA VAL G 617 36.83 69.55 -36.33
C VAL G 617 37.25 68.50 -35.31
N THR G 618 36.29 67.80 -34.71
CA THR G 618 36.62 66.74 -33.78
C THR G 618 37.40 65.62 -34.47
N ALA G 619 36.97 65.24 -35.68
CA ALA G 619 37.71 64.25 -36.46
C ALA G 619 39.09 64.77 -36.85
N LEU G 620 39.18 66.03 -37.30
CA LEU G 620 40.46 66.56 -37.74
C LEU G 620 41.41 66.77 -36.56
N SER G 621 40.88 66.78 -35.34
CA SER G 621 41.73 66.88 -34.16
C SER G 621 42.72 65.72 -34.10
N CYS G 622 42.27 64.52 -34.47
CA CYS G 622 43.17 63.38 -34.52
C CYS G 622 43.70 63.13 -35.93
N GLY G 623 42.91 63.42 -36.96
CA GLY G 623 43.37 63.23 -38.32
C GLY G 623 43.63 61.79 -38.68
N LYS G 624 42.57 60.97 -38.71
CA LYS G 624 42.68 59.53 -38.94
C LYS G 624 41.71 59.11 -40.05
N ASN G 625 42.19 59.13 -41.28
CA ASN G 625 41.48 58.59 -42.44
C ASN G 625 40.12 59.27 -42.64
N ILE G 626 40.17 60.55 -42.96
CA ILE G 626 38.97 61.30 -43.31
C ILE G 626 38.90 61.43 -44.83
N VAL G 627 37.81 60.94 -45.41
CA VAL G 627 37.61 61.03 -46.85
C VAL G 627 36.16 61.38 -47.18
N PRO G 628 35.90 62.61 -47.62
CA PRO G 628 34.55 62.96 -48.09
C PRO G 628 34.24 62.35 -49.45
N ILE G 629 33.02 61.85 -49.64
CA ILE G 629 32.58 61.28 -50.90
C ILE G 629 31.78 62.34 -51.66
N ILE G 630 32.21 62.65 -52.87
CA ILE G 630 31.62 63.73 -53.65
C ILE G 630 30.36 63.23 -54.35
N ASP G 631 29.23 63.89 -54.08
CA ASP G 631 27.96 63.62 -54.75
C ASP G 631 27.28 64.97 -54.97
N GLY G 632 27.54 65.57 -56.13
CA GLY G 632 26.99 66.89 -56.42
C GLY G 632 27.53 67.99 -55.53
N PHE G 633 28.80 67.90 -55.14
CA PHE G 633 29.46 68.91 -54.32
C PHE G 633 30.55 69.57 -55.14
N GLU G 634 30.48 70.90 -55.24
CA GLU G 634 31.37 71.67 -56.11
C GLU G 634 32.50 72.36 -55.33
N TRP G 635 32.65 72.07 -54.05
CA TRP G 635 33.66 72.70 -53.21
C TRP G 635 33.60 74.23 -53.28
N PRO G 636 32.56 74.85 -52.70
CA PRO G 636 32.39 76.31 -52.73
C PRO G 636 33.59 77.08 -52.21
N GLN G 646 38.93 76.30 -41.07
CA GLN G 646 38.52 75.60 -42.27
C GLN G 646 39.52 74.50 -42.64
N ALA G 647 40.17 74.66 -43.80
CA ALA G 647 41.12 73.69 -44.33
C ALA G 647 40.48 72.30 -44.46
N VAL G 648 39.22 72.28 -44.89
CA VAL G 648 38.48 71.03 -45.05
C VAL G 648 38.47 70.63 -46.52
N LEU G 649 38.79 71.59 -47.39
CA LEU G 649 38.88 71.31 -48.82
C LEU G 649 40.25 70.77 -49.22
N THR G 650 41.18 70.65 -48.27
CA THR G 650 42.53 70.15 -48.56
C THR G 650 42.56 68.63 -48.43
N PHE G 651 41.68 67.98 -49.18
CA PHE G 651 41.55 66.53 -49.14
C PHE G 651 41.23 66.03 -50.53
N ASN G 652 41.09 64.70 -50.64
CA ASN G 652 40.66 64.06 -51.86
C ASN G 652 39.51 63.12 -51.57
N GLY G 653 38.76 62.78 -52.62
CA GLY G 653 37.63 61.89 -52.47
C GLY G 653 37.36 61.04 -53.69
N ILE G 654 36.31 60.22 -53.63
CA ILE G 654 35.94 59.32 -54.71
C ILE G 654 34.52 59.65 -55.15
N LYS G 655 34.33 59.82 -56.46
CA LYS G 655 33.01 60.12 -56.99
C LYS G 655 32.08 58.93 -56.80
N TRP G 656 30.88 59.24 -56.31
CA TRP G 656 29.85 58.23 -56.06
C TRP G 656 29.09 57.96 -57.34
N SER G 657 28.87 56.67 -57.63
CA SER G 657 28.09 56.25 -58.79
C SER G 657 26.77 55.69 -58.28
N HIS G 658 25.67 56.33 -58.64
CA HIS G 658 24.36 55.95 -58.10
C HIS G 658 23.92 54.59 -58.64
N GLU G 659 24.23 54.30 -59.90
CA GLU G 659 23.83 53.04 -60.51
C GLU G 659 24.98 52.07 -60.73
N TYR G 660 26.20 52.55 -60.84
CA TYR G 660 27.38 51.67 -60.91
C TYR G 660 27.86 51.31 -59.50
N GLN G 661 26.92 50.80 -58.70
CA GLN G 661 27.24 50.38 -57.35
C GLN G 661 28.07 49.09 -57.37
N GLU G 662 28.53 48.69 -56.18
CA GLU G 662 29.41 47.55 -55.96
C GLU G 662 30.80 47.76 -56.54
N ALA G 663 31.09 48.92 -57.14
CA ALA G 663 32.41 49.26 -57.62
C ALA G 663 33.04 50.38 -56.79
N THR G 664 32.29 51.45 -56.53
CA THR G 664 32.77 52.52 -55.67
C THR G 664 32.98 52.00 -54.24
N ILE G 665 32.14 51.06 -53.81
CA ILE G 665 32.37 50.42 -52.53
C ILE G 665 33.70 49.68 -52.54
N GLU G 666 34.02 49.02 -53.65
CA GLU G 666 35.31 48.33 -53.76
C GLU G 666 36.46 49.32 -53.70
N LYS G 667 36.31 50.47 -54.37
CA LYS G 667 37.36 51.47 -54.34
C LYS G 667 37.56 52.04 -52.94
N ILE G 668 36.47 52.33 -52.24
CA ILE G 668 36.60 52.94 -50.92
C ILE G 668 37.08 51.91 -49.89
N ILE G 669 36.83 50.62 -50.16
CA ILE G 669 37.39 49.58 -49.31
C ILE G 669 38.92 49.63 -49.34
N ARG G 670 39.48 49.77 -50.54
CA ARG G 670 40.94 49.90 -50.66
C ARG G 670 41.42 51.24 -50.10
N PHE G 671 40.62 52.30 -50.28
CA PHE G 671 41.02 53.61 -49.78
C PHE G 671 41.12 53.61 -48.26
N LEU G 672 40.16 53.00 -47.59
CA LEU G 672 40.19 52.87 -46.14
C LEU G 672 39.60 51.54 -45.70
N VAL H 34 -25.58 49.92 -58.40
CA VAL H 34 -26.73 50.66 -58.91
C VAL H 34 -26.34 51.34 -60.21
N GLN H 35 -25.66 52.48 -60.12
CA GLN H 35 -25.14 53.14 -61.31
C GLN H 35 -23.99 52.37 -61.92
N ASP H 36 -23.44 51.40 -61.19
CA ASP H 36 -22.36 50.58 -61.73
C ASP H 36 -22.83 49.73 -62.90
N ALA H 37 -24.08 49.27 -62.88
CA ALA H 37 -24.58 48.38 -63.92
C ALA H 37 -24.49 49.01 -65.31
N LEU H 38 -24.58 50.34 -65.39
CA LEU H 38 -24.45 51.02 -66.68
C LEU H 38 -23.10 50.73 -67.32
N GLU H 39 -22.03 50.80 -66.53
CA GLU H 39 -20.71 50.45 -67.03
C GLU H 39 -20.54 48.94 -67.14
N ARG H 40 -21.17 48.19 -66.23
CA ARG H 40 -21.12 46.73 -66.26
C ARG H 40 -21.72 46.14 -67.53
N ALA H 41 -22.63 46.87 -68.19
CA ALA H 41 -23.11 46.45 -69.50
C ALA H 41 -22.02 46.52 -70.56
N LEU H 42 -20.82 46.98 -70.20
CA LEU H 42 -19.65 47.06 -71.07
C LEU H 42 -19.97 47.81 -72.36
N PRO H 43 -20.15 49.13 -72.29
CA PRO H 43 -20.41 49.90 -73.51
C PRO H 43 -19.27 49.85 -74.51
N GLU H 44 -18.04 49.68 -74.03
CA GLU H 44 -16.86 49.75 -74.86
C GLU H 44 -16.40 48.40 -75.40
N LEU H 45 -16.97 47.29 -74.93
CA LEU H 45 -16.60 45.95 -75.38
C LEU H 45 -15.11 45.68 -75.16
N GLN H 46 -14.56 46.29 -74.11
CA GLN H 46 -13.14 46.14 -73.76
C GLN H 46 -12.23 46.59 -74.90
N GLN H 47 -12.58 47.72 -75.51
CA GLN H 47 -11.84 48.27 -76.66
C GLN H 47 -11.89 47.31 -77.85
N ALA H 48 -13.11 46.81 -78.13
CA ALA H 48 -13.31 45.79 -79.15
C ALA H 48 -12.38 44.61 -78.91
N LEU H 49 -12.31 44.18 -77.65
CA LEU H 49 -11.42 43.10 -77.21
C LEU H 49 -9.96 43.41 -77.57
N SER H 50 -9.49 44.53 -77.03
CA SER H 50 -8.11 44.99 -77.18
C SER H 50 -7.70 45.00 -78.65
N ALA H 51 -8.48 45.72 -79.45
CA ALA H 51 -8.30 45.79 -80.91
C ALA H 51 -8.29 44.40 -81.54
N LEU H 52 -9.16 43.50 -81.07
CA LEU H 52 -9.35 42.14 -81.54
C LEU H 52 -8.12 41.27 -81.32
N LYS H 53 -7.05 41.81 -80.71
CA LYS H 53 -5.75 41.18 -80.48
C LYS H 53 -4.99 41.00 -81.79
N GLN H 54 -5.55 41.39 -82.93
CA GLN H 54 -4.90 41.26 -84.23
C GLN H 54 -4.11 42.51 -84.61
N ALA H 55 -3.63 43.24 -83.60
CA ALA H 55 -2.86 44.46 -83.88
C ALA H 55 -1.57 44.13 -84.63
N GLY H 56 -0.83 43.12 -84.17
CA GLY H 56 0.31 42.60 -84.88
C GLY H 56 1.51 43.50 -84.98
N GLY H 57 1.39 44.78 -84.65
CA GLY H 57 2.48 45.74 -84.77
C GLY H 57 2.86 46.30 -83.41
N ALA H 58 4.12 46.71 -83.28
CA ALA H 58 4.60 47.26 -82.02
C ALA H 58 3.85 48.52 -81.65
N ARG H 59 3.79 49.49 -82.57
CA ARG H 59 3.03 50.71 -82.31
C ARG H 59 1.55 50.41 -82.08
N ALA H 60 1.00 49.46 -82.83
CA ALA H 60 -0.41 49.13 -82.69
C ALA H 60 -0.73 48.61 -81.29
N VAL H 61 0.06 47.64 -80.81
CA VAL H 61 -0.21 47.09 -79.48
C VAL H 61 0.09 48.13 -78.41
N GLY H 62 1.12 48.94 -78.61
CA GLY H 62 1.43 49.97 -77.62
C GLY H 62 0.29 50.98 -77.48
N ALA H 63 -0.29 51.40 -78.60
CA ALA H 63 -1.42 52.31 -78.55
C ALA H 63 -2.66 51.63 -77.98
N GLY H 64 -2.88 50.36 -78.35
CA GLY H 64 -4.07 49.66 -77.89
C GLY H 64 -4.08 49.46 -76.39
N LEU H 65 -2.94 49.03 -75.83
CA LEU H 65 -2.88 48.80 -74.39
C LEU H 65 -3.05 50.09 -73.61
N ALA H 66 -2.54 51.20 -74.14
CA ALA H 66 -2.50 52.45 -73.38
C ALA H 66 -3.88 52.96 -73.04
N GLU H 67 -4.82 52.90 -73.98
CA GLU H 67 -6.12 53.51 -73.72
C GLU H 67 -6.99 52.62 -72.83
N VAL H 68 -6.89 51.31 -72.94
CA VAL H 68 -7.62 50.44 -72.00
C VAL H 68 -7.02 50.58 -70.61
N PHE H 69 -5.69 50.76 -70.53
CA PHE H 69 -5.03 51.09 -69.27
C PHE H 69 -5.63 52.37 -68.67
N GLN H 70 -5.65 53.44 -69.47
CA GLN H 70 -6.28 54.67 -69.01
C GLN H 70 -7.70 54.41 -68.53
N LEU H 71 -8.47 53.64 -69.31
CA LEU H 71 -9.84 53.31 -68.93
C LEU H 71 -9.89 52.66 -67.56
N VAL H 72 -8.92 51.80 -67.23
CA VAL H 72 -8.98 51.18 -65.91
C VAL H 72 -8.69 52.21 -64.81
N GLU H 73 -7.89 53.25 -65.10
CA GLU H 73 -7.82 54.32 -64.10
C GLU H 73 -9.17 55.02 -63.89
N GLU H 74 -9.90 55.38 -64.95
CA GLU H 74 -11.21 55.99 -64.65
C GLU H 74 -12.14 54.99 -63.98
N ALA H 75 -11.98 53.70 -64.25
CA ALA H 75 -12.77 52.71 -63.54
C ALA H 75 -12.47 52.72 -62.05
N TRP H 76 -11.19 52.80 -61.69
CA TRP H 76 -10.81 52.79 -60.28
C TRP H 76 -11.21 54.09 -59.58
N LEU H 77 -10.89 55.24 -60.19
CA LEU H 77 -11.04 56.55 -59.54
C LEU H 77 -12.45 57.08 -59.80
N LEU H 78 -13.40 56.66 -58.96
CA LEU H 78 -14.74 57.19 -58.99
C LEU H 78 -15.40 56.89 -57.65
N PRO H 79 -16.27 57.76 -57.16
CA PRO H 79 -16.58 57.80 -55.71
C PRO H 79 -17.39 56.59 -55.25
N ALA H 80 -16.82 55.84 -54.31
CA ALA H 80 -17.54 54.93 -53.41
C ALA H 80 -18.06 53.67 -54.08
N VAL H 81 -17.94 53.57 -55.41
CA VAL H 81 -18.38 52.38 -56.12
C VAL H 81 -17.30 51.94 -57.10
N GLY H 82 -16.23 52.74 -57.20
CA GLY H 82 -15.10 52.34 -58.04
C GLY H 82 -14.45 51.06 -57.57
N ARG H 83 -14.29 50.90 -56.25
CA ARG H 83 -13.74 49.67 -55.70
C ARG H 83 -14.61 48.47 -56.05
N GLU H 84 -15.93 48.65 -55.96
CA GLU H 84 -16.85 47.56 -56.28
C GLU H 84 -16.81 47.20 -57.77
N VAL H 85 -16.75 48.21 -58.65
CA VAL H 85 -16.77 47.92 -60.07
C VAL H 85 -15.41 47.42 -60.54
N ALA H 86 -14.36 47.66 -59.76
CA ALA H 86 -13.04 47.13 -60.11
C ALA H 86 -13.07 45.61 -60.20
N GLN H 87 -13.77 44.96 -59.26
CA GLN H 87 -13.96 43.51 -59.35
C GLN H 87 -14.68 43.13 -60.63
N GLY H 88 -15.66 43.96 -61.04
CA GLY H 88 -16.37 43.66 -62.27
C GLY H 88 -15.47 43.69 -63.50
N LEU H 89 -14.64 44.73 -63.62
CA LEU H 89 -13.71 44.79 -64.74
C LEU H 89 -12.68 43.68 -64.68
N CYS H 90 -12.19 43.36 -63.49
CA CYS H 90 -11.23 42.27 -63.37
C CYS H 90 -11.84 40.93 -63.79
N ASP H 91 -13.07 40.65 -63.36
CA ASP H 91 -13.74 39.43 -63.80
C ASP H 91 -13.97 39.45 -65.31
N ALA H 92 -14.36 40.60 -65.86
CA ALA H 92 -14.60 40.68 -67.29
C ALA H 92 -13.33 40.34 -68.07
N ILE H 93 -12.20 40.93 -67.70
CA ILE H 93 -10.97 40.68 -68.43
C ILE H 93 -10.51 39.24 -68.21
N ARG H 94 -10.72 38.69 -67.00
CA ARG H 94 -10.32 37.32 -66.73
C ARG H 94 -11.08 36.33 -67.60
N LEU H 95 -12.41 36.48 -67.67
CA LEU H 95 -13.19 35.62 -68.56
C LEU H 95 -12.91 35.87 -70.03
N ASP H 96 -12.61 37.11 -70.43
CA ASP H 96 -12.31 37.38 -71.83
C ASP H 96 -10.93 36.89 -72.24
N GLY H 97 -10.05 36.61 -71.28
CA GLY H 97 -8.74 36.08 -71.59
C GLY H 97 -7.61 37.09 -71.57
N GLY H 98 -7.86 38.28 -71.04
CA GLY H 98 -6.82 39.30 -70.97
C GLY H 98 -5.60 38.86 -70.18
N LEU H 99 -5.78 38.02 -69.17
CA LEU H 99 -4.63 37.53 -68.41
C LEU H 99 -3.71 36.70 -69.31
N ASP H 100 -4.29 35.78 -70.09
CA ASP H 100 -3.48 34.98 -71.01
C ASP H 100 -2.85 35.86 -72.09
N LEU H 101 -3.59 36.83 -72.61
CA LEU H 101 -3.03 37.70 -73.63
C LEU H 101 -1.88 38.55 -73.08
N LEU H 102 -2.00 38.99 -71.83
CA LEU H 102 -0.90 39.71 -71.19
C LEU H 102 0.31 38.81 -71.01
N LEU H 103 0.09 37.61 -70.47
CA LEU H 103 1.18 36.66 -70.28
C LEU H 103 1.81 36.25 -71.60
N ARG H 104 1.11 36.44 -72.72
CA ARG H 104 1.72 36.23 -74.03
C ARG H 104 2.45 37.46 -74.52
N LEU H 105 1.94 38.66 -74.22
CA LEU H 105 2.57 39.89 -74.66
C LEU H 105 3.85 40.20 -73.91
N LEU H 106 4.01 39.67 -72.69
CA LEU H 106 5.17 40.00 -71.88
C LEU H 106 6.48 39.41 -72.38
N GLN H 107 6.50 38.77 -73.56
CA GLN H 107 7.71 38.10 -74.03
C GLN H 107 8.32 38.73 -75.27
N ALA H 108 7.56 39.51 -76.03
CA ALA H 108 8.00 39.99 -77.34
C ALA H 108 9.32 40.75 -77.27
N PRO H 109 10.38 40.22 -77.88
CA PRO H 109 11.68 40.91 -77.81
C PRO H 109 11.68 42.27 -78.50
N GLU H 110 10.97 42.41 -79.62
CA GLU H 110 10.91 43.70 -80.29
C GLU H 110 10.12 44.71 -79.46
N LEU H 111 9.13 44.25 -78.71
CA LEU H 111 8.36 45.11 -77.82
C LEU H 111 9.19 45.43 -76.57
N GLU H 112 10.11 46.38 -76.74
CA GLU H 112 10.87 46.89 -75.61
C GLU H 112 9.94 47.41 -74.52
N THR H 113 8.79 47.95 -74.90
CA THR H 113 7.84 48.51 -73.93
C THR H 113 6.88 47.43 -73.41
N ARG H 114 7.43 46.52 -72.60
CA ARG H 114 6.58 45.69 -71.75
C ARG H 114 6.00 46.49 -70.59
N VAL H 115 6.43 47.73 -70.42
CA VAL H 115 6.09 48.50 -69.23
C VAL H 115 4.59 48.74 -69.14
N GLN H 116 3.94 49.08 -70.27
CA GLN H 116 2.50 49.28 -70.24
C GLN H 116 1.77 47.98 -69.92
N ALA H 117 2.24 46.86 -70.47
CA ALA H 117 1.63 45.57 -70.19
C ALA H 117 1.72 45.22 -68.71
N ALA H 118 2.89 45.39 -68.10
CA ALA H 118 3.05 45.08 -66.69
C ALA H 118 2.24 46.03 -65.82
N ARG H 119 2.22 47.31 -66.18
CA ARG H 119 1.49 48.29 -65.39
C ARG H 119 -0.01 48.04 -65.48
N LEU H 120 -0.48 47.49 -66.60
CA LEU H 120 -1.88 47.05 -66.68
C LEU H 120 -2.11 45.77 -65.89
N LEU H 121 -1.14 44.84 -65.91
CA LEU H 121 -1.28 43.60 -65.15
C LEU H 121 -1.38 43.88 -63.66
N GLU H 122 -0.77 44.97 -63.20
CA GLU H 122 -0.97 45.43 -61.82
C GLU H 122 -2.45 45.59 -61.49
N GLN H 123 -3.14 46.45 -62.23
CA GLN H 123 -4.43 46.95 -61.76
C GLN H 123 -5.48 45.85 -61.75
N ILE H 124 -5.24 44.75 -62.45
CA ILE H 124 -6.23 43.68 -62.57
C ILE H 124 -5.96 42.57 -61.55
N LEU H 125 -4.97 42.76 -60.69
CA LEU H 125 -4.58 41.72 -59.75
C LEU H 125 -5.53 41.72 -58.55
N VAL H 126 -6.51 40.81 -58.57
CA VAL H 126 -7.37 40.51 -57.44
C VAL H 126 -7.31 38.99 -57.26
N ALA H 127 -7.66 38.52 -56.07
CA ALA H 127 -7.33 37.14 -55.67
C ALA H 127 -7.76 36.11 -56.73
N GLU H 128 -8.92 36.32 -57.35
CA GLU H 128 -9.37 35.42 -58.40
C GLU H 128 -8.44 35.44 -59.61
N ASN H 129 -7.68 36.52 -59.80
CA ASN H 129 -6.63 36.56 -60.81
C ASN H 129 -5.29 36.11 -60.26
N ARG H 130 -5.08 36.33 -58.96
CA ARG H 130 -3.83 35.93 -58.32
C ARG H 130 -3.65 34.42 -58.36
N ASP H 131 -4.71 33.67 -58.08
CA ASP H 131 -4.60 32.21 -58.16
C ASP H 131 -4.29 31.75 -59.58
N ARG H 132 -4.96 32.35 -60.58
CA ARG H 132 -4.73 31.94 -61.96
C ARG H 132 -3.31 32.24 -62.41
N VAL H 133 -2.79 33.42 -62.06
CA VAL H 133 -1.43 33.75 -62.46
C VAL H 133 -0.42 32.92 -61.68
N ALA H 134 -0.71 32.64 -60.41
CA ALA H 134 0.18 31.78 -59.62
C ALA H 134 0.24 30.38 -60.20
N ARG H 135 -0.83 29.94 -60.86
CA ARG H 135 -0.83 28.59 -61.45
C ARG H 135 0.24 28.46 -62.53
N ILE H 136 0.37 29.44 -63.42
CA ILE H 136 1.13 29.22 -64.66
C ILE H 136 2.18 30.28 -64.94
N GLY H 137 2.08 31.52 -64.46
CA GLY H 137 2.95 32.57 -64.94
C GLY H 137 4.16 32.88 -64.08
N LEU H 138 4.48 32.04 -63.10
CA LEU H 138 5.69 32.32 -62.33
C LEU H 138 6.96 32.19 -63.15
N GLY H 139 6.96 31.38 -64.21
CA GLY H 139 8.13 31.31 -65.05
C GLY H 139 8.39 32.65 -65.73
N VAL H 140 7.35 33.20 -66.37
CA VAL H 140 7.53 34.45 -67.10
C VAL H 140 7.79 35.60 -66.15
N ILE H 141 7.11 35.63 -64.99
CA ILE H 141 7.33 36.73 -64.05
C ILE H 141 8.77 36.72 -63.54
N LEU H 142 9.25 35.55 -63.13
CA LEU H 142 10.60 35.48 -62.56
C LEU H 142 11.68 35.67 -63.61
N ASN H 143 11.42 35.27 -64.86
CA ASN H 143 12.36 35.61 -65.93
C ASN H 143 12.32 37.09 -66.27
N LEU H 144 11.16 37.73 -66.17
CA LEU H 144 11.04 39.17 -66.36
C LEU H 144 11.76 39.94 -65.27
N ALA H 145 11.86 39.36 -64.06
CA ALA H 145 12.50 40.06 -62.95
C ALA H 145 13.96 40.40 -63.24
N LYS H 146 14.61 39.67 -64.13
CA LYS H 146 16.03 39.91 -64.41
C LYS H 146 16.27 41.21 -65.17
N GLU H 147 15.24 41.83 -65.74
CA GLU H 147 15.39 43.10 -66.45
C GLU H 147 15.23 44.25 -65.46
N ARG H 148 16.34 44.58 -64.79
CA ARG H 148 16.38 45.61 -63.77
C ARG H 148 16.82 46.97 -64.30
N GLU H 149 17.28 47.04 -65.56
CA GLU H 149 17.75 48.31 -66.10
C GLU H 149 16.65 49.37 -66.15
N PRO H 150 15.48 49.10 -66.71
CA PRO H 150 14.47 50.17 -66.80
C PRO H 150 13.69 50.33 -65.51
N VAL H 151 13.76 51.53 -64.94
CA VAL H 151 13.06 51.82 -63.70
C VAL H 151 11.55 51.75 -63.90
N GLU H 152 11.07 52.13 -65.10
CA GLU H 152 9.64 52.06 -65.36
C GLU H 152 9.15 50.62 -65.34
N LEU H 153 9.92 49.69 -65.90
CA LEU H 153 9.56 48.28 -65.84
C LEU H 153 9.72 47.72 -64.43
N ALA H 154 10.74 48.18 -63.70
CA ALA H 154 10.95 47.71 -62.34
C ALA H 154 9.79 48.12 -61.44
N ARG H 155 9.28 49.35 -61.61
CA ARG H 155 8.18 49.85 -60.80
C ARG H 155 6.95 48.97 -60.89
N SER H 156 6.76 48.24 -61.99
CA SER H 156 5.62 47.35 -62.14
C SER H 156 5.95 45.90 -61.85
N VAL H 157 7.15 45.41 -62.16
CA VAL H 157 7.46 44.03 -61.81
C VAL H 157 7.56 43.88 -60.29
N ALA H 158 8.01 44.94 -59.60
CA ALA H 158 8.01 44.92 -58.14
C ALA H 158 6.60 44.86 -57.59
N GLY H 159 5.66 45.57 -58.21
CA GLY H 159 4.28 45.46 -57.78
C GLY H 159 3.69 44.09 -58.05
N ILE H 160 4.08 43.47 -59.17
CA ILE H 160 3.67 42.10 -59.46
C ILE H 160 4.15 41.18 -58.34
N LEU H 161 5.41 41.31 -57.95
CA LEU H 161 5.95 40.48 -56.86
C LEU H 161 5.23 40.77 -55.55
N GLU H 162 4.95 42.04 -55.27
CA GLU H 162 4.18 42.42 -54.09
C GLU H 162 2.85 41.69 -54.03
N HIS H 163 2.07 41.75 -55.11
CA HIS H 163 0.77 41.10 -55.11
C HIS H 163 0.92 39.59 -55.05
N MET H 164 1.95 39.04 -55.69
CA MET H 164 2.12 37.58 -55.69
C MET H 164 2.44 37.06 -54.30
N PHE H 165 3.27 37.77 -53.55
CA PHE H 165 3.69 37.29 -52.23
C PHE H 165 2.51 37.13 -51.28
N LYS H 166 1.41 37.85 -51.50
CA LYS H 166 0.25 37.71 -50.63
C LYS H 166 -0.41 36.34 -50.78
N HIS H 167 -0.07 35.57 -51.81
CA HIS H 167 -0.68 34.27 -52.01
C HIS H 167 0.01 33.29 -51.06
N SER H 168 -0.23 31.99 -51.22
CA SER H 168 0.07 31.03 -50.17
C SER H 168 1.58 30.73 -50.08
N GLU H 169 1.91 29.87 -49.12
CA GLU H 169 3.31 29.61 -48.79
C GLU H 169 4.03 28.89 -49.92
N GLU H 170 3.32 28.10 -50.73
CA GLU H 170 3.97 27.46 -51.87
C GLU H 170 4.48 28.51 -52.84
N THR H 171 3.65 29.49 -53.15
CA THR H 171 4.07 30.59 -54.03
C THR H 171 5.20 31.38 -53.39
N CYS H 172 5.11 31.63 -52.08
CA CYS H 172 6.18 32.37 -51.41
C CYS H 172 7.52 31.65 -51.51
N GLN H 173 7.54 30.35 -51.21
CA GLN H 173 8.76 29.56 -51.32
C GLN H 173 9.26 29.49 -52.75
N ARG H 174 8.37 29.33 -53.72
CA ARG H 174 8.80 29.29 -55.11
C ARG H 174 9.46 30.60 -55.53
N LEU H 175 8.86 31.73 -55.15
CA LEU H 175 9.46 33.03 -55.46
C LEU H 175 10.83 33.18 -54.79
N VAL H 176 10.91 32.82 -53.50
CA VAL H 176 12.17 32.95 -52.78
C VAL H 176 13.24 32.05 -53.40
N ALA H 177 12.86 30.81 -53.71
CA ALA H 177 13.82 29.86 -54.27
C ALA H 177 14.30 30.30 -55.64
N ALA H 178 13.39 30.83 -56.48
CA ALA H 178 13.78 31.18 -57.83
C ALA H 178 14.58 32.48 -57.88
N GLY H 179 14.26 33.45 -57.04
CA GLY H 179 15.02 34.68 -57.04
C GLY H 179 14.21 35.96 -56.94
N GLY H 180 12.90 35.84 -56.74
CA GLY H 180 12.09 37.03 -56.54
C GLY H 180 12.52 37.82 -55.32
N LEU H 181 12.90 37.12 -54.25
CA LEU H 181 13.40 37.80 -53.06
C LEU H 181 14.67 38.57 -53.35
N ASP H 182 15.60 37.97 -54.10
CA ASP H 182 16.82 38.67 -54.49
C ASP H 182 16.50 39.89 -55.35
N ALA H 183 15.54 39.75 -56.27
CA ALA H 183 15.16 40.88 -57.11
C ALA H 183 14.60 42.02 -56.27
N VAL H 184 13.78 41.71 -55.27
CA VAL H 184 13.22 42.75 -54.41
C VAL H 184 14.32 43.39 -53.57
N LEU H 185 15.23 42.58 -53.02
CA LEU H 185 16.30 43.12 -52.19
C LEU H 185 17.26 43.99 -52.98
N TYR H 186 17.44 43.70 -54.27
CA TYR H 186 18.36 44.48 -55.08
C TYR H 186 17.90 45.92 -55.21
N TRP H 187 16.61 46.14 -55.40
CA TRP H 187 16.06 47.47 -55.69
C TRP H 187 16.02 48.38 -54.48
N CYS H 188 16.54 47.96 -53.32
CA CYS H 188 16.55 48.83 -52.17
C CYS H 188 17.59 49.94 -52.30
N ARG H 189 18.48 49.83 -53.28
CA ARG H 189 19.44 50.90 -53.55
C ARG H 189 18.85 51.98 -54.46
N ARG H 190 17.68 51.75 -55.04
CA ARG H 190 17.05 52.75 -55.88
C ARG H 190 16.36 53.81 -55.02
N THR H 191 15.97 54.91 -55.67
CA THR H 191 15.37 56.04 -54.98
C THR H 191 13.95 56.34 -55.41
N ASP H 192 13.36 55.59 -56.32
CA ASP H 192 12.00 55.86 -56.76
C ASP H 192 11.03 55.63 -55.59
N PRO H 193 10.20 56.61 -55.25
CA PRO H 193 9.28 56.45 -54.12
C PRO H 193 8.37 55.24 -54.25
N ALA H 194 7.66 55.15 -55.38
CA ALA H 194 6.72 54.05 -55.58
C ALA H 194 7.42 52.71 -55.61
N LEU H 195 8.58 52.64 -56.28
CA LEU H 195 9.32 51.38 -56.35
C LEU H 195 9.76 50.93 -54.97
N LEU H 196 10.31 51.84 -54.17
CA LEU H 196 10.74 51.48 -52.83
C LEU H 196 9.57 51.10 -51.94
N ARG H 197 8.44 51.79 -52.07
CA ARG H 197 7.25 51.44 -51.30
C ARG H 197 6.78 50.04 -51.67
N HIS H 198 6.78 49.72 -52.96
CA HIS H 198 6.42 48.37 -53.40
C HIS H 198 7.36 47.33 -52.84
N CYS H 199 8.67 47.62 -52.86
CA CYS H 199 9.65 46.66 -52.34
C CYS H 199 9.44 46.41 -50.86
N ALA H 200 9.24 47.48 -50.08
CA ALA H 200 9.06 47.32 -48.64
C ALA H 200 7.77 46.56 -48.34
N LEU H 201 6.68 46.89 -49.04
CA LEU H 201 5.43 46.19 -48.79
C LEU H 201 5.51 44.73 -49.24
N ALA H 202 6.29 44.44 -50.28
CA ALA H 202 6.49 43.06 -50.71
C ALA H 202 7.27 42.27 -49.68
N LEU H 203 8.32 42.87 -49.11
CA LEU H 203 9.06 42.21 -48.05
C LEU H 203 8.18 41.95 -46.84
N GLY H 204 7.35 42.93 -46.47
CA GLY H 204 6.42 42.71 -45.38
C GLY H 204 5.43 41.60 -45.66
N ASN H 205 4.88 41.56 -46.88
CA ASN H 205 3.96 40.50 -47.24
C ASN H 205 4.63 39.14 -47.20
N CYS H 206 5.87 39.05 -47.70
CA CYS H 206 6.59 37.79 -47.65
C CYS H 206 6.81 37.33 -46.22
N ALA H 207 7.23 38.25 -45.35
CA ALA H 207 7.45 37.89 -43.95
C ALA H 207 6.15 37.43 -43.30
N LEU H 208 5.04 38.11 -43.57
CA LEU H 208 3.77 37.74 -42.96
C LEU H 208 3.28 36.39 -43.44
N HIS H 209 3.37 36.13 -44.74
CA HIS H 209 2.71 34.98 -45.33
C HIS H 209 3.63 33.79 -45.60
N GLY H 210 4.91 33.88 -45.28
CA GLY H 210 5.78 32.72 -45.38
C GLY H 210 5.82 31.91 -44.10
N GLY H 211 6.55 30.81 -44.15
CA GLY H 211 6.76 29.95 -43.02
C GLY H 211 8.09 30.17 -42.35
N GLN H 212 8.45 29.24 -41.48
CA GLN H 212 9.76 29.29 -40.83
C GLN H 212 10.90 29.23 -41.84
N ALA H 213 10.81 28.35 -42.84
CA ALA H 213 11.84 28.26 -43.86
C ALA H 213 11.95 29.57 -44.65
N VAL H 214 10.80 30.17 -44.99
CA VAL H 214 10.82 31.43 -45.72
C VAL H 214 11.50 32.51 -44.90
N GLN H 215 11.14 32.63 -43.62
CA GLN H 215 11.72 33.67 -42.77
C GLN H 215 13.22 33.44 -42.58
N ARG H 216 13.62 32.19 -42.36
CA ARG H 216 15.04 31.90 -42.23
C ARG H 216 15.81 32.22 -43.49
N ARG H 217 15.24 31.92 -44.66
CA ARG H 217 15.90 32.28 -45.92
C ARG H 217 16.01 33.79 -46.07
N MET H 218 14.96 34.54 -45.71
CA MET H 218 15.05 35.99 -45.76
C MET H 218 16.17 36.51 -44.87
N VAL H 219 16.27 35.98 -43.65
CA VAL H 219 17.33 36.44 -42.75
C VAL H 219 18.70 36.06 -43.28
N GLU H 220 18.83 34.88 -43.90
CA GLU H 220 20.09 34.49 -44.52
C GLU H 220 20.47 35.43 -45.65
N LYS H 221 19.49 35.87 -46.44
CA LYS H 221 19.71 36.85 -47.49
C LYS H 221 19.95 38.25 -46.95
N ARG H 222 20.06 38.42 -45.64
CA ARG H 222 20.29 39.71 -44.99
C ARG H 222 19.19 40.72 -45.34
N ALA H 223 17.95 40.22 -45.34
CA ALA H 223 16.81 41.08 -45.63
C ALA H 223 16.48 41.99 -44.45
N ALA H 224 16.70 41.51 -43.23
CA ALA H 224 16.43 42.33 -42.05
C ALA H 224 17.39 43.50 -41.98
N GLU H 225 18.54 43.38 -42.64
CA GLU H 225 19.52 44.47 -42.62
C GLU H 225 19.27 45.46 -43.76
N TRP H 226 18.92 44.95 -44.94
CA TRP H 226 18.64 45.78 -46.10
C TRP H 226 17.37 46.60 -45.95
N LEU H 227 16.65 46.43 -44.85
CA LEU H 227 15.48 47.26 -44.55
C LEU H 227 15.87 48.56 -43.87
N PHE H 228 17.13 48.72 -43.49
CA PHE H 228 17.57 49.95 -42.82
C PHE H 228 17.39 51.20 -43.68
N PRO H 229 17.85 51.26 -44.94
CA PRO H 229 17.63 52.49 -45.71
C PRO H 229 16.17 52.82 -45.91
N LEU H 230 15.30 51.81 -45.98
CA LEU H 230 13.88 52.06 -46.17
C LEU H 230 13.21 52.57 -44.89
N ALA H 231 13.55 52.00 -43.74
CA ALA H 231 12.96 52.46 -42.49
C ALA H 231 13.56 53.79 -42.06
N PHE H 232 14.77 54.11 -42.54
CA PHE H 232 15.43 55.37 -42.22
C PHE H 232 15.36 56.26 -43.46
N SER H 233 14.25 56.97 -43.59
CA SER H 233 14.01 57.85 -44.71
C SER H 233 13.47 59.19 -44.22
N LYS H 234 13.40 60.16 -45.13
CA LYS H 234 12.95 61.49 -44.77
C LYS H 234 11.86 61.96 -45.71
N GLU H 235 11.87 61.47 -46.96
CA GLU H 235 10.92 61.94 -47.96
C GLU H 235 9.49 61.52 -47.63
N ASP H 236 9.28 60.24 -47.30
CA ASP H 236 7.95 59.72 -47.08
C ASP H 236 7.89 58.92 -45.79
N GLU H 237 6.68 58.79 -45.26
CA GLU H 237 6.42 58.14 -43.97
C GLU H 237 5.75 56.79 -44.11
N LEU H 238 4.89 56.61 -45.12
CA LEU H 238 4.27 55.31 -45.35
C LEU H 238 5.33 54.25 -45.61
N LEU H 239 6.40 54.63 -46.33
CA LEU H 239 7.49 53.70 -46.58
C LEU H 239 8.17 53.28 -45.28
N ARG H 240 8.42 54.25 -44.39
CA ARG H 240 9.04 53.94 -43.11
C ARG H 240 8.15 53.03 -42.27
N LEU H 241 6.84 53.31 -42.26
CA LEU H 241 5.92 52.47 -41.51
C LEU H 241 5.90 51.05 -42.05
N HIS H 242 5.90 50.90 -43.38
CA HIS H 242 5.93 49.57 -43.98
C HIS H 242 7.20 48.81 -43.61
N ALA H 243 8.36 49.47 -43.72
CA ALA H 243 9.61 48.82 -43.37
C ALA H 243 9.64 48.43 -41.90
N CYS H 244 9.11 49.30 -41.03
CA CYS H 244 9.07 48.99 -39.60
C CYS H 244 8.17 47.81 -39.32
N LEU H 245 7.00 47.73 -39.96
CA LEU H 245 6.15 46.56 -39.77
C LEU H 245 6.84 45.30 -40.26
N ALA H 246 7.54 45.38 -41.39
CA ALA H 246 8.25 44.21 -41.90
C ALA H 246 9.30 43.71 -40.92
N VAL H 247 10.12 44.62 -40.40
CA VAL H 247 11.17 44.19 -39.46
C VAL H 247 10.55 43.72 -38.15
N ALA H 248 9.44 44.32 -37.72
CA ALA H 248 8.79 43.86 -36.49
C ALA H 248 8.23 42.45 -36.66
N VAL H 249 7.65 42.15 -37.82
CA VAL H 249 7.17 40.80 -38.07
C VAL H 249 8.33 39.82 -38.11
N LEU H 250 9.43 40.21 -38.75
CA LEU H 250 10.62 39.37 -38.73
C LEU H 250 11.18 39.17 -37.33
N ALA H 251 10.95 40.10 -36.41
CA ALA H 251 11.51 40.03 -35.06
C ALA H 251 10.62 39.29 -34.08
N THR H 252 9.55 38.65 -34.55
CA THR H 252 8.66 37.87 -33.69
C THR H 252 8.83 36.38 -33.96
N ASN H 253 9.97 36.01 -34.54
CA ASN H 253 10.38 34.63 -34.73
C ASN H 253 11.67 34.46 -33.94
N LYS H 254 11.57 33.90 -32.74
CA LYS H 254 12.68 33.93 -31.78
C LYS H 254 13.79 32.95 -32.13
N GLU H 255 13.78 32.37 -33.32
CA GLU H 255 14.94 31.66 -33.82
C GLU H 255 15.97 32.60 -34.43
N VAL H 256 15.53 33.77 -34.91
CA VAL H 256 16.42 34.70 -35.62
C VAL H 256 16.35 36.08 -34.98
N GLU H 257 15.88 36.15 -33.73
CA GLU H 257 15.80 37.44 -33.05
C GLU H 257 17.17 38.10 -32.93
N ARG H 258 18.17 37.33 -32.53
CA ARG H 258 19.52 37.88 -32.39
C ARG H 258 20.09 38.31 -33.74
N GLU H 259 19.85 37.51 -34.78
CA GLU H 259 20.36 37.85 -36.10
C GLU H 259 19.70 39.13 -36.62
N VAL H 260 18.41 39.32 -36.33
CA VAL H 260 17.73 40.54 -36.74
C VAL H 260 18.25 41.73 -35.94
N GLU H 261 18.40 41.56 -34.62
CA GLU H 261 18.86 42.66 -33.78
C GLU H 261 20.28 43.09 -34.13
N ARG H 262 21.12 42.16 -34.62
CA ARG H 262 22.48 42.50 -34.99
C ARG H 262 22.55 43.56 -36.09
N SER H 263 21.52 43.67 -36.92
CA SER H 263 21.49 44.67 -37.98
C SER H 263 21.17 46.07 -37.47
N GLY H 264 20.59 46.19 -36.29
CA GLY H 264 20.29 47.48 -35.71
C GLY H 264 19.03 48.14 -36.20
N THR H 265 18.25 47.48 -37.05
CA THR H 265 17.03 48.08 -37.58
C THR H 265 15.95 48.22 -36.52
N LEU H 266 15.93 47.36 -35.50
CA LEU H 266 14.86 47.40 -34.51
C LEU H 266 14.92 48.64 -33.63
N ALA H 267 16.04 49.36 -33.64
CA ALA H 267 16.16 50.55 -32.80
C ALA H 267 15.39 51.74 -33.36
N LEU H 268 14.90 51.64 -34.59
CA LEU H 268 14.26 52.76 -35.27
C LEU H 268 12.74 52.69 -35.25
N VAL H 269 12.15 51.75 -34.50
CA VAL H 269 10.71 51.54 -34.58
C VAL H 269 9.96 52.43 -33.59
N GLU H 270 10.37 52.40 -32.32
CA GLU H 270 9.69 53.19 -31.29
C GLU H 270 9.75 54.69 -31.55
N PRO H 271 10.88 55.29 -31.95
CA PRO H 271 10.85 56.73 -32.26
C PRO H 271 9.84 57.07 -33.34
N LEU H 272 9.74 56.26 -34.39
CA LEU H 272 8.78 56.53 -35.45
C LEU H 272 7.34 56.38 -34.95
N VAL H 273 7.11 55.35 -34.14
CA VAL H 273 5.75 55.13 -33.62
C VAL H 273 5.34 56.28 -32.71
N ALA H 274 6.28 56.82 -31.93
CA ALA H 274 5.96 57.96 -31.09
C ALA H 274 5.77 59.22 -31.91
N SER H 275 6.53 59.37 -33.00
CA SER H 275 6.46 60.56 -33.83
C SER H 275 5.16 60.64 -34.62
N LEU H 276 4.72 59.56 -35.26
CA LEU H 276 3.53 59.59 -36.10
C LEU H 276 2.27 59.69 -35.26
N ASP H 277 1.16 59.96 -35.93
CA ASP H 277 -0.14 60.17 -35.30
C ASP H 277 -1.17 59.35 -36.07
N PRO H 278 -1.79 58.35 -35.44
CA PRO H 278 -2.73 57.49 -36.17
C PRO H 278 -4.12 58.08 -36.36
N GLY H 279 -4.41 59.25 -35.77
CA GLY H 279 -5.74 59.82 -35.92
C GLY H 279 -6.07 60.19 -37.35
N ARG H 280 -5.11 60.74 -38.07
CA ARG H 280 -5.31 61.11 -39.47
C ARG H 280 -4.41 60.36 -40.45
N PHE H 281 -3.52 59.50 -39.99
CA PHE H 281 -2.61 58.82 -40.91
C PHE H 281 -3.20 57.53 -41.46
N ALA H 282 -4.43 57.18 -41.05
CA ALA H 282 -5.03 55.91 -41.45
C ALA H 282 -5.24 55.83 -42.96
N ARG H 283 -5.53 56.95 -43.61
CA ARG H 283 -5.81 56.96 -45.04
C ARG H 283 -4.60 56.54 -45.85
N ARG H 295 -7.97 46.73 -44.28
CA ARG H 295 -7.53 45.36 -44.07
C ARG H 295 -8.71 44.45 -43.73
N GLY H 296 -8.56 43.16 -44.03
CA GLY H 296 -9.60 42.20 -43.79
C GLY H 296 -9.49 41.53 -42.44
N PRO H 297 -10.56 40.83 -42.07
CA PRO H 297 -10.51 40.07 -40.81
C PRO H 297 -9.46 38.98 -40.81
N ASP H 298 -9.13 38.42 -41.98
CA ASP H 298 -8.05 37.46 -42.06
C ASP H 298 -6.69 38.15 -41.96
N ASP H 299 -6.63 39.42 -42.33
CA ASP H 299 -5.38 40.17 -42.24
C ASP H 299 -5.10 40.62 -40.82
N LEU H 300 -6.13 41.00 -40.07
CA LEU H 300 -5.93 41.41 -38.69
C LEU H 300 -5.48 40.25 -37.81
N GLN H 301 -5.79 39.02 -38.23
CA GLN H 301 -5.31 37.84 -37.52
C GLN H 301 -3.80 37.70 -37.62
N ARG H 302 -3.17 38.33 -38.60
CA ARG H 302 -1.72 38.37 -38.69
C ARG H 302 -1.11 39.56 -37.97
N LEU H 303 -1.94 40.44 -37.41
CA LEU H 303 -1.46 41.55 -36.59
C LEU H 303 -1.64 41.30 -35.11
N VAL H 304 -2.64 40.49 -34.74
CA VAL H 304 -2.82 40.15 -33.32
C VAL H 304 -1.59 39.50 -32.70
N PRO H 305 -0.87 38.58 -33.37
CA PRO H 305 0.35 38.04 -32.75
C PRO H 305 1.39 39.09 -32.40
N LEU H 306 1.46 40.19 -33.14
CA LEU H 306 2.38 41.26 -32.76
C LEU H 306 2.01 41.83 -31.40
N LEU H 307 0.71 41.97 -31.14
CA LEU H 307 0.26 42.36 -29.81
C LEU H 307 0.64 41.29 -28.78
N ASP H 308 0.43 40.02 -29.13
CA ASP H 308 0.76 38.92 -28.22
C ASP H 308 2.22 38.50 -28.41
N SER H 309 3.12 39.40 -28.05
CA SER H 309 4.54 39.17 -28.20
C SER H 309 5.29 39.80 -27.03
N ASN H 310 6.55 39.42 -26.88
CA ASN H 310 7.41 39.99 -25.85
C ASN H 310 8.35 41.06 -26.39
N ARG H 311 8.22 41.44 -27.67
CA ARG H 311 9.06 42.47 -28.25
C ARG H 311 8.35 43.81 -28.16
N LEU H 312 9.05 44.81 -27.62
CA LEU H 312 8.47 46.14 -27.46
C LEU H 312 8.16 46.75 -28.81
N GLU H 313 9.06 46.60 -29.77
CA GLU H 313 8.83 47.14 -31.12
C GLU H 313 7.62 46.50 -31.76
N ALA H 314 7.50 45.17 -31.65
CA ALA H 314 6.36 44.47 -32.21
C ALA H 314 5.06 44.94 -31.55
N GLN H 315 5.06 45.10 -30.23
CA GLN H 315 3.86 45.56 -29.55
C GLN H 315 3.47 46.97 -30.01
N CYS H 316 4.46 47.86 -30.14
CA CYS H 316 4.15 49.23 -30.57
C CYS H 316 3.58 49.25 -31.99
N ILE H 317 4.20 48.50 -32.90
CA ILE H 317 3.73 48.47 -34.28
C ILE H 317 2.32 47.89 -34.34
N GLY H 318 2.09 46.80 -33.62
CA GLY H 318 0.76 46.19 -33.61
C GLY H 318 -0.29 47.13 -33.06
N ALA H 319 0.02 47.83 -31.97
CA ALA H 319 -0.93 48.80 -31.42
C ALA H 319 -1.21 49.92 -32.40
N PHE H 320 -0.18 50.45 -33.06
CA PHE H 320 -0.37 51.53 -34.02
C PHE H 320 -1.31 51.09 -35.15
N TYR H 321 -1.00 49.97 -35.78
CA TYR H 321 -1.82 49.51 -36.90
C TYR H 321 -3.23 49.17 -36.43
N LEU H 322 -3.36 48.56 -35.26
CA LEU H 322 -4.68 48.14 -34.80
C LEU H 322 -5.55 49.35 -34.45
N CYS H 323 -4.96 50.40 -33.89
CA CYS H 323 -5.75 51.59 -33.57
C CYS H 323 -6.11 52.36 -34.84
N ALA H 324 -5.22 52.38 -35.83
CA ALA H 324 -5.57 53.00 -37.10
C ALA H 324 -6.74 52.26 -37.76
N GLU H 325 -6.68 50.93 -37.76
CA GLU H 325 -7.79 50.15 -38.29
C GLU H 325 -9.06 50.37 -37.50
N ALA H 326 -8.93 50.48 -36.17
CA ALA H 326 -10.10 50.75 -35.34
C ALA H 326 -10.75 52.07 -35.70
N ALA H 327 -9.93 53.11 -35.91
CA ALA H 327 -10.46 54.41 -36.31
C ALA H 327 -11.20 54.31 -37.63
N ILE H 328 -10.55 53.74 -38.65
CA ILE H 328 -11.14 53.73 -39.99
C ILE H 328 -12.39 52.86 -40.01
N LYS H 329 -12.40 51.77 -39.25
CA LYS H 329 -13.55 50.87 -39.24
C LYS H 329 -14.72 51.48 -38.47
N SER H 330 -14.43 52.11 -37.32
CA SER H 330 -15.49 52.75 -36.54
C SER H 330 -16.11 53.88 -37.33
N LEU H 331 -15.30 54.64 -38.06
CA LEU H 331 -15.86 55.65 -38.96
C LEU H 331 -16.70 55.00 -40.05
N GLN H 332 -16.22 53.88 -40.61
CA GLN H 332 -16.90 53.21 -41.71
C GLN H 332 -17.79 52.09 -41.15
N GLY H 333 -18.77 52.48 -40.36
CA GLY H 333 -19.74 51.54 -39.85
C GLY H 333 -19.34 50.90 -38.53
N LYS H 334 -20.02 49.79 -38.22
CA LYS H 334 -19.79 49.06 -36.99
C LYS H 334 -19.76 47.57 -37.28
N THR H 335 -18.90 46.85 -36.56
CA THR H 335 -18.74 45.41 -36.72
C THR H 335 -18.08 44.84 -35.47
N LYS H 336 -18.48 43.64 -35.09
CA LYS H 336 -17.94 42.96 -33.92
C LYS H 336 -16.78 42.04 -34.25
N VAL H 337 -16.02 42.35 -35.31
CA VAL H 337 -14.93 41.49 -35.73
C VAL H 337 -13.80 41.48 -34.70
N PHE H 338 -13.61 42.57 -33.99
CA PHE H 338 -12.52 42.64 -33.02
C PHE H 338 -12.76 41.72 -31.83
N SER H 339 -13.99 41.62 -31.34
CA SER H 339 -14.27 40.71 -30.24
C SER H 339 -14.10 39.25 -30.67
N ASP H 340 -14.40 38.95 -31.92
CA ASP H 340 -14.16 37.60 -32.44
C ASP H 340 -12.66 37.33 -32.58
N ILE H 341 -11.90 38.33 -33.02
CA ILE H 341 -10.47 38.12 -33.25
C ILE H 341 -9.70 38.14 -31.94
N GLY H 342 -10.31 38.64 -30.88
CA GLY H 342 -9.68 38.62 -29.57
C GLY H 342 -8.66 39.72 -29.33
N ALA H 343 -8.76 40.84 -30.03
CA ALA H 343 -7.81 41.93 -29.81
C ALA H 343 -8.16 42.73 -28.56
N ILE H 344 -9.40 42.63 -28.08
CA ILE H 344 -9.81 43.42 -26.91
C ILE H 344 -9.02 43.01 -25.68
N GLN H 345 -8.98 41.70 -25.39
CA GLN H 345 -8.25 41.24 -24.22
C GLN H 345 -6.76 41.47 -24.37
N SER H 346 -6.23 41.34 -25.59
CA SER H 346 -4.82 41.64 -25.81
C SER H 346 -4.52 43.11 -25.51
N LEU H 347 -5.36 44.02 -25.99
CA LEU H 347 -5.15 45.44 -25.71
C LEU H 347 -5.28 45.74 -24.23
N LYS H 348 -6.20 45.05 -23.54
CA LYS H 348 -6.29 45.19 -22.09
C LYS H 348 -5.04 44.70 -21.38
N ARG H 349 -4.45 43.61 -21.84
CA ARG H 349 -3.19 43.13 -21.28
C ARG H 349 -2.01 44.02 -21.59
N LEU H 350 -2.02 44.73 -22.72
CA LEU H 350 -0.98 45.73 -22.97
C LEU H 350 -1.20 47.05 -22.26
N VAL H 351 -2.42 47.36 -21.84
CA VAL H 351 -2.65 48.59 -21.09
C VAL H 351 -2.44 48.40 -19.59
N SER H 352 -2.54 47.17 -19.10
CA SER H 352 -2.43 46.92 -17.66
C SER H 352 -0.99 46.79 -17.18
N TYR H 353 -0.22 45.92 -17.82
CA TYR H 353 1.16 45.70 -17.39
C TYR H 353 2.13 46.56 -18.19
N SER H 354 1.61 47.53 -18.93
CA SER H 354 2.45 48.37 -19.76
C SER H 354 3.48 49.15 -18.98
N THR H 355 4.64 49.38 -19.58
CA THR H 355 5.66 50.17 -18.93
C THR H 355 6.08 51.34 -19.82
N ASN H 356 5.56 51.38 -21.05
CA ASN H 356 5.87 52.48 -21.96
C ASN H 356 4.62 53.29 -22.28
N GLY H 357 4.74 54.61 -22.22
CA GLY H 357 3.60 55.47 -22.50
C GLY H 357 3.12 55.33 -23.92
N THR H 358 4.03 55.38 -24.88
CA THR H 358 3.67 55.23 -26.28
C THR H 358 2.72 54.05 -26.41
N LYS H 359 3.14 52.90 -25.93
CA LYS H 359 2.32 51.71 -26.02
C LYS H 359 1.02 51.87 -25.24
N SER H 360 1.10 52.44 -24.03
CA SER H 360 -0.11 52.67 -23.24
C SER H 360 -1.06 53.62 -23.95
N ALA H 361 -0.52 54.69 -24.54
CA ALA H 361 -1.37 55.66 -25.24
C ALA H 361 -2.05 55.03 -26.44
N LEU H 362 -1.31 54.25 -27.23
CA LEU H 362 -1.91 53.61 -28.40
C LEU H 362 -2.99 52.61 -27.99
N ALA H 363 -2.72 51.80 -26.97
CA ALA H 363 -3.72 50.84 -26.52
C ALA H 363 -4.96 51.55 -26.00
N LYS H 364 -4.76 52.62 -25.21
CA LYS H 364 -5.90 53.36 -24.68
C LYS H 364 -6.71 54.00 -25.80
N ARG H 365 -6.03 54.57 -26.79
CA ARG H 365 -6.76 55.17 -27.92
C ARG H 365 -7.56 54.13 -28.67
N ALA H 366 -6.98 52.95 -28.92
CA ALA H 366 -7.71 51.90 -29.61
C ALA H 366 -8.93 51.46 -28.81
N LEU H 367 -8.77 51.29 -27.48
CA LEU H 367 -9.90 50.87 -26.66
C LEU H 367 -11.01 51.91 -26.64
N ARG H 368 -10.65 53.19 -26.54
CA ARG H 368 -11.67 54.23 -26.55
C ARG H 368 -12.37 54.30 -27.90
N LEU H 369 -11.61 54.17 -28.99
CA LEU H 369 -12.21 54.23 -30.32
C LEU H 369 -13.15 53.06 -30.56
N LEU H 370 -12.82 51.88 -30.04
CA LEU H 370 -13.80 50.79 -30.14
C LEU H 370 -14.91 50.90 -29.12
N GLY H 371 -14.86 51.89 -28.23
CA GLY H 371 -15.92 52.08 -27.26
C GLY H 371 -15.92 51.02 -26.17
N GLU H 372 -14.83 50.94 -25.43
CA GLU H 372 -14.72 50.00 -24.33
C GLU H 372 -14.00 50.70 -23.17
N GLU H 373 -14.33 50.26 -21.96
CA GLU H 373 -13.70 50.83 -20.77
C GLU H 373 -12.21 50.53 -20.78
N VAL H 374 -11.43 51.49 -20.29
CA VAL H 374 -9.96 51.37 -20.27
C VAL H 374 -9.55 50.94 -18.86
N PRO H 375 -9.05 49.73 -18.68
CA PRO H 375 -8.54 49.33 -17.36
C PRO H 375 -7.37 50.19 -16.93
N ARG H 376 -7.34 50.51 -15.64
CA ARG H 376 -6.26 51.27 -15.02
C ARG H 376 -5.04 50.38 -14.81
N PRO H 377 -3.83 50.92 -14.93
CA PRO H 377 -2.63 50.11 -14.63
C PRO H 377 -2.62 49.69 -13.17
N ILE H 378 -2.11 48.48 -12.93
CA ILE H 378 -2.10 47.90 -11.59
C ILE H 378 -0.73 48.10 -10.98
N LEU H 379 -0.71 48.24 -9.65
CA LEU H 379 0.52 48.51 -8.93
C LEU H 379 1.47 47.32 -9.02
N PRO H 380 2.77 47.57 -9.21
CA PRO H 380 3.73 46.46 -9.31
C PRO H 380 3.98 45.78 -7.97
N SER H 381 3.85 46.52 -6.87
CA SER H 381 4.14 45.98 -5.54
C SER H 381 2.97 45.10 -5.12
N VAL H 382 3.00 43.84 -5.55
CA VAL H 382 1.91 42.90 -5.34
C VAL H 382 1.86 42.35 -3.92
N PRO H 383 2.98 42.04 -3.27
CA PRO H 383 2.89 41.50 -1.90
C PRO H 383 2.19 42.42 -0.92
N SER H 384 2.12 43.72 -1.20
CA SER H 384 1.46 44.67 -0.33
C SER H 384 0.02 44.96 -0.75
N TRP H 385 -0.55 44.14 -1.63
CA TRP H 385 -1.91 44.37 -2.11
C TRP H 385 -2.92 44.12 -1.00
N LYS H 386 -4.16 44.55 -1.26
CA LYS H 386 -5.28 44.33 -0.38
C LYS H 386 -6.46 43.78 -1.18
N GLU H 387 -7.62 43.70 -0.53
CA GLU H 387 -8.80 43.14 -1.17
C GLU H 387 -9.23 43.94 -2.38
N ALA H 388 -9.18 45.28 -2.29
CA ALA H 388 -9.58 46.11 -3.41
C ALA H 388 -8.69 45.88 -4.62
N GLU H 389 -7.37 45.82 -4.41
CA GLU H 389 -6.46 45.58 -5.52
C GLU H 389 -6.68 44.20 -6.13
N VAL H 390 -6.91 43.19 -5.27
CA VAL H 390 -7.15 41.85 -5.79
C VAL H 390 -8.42 41.83 -6.63
N GLN H 391 -9.48 42.50 -6.17
CA GLN H 391 -10.73 42.53 -6.91
C GLN H 391 -10.56 43.23 -8.26
N THR H 392 -9.84 44.36 -8.28
CA THR H 392 -9.63 45.04 -9.54
C THR H 392 -8.83 44.18 -10.51
N TRP H 393 -7.78 43.51 -10.01
CA TRP H 393 -7.00 42.64 -10.88
C TRP H 393 -7.85 41.50 -11.44
N LEU H 394 -8.72 40.92 -10.61
CA LEU H 394 -9.61 39.88 -11.09
C LEU H 394 -10.54 40.41 -12.17
N GLN H 395 -11.10 41.60 -11.97
CA GLN H 395 -12.00 42.16 -12.97
C GLN H 395 -11.29 42.49 -14.26
N GLN H 396 -9.99 42.79 -14.21
CA GLN H 396 -9.25 43.18 -15.40
C GLN H 396 -8.86 42.02 -16.29
N ILE H 397 -8.92 40.78 -15.81
CA ILE H 397 -8.41 39.64 -16.57
C ILE H 397 -9.54 38.70 -16.96
N GLY H 398 -10.78 39.10 -16.72
CA GLY H 398 -11.91 38.31 -17.15
C GLY H 398 -12.32 37.20 -16.22
N PHE H 399 -11.96 37.28 -14.96
CA PHE H 399 -12.38 36.30 -13.95
C PHE H 399 -13.38 36.92 -12.99
N SER H 400 -14.29 37.75 -13.53
CA SER H 400 -15.29 38.43 -12.70
C SER H 400 -16.26 37.47 -12.05
N LYS H 401 -16.45 36.28 -12.60
CA LYS H 401 -17.34 35.31 -11.97
C LYS H 401 -16.84 34.85 -10.61
N TYR H 402 -15.54 34.61 -10.49
CA TYR H 402 -14.93 34.23 -9.21
C TYR H 402 -14.46 35.45 -8.44
N CYS H 403 -15.35 36.42 -8.24
CA CYS H 403 -15.03 37.64 -7.51
C CYS H 403 -15.66 37.67 -6.12
N GLU H 404 -16.92 37.23 -6.02
CA GLU H 404 -17.56 37.14 -4.71
C GLU H 404 -16.90 36.11 -3.83
N SER H 405 -16.43 35.01 -4.39
CA SER H 405 -15.71 34.01 -3.59
C SER H 405 -14.43 34.60 -3.02
N PHE H 406 -13.67 35.32 -3.86
CA PHE H 406 -12.44 35.94 -3.38
C PHE H 406 -12.73 36.98 -2.32
N ARG H 407 -13.79 37.78 -2.51
CA ARG H 407 -14.15 38.78 -1.51
C ARG H 407 -14.56 38.13 -0.19
N GLU H 408 -15.33 37.04 -0.26
CA GLU H 408 -15.82 36.39 0.94
C GLU H 408 -14.68 35.72 1.71
N GLN H 409 -13.72 35.14 1.00
CA GLN H 409 -12.57 34.52 1.64
C GLN H 409 -11.47 35.53 1.99
N GLN H 410 -11.60 36.77 1.55
CA GLN H 410 -10.67 37.85 1.91
C GLN H 410 -9.24 37.51 1.48
N VAL H 411 -9.06 37.38 0.17
CA VAL H 411 -7.75 37.07 -0.40
C VAL H 411 -7.03 38.38 -0.68
N ASP H 412 -5.90 38.59 -0.01
CA ASP H 412 -5.01 39.71 -0.25
C ASP H 412 -3.82 39.25 -1.08
N GLY H 413 -2.83 40.13 -1.23
CA GLY H 413 -1.69 39.81 -2.07
C GLY H 413 -0.90 38.61 -1.58
N ASP H 414 -0.66 38.53 -0.28
CA ASP H 414 0.12 37.43 0.27
C ASP H 414 -0.56 36.09 0.01
N LEU H 415 -1.87 36.02 0.23
CA LEU H 415 -2.59 34.78 -0.02
C LEU H 415 -2.67 34.49 -1.51
N LEU H 416 -2.76 35.54 -2.33
CA LEU H 416 -2.85 35.35 -3.77
C LEU H 416 -1.57 34.74 -4.33
N LEU H 417 -0.41 35.24 -3.90
CA LEU H 417 0.85 34.72 -4.42
C LEU H 417 1.16 33.31 -3.94
N ARG H 418 0.42 32.79 -2.97
CA ARG H 418 0.53 31.39 -2.54
C ARG H 418 -0.87 30.81 -2.58
N LEU H 419 -1.29 30.37 -3.77
CA LEU H 419 -2.62 29.80 -3.97
C LEU H 419 -2.42 28.46 -4.66
N THR H 420 -2.99 27.40 -4.09
CA THR H 420 -2.74 26.06 -4.58
C THR H 420 -3.95 25.52 -5.33
N GLU H 421 -3.73 24.40 -6.02
CA GLU H 421 -4.79 23.74 -6.78
C GLU H 421 -5.94 23.29 -5.89
N GLU H 422 -5.64 22.70 -4.74
CA GLU H 422 -6.69 22.27 -3.82
C GLU H 422 -7.50 23.45 -3.30
N GLU H 423 -6.83 24.56 -2.97
CA GLU H 423 -7.55 25.74 -2.50
C GLU H 423 -8.45 26.29 -3.59
N LEU H 424 -7.95 26.39 -4.82
CA LEU H 424 -8.79 26.85 -5.93
C LEU H 424 -9.99 25.93 -6.12
N GLN H 425 -9.77 24.63 -6.07
CA GLN H 425 -10.83 23.68 -6.37
C GLN H 425 -11.90 23.67 -5.28
N THR H 426 -11.48 23.75 -4.01
CA THR H 426 -12.42 23.54 -2.92
C THR H 426 -12.97 24.83 -2.33
N ASP H 427 -12.12 25.82 -2.06
CA ASP H 427 -12.52 26.99 -1.29
C ASP H 427 -13.05 28.12 -2.15
N LEU H 428 -12.51 28.33 -3.35
CA LEU H 428 -12.96 29.42 -4.20
C LEU H 428 -13.93 28.97 -5.29
N GLY H 429 -13.98 27.68 -5.60
CA GLY H 429 -15.02 27.15 -6.46
C GLY H 429 -14.67 26.92 -7.91
N MET H 430 -13.38 26.91 -8.27
CA MET H 430 -12.98 26.65 -9.64
C MET H 430 -12.99 25.14 -9.88
N LYS H 431 -14.19 24.60 -10.12
CA LYS H 431 -14.33 23.17 -10.33
C LYS H 431 -13.65 22.70 -11.61
N SER H 432 -13.74 23.50 -12.67
CA SER H 432 -13.24 23.09 -13.98
C SER H 432 -11.72 22.92 -13.94
N GLY H 433 -11.23 21.90 -14.64
CA GLY H 433 -9.81 21.60 -14.64
C GLY H 433 -8.96 22.50 -15.50
N ILE H 434 -9.54 23.15 -16.51
CA ILE H 434 -8.78 24.04 -17.37
C ILE H 434 -9.02 25.51 -17.05
N THR H 435 -10.12 25.84 -16.38
CA THR H 435 -10.28 27.19 -15.84
C THR H 435 -9.17 27.49 -14.84
N ARG H 436 -8.79 26.51 -14.03
CA ARG H 436 -7.65 26.68 -13.15
C ARG H 436 -6.35 26.84 -13.92
N LYS H 437 -6.22 26.19 -15.08
CA LYS H 437 -5.03 26.42 -15.90
C LYS H 437 -4.98 27.85 -16.43
N ARG H 438 -6.13 28.39 -16.86
CA ARG H 438 -6.17 29.79 -17.27
C ARG H 438 -5.81 30.70 -16.11
N PHE H 439 -6.36 30.43 -14.92
CA PHE H 439 -6.06 31.27 -13.77
C PHE H 439 -4.59 31.22 -13.42
N PHE H 440 -3.97 30.04 -13.48
CA PHE H 440 -2.56 29.95 -13.16
C PHE H 440 -1.69 30.57 -14.23
N ARG H 441 -2.15 30.60 -15.48
CA ARG H 441 -1.45 31.37 -16.50
C ARG H 441 -1.45 32.85 -16.16
N GLU H 442 -2.61 33.37 -15.77
CA GLU H 442 -2.69 34.77 -15.37
C GLU H 442 -1.83 35.06 -14.15
N LEU H 443 -1.85 34.16 -13.17
CA LEU H 443 -1.06 34.34 -11.96
C LEU H 443 0.43 34.27 -12.26
N THR H 444 0.83 33.40 -13.19
CA THR H 444 2.24 33.35 -13.58
C THR H 444 2.67 34.65 -14.22
N GLU H 445 1.83 35.22 -15.09
CA GLU H 445 2.15 36.52 -15.68
C GLU H 445 2.28 37.58 -14.60
N LEU H 446 1.35 37.58 -13.63
CA LEU H 446 1.43 38.56 -12.54
C LEU H 446 2.72 38.39 -11.73
N LYS H 447 3.07 37.16 -11.40
CA LYS H 447 4.28 36.91 -10.62
C LYS H 447 5.52 37.36 -11.37
N THR H 448 5.56 37.11 -12.68
CA THR H 448 6.69 37.60 -13.48
C THR H 448 6.76 39.12 -13.48
N PHE H 449 5.62 39.80 -13.56
CA PHE H 449 5.59 41.26 -13.57
C PHE H 449 5.83 41.89 -12.21
N ALA H 450 5.64 41.15 -11.11
CA ALA H 450 5.54 41.74 -9.79
C ALA H 450 6.85 42.40 -9.36
N ASN H 451 6.82 43.03 -8.19
CA ASN H 451 7.91 43.84 -7.67
C ASN H 451 8.23 43.39 -6.25
N TYR H 452 9.21 42.50 -6.11
CA TYR H 452 9.60 41.98 -4.80
C TYR H 452 10.78 42.77 -4.25
N SER H 453 10.47 43.92 -3.65
CA SER H 453 11.45 44.68 -2.90
C SER H 453 11.15 44.71 -1.41
N THR H 454 9.86 44.61 -1.05
CA THR H 454 9.44 44.57 0.34
C THR H 454 9.96 43.34 1.08
N CYS H 455 9.97 42.18 0.44
CA CYS H 455 10.34 40.92 1.08
C CYS H 455 11.69 40.38 0.66
N ASP H 456 12.14 40.68 -0.55
CA ASP H 456 13.38 40.15 -1.08
C ASP H 456 14.57 40.99 -0.62
N ARG H 457 15.53 40.33 0.01
CA ARG H 457 16.66 41.01 0.63
C ARG H 457 17.95 40.86 -0.15
N SER H 458 18.20 39.71 -0.77
CA SER H 458 19.44 39.45 -1.47
C SER H 458 19.32 39.60 -2.99
N ASN H 459 18.22 40.17 -3.47
CA ASN H 459 17.96 40.34 -4.89
C ASN H 459 17.99 38.99 -5.61
N LEU H 460 17.16 38.07 -5.12
CA LEU H 460 17.08 36.73 -5.68
C LEU H 460 16.29 36.69 -6.99
N ALA H 461 15.40 37.65 -7.21
CA ALA H 461 14.64 37.69 -8.46
C ALA H 461 15.58 37.90 -9.64
N ASP H 462 16.58 38.78 -9.49
CA ASP H 462 17.54 38.98 -10.56
C ASP H 462 18.35 37.72 -10.82
N TRP H 463 18.72 36.99 -9.76
CA TRP H 463 19.45 35.75 -9.94
C TRP H 463 18.62 34.74 -10.73
N LEU H 464 17.33 34.62 -10.40
CA LEU H 464 16.47 33.70 -11.15
C LEU H 464 16.30 34.15 -12.60
N GLY H 465 16.08 35.45 -12.81
CA GLY H 465 15.93 35.97 -14.16
C GLY H 465 17.16 35.80 -15.02
N SER H 466 18.35 35.86 -14.42
CA SER H 466 19.57 35.59 -15.17
C SER H 466 19.58 34.16 -15.69
N LEU H 467 19.13 33.20 -14.88
CA LEU H 467 18.98 31.84 -15.35
C LEU H 467 17.97 31.78 -16.50
N ASP H 468 16.77 32.32 -16.28
CA ASP H 468 15.72 32.21 -17.27
C ASP H 468 14.62 33.21 -16.94
N PRO H 469 14.17 34.02 -17.90
CA PRO H 469 13.11 35.00 -17.60
C PRO H 469 11.82 34.37 -17.10
N ARG H 470 11.65 33.07 -17.32
CA ARG H 470 10.48 32.35 -16.80
C ARG H 470 10.72 31.76 -15.42
N PHE H 471 11.90 31.96 -14.85
CA PHE H 471 12.18 31.52 -13.48
C PHE H 471 11.86 32.59 -12.44
N ARG H 472 11.49 33.79 -12.88
CA ARG H 472 11.28 34.89 -11.95
C ARG H 472 10.02 34.74 -11.11
N GLN H 473 9.11 33.86 -11.50
CA GLN H 473 7.87 33.65 -10.76
C GLN H 473 8.08 32.94 -9.43
N TYR H 474 9.23 32.32 -9.21
CA TYR H 474 9.50 31.53 -8.02
C TYR H 474 10.06 32.35 -6.88
N THR H 475 10.18 33.67 -7.06
CA THR H 475 10.85 34.50 -6.05
C THR H 475 10.10 34.48 -4.72
N TYR H 476 8.78 34.70 -4.76
CA TYR H 476 8.02 34.74 -3.53
C TYR H 476 8.02 33.39 -2.82
N GLY H 477 7.88 32.31 -3.59
CA GLY H 477 7.95 30.99 -3.01
C GLY H 477 9.29 30.71 -2.36
N LEU H 478 10.38 31.16 -2.98
CA LEU H 478 11.71 30.92 -2.41
C LEU H 478 11.95 31.77 -1.17
N VAL H 479 11.43 33.00 -1.13
CA VAL H 479 11.73 33.89 -0.02
C VAL H 479 10.78 33.68 1.15
N SER H 480 9.59 33.12 0.91
CA SER H 480 8.70 32.80 2.03
C SER H 480 9.25 31.66 2.87
N CYS H 481 10.19 30.89 2.34
CA CYS H 481 10.85 29.83 3.09
C CYS H 481 12.15 30.30 3.74
N GLY H 482 12.44 31.60 3.68
CA GLY H 482 13.66 32.13 4.25
C GLY H 482 14.92 31.68 3.54
N LEU H 483 14.94 31.82 2.22
CA LEU H 483 16.10 31.47 1.42
C LEU H 483 16.65 32.73 0.77
N ASP H 484 17.94 32.68 0.42
CA ASP H 484 18.60 33.81 -0.22
C ASP H 484 19.83 33.27 -0.94
N ARG H 485 20.67 34.20 -1.44
CA ARG H 485 21.84 33.80 -2.22
C ARG H 485 22.83 33.01 -1.38
N SER H 486 22.97 33.35 -0.10
CA SER H 486 23.94 32.67 0.76
C SER H 486 23.47 31.31 1.22
N LEU H 487 22.23 30.93 0.96
CA LEU H 487 21.66 29.68 1.44
C LEU H 487 21.26 28.72 0.36
N LEU H 488 21.31 29.12 -0.92
CA LEU H 488 20.87 28.26 -2.01
C LEU H 488 21.78 27.06 -2.23
N HIS H 489 23.05 27.14 -1.88
CA HIS H 489 23.98 26.04 -2.10
C HIS H 489 23.76 24.88 -1.14
N ARG H 490 22.68 24.91 -0.35
CA ARG H 490 22.37 23.82 0.57
C ARG H 490 20.95 23.32 0.45
N VAL H 491 20.16 23.86 -0.46
CA VAL H 491 18.77 23.43 -0.64
C VAL H 491 18.74 22.11 -1.37
N SER H 492 17.68 21.34 -1.16
CA SER H 492 17.54 20.00 -1.70
C SER H 492 16.44 19.95 -2.75
N GLU H 493 16.39 18.82 -3.47
CA GLU H 493 15.34 18.62 -4.46
C GLU H 493 13.97 18.52 -3.81
N GLN H 494 13.88 17.82 -2.69
CA GLN H 494 12.59 17.66 -2.00
C GLN H 494 12.09 19.00 -1.48
N GLN H 495 13.00 19.83 -0.96
CA GLN H 495 12.60 21.11 -0.40
C GLN H 495 12.03 22.04 -1.47
N LEU H 496 12.68 22.09 -2.64
CA LEU H 496 12.21 22.97 -3.71
C LEU H 496 10.83 22.59 -4.21
N LEU H 497 10.37 21.37 -3.93
CA LEU H 497 9.05 20.94 -4.36
C LEU H 497 8.02 21.12 -3.24
N GLU H 498 8.36 20.65 -2.03
CA GLU H 498 7.38 20.66 -0.95
C GLU H 498 7.22 22.06 -0.37
N ASP H 499 8.30 22.83 -0.26
CA ASP H 499 8.26 24.12 0.42
C ASP H 499 8.13 25.28 -0.56
N CYS H 500 9.04 25.37 -1.52
CA CYS H 500 9.06 26.51 -2.42
C CYS H 500 7.92 26.46 -3.44
N GLY H 501 7.46 25.26 -3.78
CA GLY H 501 6.35 25.11 -4.68
C GLY H 501 6.70 24.96 -6.15
N ILE H 502 7.97 24.71 -6.49
CA ILE H 502 8.37 24.51 -7.88
C ILE H 502 7.91 23.12 -8.30
N HIS H 503 7.02 23.06 -9.29
CA HIS H 503 6.40 21.79 -9.63
C HIS H 503 7.17 21.06 -10.74
N LEU H 504 7.54 21.77 -11.80
CA LEU H 504 8.20 21.14 -12.92
C LEU H 504 9.58 20.63 -12.52
N GLY H 505 9.86 19.38 -12.85
CA GLY H 505 11.14 18.79 -12.50
C GLY H 505 12.32 19.42 -13.20
N VAL H 506 12.13 19.84 -14.46
CA VAL H 506 13.22 20.46 -15.21
C VAL H 506 13.65 21.76 -14.55
N HIS H 507 12.68 22.57 -14.12
CA HIS H 507 13.02 23.82 -13.45
C HIS H 507 13.75 23.56 -12.13
N ARG H 508 13.30 22.57 -11.37
CA ARG H 508 13.98 22.23 -10.12
C ARG H 508 15.41 21.82 -10.38
N ALA H 509 15.63 20.95 -11.37
CA ALA H 509 16.98 20.50 -11.68
C ALA H 509 17.86 21.66 -12.12
N ARG H 510 17.33 22.54 -12.98
CA ARG H 510 18.12 23.67 -13.45
C ARG H 510 18.50 24.59 -12.30
N ILE H 511 17.55 24.90 -11.42
CA ILE H 511 17.84 25.78 -10.30
C ILE H 511 18.86 25.15 -9.36
N LEU H 512 18.73 23.84 -9.11
CA LEU H 512 19.67 23.17 -8.24
C LEU H 512 21.09 23.21 -8.81
N THR H 513 21.23 22.81 -10.08
CA THR H 513 22.56 22.79 -10.68
C THR H 513 23.16 24.18 -10.79
N ALA H 514 22.34 25.21 -10.98
CA ALA H 514 22.89 26.56 -11.01
C ALA H 514 23.27 27.05 -9.61
N ALA H 515 22.55 26.59 -8.58
CA ALA H 515 22.89 26.99 -7.22
C ALA H 515 24.18 26.32 -6.76
N ARG H 516 24.40 25.08 -7.15
CA ARG H 516 25.59 24.36 -6.72
C ARG H 516 26.87 24.99 -7.25
N GLU H 517 26.80 25.78 -8.32
CA GLU H 517 28.00 26.39 -8.88
C GLU H 517 28.34 27.71 -8.21
N MET H 518 27.57 28.15 -7.23
CA MET H 518 27.87 29.41 -6.55
C MET H 518 29.19 29.33 -5.81
N LEU H 519 29.46 28.22 -5.12
CA LEU H 519 30.68 28.04 -4.34
C LEU H 519 30.86 29.14 -3.30
N THR H 534 35.50 53.73 15.46
CA THR H 534 35.93 54.80 16.36
C THR H 534 35.87 56.15 15.67
N PRO H 535 35.18 57.11 16.27
CA PRO H 535 35.07 58.44 15.66
C PRO H 535 36.43 59.09 15.47
N ASP H 536 36.57 59.82 14.36
CA ASP H 536 37.82 60.50 14.05
C ASP H 536 37.78 62.00 14.30
N VAL H 537 36.64 62.67 14.04
CA VAL H 537 36.54 64.10 14.25
C VAL H 537 35.29 64.37 15.08
N PHE H 538 35.32 65.43 15.86
CA PHE H 538 34.20 65.84 16.70
C PHE H 538 33.87 67.29 16.39
N ILE H 539 32.58 67.58 16.30
CA ILE H 539 32.09 68.88 15.84
C ILE H 539 31.42 69.59 17.02
N SER H 540 31.77 70.86 17.22
CA SER H 540 31.18 71.70 18.23
C SER H 540 30.51 72.89 17.57
N TYR H 541 29.28 73.18 17.98
CA TYR H 541 28.49 74.25 17.38
C TYR H 541 27.51 74.82 18.39
N ARG H 542 27.00 76.01 18.08
CA ARG H 542 25.92 76.64 18.82
C ARG H 542 24.63 76.37 18.07
N ARG H 543 23.61 75.94 18.79
CA ARG H 543 22.35 75.56 18.16
C ARG H 543 21.71 76.75 17.47
N ASN H 544 21.05 76.48 16.34
CA ASN H 544 20.32 77.47 15.55
C ASN H 544 21.25 78.49 14.91
N SER H 545 22.57 78.36 15.15
CA SER H 545 23.55 79.26 14.55
C SER H 545 24.78 78.43 14.21
N GLY H 546 24.84 77.94 12.97
CA GLY H 546 25.90 77.05 12.54
C GLY H 546 25.51 75.59 12.45
N SER H 547 24.25 75.25 12.75
CA SER H 547 23.79 73.87 12.60
C SER H 547 23.88 73.42 11.15
N GLN H 548 23.52 74.31 10.21
CA GLN H 548 23.61 74.01 8.80
C GLN H 548 25.06 73.76 8.38
N LEU H 549 25.98 74.58 8.87
CA LEU H 549 27.40 74.38 8.58
C LEU H 549 27.89 73.06 9.14
N ALA H 550 27.47 72.72 10.36
CA ALA H 550 27.86 71.44 10.95
C ALA H 550 27.31 70.27 10.14
N SER H 551 26.06 70.38 9.67
CA SER H 551 25.48 69.32 8.87
C SER H 551 26.28 69.11 7.59
N LEU H 552 26.56 70.18 6.86
CA LEU H 552 27.33 70.05 5.63
C LEU H 552 28.73 69.52 5.90
N LEU H 553 29.36 69.98 6.99
CA LEU H 553 30.71 69.54 7.29
C LEU H 553 30.73 68.04 7.57
N LYS H 554 29.78 67.55 8.38
CA LYS H 554 29.77 66.12 8.66
C LYS H 554 29.50 65.33 7.39
N VAL H 555 28.57 65.81 6.56
CA VAL H 555 28.26 65.08 5.33
C VAL H 555 29.49 64.99 4.44
N HIS H 556 30.21 66.10 4.29
CA HIS H 556 31.40 66.10 3.45
C HIS H 556 32.48 65.18 4.00
N LEU H 557 32.74 65.26 5.31
CA LEU H 557 33.80 64.43 5.89
C LEU H 557 33.42 62.95 5.89
N GLN H 558 32.12 62.65 5.94
CA GLN H 558 31.70 61.25 5.84
C GLN H 558 31.81 60.75 4.41
N LEU H 559 31.44 61.59 3.44
CA LEU H 559 31.62 61.26 2.04
C LEU H 559 33.09 61.04 1.68
N HIS H 560 34.00 61.78 2.32
CA HIS H 560 35.42 61.67 2.03
C HIS H 560 36.15 60.73 2.99
N GLY H 561 35.44 59.76 3.56
CA GLY H 561 36.07 58.63 4.23
C GLY H 561 36.49 58.84 5.66
N PHE H 562 36.04 59.89 6.33
CA PHE H 562 36.40 60.14 7.73
C PHE H 562 35.18 59.89 8.60
N SER H 563 35.35 59.06 9.63
CA SER H 563 34.30 58.82 10.60
C SER H 563 34.09 60.09 11.41
N VAL H 564 32.86 60.28 11.92
CA VAL H 564 32.48 61.51 12.61
C VAL H 564 31.46 61.14 13.67
N PHE H 565 31.37 61.96 14.73
CA PHE H 565 30.32 61.86 15.74
C PHE H 565 29.74 63.26 15.94
N ILE H 566 28.52 63.45 15.44
CA ILE H 566 27.80 64.71 15.61
C ILE H 566 26.83 64.58 16.78
N ASP H 567 26.64 65.66 17.52
CA ASP H 567 25.61 65.68 18.54
C ASP H 567 24.24 65.67 17.88
N VAL H 568 23.56 64.53 17.99
CA VAL H 568 22.29 64.32 17.30
C VAL H 568 21.22 65.28 17.82
N GLU H 569 21.38 65.79 19.03
CA GLU H 569 20.42 66.73 19.60
C GLU H 569 20.49 68.08 18.88
N ASP H 578 28.27 64.18 29.61
CA ASP H 578 29.55 63.68 30.10
C ASP H 578 30.06 62.54 29.21
N LYS H 579 29.15 61.73 28.71
CA LYS H 579 29.53 60.72 27.72
C LYS H 579 29.92 61.38 26.41
N LEU H 580 29.35 62.56 26.12
CA LEU H 580 29.84 63.37 25.01
C LEU H 580 31.30 63.76 25.21
N ILE H 581 31.69 64.01 26.46
CA ILE H 581 33.09 64.29 26.77
C ILE H 581 33.96 63.06 26.50
N GLN H 582 33.44 61.87 26.83
CA GLN H 582 34.15 60.64 26.52
C GLN H 582 34.31 60.47 25.02
N SER H 583 33.27 60.83 24.25
CA SER H 583 33.39 60.80 22.80
C SER H 583 34.43 61.80 22.31
N VAL H 584 34.51 62.96 22.96
CA VAL H 584 35.54 63.94 22.64
C VAL H 584 36.93 63.34 22.84
N MET H 585 37.12 62.62 23.95
CA MET H 585 38.38 61.91 24.15
C MET H 585 38.62 60.87 23.06
N GLY H 586 37.59 60.11 22.72
CA GLY H 586 37.76 59.04 21.74
C GLY H 586 38.06 59.55 20.34
N ALA H 587 37.61 60.77 20.03
CA ALA H 587 37.82 61.35 18.72
C ALA H 587 39.29 61.67 18.52
N ARG H 588 39.84 61.27 17.37
CA ARG H 588 41.24 61.59 17.07
C ARG H 588 41.45 63.08 16.91
N ASN H 589 40.52 63.76 16.25
CA ASN H 589 40.62 65.19 15.99
C ASN H 589 39.37 65.90 16.48
N PHE H 590 39.40 67.23 16.39
CA PHE H 590 38.30 68.06 16.86
C PHE H 590 38.00 69.12 15.82
N VAL H 591 36.72 69.47 15.70
CA VAL H 591 36.26 70.48 14.75
C VAL H 591 35.46 71.53 15.51
N LEU H 592 35.82 72.80 15.30
CA LEU H 592 35.14 73.92 15.94
C LEU H 592 34.68 74.88 14.86
N VAL H 593 33.37 75.16 14.83
CA VAL H 593 32.84 76.12 13.86
C VAL H 593 32.77 77.48 14.50
N LEU H 594 33.11 78.52 13.73
CA LEU H 594 33.04 79.90 14.20
C LEU H 594 31.82 80.56 13.58
N SER H 595 30.66 80.32 14.20
CA SER H 595 29.43 80.95 13.77
C SER H 595 29.39 82.41 14.19
N PRO H 596 28.75 83.28 13.40
CA PRO H 596 28.62 84.68 13.80
C PRO H 596 27.83 84.80 15.10
N GLY H 597 28.43 85.48 16.08
CA GLY H 597 27.80 85.63 17.37
C GLY H 597 27.64 84.32 18.13
N ALA H 598 28.68 83.49 18.13
CA ALA H 598 28.63 82.20 18.81
C ALA H 598 29.31 82.25 20.18
N LEU H 599 30.56 82.70 20.21
CA LEU H 599 31.33 82.75 21.46
C LEU H 599 30.93 83.92 22.34
N ASP H 600 30.14 84.86 21.84
CA ASP H 600 29.74 86.01 22.65
C ASP H 600 28.87 85.60 23.84
N LYS H 601 28.14 84.48 23.70
CA LYS H 601 27.32 84.00 24.82
C LYS H 601 28.19 83.60 26.01
N CYS H 602 29.30 82.91 25.74
CA CYS H 602 30.18 82.45 26.82
C CYS H 602 31.19 83.52 27.19
N ASP H 610 29.67 76.48 29.71
CA ASP H 610 28.85 76.20 28.54
C ASP H 610 29.30 74.91 27.85
N TRP H 611 28.43 74.37 27.00
CA TRP H 611 28.77 73.14 26.27
C TRP H 611 30.01 73.34 25.41
N VAL H 612 30.06 74.42 24.63
CA VAL H 612 31.22 74.69 23.80
C VAL H 612 32.45 74.90 24.67
N HIS H 613 32.28 75.60 25.80
CA HIS H 613 33.40 75.83 26.70
C HIS H 613 33.94 74.53 27.28
N LYS H 614 33.06 73.67 27.78
CA LYS H 614 33.53 72.41 28.38
C LYS H 614 34.21 71.53 27.34
N GLU H 615 33.63 71.45 26.13
CA GLU H 615 34.26 70.58 25.13
C GLU H 615 35.57 71.15 24.64
N ILE H 616 35.69 72.48 24.52
CA ILE H 616 36.93 73.06 24.03
C ILE H 616 38.03 72.90 25.08
N VAL H 617 37.71 73.08 26.36
CA VAL H 617 38.74 72.91 27.38
C VAL H 617 39.12 71.43 27.49
N THR H 618 38.15 70.53 27.34
CA THR H 618 38.46 69.11 27.35
C THR H 618 39.38 68.74 26.19
N ALA H 619 39.11 69.26 25.00
CA ALA H 619 39.96 69.00 23.84
C ALA H 619 41.35 69.59 24.04
N LEU H 620 41.44 70.79 24.63
CA LEU H 620 42.73 71.39 24.91
C LEU H 620 43.53 70.57 25.91
N SER H 621 42.84 69.89 26.84
CA SER H 621 43.54 69.06 27.81
C SER H 621 44.43 68.02 27.12
N CYS H 622 44.04 67.60 25.91
CA CYS H 622 44.88 66.68 25.16
C CYS H 622 45.71 67.38 24.09
N GLY H 623 45.18 68.45 23.50
CA GLY H 623 45.89 69.17 22.45
C GLY H 623 46.05 68.37 21.18
N LYS H 624 44.94 68.11 20.48
CA LYS H 624 44.93 67.24 19.30
C LYS H 624 44.18 67.92 18.15
N ASN H 625 44.93 68.71 17.36
CA ASN H 625 44.47 69.23 16.08
C ASN H 625 43.15 70.01 16.21
N ILE H 626 43.23 71.12 16.95
CA ILE H 626 42.09 72.01 17.10
C ILE H 626 42.07 72.96 15.91
N VAL H 627 41.04 72.84 15.07
CA VAL H 627 40.95 73.66 13.86
C VAL H 627 39.64 74.44 13.85
N PRO H 628 39.68 75.76 14.02
CA PRO H 628 38.46 76.56 13.87
C PRO H 628 38.20 76.96 12.43
N ILE H 629 36.97 76.82 11.97
CA ILE H 629 36.58 77.27 10.64
C ILE H 629 35.89 78.62 10.77
N ILE H 630 36.51 79.65 10.20
CA ILE H 630 36.03 81.02 10.35
C ILE H 630 34.88 81.26 9.38
N ASP H 631 33.76 81.74 9.90
CA ASP H 631 32.64 82.22 9.09
C ASP H 631 32.11 83.47 9.76
N GLY H 632 32.65 84.62 9.39
CA GLY H 632 32.24 85.88 10.00
C GLY H 632 32.57 85.99 11.47
N PHE H 633 33.77 85.57 11.85
CA PHE H 633 34.24 85.67 13.23
C PHE H 633 35.42 86.62 13.28
N GLU H 634 35.31 87.67 14.10
CA GLU H 634 36.33 88.71 14.18
C GLU H 634 37.28 88.53 15.35
N TRP H 635 37.19 87.41 16.06
CA TRP H 635 38.05 87.12 17.21
C TRP H 635 37.98 88.22 18.27
N PRO H 636 36.85 88.34 18.99
CA PRO H 636 36.72 89.36 20.03
C PRO H 636 37.68 89.12 21.21
N GLN H 646 42.08 81.21 29.38
CA GLN H 646 41.78 81.37 27.96
C GLN H 646 42.81 80.64 27.10
N ALA H 647 43.61 81.41 26.36
CA ALA H 647 44.65 80.88 25.48
C ALA H 647 44.05 79.91 24.46
N VAL H 648 42.85 80.22 23.98
CA VAL H 648 42.15 79.38 23.02
C VAL H 648 42.25 80.03 21.63
N LEU H 649 42.39 81.36 21.61
CA LEU H 649 42.40 82.10 20.35
C LEU H 649 43.74 81.99 19.62
N THR H 650 44.77 81.41 20.24
CA THR H 650 46.09 81.28 19.62
C THR H 650 46.12 80.10 18.65
N PHE H 651 45.23 80.16 17.66
CA PHE H 651 45.13 79.13 16.63
C PHE H 651 44.73 79.78 15.32
N ASN H 652 45.00 79.08 14.23
CA ASN H 652 44.67 79.53 12.88
C ASN H 652 43.66 78.58 12.25
N GLY H 653 42.93 79.11 11.27
CA GLY H 653 41.90 78.33 10.61
C GLY H 653 41.66 78.72 9.17
N ILE H 654 40.53 78.28 8.61
CA ILE H 654 40.21 78.49 7.20
C ILE H 654 38.84 79.13 7.12
N LYS H 655 38.72 80.19 6.31
CA LYS H 655 37.44 80.81 6.03
C LYS H 655 36.59 79.86 5.18
N TRP H 656 35.28 79.85 5.47
CA TRP H 656 34.34 79.01 4.75
C TRP H 656 33.76 79.77 3.56
N SER H 657 33.75 79.11 2.41
CA SER H 657 33.18 79.65 1.18
C SER H 657 31.91 78.85 0.86
N HIS H 658 30.77 79.55 0.81
CA HIS H 658 29.50 78.87 0.58
C HIS H 658 29.46 78.23 -0.80
N GLU H 659 29.94 78.93 -1.83
CA GLU H 659 29.83 78.45 -3.20
C GLU H 659 31.10 77.75 -3.70
N TYR H 660 32.27 78.19 -3.27
CA TYR H 660 33.52 77.51 -3.63
C TYR H 660 33.74 76.27 -2.75
N GLN H 661 32.75 75.39 -2.76
CA GLN H 661 32.81 74.15 -1.99
C GLN H 661 33.72 73.14 -2.68
N GLU H 662 34.08 72.10 -1.93
CA GLU H 662 35.04 71.06 -2.30
C GLU H 662 36.46 71.59 -2.40
N ALA H 663 36.68 72.89 -2.23
CA ALA H 663 38.01 73.47 -2.11
C ALA H 663 38.40 73.65 -0.65
N THR H 664 37.52 74.27 0.14
CA THR H 664 37.76 74.37 1.58
C THR H 664 37.81 72.99 2.21
N ILE H 665 36.94 72.08 1.76
CA ILE H 665 36.98 70.71 2.25
C ILE H 665 38.29 70.04 1.84
N GLU H 666 38.74 70.30 0.62
CA GLU H 666 40.01 69.74 0.18
C GLU H 666 41.17 70.22 1.05
N LYS H 667 41.17 71.51 1.38
CA LYS H 667 42.20 72.05 2.27
C LYS H 667 42.11 71.45 3.66
N ILE H 668 40.88 71.27 4.17
CA ILE H 668 40.72 70.78 5.54
C ILE H 668 41.15 69.33 5.63
N ILE H 669 41.02 68.57 4.54
CA ILE H 669 41.51 67.20 4.52
C ILE H 669 43.01 67.17 4.77
N ARG H 670 43.76 68.02 4.07
CA ARG H 670 45.20 68.10 4.30
C ARG H 670 45.51 68.64 5.70
N PHE H 671 44.69 69.59 6.17
CA PHE H 671 44.94 70.18 7.48
C PHE H 671 44.83 69.14 8.58
N LEU H 672 43.82 68.27 8.50
CA LEU H 672 43.69 67.16 9.44
C LEU H 672 43.15 65.92 8.76
#